data_6UDK
#
_entry.id   6UDK
#
_cell.length_a   1.00
_cell.length_b   1.00
_cell.length_c   1.00
_cell.angle_alpha   90.00
_cell.angle_beta   90.00
_cell.angle_gamma   90.00
#
_symmetry.space_group_name_H-M   'P 1'
#
loop_
_entity.id
_entity.type
_entity.pdbx_description
1 polymer 'RC1 variant of HIV-1 Env glycoprotein gp120'
2 polymer '10-1074 Fab Heavy Chain'
3 polymer '10-1074 Fab Light Chain'
4 polymer '1-55 Fab Heavy Chain'
5 polymer '1-55 Fab Light Chain'
6 polymer 'RC1 variant of HIV-1 Env glycoprotein gp41'
7 branched 2-acetamido-2-deoxy-beta-D-glucopyranose-(1-4)-2-acetamido-2-deoxy-beta-D-glucopyranose
8 branched alpha-D-mannopyranose-(1-2)-alpha-D-mannopyranose-(1-3)-[alpha-D-mannopyranose-(1-6)]beta-D-mannopyranose-(1-4)-2-acetamido-2-deoxy-beta-D-glucopyranose-(1-4)-2-acetamido-2-deoxy-beta-D-glucopyranose
9 branched beta-D-mannopyranose-(1-4)-2-acetamido-2-deoxy-beta-D-glucopyranose-(1-4)-2-acetamido-2-deoxy-beta-D-glucopyranose
10 branched alpha-D-mannopyranose-(1-2)-alpha-D-mannopyranose-(1-3)-[alpha-D-mannopyranose-(1-3)-[alpha-D-mannopyranose-(1-6)]alpha-D-mannopyranose-(1-6)]beta-D-mannopyranose-(1-4)-2-acetamido-2-deoxy-beta-D-glucopyranose-(1-4)-2-acetamido-2-deoxy-beta-D-glucopyranose
11 branched alpha-D-mannopyranose-(1-2)-alpha-D-mannopyranose-(1-3)-[alpha-D-mannopyranose-(1-3)-alpha-D-mannopyranose-(1-6)]beta-D-mannopyranose-(1-4)-2-acetamido-2-deoxy-beta-D-glucopyranose-(1-4)-2-acetamido-2-deoxy-beta-D-glucopyranose
12 branched alpha-D-mannopyranose-(1-6)-alpha-D-mannopyranose-(1-6)-[alpha-D-mannopyranose-(1-3)]beta-D-mannopyranose-(1-4)-2-acetamido-2-deoxy-beta-D-glucopyranose-(1-4)-2-acetamido-2-deoxy-beta-D-glucopyranose
13 non-polymer 2-acetamido-2-deoxy-beta-D-glucopyranose
#
loop_
_entity_poly.entity_id
_entity_poly.type
_entity_poly.pdbx_seq_one_letter_code
_entity_poly.pdbx_strand_id
1 'polypeptide(L)'
;AENLWVTVYYGVPVWKDAETTLFCASDAKAYETEKHNVWATHACVPTDPNPQEIHLENVTEEFNMWKNNMVEQMHEDIIS
LWDQSLKPCVKLTPLCVTLQCTNYAPNLLSNMRGELKQCSFNMTTELRDKKQKVYSLFYRLDVVQINENQGNRSNNSNKE
YRLINCNTSAITQACPKVSFEPIPIHYCAPAGFAILKCKDKKFNGTGPCPSVSTVQCTHGIKPVVSTQLLLNGSLAEEEV
IIRSENITNNAKNILVQLNTPVQINCTRPNNNTVKSIRIGPGQAFYYFGDIIGDIRMAHCNVSKATWNETLGKVVKQLRK
HFGNNTIIRFAQSSGGDLEVTTHSFNCGGEFFYCNTSGLFNSTWISNTSVQGSNSTGSNDSIVLPCRIKQIINMWQRIGQ
AMYAPPIQGVIRCVSNITGLILTRDGGSTNSTTETFRPGGGDMRDNWRSELYKYKVVKIEPLGVAPTRCKRRVVGRRRRR
R
;
G,K,R
2 'polypeptide(L)'
;QVQLQESGPGLVKPSETLSVTCSVSGDSMNNYYWTWIRQSPGKGLEWIGYISDRESATYNPSLNSRVVISRDTSKNQLSL
KLNSVTPADTAVYYCATARRGQRIYGVVSFGEFFYYYSMDVWGKGTTVTVSSASTKGPSVFPLAPSSKSTSGGTAALGCL
VKDYFPEPVTVSWNSGALTSGVHTFPAVLQSSGLYSLSSVVTVPSSSLGTQTYICNVNHKPSNTKVDKRVEPKSCDKT
;
A,F,O
3 'polypeptide(L)'
;SYVRPLSVALGETARISCGRQALGSRAVQWYQHRPGQAPILLIYNNQDRPSGIPERFSGTPDINFGTRATLTISGVEAGD
EADYYCHMWDSRSGFSWSFGGATRLTVLGQPKAAPSVTLFPPSSEELQANKATLVCLISDFYPGAVTVAWKADSSPVKAG
VETTTPSKQSNNKYAASSYLSLTPEQWKSHRSYSCQVTHEGSTVEKTVAPTECS
;
B,I,P
4 'polypeptide(L)'
;MGWSCIILFLVATATGAHSQGRLFQSGTEVKRPGASVKISCRADDDPYTDDDTFTKYYTHWIRQAPGQPPEWLGVISPHF
ARPIYSYKFRDRLTLTRDSSLTAVYFELRGLQPDDTGIYFCARDPFGDMYPHYNYHMDVWGGGTTVIVSSASTKGPSVFP
LAPSSKSTSGGTAALGCLVKDYFPEPVTVSWNSGALTSGVHTFPAVLQSSGLYSLSSVVTVPSSSLGTQTYICNVNHKPS
NTKVDKRVEPKSCDKTHHHHHH
;
M,D,H
5 'polypeptide(L)'
;MGWSCIILFLVATATGVHSEIVLTQSPAILSVSPGDRVILSCKASEGLSSSDLAWYRFKGGQIPTLVIFGASNRARGTPD
RFSGSGSGTDFTLTINRVEPEDFATYYCQRYGGTPITFGGGTKVDIKRTVAAPSVFIFPPSDEQLKSGTASVVCLLNNFY
PREAKVQWKVDNALQSGNSQESVTEQDSKDSTYSLSSTLTLSKADYEKHKVYACEVTHQGLSSPVTKSFNRGEC
;
N,E,L
6 'polypeptide(L)'
;AVGIGAVSLGFLGAAGSTMGAASMTLTVQARNLLSGIVQQQSNLLRAPEPQQHLLKDTHWGIKQLQARVLAVEHYLRDQQ
LLGIWGCSGKLICCTNVPWNSSWSNRNLSEIWDNMTWLQWDKEISNYTQIIYGLLEESQNQQEKNEQDLLALD
;
C,J,Q
#
loop_
_chem_comp.id
_chem_comp.type
_chem_comp.name
_chem_comp.formula
BMA D-saccharide, beta linking beta-D-mannopyranose 'C6 H12 O6'
MAN D-saccharide, alpha linking alpha-D-mannopyranose 'C6 H12 O6'
NAG D-saccharide, beta linking 2-acetamido-2-deoxy-beta-D-glucopyranose 'C8 H15 N O6'
#
# COMPACT_ATOMS: atom_id res chain seq x y z
N ALA A 1 -14.63 -56.83 -42.51
CA ALA A 1 -14.37 -55.42 -42.81
C ALA A 1 -15.63 -54.58 -42.60
N GLU A 2 -16.77 -55.25 -42.53
CA GLU A 2 -18.03 -54.54 -42.33
C GLU A 2 -18.18 -54.08 -40.89
N ASN A 3 -17.76 -54.90 -39.93
CA ASN A 3 -17.82 -54.54 -38.51
C ASN A 3 -16.80 -53.45 -38.20
N LEU A 4 -17.29 -52.24 -37.95
CA LEU A 4 -16.42 -51.09 -37.75
C LEU A 4 -16.04 -50.95 -36.29
N TRP A 5 -14.80 -50.52 -36.06
CA TRP A 5 -14.28 -50.25 -34.74
C TRP A 5 -13.88 -48.78 -34.65
N VAL A 6 -13.94 -48.24 -33.44
CA VAL A 6 -13.63 -46.84 -33.19
C VAL A 6 -12.13 -46.66 -33.11
N THR A 7 -11.67 -45.45 -33.48
CA THR A 7 -10.28 -45.06 -33.42
C THR A 7 -10.21 -43.62 -32.94
N VAL A 8 -9.08 -43.26 -32.34
CA VAL A 8 -8.85 -41.90 -31.89
C VAL A 8 -7.74 -41.29 -32.73
N TYR A 9 -7.73 -39.96 -32.79
CA TYR A 9 -6.79 -39.20 -33.60
C TYR A 9 -6.26 -38.04 -32.78
N TYR A 10 -4.95 -37.95 -32.67
CA TYR A 10 -4.29 -36.86 -31.95
C TYR A 10 -3.81 -35.80 -32.92
N GLY A 11 -4.01 -34.54 -32.54
CA GLY A 11 -3.66 -33.42 -33.39
C GLY A 11 -4.62 -33.28 -34.56
N VAL A 12 -5.88 -33.05 -34.26
CA VAL A 12 -6.94 -33.01 -35.27
C VAL A 12 -7.48 -31.57 -35.36
N PRO A 13 -7.69 -31.04 -36.58
CA PRO A 13 -8.22 -29.65 -36.70
C PRO A 13 -9.72 -29.54 -36.46
N VAL A 14 -10.10 -29.42 -35.19
CA VAL A 14 -11.47 -29.15 -34.79
C VAL A 14 -11.43 -28.32 -33.51
N TRP A 15 -12.29 -27.31 -33.43
CA TRP A 15 -12.28 -26.37 -32.32
C TRP A 15 -13.67 -26.24 -31.72
N LYS A 16 -13.72 -25.64 -30.53
CA LYS A 16 -14.96 -25.34 -29.84
C LYS A 16 -14.94 -23.90 -29.37
N ASP A 17 -16.13 -23.34 -29.15
CA ASP A 17 -16.25 -21.96 -28.69
C ASP A 17 -15.90 -21.89 -27.21
N ALA A 18 -14.86 -21.11 -26.88
CA ALA A 18 -14.41 -20.97 -25.50
C ALA A 18 -13.74 -19.62 -25.34
N GLU A 19 -13.40 -19.30 -24.09
CA GLU A 19 -12.73 -18.06 -23.76
C GLU A 19 -11.53 -18.35 -22.86
N THR A 20 -10.53 -17.47 -22.92
CA THR A 20 -9.31 -17.64 -22.15
C THR A 20 -8.78 -16.26 -21.78
N THR A 21 -7.54 -16.24 -21.27
CA THR A 21 -6.89 -15.02 -20.83
C THR A 21 -5.83 -14.62 -21.85
N LEU A 22 -5.97 -13.42 -22.41
CA LEU A 22 -5.03 -12.89 -23.36
C LEU A 22 -3.88 -12.20 -22.62
N PHE A 23 -2.78 -11.95 -23.34
CA PHE A 23 -1.67 -11.20 -22.78
C PHE A 23 -1.19 -10.15 -23.77
N CYS A 24 -0.28 -9.30 -23.27
CA CYS A 24 0.22 -8.15 -24.01
C CYS A 24 1.44 -8.51 -24.85
N ALA A 25 1.54 -7.86 -26.01
CA ALA A 25 2.72 -7.95 -26.84
C ALA A 25 2.88 -6.64 -27.60
N SER A 26 4.05 -6.01 -27.47
CA SER A 26 4.27 -4.71 -28.11
C SER A 26 5.74 -4.57 -28.44
N ASP A 27 6.04 -4.20 -29.68
CA ASP A 27 7.42 -3.96 -30.11
C ASP A 27 7.45 -2.96 -31.26
N HIS A 36 9.66 9.16 -21.83
CA HIS A 36 10.14 8.15 -20.90
C HIS A 36 9.49 6.81 -21.21
N ASN A 37 8.27 6.61 -20.73
CA ASN A 37 7.49 5.41 -21.00
C ASN A 37 6.01 5.78 -21.10
N VAL A 38 5.18 4.78 -21.37
CA VAL A 38 3.74 4.98 -21.43
C VAL A 38 3.08 4.20 -20.29
N TRP A 39 1.77 4.34 -20.16
CA TRP A 39 1.05 3.63 -19.10
C TRP A 39 0.77 2.17 -19.44
N ALA A 40 1.01 1.75 -20.68
CA ALA A 40 0.64 0.41 -21.12
C ALA A 40 1.84 -0.54 -21.17
N THR A 41 2.87 -0.18 -21.92
CA THR A 41 3.97 -1.10 -22.24
C THR A 41 5.10 -0.90 -21.21
N HIS A 42 5.09 -1.75 -20.18
CA HIS A 42 6.21 -1.84 -19.26
C HIS A 42 6.80 -3.24 -19.16
N ALA A 43 5.98 -4.27 -19.32
CA ALA A 43 6.47 -5.66 -19.32
C ALA A 43 5.54 -6.48 -20.20
N CYS A 44 5.94 -6.66 -21.46
CA CYS A 44 5.18 -7.47 -22.41
C CYS A 44 6.14 -8.35 -23.18
N VAL A 45 5.60 -9.38 -23.82
CA VAL A 45 6.39 -10.32 -24.60
C VAL A 45 6.73 -9.67 -25.94
N PRO A 46 8.01 -9.63 -26.34
CA PRO A 46 8.35 -9.03 -27.63
C PRO A 46 7.91 -9.91 -28.80
N THR A 47 7.34 -9.26 -29.81
CA THR A 47 6.85 -9.97 -30.98
C THR A 47 8.00 -10.36 -31.91
N PRO A 51 3.27 -10.94 -37.52
CA PRO A 51 2.69 -11.51 -38.73
C PRO A 51 2.52 -13.03 -38.64
N GLN A 52 3.02 -13.74 -39.66
CA GLN A 52 2.97 -15.21 -39.77
C GLN A 52 1.53 -15.73 -39.71
N GLU A 53 0.73 -15.29 -40.66
CA GLU A 53 -0.66 -15.70 -40.76
C GLU A 53 -0.80 -16.99 -41.57
N ILE A 54 -1.89 -17.70 -41.32
CA ILE A 54 -2.20 -18.93 -42.04
C ILE A 54 -3.60 -18.80 -42.62
N HIS A 55 -3.69 -18.85 -43.95
CA HIS A 55 -4.98 -18.73 -44.61
C HIS A 55 -5.71 -20.07 -44.62
N LEU A 56 -7.03 -20.01 -44.51
CA LEU A 56 -7.87 -21.20 -44.50
C LEU A 56 -8.76 -21.22 -45.73
N GLU A 57 -9.36 -22.37 -45.98
CA GLU A 57 -10.21 -22.56 -47.14
C GLU A 57 -11.17 -23.72 -46.87
N ASN A 58 -12.26 -23.74 -47.66
CA ASN A 58 -13.29 -24.79 -47.64
C ASN A 58 -13.96 -24.91 -46.26
N VAL A 59 -14.10 -23.78 -45.56
CA VAL A 59 -14.64 -23.77 -44.21
C VAL A 59 -15.33 -22.44 -43.98
N THR A 60 -16.41 -22.48 -43.21
CA THR A 60 -17.14 -21.28 -42.80
C THR A 60 -17.10 -21.17 -41.27
N GLU A 61 -17.44 -19.98 -40.78
CA GLU A 61 -17.44 -19.72 -39.36
C GLU A 61 -18.50 -18.67 -39.03
N GLU A 62 -19.29 -18.93 -37.99
CA GLU A 62 -20.36 -18.03 -37.58
C GLU A 62 -19.77 -16.96 -36.66
N PHE A 63 -19.36 -15.85 -37.26
CA PHE A 63 -18.81 -14.75 -36.47
C PHE A 63 -19.94 -13.93 -35.87
N ASN A 64 -19.71 -13.44 -34.66
CA ASN A 64 -20.72 -12.67 -33.93
C ASN A 64 -20.03 -11.76 -32.94
N MET A 65 -20.16 -10.45 -33.12
CA MET A 65 -19.68 -9.49 -32.16
C MET A 65 -20.85 -9.03 -31.28
N TRP A 66 -20.56 -8.09 -30.37
CA TRP A 66 -21.35 -7.57 -29.25
C TRP A 66 -21.57 -8.60 -28.14
N LYS A 67 -21.11 -9.84 -28.31
CA LYS A 67 -21.12 -10.85 -27.26
C LYS A 67 -19.74 -11.46 -27.07
N ASN A 68 -18.70 -10.84 -27.63
CA ASN A 68 -17.35 -11.40 -27.61
C ASN A 68 -16.74 -11.27 -26.22
N ASN A 69 -15.85 -12.22 -25.90
CA ASN A 69 -15.16 -12.25 -24.63
C ASN A 69 -13.84 -11.49 -24.66
N MET A 70 -13.59 -10.71 -25.70
CA MET A 70 -12.38 -9.90 -25.81
C MET A 70 -12.62 -8.41 -25.60
N VAL A 71 -13.81 -7.92 -25.91
CA VAL A 71 -14.10 -6.50 -25.69
C VAL A 71 -14.51 -6.21 -24.26
N GLU A 72 -14.78 -7.25 -23.46
CA GLU A 72 -15.07 -7.07 -22.05
C GLU A 72 -13.90 -7.41 -21.15
N GLN A 73 -12.89 -8.12 -21.66
CA GLN A 73 -11.65 -8.33 -20.94
C GLN A 73 -10.70 -7.15 -21.12
N MET A 74 -10.71 -6.54 -22.30
CA MET A 74 -9.92 -5.32 -22.54
C MET A 74 -10.44 -4.15 -21.72
N HIS A 75 -11.75 -4.11 -21.46
CA HIS A 75 -12.34 -3.04 -20.66
C HIS A 75 -11.87 -3.11 -19.20
N GLU A 76 -11.55 -4.31 -18.71
CA GLU A 76 -10.96 -4.44 -17.39
C GLU A 76 -9.45 -4.27 -17.41
N ASP A 77 -8.78 -4.78 -18.45
CA ASP A 77 -7.32 -4.67 -18.57
C ASP A 77 -6.85 -3.26 -18.89
N ILE A 78 -7.75 -2.36 -19.31
CA ILE A 78 -7.43 -0.96 -19.49
C ILE A 78 -7.61 -0.17 -18.19
N ILE A 79 -8.71 -0.41 -17.48
CA ILE A 79 -8.95 0.31 -16.22
C ILE A 79 -8.07 -0.20 -15.09
N SER A 80 -7.50 -1.40 -15.22
CA SER A 80 -6.48 -1.83 -14.27
C SER A 80 -5.10 -1.27 -14.59
N LEU A 81 -4.77 -1.20 -15.89
CA LEU A 81 -3.49 -0.64 -16.32
C LEU A 81 -3.43 0.87 -16.10
N TRP A 82 -4.59 1.54 -16.10
CA TRP A 82 -4.61 2.96 -15.77
C TRP A 82 -4.33 3.20 -14.29
N ASP A 83 -4.89 2.37 -13.42
CA ASP A 83 -4.61 2.47 -11.99
C ASP A 83 -3.21 2.01 -11.63
N GLN A 84 -2.62 1.10 -12.42
CA GLN A 84 -1.24 0.69 -12.19
C GLN A 84 -0.26 1.83 -12.42
N SER A 85 -0.56 2.72 -13.37
CA SER A 85 0.24 3.91 -13.60
C SER A 85 -0.26 5.12 -12.80
N LEU A 86 -1.21 4.91 -11.90
CA LEU A 86 -1.76 5.97 -11.05
C LEU A 86 -1.49 5.75 -9.57
N LYS A 87 -1.19 4.52 -9.14
CA LYS A 87 -0.90 4.27 -7.74
C LYS A 87 0.38 4.94 -7.23
N PRO A 88 1.57 4.73 -7.79
CA PRO A 88 2.78 5.24 -7.11
C PRO A 88 3.08 6.70 -7.33
N CYS A 89 2.14 7.50 -7.86
CA CYS A 89 2.35 8.92 -8.04
C CYS A 89 2.02 9.66 -6.75
N VAL A 90 2.02 10.99 -6.80
CA VAL A 90 1.81 11.81 -5.61
C VAL A 90 0.32 11.86 -5.28
N LYS A 91 0.01 11.67 -4.00
CA LYS A 91 -1.36 11.82 -3.51
C LYS A 91 -1.67 13.29 -3.31
N LEU A 92 -2.70 13.79 -3.98
CA LEU A 92 -3.06 15.20 -3.91
C LEU A 92 -4.13 15.45 -2.84
N THR A 93 -3.73 15.17 -1.60
CA THR A 93 -4.58 15.35 -0.44
C THR A 93 -4.76 16.80 0.03
N PRO A 94 -3.67 17.61 0.32
CA PRO A 94 -3.93 18.89 0.99
C PRO A 94 -4.31 20.03 0.06
N LEU A 95 -4.73 19.72 -1.18
CA LEU A 95 -5.18 20.76 -2.10
C LEU A 95 -6.56 21.30 -1.74
N CYS A 96 -7.32 20.58 -0.91
CA CYS A 96 -8.67 20.98 -0.53
C CYS A 96 -8.60 22.12 0.47
N VAL A 97 -8.37 23.33 -0.05
CA VAL A 97 -8.32 24.56 0.74
C VAL A 97 -9.43 25.46 0.21
N THR A 98 -9.89 26.41 1.03
CA THR A 98 -10.77 27.46 0.54
C THR A 98 -9.97 28.44 -0.32
N LEU A 99 -10.20 28.40 -1.64
CA LEU A 99 -9.44 29.20 -2.60
C LEU A 99 -10.07 30.57 -2.73
N GLN A 100 -9.38 31.60 -2.24
CA GLN A 100 -9.81 32.98 -2.44
C GLN A 100 -9.53 33.36 -3.89
N CYS A 101 -10.56 33.25 -4.73
CA CYS A 101 -10.38 33.25 -6.17
C CYS A 101 -11.15 34.42 -6.80
N THR A 102 -10.54 35.05 -7.80
CA THR A 102 -11.17 36.12 -8.57
C THR A 102 -11.01 35.83 -10.06
N ASN A 103 -11.43 36.78 -10.89
CA ASN A 103 -11.33 36.64 -12.34
C ASN A 103 -10.03 37.22 -12.85
N TYR A 104 -9.38 36.47 -13.74
CA TYR A 104 -8.17 36.91 -14.43
C TYR A 104 -8.55 37.44 -15.79
N ALA A 105 -7.75 38.42 -16.28
CA ALA A 105 -7.95 39.20 -17.49
C ALA A 105 -9.34 39.84 -17.51
N PRO A 106 -9.58 40.87 -16.70
CA PRO A 106 -10.92 41.47 -16.65
C PRO A 106 -11.16 42.36 -17.87
N ASN A 107 -12.42 42.84 -17.96
CA ASN A 107 -13.04 43.60 -19.04
C ASN A 107 -12.61 43.14 -20.44
N LEU A 108 -12.62 41.85 -20.68
CA LEU A 108 -12.26 41.27 -21.97
C LEU A 108 -13.54 41.01 -22.76
N LEU A 109 -13.60 41.51 -24.00
CA LEU A 109 -14.77 41.38 -24.84
C LEU A 109 -14.70 40.18 -25.78
N SER A 110 -13.95 39.15 -25.43
CA SER A 110 -13.85 37.96 -26.24
C SER A 110 -14.88 36.93 -25.78
N ASN A 111 -14.77 35.70 -26.28
CA ASN A 111 -15.71 34.66 -25.88
C ASN A 111 -15.31 34.02 -24.55
N MET A 112 -14.01 33.81 -24.34
CA MET A 112 -13.51 33.18 -23.11
C MET A 112 -13.44 34.24 -22.02
N ARG A 113 -14.60 34.47 -21.39
CA ARG A 113 -14.72 35.47 -20.33
C ARG A 113 -14.68 34.84 -18.93
N GLY A 114 -15.61 33.91 -18.66
CA GLY A 114 -15.71 33.33 -17.34
C GLY A 114 -14.66 32.30 -17.00
N GLU A 115 -13.91 31.82 -17.98
CA GLU A 115 -12.87 30.85 -17.72
C GLU A 115 -11.60 31.54 -17.22
N LEU A 116 -10.63 30.71 -16.84
CA LEU A 116 -9.30 31.12 -16.33
C LEU A 116 -9.44 32.01 -15.09
N LYS A 117 -9.99 31.43 -14.03
CA LYS A 117 -10.09 32.15 -12.76
C LYS A 117 -8.78 32.06 -12.00
N GLN A 118 -8.30 33.22 -11.54
CA GLN A 118 -7.03 33.30 -10.83
C GLN A 118 -7.29 33.16 -9.34
N CYS A 119 -6.72 32.12 -8.74
CA CYS A 119 -6.96 31.79 -7.34
C CYS A 119 -5.65 31.90 -6.58
N SER A 120 -5.76 31.99 -5.25
CA SER A 120 -4.61 32.00 -4.37
C SER A 120 -4.96 31.27 -3.08
N PHE A 121 -4.03 30.45 -2.60
CA PHE A 121 -4.27 29.61 -1.42
C PHE A 121 -2.96 29.32 -0.71
N ASN A 122 -3.07 28.78 0.49
CA ASN A 122 -1.92 28.39 1.30
C ASN A 122 -1.61 26.92 1.05
N MET A 123 -0.33 26.58 1.00
CA MET A 123 0.11 25.22 0.73
C MET A 123 1.28 24.87 1.64
N THR A 124 1.33 23.61 2.08
CA THR A 124 2.43 23.14 2.90
C THR A 124 3.72 23.02 2.08
N THR A 125 4.84 23.19 2.75
CA THR A 125 6.18 23.15 2.17
C THR A 125 6.98 22.02 2.81
N GLU A 126 8.29 22.02 2.54
CA GLU A 126 9.19 21.05 3.14
C GLU A 126 9.20 21.15 4.66
N LEU A 127 9.14 22.36 5.18
CA LEU A 127 9.04 22.58 6.62
C LEU A 127 7.59 22.39 7.05
N ARG A 128 7.37 21.52 8.03
CA ARG A 128 6.00 21.23 8.48
C ARG A 128 5.42 22.38 9.28
N ASP A 129 6.27 23.18 9.93
CA ASP A 129 5.78 24.32 10.72
C ASP A 129 5.48 25.52 9.84
N LYS A 130 6.04 25.59 8.64
CA LYS A 130 5.87 26.74 7.76
C LYS A 130 4.88 26.43 6.65
N LYS A 131 4.33 27.49 6.07
CA LYS A 131 3.40 27.42 4.95
C LYS A 131 3.98 28.23 3.79
N GLN A 132 3.23 28.29 2.68
CA GLN A 132 3.68 29.03 1.51
C GLN A 132 2.47 29.52 0.74
N LYS A 133 2.50 30.77 0.31
CA LYS A 133 1.45 31.35 -0.51
C LYS A 133 1.78 31.15 -1.99
N VAL A 134 0.79 30.72 -2.77
CA VAL A 134 0.98 30.46 -4.19
C VAL A 134 -0.20 31.05 -4.95
N TYR A 135 0.03 31.37 -6.22
CA TYR A 135 -1.00 31.91 -7.11
C TYR A 135 -1.15 30.96 -8.29
N SER A 136 -2.38 30.52 -8.55
CA SER A 136 -2.64 29.58 -9.62
C SER A 136 -3.80 30.09 -10.47
N LEU A 137 -4.04 29.42 -11.59
CA LEU A 137 -5.15 29.74 -12.47
C LEU A 137 -5.89 28.46 -12.82
N PHE A 138 -7.14 28.34 -12.36
CA PHE A 138 -7.95 27.15 -12.59
C PHE A 138 -9.10 27.50 -13.52
N TYR A 139 -9.52 26.54 -14.34
CA TYR A 139 -10.57 26.75 -15.31
C TYR A 139 -11.93 26.83 -14.62
N ARG A 140 -12.93 27.29 -15.37
CA ARG A 140 -14.28 27.42 -14.82
C ARG A 140 -14.96 26.09 -14.58
N LEU A 141 -14.50 25.02 -15.24
CA LEU A 141 -15.02 23.68 -15.02
C LEU A 141 -14.22 22.91 -13.96
N ASP A 142 -13.54 23.62 -13.06
CA ASP A 142 -12.70 22.98 -12.06
C ASP A 142 -13.00 23.52 -10.66
N VAL A 143 -13.60 24.71 -10.59
CA VAL A 143 -13.90 25.35 -9.31
C VAL A 143 -15.41 25.55 -9.21
N VAL A 144 -15.94 25.38 -8.00
CA VAL A 144 -17.34 25.65 -7.69
C VAL A 144 -17.39 26.57 -6.47
N GLN A 145 -18.35 27.49 -6.46
CA GLN A 145 -18.44 28.43 -5.35
C GLN A 145 -19.14 27.79 -4.15
N ILE A 146 -18.80 28.27 -2.97
CA ILE A 146 -19.36 27.78 -1.72
C ILE A 146 -19.69 28.97 -0.84
N ASN A 147 -20.64 28.78 0.07
CA ASN A 147 -21.07 29.85 0.96
C ASN A 147 -20.91 29.44 2.42
N SER A 157 -15.37 42.48 -4.22
CA SER A 157 -14.54 41.56 -3.44
C SER A 157 -14.24 40.29 -4.24
N ASN A 158 -13.62 39.31 -3.57
CA ASN A 158 -13.27 38.05 -4.18
C ASN A 158 -14.01 36.92 -3.45
N LYS A 159 -14.54 35.98 -4.21
CA LYS A 159 -15.29 34.88 -3.63
C LYS A 159 -14.34 33.76 -3.17
N GLU A 160 -14.92 32.81 -2.44
CA GLU A 160 -14.20 31.66 -1.91
C GLU A 160 -14.69 30.41 -2.64
N TYR A 161 -13.91 29.96 -3.62
CA TYR A 161 -14.23 28.77 -4.40
C TYR A 161 -13.56 27.55 -3.78
N ARG A 162 -13.96 26.38 -4.28
CA ARG A 162 -13.35 25.11 -3.89
C ARG A 162 -13.30 24.21 -5.12
N LEU A 163 -12.66 23.05 -4.96
CA LEU A 163 -12.48 22.15 -6.08
C LEU A 163 -13.76 21.36 -6.35
N ILE A 164 -13.91 20.91 -7.59
CA ILE A 164 -15.12 20.21 -8.00
C ILE A 164 -15.11 18.78 -7.47
N ASN A 165 -13.94 18.14 -7.42
CA ASN A 165 -13.81 16.77 -6.95
C ASN A 165 -13.13 16.71 -5.58
N CYS A 166 -13.35 17.73 -4.75
CA CYS A 166 -12.83 17.69 -3.39
C CYS A 166 -13.70 16.82 -2.50
N ASN A 167 -15.02 16.84 -2.72
CA ASN A 167 -15.94 15.98 -2.00
C ASN A 167 -16.26 14.75 -2.84
N THR A 168 -16.48 13.62 -2.16
CA THR A 168 -16.77 12.29 -2.71
C THR A 168 -15.71 11.81 -3.70
N SER A 169 -14.48 12.30 -3.59
CA SER A 169 -13.37 11.87 -4.44
C SER A 169 -12.07 12.09 -3.70
N ALA A 170 -11.02 11.46 -4.19
CA ALA A 170 -9.66 11.63 -3.66
C ALA A 170 -8.73 11.78 -4.86
N ILE A 171 -8.41 13.02 -5.20
CA ILE A 171 -7.64 13.31 -6.42
C ILE A 171 -6.18 12.93 -6.21
N THR A 172 -5.57 12.41 -7.26
CA THR A 172 -4.14 12.10 -7.30
C THR A 172 -3.56 12.71 -8.55
N GLN A 173 -2.50 13.51 -8.39
CA GLN A 173 -1.85 14.11 -9.54
C GLN A 173 -1.07 13.06 -10.32
N ALA A 174 -1.28 13.02 -11.63
CA ALA A 174 -0.59 12.07 -12.48
C ALA A 174 0.89 12.41 -12.60
N CYS A 175 1.70 11.38 -12.83
CA CYS A 175 3.14 11.59 -12.95
C CYS A 175 3.46 12.26 -14.27
N PRO A 176 4.25 13.33 -14.28
CA PRO A 176 4.51 14.05 -15.55
C PRO A 176 5.53 13.37 -16.46
N LYS A 177 6.25 12.35 -15.97
CA LYS A 177 7.25 11.70 -16.81
C LYS A 177 6.62 10.70 -17.77
N VAL A 178 5.52 10.07 -17.39
CA VAL A 178 4.82 9.16 -18.29
C VAL A 178 3.97 9.97 -19.26
N SER A 179 3.60 9.33 -20.36
CA SER A 179 2.79 9.97 -21.39
C SER A 179 1.43 9.30 -21.46
N PHE A 180 0.56 9.86 -22.32
CA PHE A 180 -0.79 9.35 -22.50
C PHE A 180 -1.08 8.96 -23.94
N GLU A 181 -0.05 8.85 -24.78
CA GLU A 181 -0.21 8.45 -26.16
C GLU A 181 -0.50 6.95 -26.25
N PRO A 182 -1.61 6.55 -26.88
CA PRO A 182 -1.91 5.11 -27.02
C PRO A 182 -0.96 4.45 -28.01
N ILE A 183 -0.05 3.65 -27.47
CA ILE A 183 0.90 2.87 -28.28
C ILE A 183 0.16 1.66 -28.82
N PRO A 184 0.29 1.32 -30.11
CA PRO A 184 -0.40 0.15 -30.65
C PRO A 184 0.13 -1.14 -30.06
N ILE A 185 -0.76 -1.88 -29.39
CA ILE A 185 -0.41 -3.12 -28.71
C ILE A 185 -1.15 -4.27 -29.38
N HIS A 186 -0.74 -5.49 -29.02
CA HIS A 186 -1.34 -6.71 -29.54
C HIS A 186 -1.76 -7.60 -28.38
N TYR A 187 -2.96 -8.14 -28.48
CA TYR A 187 -3.50 -9.11 -27.51
C TYR A 187 -3.26 -10.50 -28.07
N CYS A 188 -2.29 -11.22 -27.52
CA CYS A 188 -1.91 -12.52 -28.03
C CYS A 188 -2.28 -13.62 -27.05
N ALA A 189 -2.66 -14.78 -27.61
CA ALA A 189 -3.23 -15.93 -26.91
C ALA A 189 -2.16 -16.96 -26.60
N PRO A 190 -2.31 -17.72 -25.50
CA PRO A 190 -1.31 -18.77 -25.18
C PRO A 190 -1.40 -20.00 -26.07
N ALA A 191 -0.61 -21.01 -25.73
CA ALA A 191 -0.61 -22.25 -26.51
C ALA A 191 -1.88 -23.04 -26.26
N GLY A 192 -2.35 -23.72 -27.29
CA GLY A 192 -3.61 -24.44 -27.24
C GLY A 192 -4.80 -23.66 -27.71
N PHE A 193 -4.66 -22.35 -27.91
CA PHE A 193 -5.74 -21.49 -28.37
C PHE A 193 -5.33 -20.85 -29.70
N ALA A 194 -6.33 -20.37 -30.43
CA ALA A 194 -6.11 -19.75 -31.73
C ALA A 194 -7.00 -18.53 -31.88
N ILE A 195 -6.67 -17.70 -32.86
CA ILE A 195 -7.42 -16.48 -33.14
C ILE A 195 -7.87 -16.53 -34.60
N LEU A 196 -9.17 -16.68 -34.81
CA LEU A 196 -9.75 -16.63 -36.14
C LEU A 196 -9.99 -15.17 -36.54
N LYS A 197 -9.80 -14.89 -37.82
CA LYS A 197 -9.89 -13.55 -38.36
C LYS A 197 -10.68 -13.60 -39.67
N CYS A 198 -11.73 -12.80 -39.76
CA CYS A 198 -12.59 -12.78 -40.93
C CYS A 198 -12.06 -11.77 -41.95
N LYS A 199 -11.83 -12.24 -43.17
CA LYS A 199 -11.28 -11.41 -44.25
C LYS A 199 -12.31 -11.15 -45.33
N ASP A 200 -13.56 -10.94 -44.94
CA ASP A 200 -14.63 -10.69 -45.89
C ASP A 200 -14.66 -9.22 -46.29
N LYS A 201 -15.21 -8.94 -47.46
CA LYS A 201 -15.29 -7.56 -47.95
C LYS A 201 -16.35 -6.78 -47.17
N LYS A 202 -17.60 -7.20 -47.25
CA LYS A 202 -18.67 -6.65 -46.44
C LYS A 202 -19.01 -7.64 -45.34
N PHE A 203 -19.15 -7.13 -44.12
CA PHE A 203 -19.33 -8.01 -42.96
C PHE A 203 -20.01 -7.21 -41.85
N ASN A 204 -21.23 -7.62 -41.50
CA ASN A 204 -21.95 -7.03 -40.38
C ASN A 204 -21.58 -7.79 -39.11
N GLY A 205 -22.34 -7.57 -38.04
CA GLY A 205 -22.04 -8.16 -36.74
C GLY A 205 -22.23 -9.66 -36.66
N THR A 206 -23.47 -10.12 -36.76
CA THR A 206 -23.79 -11.54 -36.60
C THR A 206 -23.99 -12.16 -37.98
N GLY A 207 -23.26 -13.23 -38.27
CA GLY A 207 -23.43 -13.94 -39.51
C GLY A 207 -22.23 -14.80 -39.88
N PRO A 208 -22.37 -15.57 -40.96
CA PRO A 208 -21.24 -16.41 -41.41
C PRO A 208 -20.20 -15.59 -42.15
N CYS A 209 -18.97 -16.11 -42.13
CA CYS A 209 -17.85 -15.48 -42.81
C CYS A 209 -17.22 -16.52 -43.75
N PRO A 210 -17.27 -16.32 -45.07
CA PRO A 210 -16.75 -17.34 -45.98
C PRO A 210 -15.24 -17.32 -46.17
N SER A 211 -14.54 -16.31 -45.64
CA SER A 211 -13.09 -16.20 -45.78
C SER A 211 -12.50 -15.99 -44.39
N VAL A 212 -12.15 -17.08 -43.73
CA VAL A 212 -11.61 -17.05 -42.39
C VAL A 212 -10.13 -17.43 -42.46
N SER A 213 -9.34 -16.93 -41.51
CA SER A 213 -7.94 -17.28 -41.40
C SER A 213 -7.60 -17.50 -39.93
N THR A 214 -6.54 -18.27 -39.68
CA THR A 214 -6.06 -18.52 -38.33
C THR A 214 -4.75 -17.77 -38.16
N VAL A 215 -4.78 -16.72 -37.35
CA VAL A 215 -3.60 -15.90 -37.12
C VAL A 215 -3.13 -16.17 -35.69
N GLN A 216 -1.85 -15.88 -35.43
CA GLN A 216 -1.34 -15.95 -34.06
C GLN A 216 -1.99 -14.90 -33.18
N CYS A 217 -1.83 -13.62 -33.54
CA CYS A 217 -2.59 -12.54 -32.92
C CYS A 217 -2.71 -11.38 -33.91
N THR A 218 -3.37 -10.33 -33.46
CA THR A 218 -3.84 -9.26 -34.33
C THR A 218 -2.73 -8.24 -34.62
N HIS A 219 -3.10 -7.18 -35.32
CA HIS A 219 -2.20 -6.08 -35.66
C HIS A 219 -2.16 -5.08 -34.51
N GLY A 220 -1.63 -3.89 -34.78
CA GLY A 220 -1.57 -2.85 -33.77
C GLY A 220 -2.93 -2.27 -33.41
N ILE A 221 -3.40 -2.60 -32.21
CA ILE A 221 -4.68 -2.12 -31.70
C ILE A 221 -4.40 -0.93 -30.78
N LYS A 222 -4.73 0.26 -31.24
CA LYS A 222 -4.49 1.46 -30.44
C LYS A 222 -5.58 1.60 -29.39
N PRO A 223 -5.23 1.63 -28.09
CA PRO A 223 -6.25 1.84 -27.04
C PRO A 223 -6.57 3.32 -26.83
N VAL A 224 -7.19 3.92 -27.84
CA VAL A 224 -7.52 5.35 -27.79
C VAL A 224 -8.73 5.55 -26.90
N VAL A 225 -8.81 6.70 -26.25
CA VAL A 225 -9.91 7.06 -25.38
C VAL A 225 -10.63 8.24 -26.01
N SER A 226 -11.81 8.00 -26.57
CA SER A 226 -12.58 9.04 -27.23
C SER A 226 -14.04 8.65 -27.23
N THR A 227 -14.89 9.56 -26.76
CA THR A 227 -16.33 9.35 -26.74
C THR A 227 -16.97 10.04 -27.94
N GLN A 228 -18.14 9.52 -28.33
CA GLN A 228 -19.08 10.08 -29.32
C GLN A 228 -18.56 9.99 -30.77
N LEU A 229 -17.30 9.63 -30.96
CA LEU A 229 -16.65 9.61 -32.26
C LEU A 229 -15.56 8.54 -32.23
N LEU A 230 -14.90 8.36 -33.37
CA LEU A 230 -13.79 7.42 -33.49
C LEU A 230 -12.61 8.13 -34.13
N LEU A 231 -11.49 8.17 -33.42
CA LEU A 231 -10.28 8.81 -33.90
C LEU A 231 -9.44 7.80 -34.68
N ASN A 232 -8.17 8.11 -34.95
CA ASN A 232 -7.33 7.32 -35.85
C ASN A 232 -6.96 5.99 -35.21
N GLY A 233 -7.75 4.97 -35.51
CA GLY A 233 -7.43 3.59 -35.17
C GLY A 233 -7.20 2.78 -36.43
N SER A 234 -8.17 1.95 -36.78
CA SER A 234 -8.13 1.19 -38.03
C SER A 234 -8.98 1.87 -39.10
N LEU A 235 -8.87 1.35 -40.32
CA LEU A 235 -9.61 1.88 -41.46
C LEU A 235 -10.53 0.78 -42.02
N ALA A 236 -11.18 1.09 -43.14
CA ALA A 236 -12.09 0.16 -43.79
C ALA A 236 -11.71 0.04 -45.26
N GLU A 237 -12.52 -0.72 -46.00
CA GLU A 237 -12.31 -0.94 -47.43
C GLU A 237 -13.04 0.16 -48.21
N GLU A 238 -13.25 -0.06 -49.51
CA GLU A 238 -13.72 0.96 -50.44
C GLU A 238 -15.15 1.44 -50.18
N GLU A 239 -15.92 0.78 -49.31
CA GLU A 239 -17.28 1.17 -49.04
C GLU A 239 -17.49 1.44 -47.55
N VAL A 240 -18.27 2.48 -47.26
CA VAL A 240 -18.68 2.76 -45.89
C VAL A 240 -19.64 1.69 -45.41
N ILE A 241 -19.39 1.13 -44.23
CA ILE A 241 -20.17 0.00 -43.72
C ILE A 241 -20.73 0.36 -42.35
N ILE A 242 -22.03 0.11 -42.17
CA ILE A 242 -22.70 0.32 -40.89
C ILE A 242 -22.83 -1.03 -40.19
N ARG A 243 -22.90 -1.00 -38.86
CA ARG A 243 -22.97 -2.21 -38.06
C ARG A 243 -23.81 -1.93 -36.81
N SER A 244 -24.70 -2.86 -36.48
CA SER A 244 -25.51 -2.77 -35.28
C SER A 244 -25.98 -4.16 -34.91
N GLU A 245 -26.49 -4.28 -33.68
CA GLU A 245 -27.10 -5.54 -33.26
C GLU A 245 -28.42 -5.77 -33.96
N ASN A 246 -29.25 -4.73 -34.05
CA ASN A 246 -30.50 -4.78 -34.80
C ASN A 246 -30.79 -3.39 -35.34
N ILE A 247 -31.18 -3.32 -36.61
CA ILE A 247 -31.45 -2.03 -37.24
C ILE A 247 -32.77 -1.46 -36.73
N THR A 248 -33.79 -2.31 -36.61
CA THR A 248 -35.10 -1.88 -36.15
C THR A 248 -35.16 -1.59 -34.65
N ASN A 249 -34.12 -1.95 -33.90
CA ASN A 249 -34.03 -1.65 -32.47
C ASN A 249 -33.21 -0.38 -32.31
N ASN A 250 -33.85 0.66 -31.77
CA ASN A 250 -33.21 1.96 -31.58
C ASN A 250 -32.54 2.10 -30.21
N ALA A 251 -32.32 0.99 -29.51
CA ALA A 251 -31.62 1.03 -28.23
C ALA A 251 -30.14 0.74 -28.34
N LYS A 252 -29.74 -0.08 -29.31
CA LYS A 252 -28.33 -0.36 -29.51
C LYS A 252 -27.68 0.73 -30.36
N ASN A 253 -26.38 0.93 -30.14
CA ASN A 253 -25.64 1.92 -30.90
C ASN A 253 -25.36 1.43 -32.32
N ILE A 254 -25.13 2.39 -33.22
CA ILE A 254 -24.85 2.11 -34.62
C ILE A 254 -23.43 2.55 -34.90
N LEU A 255 -22.53 1.59 -35.11
CA LEU A 255 -21.13 1.87 -35.39
C LEU A 255 -20.94 1.90 -36.90
N VAL A 256 -20.57 3.05 -37.44
CA VAL A 256 -20.29 3.18 -38.86
C VAL A 256 -18.78 3.21 -39.05
N GLN A 257 -18.35 2.86 -40.26
CA GLN A 257 -16.94 2.82 -40.60
C GLN A 257 -16.78 3.39 -42.00
N LEU A 258 -16.01 4.47 -42.11
CA LEU A 258 -15.89 5.22 -43.35
C LEU A 258 -14.81 4.64 -44.24
N ASN A 259 -14.94 4.92 -45.55
CA ASN A 259 -13.99 4.38 -46.52
C ASN A 259 -12.73 5.23 -46.64
N THR A 260 -12.84 6.53 -46.38
CA THR A 260 -11.70 7.43 -46.48
C THR A 260 -11.46 8.17 -45.17
N PRO A 261 -10.21 8.37 -44.77
CA PRO A 261 -9.94 9.10 -43.52
C PRO A 261 -10.01 10.60 -43.75
N VAL A 262 -10.84 11.28 -42.96
CA VAL A 262 -10.96 12.73 -43.02
C VAL A 262 -10.25 13.33 -41.80
N GLN A 263 -9.49 14.40 -42.04
CA GLN A 263 -8.62 14.98 -41.02
C GLN A 263 -9.35 16.03 -40.20
N ILE A 264 -8.86 16.22 -38.98
CA ILE A 264 -9.37 17.24 -38.05
C ILE A 264 -8.17 17.80 -37.29
N ASN A 265 -8.07 19.13 -37.26
CA ASN A 265 -6.91 19.81 -36.69
C ASN A 265 -7.33 20.67 -35.51
N CYS A 266 -6.67 20.51 -34.36
CA CYS A 266 -6.82 21.48 -33.28
C CYS A 266 -5.57 21.66 -32.44
N THR A 267 -5.37 22.90 -32.02
CA THR A 267 -4.19 23.36 -31.30
C THR A 267 -4.62 23.92 -29.95
N ARG A 268 -3.63 24.33 -29.18
CA ARG A 268 -3.85 25.17 -28.00
C ARG A 268 -2.99 26.41 -28.16
N PRO A 269 -3.54 27.54 -28.62
CA PRO A 269 -2.71 28.68 -29.01
C PRO A 269 -2.14 29.49 -27.85
N ASN A 270 -2.50 29.17 -26.61
CA ASN A 270 -1.88 29.82 -25.48
C ASN A 270 -0.49 29.23 -25.24
N ASN A 271 0.40 30.04 -24.65
CA ASN A 271 1.74 29.56 -24.38
C ASN A 271 1.77 28.58 -23.21
N ASN A 272 1.04 28.92 -22.13
CA ASN A 272 0.76 28.05 -20.98
C ASN A 272 2.05 27.59 -20.30
N THR A 273 2.74 28.56 -19.71
CA THR A 273 3.92 28.27 -18.91
C THR A 273 3.54 27.48 -17.66
N VAL A 274 4.44 26.59 -17.24
CA VAL A 274 4.19 25.66 -16.15
C VAL A 274 5.17 25.95 -15.03
N LYS A 275 4.64 26.17 -13.82
CA LYS A 275 5.44 26.38 -12.63
C LYS A 275 5.28 25.20 -11.68
N SER A 276 6.24 25.09 -10.76
CA SER A 276 6.30 23.96 -9.84
C SER A 276 6.37 24.45 -8.40
N ILE A 277 5.99 23.58 -7.48
CA ILE A 277 6.09 23.85 -6.05
C ILE A 277 6.26 22.51 -5.35
N ARG A 278 6.86 22.56 -4.16
CA ARG A 278 7.14 21.38 -3.35
C ARG A 278 6.07 21.25 -2.28
N ILE A 279 5.25 20.19 -2.39
CA ILE A 279 4.11 20.03 -1.49
C ILE A 279 4.48 19.36 -0.18
N GLY A 280 5.65 18.72 -0.09
CA GLY A 280 6.06 18.03 1.11
C GLY A 280 7.38 17.30 0.94
N PRO A 281 7.63 16.31 1.79
CA PRO A 281 8.88 15.54 1.66
C PRO A 281 8.87 14.54 0.52
N GLY A 282 9.70 14.80 -0.50
CA GLY A 282 9.91 13.87 -1.59
C GLY A 282 8.95 13.99 -2.76
N GLN A 283 7.82 14.64 -2.57
CA GLN A 283 6.79 14.73 -3.59
C GLN A 283 7.06 15.90 -4.54
N ALA A 284 6.06 16.25 -5.34
CA ALA A 284 6.11 17.40 -6.24
C ALA A 284 4.69 17.84 -6.56
N PHE A 285 4.55 19.08 -7.02
CA PHE A 285 3.26 19.59 -7.49
C PHE A 285 3.48 20.60 -8.60
N TYR A 286 3.03 20.26 -9.80
CA TYR A 286 3.16 21.12 -10.98
C TYR A 286 1.82 21.81 -11.23
N TYR A 287 1.79 23.13 -11.08
CA TYR A 287 0.55 23.88 -11.16
C TYR A 287 0.54 24.78 -12.39
N PHE A 288 -0.51 25.57 -12.52
CA PHE A 288 -0.75 26.39 -13.69
C PHE A 288 -0.09 27.76 -13.53
N GLY A 289 0.64 28.18 -14.55
CA GLY A 289 1.30 29.47 -14.51
C GLY A 289 0.46 30.59 -15.07
N ASP A 290 1.09 31.52 -15.79
CA ASP A 290 0.40 32.64 -16.41
C ASP A 290 0.18 32.37 -17.90
N ILE A 291 -0.33 33.37 -18.60
CA ILE A 291 -0.58 33.28 -20.03
C ILE A 291 0.30 34.33 -20.70
N ILE A 292 1.40 33.87 -21.30
CA ILE A 292 2.33 34.77 -21.99
C ILE A 292 1.89 34.81 -23.46
N GLY A 293 0.97 35.71 -23.76
CA GLY A 293 0.47 35.84 -25.13
C GLY A 293 -0.95 36.35 -25.20
N ASP A 294 -1.79 35.67 -25.98
CA ASP A 294 -3.18 36.08 -26.20
C ASP A 294 -4.12 35.11 -25.50
N ILE A 295 -5.19 35.65 -24.93
CA ILE A 295 -6.25 34.84 -24.32
C ILE A 295 -7.15 34.36 -25.45
N ARG A 296 -6.96 33.11 -25.88
CA ARG A 296 -7.72 32.54 -26.98
C ARG A 296 -8.42 31.26 -26.51
N MET A 297 -9.18 30.67 -27.42
CA MET A 297 -9.99 29.48 -27.15
C MET A 297 -9.60 28.38 -28.12
N ALA A 298 -9.41 27.17 -27.60
CA ALA A 298 -9.12 26.02 -28.45
C ALA A 298 -10.35 25.63 -29.25
N HIS A 299 -10.12 25.21 -30.49
CA HIS A 299 -11.19 24.92 -31.42
C HIS A 299 -10.68 23.96 -32.47
N CYS A 300 -11.53 23.02 -32.89
CA CYS A 300 -11.12 22.03 -33.89
C CYS A 300 -11.73 22.35 -35.25
N ASN A 301 -10.88 22.30 -36.27
CA ASN A 301 -11.22 22.57 -37.66
C ASN A 301 -11.40 21.26 -38.40
N VAL A 302 -12.46 21.20 -39.21
CA VAL A 302 -12.69 20.10 -40.13
C VAL A 302 -13.04 20.70 -41.49
N SER A 303 -12.58 20.06 -42.57
CA SER A 303 -12.89 20.54 -43.91
C SER A 303 -14.37 20.28 -44.23
N LYS A 304 -15.06 21.33 -44.68
CA LYS A 304 -16.51 21.26 -44.82
C LYS A 304 -16.94 20.39 -46.01
N ALA A 305 -16.19 20.44 -47.12
CA ALA A 305 -16.63 19.79 -48.35
C ALA A 305 -16.56 18.27 -48.23
N THR A 306 -15.42 17.75 -47.77
CA THR A 306 -15.30 16.30 -47.61
C THR A 306 -16.13 15.76 -46.46
N TRP A 307 -16.41 16.58 -45.43
CA TRP A 307 -17.31 16.14 -44.37
C TRP A 307 -18.76 16.07 -44.86
N ASN A 308 -19.18 17.04 -45.69
CA ASN A 308 -20.50 16.99 -46.28
C ASN A 308 -20.64 15.85 -47.27
N GLU A 309 -19.56 15.55 -48.01
CA GLU A 309 -19.57 14.41 -48.92
C GLU A 309 -19.60 13.08 -48.15
N THR A 310 -18.93 13.02 -47.00
CA THR A 310 -18.98 11.82 -46.18
C THR A 310 -20.36 11.63 -45.55
N LEU A 311 -21.01 12.74 -45.18
CA LEU A 311 -22.38 12.65 -44.68
C LEU A 311 -23.36 12.22 -45.77
N GLY A 312 -23.18 12.75 -46.99
CA GLY A 312 -23.99 12.30 -48.12
C GLY A 312 -23.74 10.87 -48.54
N LYS A 313 -22.54 10.34 -48.29
CA LYS A 313 -22.28 8.93 -48.55
C LYS A 313 -22.84 8.04 -47.45
N VAL A 314 -22.74 8.46 -46.19
CA VAL A 314 -23.25 7.60 -45.11
C VAL A 314 -24.77 7.63 -45.05
N VAL A 315 -25.44 8.70 -45.52
CA VAL A 315 -26.89 8.65 -45.61
C VAL A 315 -27.34 7.80 -46.80
N LYS A 316 -26.54 7.72 -47.87
CA LYS A 316 -26.84 6.81 -48.97
C LYS A 316 -26.64 5.36 -48.55
N GLN A 317 -25.66 5.09 -47.71
CA GLN A 317 -25.51 3.75 -47.13
C GLN A 317 -26.63 3.43 -46.14
N LEU A 318 -27.08 4.43 -45.38
CA LEU A 318 -28.11 4.23 -44.37
C LEU A 318 -29.50 4.08 -44.98
N ARG A 319 -29.72 4.60 -46.18
CA ARG A 319 -31.01 4.50 -46.85
C ARG A 319 -31.34 3.09 -47.36
N LYS A 320 -30.40 2.14 -47.27
CA LYS A 320 -30.66 0.77 -47.70
C LYS A 320 -31.48 -0.03 -46.69
N HIS A 321 -31.70 0.50 -45.48
CA HIS A 321 -32.42 -0.23 -44.44
C HIS A 321 -33.77 0.36 -44.09
N PHE A 322 -34.11 1.55 -44.60
CA PHE A 322 -35.36 2.19 -44.27
C PHE A 322 -36.16 2.58 -45.52
N GLY A 323 -35.82 2.00 -46.67
CA GLY A 323 -36.52 2.34 -47.90
C GLY A 323 -36.11 3.71 -48.43
N ASN A 324 -37.03 4.32 -49.17
CA ASN A 324 -36.81 5.62 -49.77
C ASN A 324 -37.95 6.56 -49.37
N ASN A 325 -37.83 7.82 -49.81
CA ASN A 325 -38.75 8.91 -49.48
C ASN A 325 -38.85 9.12 -47.96
N THR A 326 -37.74 8.94 -47.26
CA THR A 326 -37.65 9.15 -45.83
C THR A 326 -36.58 10.19 -45.54
N ILE A 327 -36.94 11.22 -44.79
CA ILE A 327 -36.05 12.34 -44.51
C ILE A 327 -35.26 12.01 -43.24
N ILE A 328 -33.96 11.79 -43.40
CA ILE A 328 -33.07 11.51 -42.27
C ILE A 328 -32.57 12.85 -41.74
N ARG A 329 -32.85 13.13 -40.48
CA ARG A 329 -32.47 14.39 -39.84
C ARG A 329 -31.35 14.16 -38.84
N PHE A 330 -30.28 14.95 -38.97
CA PHE A 330 -29.19 14.95 -38.00
C PHE A 330 -29.39 16.08 -37.00
N ALA A 331 -29.13 15.78 -35.74
CA ALA A 331 -29.33 16.75 -34.67
C ALA A 331 -28.23 16.55 -33.63
N GLN A 332 -28.30 17.36 -32.56
CA GLN A 332 -27.29 17.31 -31.51
C GLN A 332 -27.66 16.21 -30.51
N SER A 333 -26.96 16.20 -29.36
CA SER A 333 -27.19 15.19 -28.35
C SER A 333 -28.41 15.54 -27.50
N SER A 334 -28.74 14.66 -26.56
CA SER A 334 -29.91 14.84 -25.70
C SER A 334 -29.57 15.56 -24.40
N GLY A 335 -28.65 15.01 -23.62
CA GLY A 335 -28.28 15.60 -22.35
C GLY A 335 -27.34 14.69 -21.59
N GLY A 336 -27.01 15.14 -20.38
CA GLY A 336 -26.19 14.33 -19.50
C GLY A 336 -24.93 15.01 -19.00
N ASP A 337 -23.84 14.25 -18.89
CA ASP A 337 -22.59 14.75 -18.36
C ASP A 337 -21.84 15.56 -19.41
N LEU A 338 -20.65 16.04 -19.04
CA LEU A 338 -19.87 16.88 -19.93
C LEU A 338 -19.21 16.09 -21.05
N GLU A 339 -18.99 14.78 -20.88
CA GLU A 339 -18.35 13.96 -21.88
C GLU A 339 -19.31 12.95 -22.52
N VAL A 340 -20.59 13.31 -22.61
CA VAL A 340 -21.52 12.57 -23.47
C VAL A 340 -22.30 13.49 -24.40
N THR A 341 -22.38 14.79 -24.13
CA THR A 341 -22.89 15.75 -25.10
C THR A 341 -21.77 16.36 -25.92
N THR A 342 -20.60 16.50 -25.31
CA THR A 342 -19.40 17.00 -25.97
C THR A 342 -18.44 15.85 -26.26
N HIS A 343 -17.77 15.94 -27.41
CA HIS A 343 -16.78 14.96 -27.80
C HIS A 343 -15.50 15.21 -27.01
N SER A 344 -15.04 14.21 -26.27
CA SER A 344 -13.85 14.32 -25.45
C SER A 344 -12.78 13.38 -25.95
N PHE A 345 -11.54 13.86 -25.99
CA PHE A 345 -10.41 13.06 -26.45
C PHE A 345 -9.14 13.59 -25.79
N ASN A 346 -8.02 12.93 -26.08
CA ASN A 346 -6.73 13.26 -25.50
C ASN A 346 -5.82 13.82 -26.59
N CYS A 347 -5.01 14.82 -26.21
CA CYS A 347 -4.11 15.46 -27.17
C CYS A 347 -2.80 15.74 -26.42
N GLY A 348 -1.86 14.79 -26.52
CA GLY A 348 -0.53 14.94 -25.96
C GLY A 348 -0.41 14.87 -24.45
N GLY A 349 -1.53 14.77 -23.73
CA GLY A 349 -1.48 14.74 -22.28
C GLY A 349 -2.60 15.53 -21.64
N GLU A 350 -3.33 16.29 -22.45
CA GLU A 350 -4.45 17.08 -21.97
C GLU A 350 -5.75 16.59 -22.60
N PHE A 351 -6.84 16.75 -21.85
CA PHE A 351 -8.14 16.23 -22.24
C PHE A 351 -9.04 17.37 -22.70
N PHE A 352 -9.60 17.23 -23.89
CA PHE A 352 -10.43 18.27 -24.50
C PHE A 352 -11.90 17.94 -24.32
N TYR A 353 -12.76 18.95 -24.55
CA TYR A 353 -14.21 18.77 -24.51
C TYR A 353 -14.79 19.70 -25.56
N CYS A 354 -15.01 19.19 -26.77
CA CYS A 354 -15.42 19.99 -27.91
C CYS A 354 -16.91 19.82 -28.13
N ASN A 355 -17.60 20.93 -28.43
CA ASN A 355 -19.06 20.89 -28.54
C ASN A 355 -19.51 20.13 -29.78
N THR A 356 -18.79 20.30 -30.90
CA THR A 356 -18.97 19.60 -32.21
C THR A 356 -20.42 19.57 -32.72
N SER A 357 -21.23 20.55 -32.31
CA SER A 357 -22.62 20.62 -32.72
C SER A 357 -22.80 21.22 -34.11
N GLY A 358 -21.73 21.72 -34.72
CA GLY A 358 -21.78 22.27 -36.06
C GLY A 358 -21.63 21.27 -37.18
N LEU A 359 -21.72 19.98 -36.88
CA LEU A 359 -21.64 18.92 -37.88
C LEU A 359 -22.94 18.16 -38.05
N PHE A 360 -24.01 18.60 -37.42
CA PHE A 360 -25.30 17.91 -37.43
C PHE A 360 -26.41 18.90 -37.74
N ASN A 361 -26.22 19.67 -38.81
CA ASN A 361 -27.15 20.69 -39.27
C ASN A 361 -28.31 20.09 -40.06
N SER A 362 -28.99 20.94 -40.84
CA SER A 362 -30.27 20.69 -41.52
C SER A 362 -30.35 19.40 -42.32
N THR A 363 -31.58 18.93 -42.53
CA THR A 363 -31.89 17.56 -42.91
C THR A 363 -31.44 17.26 -44.35
N TRP A 364 -31.63 16.00 -44.74
CA TRP A 364 -31.20 15.50 -46.04
C TRP A 364 -32.41 14.94 -46.78
N ILE A 365 -32.73 15.54 -47.92
CA ILE A 365 -33.80 15.07 -48.79
C ILE A 365 -33.15 14.51 -50.05
N SER A 366 -33.80 13.49 -50.63
CA SER A 366 -33.25 12.82 -51.80
C SER A 366 -33.26 13.74 -53.03
N ASN A 367 -34.34 14.49 -53.23
CA ASN A 367 -34.42 15.43 -54.34
C ASN A 367 -33.83 16.78 -53.95
N ASN A 379 -14.29 25.61 -49.84
CA ASN A 379 -12.87 25.69 -49.53
C ASN A 379 -12.66 26.19 -48.11
N ASP A 380 -13.75 26.47 -47.41
CA ASP A 380 -13.69 26.95 -46.04
C ASP A 380 -13.59 25.76 -45.08
N SER A 381 -13.70 26.03 -43.78
CA SER A 381 -13.58 24.99 -42.77
C SER A 381 -14.56 25.26 -41.63
N ILE A 382 -15.13 24.19 -41.10
CA ILE A 382 -16.02 24.28 -39.95
C ILE A 382 -15.18 24.25 -38.68
N VAL A 383 -15.36 25.26 -37.84
CA VAL A 383 -14.69 25.34 -36.54
C VAL A 383 -15.68 24.90 -35.47
N LEU A 384 -15.15 24.23 -34.44
CA LEU A 384 -15.96 23.72 -33.33
C LEU A 384 -15.30 24.21 -32.04
N PRO A 385 -16.03 24.94 -31.19
CA PRO A 385 -15.43 25.42 -29.93
C PRO A 385 -15.19 24.29 -28.96
N CYS A 386 -14.09 24.39 -28.21
CA CYS A 386 -13.59 23.27 -27.42
C CYS A 386 -13.01 23.79 -26.12
N ARG A 387 -13.59 23.38 -24.99
CA ARG A 387 -13.09 23.77 -23.69
C ARG A 387 -12.12 22.74 -23.14
N ILE A 388 -11.41 23.13 -22.08
CA ILE A 388 -10.43 22.27 -21.42
C ILE A 388 -10.83 22.13 -19.95
N LYS A 389 -10.83 20.90 -19.45
CA LYS A 389 -11.04 20.62 -18.04
C LYS A 389 -9.88 19.79 -17.52
N GLN A 390 -9.26 20.25 -16.44
CA GLN A 390 -8.07 19.58 -15.91
C GLN A 390 -8.44 18.32 -15.13
N ILE A 391 -9.21 18.47 -14.06
CA ILE A 391 -9.60 17.32 -13.24
C ILE A 391 -10.68 16.54 -13.98
N ILE A 392 -10.36 15.30 -14.33
CA ILE A 392 -11.26 14.43 -15.06
C ILE A 392 -11.62 13.24 -14.18
N ASN A 393 -12.62 12.49 -14.62
CA ASN A 393 -13.03 11.24 -13.96
C ASN A 393 -13.41 10.26 -15.06
N MET A 394 -12.43 9.47 -15.52
CA MET A 394 -12.67 8.49 -16.56
C MET A 394 -13.18 7.19 -15.94
N TRP A 395 -14.13 6.57 -16.63
CA TRP A 395 -14.82 5.33 -16.23
C TRP A 395 -15.59 5.47 -14.91
N GLN A 396 -15.91 6.72 -14.53
CA GLN A 396 -16.72 7.18 -13.39
C GLN A 396 -16.56 6.38 -12.09
N ARG A 397 -15.33 6.03 -11.74
CA ARG A 397 -15.08 5.32 -10.50
C ARG A 397 -15.27 6.27 -9.32
N ILE A 398 -16.28 5.99 -8.49
CA ILE A 398 -16.65 6.88 -7.41
C ILE A 398 -15.63 6.77 -6.29
N GLY A 399 -15.15 7.93 -5.82
CA GLY A 399 -14.16 8.00 -4.76
C GLY A 399 -12.75 8.32 -5.22
N GLN A 400 -12.47 8.17 -6.51
CA GLN A 400 -11.15 8.41 -7.06
C GLN A 400 -11.24 9.31 -8.28
N ALA A 401 -10.24 10.18 -8.42
CA ALA A 401 -10.12 11.05 -9.58
C ALA A 401 -8.64 11.34 -9.79
N MET A 402 -8.34 11.96 -10.94
CA MET A 402 -6.95 12.23 -11.31
C MET A 402 -6.80 13.66 -11.77
N TYR A 403 -5.66 14.26 -11.43
CA TYR A 403 -5.32 15.61 -11.87
C TYR A 403 -4.43 15.54 -13.12
N ALA A 404 -4.61 16.53 -13.99
CA ALA A 404 -3.85 16.59 -15.23
C ALA A 404 -2.88 17.77 -15.17
N PRO A 405 -1.57 17.52 -15.27
CA PRO A 405 -0.62 18.63 -15.24
C PRO A 405 -0.64 19.38 -16.56
N PRO A 406 -0.38 20.69 -16.54
CA PRO A 406 -0.38 21.46 -17.79
C PRO A 406 0.86 21.17 -18.62
N ILE A 407 0.74 21.44 -19.92
CA ILE A 407 1.80 21.21 -20.89
C ILE A 407 2.34 22.57 -21.31
N GLN A 408 3.67 22.71 -21.29
CA GLN A 408 4.31 23.95 -21.68
C GLN A 408 4.44 24.04 -23.19
N GLY A 409 4.01 25.17 -23.75
CA GLY A 409 4.12 25.41 -25.18
C GLY A 409 2.82 25.16 -25.92
N VAL A 410 2.79 25.66 -27.16
CA VAL A 410 1.63 25.44 -28.02
C VAL A 410 1.65 24.00 -28.53
N ILE A 411 0.59 23.26 -28.23
CA ILE A 411 0.49 21.85 -28.57
C ILE A 411 -0.58 21.68 -29.65
N ARG A 412 -0.22 20.94 -30.71
CA ARG A 412 -1.08 20.74 -31.87
C ARG A 412 -1.43 19.27 -32.00
N CYS A 413 -2.57 19.00 -32.64
CA CYS A 413 -3.04 17.63 -32.85
C CYS A 413 -3.79 17.53 -34.17
N VAL A 414 -3.28 16.66 -35.04
CA VAL A 414 -3.96 16.27 -36.27
C VAL A 414 -4.48 14.86 -36.07
N SER A 415 -5.75 14.63 -36.42
CA SER A 415 -6.35 13.32 -36.21
C SER A 415 -7.13 12.91 -37.46
N ASN A 416 -7.29 11.60 -37.62
CA ASN A 416 -8.11 11.01 -38.67
C ASN A 416 -9.41 10.54 -38.03
N ILE A 417 -10.49 11.30 -38.20
CA ILE A 417 -11.77 10.87 -37.66
C ILE A 417 -12.40 9.86 -38.61
N THR A 418 -12.30 8.58 -38.26
CA THR A 418 -12.81 7.47 -39.07
C THR A 418 -13.82 6.71 -38.23
N GLY A 419 -15.08 7.13 -38.29
CA GLY A 419 -16.12 6.43 -37.57
C GLY A 419 -16.95 7.32 -36.67
N LEU A 420 -18.27 7.18 -36.75
CA LEU A 420 -19.21 7.92 -35.92
C LEU A 420 -20.10 6.94 -35.15
N ILE A 421 -20.66 7.41 -34.05
CA ILE A 421 -21.57 6.64 -33.22
C ILE A 421 -22.92 7.35 -33.22
N LEU A 422 -23.91 6.76 -33.87
CA LEU A 422 -25.23 7.36 -34.03
C LEU A 422 -26.29 6.51 -33.35
N THR A 423 -27.33 7.19 -32.84
CA THR A 423 -28.45 6.52 -32.21
C THR A 423 -29.76 7.12 -32.74
N ARG A 424 -30.79 6.29 -32.79
CA ARG A 424 -32.10 6.69 -33.29
C ARG A 424 -33.01 7.09 -32.13
N ASP A 425 -34.17 7.63 -32.50
CA ASP A 425 -35.17 8.07 -31.53
C ASP A 425 -36.46 7.28 -31.70
N GLY A 426 -37.21 7.17 -30.61
CA GLY A 426 -38.47 6.44 -30.62
C GLY A 426 -39.65 7.26 -31.09
N GLY A 427 -40.19 6.91 -32.25
CA GLY A 427 -41.33 7.61 -32.82
C GLY A 427 -42.58 6.76 -32.83
N SER A 428 -43.49 7.10 -33.75
CA SER A 428 -44.75 6.40 -33.91
C SER A 428 -44.82 5.59 -35.21
N THR A 429 -43.76 5.65 -36.02
CA THR A 429 -43.60 4.90 -37.28
C THR A 429 -44.74 5.15 -38.26
N ASN A 430 -45.21 6.41 -38.35
CA ASN A 430 -46.26 6.73 -39.29
C ASN A 430 -46.03 8.08 -39.98
N SER A 431 -44.87 8.70 -39.80
CA SER A 431 -44.59 10.01 -40.39
C SER A 431 -43.08 10.15 -40.51
N THR A 432 -42.65 11.38 -40.85
CA THR A 432 -41.22 11.69 -40.94
C THR A 432 -40.64 11.73 -39.55
N THR A 433 -39.85 10.71 -39.21
CA THR A 433 -39.37 10.46 -37.85
C THR A 433 -37.96 9.89 -38.00
N GLU A 434 -37.48 9.18 -36.98
CA GLU A 434 -36.17 8.49 -36.88
C GLU A 434 -34.99 9.42 -37.19
N THR A 435 -34.85 10.44 -36.34
CA THR A 435 -33.66 11.28 -36.35
C THR A 435 -32.45 10.52 -35.83
N PHE A 436 -31.27 11.06 -36.10
CA PHE A 436 -30.01 10.44 -35.67
C PHE A 436 -29.23 11.43 -34.83
N ARG A 437 -28.86 11.01 -33.62
CA ARG A 437 -28.16 11.82 -32.64
C ARG A 437 -26.84 11.16 -32.26
N PRO A 438 -25.77 11.94 -32.06
CA PRO A 438 -24.48 11.34 -31.68
C PRO A 438 -24.45 10.97 -30.21
N GLY A 439 -24.45 9.68 -29.93
CA GLY A 439 -24.50 9.20 -28.56
C GLY A 439 -23.16 8.78 -28.01
N GLY A 440 -22.89 7.49 -28.01
CA GLY A 440 -21.62 6.98 -27.50
C GLY A 440 -21.69 6.69 -26.02
N GLY A 441 -20.68 7.13 -25.29
CA GLY A 441 -20.63 6.91 -23.85
C GLY A 441 -19.93 5.62 -23.48
N ASP A 442 -20.34 4.52 -24.09
CA ASP A 442 -19.73 3.22 -23.82
C ASP A 442 -18.36 3.19 -24.48
N MET A 443 -17.31 2.98 -23.69
CA MET A 443 -15.95 2.91 -24.22
C MET A 443 -15.64 1.57 -24.86
N ARG A 444 -16.53 0.57 -24.71
CA ARG A 444 -16.33 -0.71 -25.39
C ARG A 444 -16.60 -0.61 -26.89
N ASP A 445 -17.37 0.41 -27.32
CA ASP A 445 -17.60 0.62 -28.74
C ASP A 445 -16.35 1.11 -29.45
N ASN A 446 -15.43 1.76 -28.74
CA ASN A 446 -14.16 2.15 -29.33
C ASN A 446 -13.26 0.94 -29.55
N TRP A 447 -13.44 -0.11 -28.76
CA TRP A 447 -12.69 -1.35 -28.93
C TRP A 447 -13.48 -2.40 -29.70
N ARG A 448 -14.72 -2.11 -30.08
CA ARG A 448 -15.51 -3.00 -30.91
C ARG A 448 -15.38 -2.69 -32.40
N SER A 449 -14.75 -1.58 -32.76
CA SER A 449 -14.47 -1.25 -34.14
C SER A 449 -13.10 -1.73 -34.59
N GLU A 450 -12.28 -2.23 -33.66
CA GLU A 450 -10.97 -2.78 -33.98
C GLU A 450 -10.85 -4.25 -33.62
N LEU A 451 -11.80 -4.82 -32.87
CA LEU A 451 -11.78 -6.23 -32.52
C LEU A 451 -13.04 -6.95 -33.02
N TYR A 452 -13.69 -6.41 -34.05
CA TYR A 452 -14.88 -7.05 -34.60
C TYR A 452 -14.53 -8.24 -35.48
N LYS A 453 -13.38 -8.20 -36.16
CA LYS A 453 -12.96 -9.25 -37.07
C LYS A 453 -11.95 -10.20 -36.43
N TYR A 454 -12.07 -10.45 -35.13
CA TYR A 454 -11.20 -11.38 -34.44
C TYR A 454 -12.01 -12.17 -33.42
N LYS A 455 -11.66 -13.44 -33.26
CA LYS A 455 -12.41 -14.33 -32.38
C LYS A 455 -11.46 -15.35 -31.78
N VAL A 456 -11.40 -15.39 -30.46
CA VAL A 456 -10.59 -16.40 -29.78
C VAL A 456 -11.32 -17.74 -29.85
N VAL A 457 -10.56 -18.84 -29.94
CA VAL A 457 -11.13 -20.17 -30.07
C VAL A 457 -10.16 -21.17 -29.44
N LYS A 458 -10.71 -22.30 -29.01
CA LYS A 458 -9.94 -23.36 -28.36
C LYS A 458 -10.09 -24.63 -29.18
N ILE A 459 -8.96 -25.19 -29.62
CA ILE A 459 -8.98 -26.38 -30.46
C ILE A 459 -9.04 -27.63 -29.59
N GLU A 460 -9.65 -28.68 -30.14
CA GLU A 460 -9.71 -29.98 -29.48
C GLU A 460 -8.81 -30.96 -30.21
N PRO A 461 -7.70 -31.39 -29.61
CA PRO A 461 -6.76 -32.24 -30.34
C PRO A 461 -7.06 -33.73 -30.25
N LEU A 462 -8.28 -34.09 -29.84
CA LEU A 462 -8.67 -35.49 -29.67
C LEU A 462 -9.94 -35.74 -30.49
N GLY A 463 -9.79 -36.44 -31.62
CA GLY A 463 -10.93 -36.79 -32.45
C GLY A 463 -11.25 -38.28 -32.38
N VAL A 464 -12.50 -38.61 -32.68
CA VAL A 464 -12.99 -39.99 -32.61
C VAL A 464 -13.67 -40.30 -33.94
N ALA A 465 -13.25 -41.39 -34.60
CA ALA A 465 -13.83 -41.77 -35.88
C ALA A 465 -13.82 -43.28 -36.04
N PRO A 466 -14.87 -43.87 -36.63
CA PRO A 466 -14.86 -45.31 -36.88
C PRO A 466 -14.26 -45.67 -38.22
N THR A 467 -13.66 -46.86 -38.26
CA THR A 467 -13.06 -47.38 -39.49
C THR A 467 -13.06 -48.90 -39.41
N ARG A 468 -12.39 -49.53 -40.37
CA ARG A 468 -12.30 -50.99 -40.45
C ARG A 468 -11.07 -51.54 -39.75
N CYS A 469 -10.40 -50.74 -38.94
CA CYS A 469 -9.16 -51.17 -38.30
C CYS A 469 -9.45 -51.97 -37.03
N LYS A 470 -8.48 -52.80 -36.66
CA LYS A 470 -8.58 -53.62 -35.45
C LYS A 470 -7.18 -53.93 -34.96
N ARG A 471 -6.94 -53.71 -33.68
CA ARG A 471 -5.62 -53.95 -33.11
C ARG A 471 -5.40 -55.46 -32.91
N ARG A 472 -4.13 -55.81 -32.73
CA ARG A 472 -3.76 -57.21 -32.55
C ARG A 472 -4.02 -57.64 -31.11
N VAL A 473 -3.93 -58.96 -30.89
CA VAL A 473 -4.16 -59.52 -29.57
C VAL A 473 -2.86 -59.52 -28.76
N ALA B 1 25.18 -52.30 -43.30
CA ALA B 1 25.71 -51.71 -42.07
C ALA B 1 26.43 -50.40 -42.36
N GLU B 2 26.77 -50.19 -43.64
CA GLU B 2 27.46 -48.97 -44.01
C GLU B 2 26.51 -47.77 -44.01
N ASN B 3 25.28 -47.98 -44.47
CA ASN B 3 24.27 -46.92 -44.51
C ASN B 3 23.79 -46.60 -43.10
N LEU B 4 24.40 -45.58 -42.50
CA LEU B 4 24.09 -45.21 -41.12
C LEU B 4 22.75 -44.51 -41.02
N TRP B 5 22.05 -44.77 -39.92
CA TRP B 5 20.80 -44.11 -39.58
C TRP B 5 20.97 -43.31 -38.29
N VAL B 6 20.14 -42.28 -38.15
CA VAL B 6 20.21 -41.35 -37.04
C VAL B 6 19.41 -41.91 -35.88
N THR B 7 19.88 -41.68 -34.65
CA THR B 7 19.22 -42.10 -33.44
C THR B 7 19.25 -40.95 -32.43
N VAL B 8 18.23 -40.89 -31.59
CA VAL B 8 18.13 -39.89 -30.54
C VAL B 8 18.35 -40.56 -29.19
N TYR B 9 18.92 -39.79 -28.27
CA TYR B 9 19.29 -40.27 -26.95
C TYR B 9 18.70 -39.35 -25.90
N TYR B 10 18.03 -39.93 -24.91
CA TYR B 10 17.43 -39.18 -23.82
C TYR B 10 18.33 -39.26 -22.59
N GLY B 11 18.52 -38.12 -21.92
CA GLY B 11 19.40 -38.04 -20.77
C GLY B 11 20.86 -38.08 -21.16
N VAL B 12 21.31 -37.07 -21.90
CA VAL B 12 22.68 -37.03 -22.41
C VAL B 12 23.41 -35.86 -21.77
N PRO B 13 24.65 -36.04 -21.30
CA PRO B 13 25.40 -34.92 -20.68
C PRO B 13 25.91 -33.89 -21.68
N VAL B 14 25.02 -32.97 -22.06
CA VAL B 14 25.37 -31.85 -22.91
C VAL B 14 24.59 -30.63 -22.44
N TRP B 15 25.24 -29.47 -22.44
CA TRP B 15 24.64 -28.26 -21.86
C TRP B 15 24.91 -27.06 -22.76
N LYS B 16 24.22 -25.96 -22.46
CA LYS B 16 24.38 -24.70 -23.15
C LYS B 16 24.33 -23.55 -22.13
N ASP B 17 24.74 -22.38 -22.61
CA ASP B 17 24.74 -21.17 -21.78
C ASP B 17 23.36 -20.54 -21.83
N ALA B 18 22.76 -20.34 -20.65
CA ALA B 18 21.44 -19.74 -20.55
C ALA B 18 21.29 -19.10 -19.19
N GLU B 19 20.36 -18.15 -19.10
CA GLU B 19 20.03 -17.48 -17.86
C GLU B 19 18.69 -17.98 -17.35
N THR B 20 18.54 -18.00 -16.02
CA THR B 20 17.32 -18.49 -15.40
C THR B 20 17.13 -17.75 -14.07
N THR B 21 16.21 -18.25 -13.26
CA THR B 21 15.85 -17.63 -11.99
C THR B 21 16.39 -18.48 -10.84
N LEU B 22 17.23 -17.87 -10.02
CA LEU B 22 17.80 -18.51 -8.84
C LEU B 22 16.93 -18.20 -7.62
N PHE B 23 16.80 -19.17 -6.71
CA PHE B 23 16.02 -18.94 -5.50
C PHE B 23 16.92 -19.04 -4.27
N CYS B 24 16.35 -18.73 -3.12
CA CYS B 24 17.11 -18.66 -1.88
C CYS B 24 17.12 -19.99 -1.14
N ALA B 25 18.23 -20.26 -0.47
CA ALA B 25 18.34 -21.42 0.41
C ALA B 25 19.33 -21.09 1.51
N SER B 26 18.85 -21.06 2.76
CA SER B 26 19.70 -20.68 3.88
C SER B 26 19.19 -21.36 5.14
N ASP B 27 20.07 -22.11 5.80
CA ASP B 27 19.73 -22.76 7.07
C ASP B 27 20.97 -22.96 7.92
N HIS B 36 16.19 -11.17 16.50
CA HIS B 36 14.87 -11.56 15.99
C HIS B 36 14.98 -12.16 14.58
N ASN B 37 15.16 -11.29 13.59
CA ASN B 37 15.27 -11.72 12.20
C ASN B 37 16.23 -10.81 11.47
N VAL B 38 16.51 -11.17 10.21
CA VAL B 38 17.32 -10.35 9.32
C VAL B 38 16.48 -10.02 8.10
N TRP B 39 17.08 -9.32 7.13
CA TRP B 39 16.34 -8.96 5.93
C TRP B 39 16.12 -10.16 5.01
N ALA B 40 16.95 -11.19 5.10
CA ALA B 40 16.95 -12.28 4.13
C ALA B 40 16.18 -13.51 4.62
N THR B 41 16.58 -14.07 5.75
CA THR B 41 16.06 -15.36 6.20
C THR B 41 14.67 -15.18 6.83
N HIS B 42 13.67 -15.16 5.96
CA HIS B 42 12.27 -15.17 6.37
C HIS B 42 11.47 -16.28 5.70
N ALA B 43 11.73 -16.55 4.43
CA ALA B 43 11.06 -17.66 3.72
C ALA B 43 12.02 -18.16 2.65
N CYS B 44 12.75 -19.23 2.97
CA CYS B 44 13.70 -19.82 2.05
C CYS B 44 13.62 -21.34 2.17
N VAL B 45 14.19 -22.02 1.18
CA VAL B 45 14.17 -23.49 1.16
C VAL B 45 15.24 -24.01 2.12
N PRO B 46 14.91 -24.92 3.04
CA PRO B 46 15.93 -25.45 3.95
C PRO B 46 16.88 -26.38 3.20
N THR B 47 18.17 -26.15 3.39
CA THR B 47 19.20 -26.94 2.74
C THR B 47 19.46 -28.25 3.50
N PRO B 51 26.07 -29.38 0.91
CA PRO B 51 27.13 -30.05 0.16
C PRO B 51 26.59 -30.85 -1.02
N GLN B 52 26.88 -32.16 -1.04
CA GLN B 52 26.44 -33.11 -2.07
C GLN B 52 26.93 -32.67 -3.46
N GLU B 53 28.24 -32.52 -3.57
CA GLU B 53 28.87 -32.12 -4.82
C GLU B 53 29.27 -33.33 -5.65
N ILE B 54 29.40 -33.12 -6.96
CA ILE B 54 29.82 -34.16 -7.90
C ILE B 54 31.02 -33.63 -8.67
N HIS B 55 32.14 -34.33 -8.57
CA HIS B 55 33.36 -33.90 -9.23
C HIS B 55 33.42 -34.43 -10.66
N LEU B 56 33.94 -33.61 -11.56
CA LEU B 56 34.15 -33.97 -12.95
C LEU B 56 35.65 -34.06 -13.24
N GLU B 57 35.97 -34.60 -14.42
CA GLU B 57 37.38 -34.83 -14.75
C GLU B 57 37.58 -34.63 -16.25
N ASN B 58 38.80 -34.16 -16.59
CA ASN B 58 39.36 -33.80 -17.88
C ASN B 58 38.38 -33.21 -18.90
N VAL B 59 37.56 -32.25 -18.47
CA VAL B 59 36.66 -31.52 -19.34
C VAL B 59 36.92 -30.03 -19.15
N THR B 60 37.02 -29.29 -20.26
CA THR B 60 37.31 -27.87 -20.22
C THR B 60 36.04 -27.05 -20.38
N GLU B 61 36.05 -25.87 -19.78
CA GLU B 61 34.92 -24.94 -19.86
C GLU B 61 35.47 -23.52 -19.81
N GLU B 62 34.92 -22.65 -20.67
CA GLU B 62 35.39 -21.27 -20.78
C GLU B 62 34.67 -20.43 -19.74
N PHE B 63 35.28 -20.31 -18.56
CA PHE B 63 34.73 -19.47 -17.51
C PHE B 63 35.06 -18.01 -17.77
N ASN B 64 34.11 -17.14 -17.46
CA ASN B 64 34.27 -15.71 -17.69
C ASN B 64 33.38 -14.95 -16.72
N MET B 65 33.98 -14.06 -15.95
CA MET B 65 33.24 -13.16 -15.07
C MET B 65 33.16 -11.78 -15.70
N TRP B 66 32.46 -10.88 -15.00
CA TRP B 66 32.05 -9.51 -15.38
C TRP B 66 31.05 -9.48 -16.53
N LYS B 67 30.66 -10.62 -17.09
CA LYS B 67 29.58 -10.72 -18.07
C LYS B 67 28.52 -11.71 -17.63
N ASN B 68 28.60 -12.21 -16.39
CA ASN B 68 27.70 -13.22 -15.90
C ASN B 68 26.32 -12.62 -15.58
N ASN B 69 25.33 -13.50 -15.49
CA ASN B 69 23.97 -13.11 -15.15
C ASN B 69 23.63 -13.36 -13.69
N MET B 70 24.60 -13.79 -12.88
CA MET B 70 24.35 -14.04 -11.47
C MET B 70 24.66 -12.83 -10.60
N VAL B 71 25.66 -12.02 -10.97
CA VAL B 71 25.99 -10.83 -10.20
C VAL B 71 25.09 -9.65 -10.52
N GLU B 72 24.27 -9.76 -11.57
CA GLU B 72 23.31 -8.72 -11.91
C GLU B 72 21.89 -9.07 -11.50
N GLN B 73 21.61 -10.35 -11.22
CA GLN B 73 20.36 -10.74 -10.58
C GLN B 73 20.42 -10.56 -9.07
N MET B 74 21.60 -10.79 -8.48
CA MET B 74 21.79 -10.55 -7.05
C MET B 74 21.69 -9.07 -6.70
N HIS B 75 22.09 -8.19 -7.64
CA HIS B 75 22.01 -6.75 -7.40
C HIS B 75 20.56 -6.28 -7.30
N GLU B 76 19.64 -6.96 -7.97
CA GLU B 76 18.21 -6.67 -7.81
C GLU B 76 17.59 -7.43 -6.65
N ASP B 77 18.01 -8.67 -6.41
CA ASP B 77 17.50 -9.48 -5.31
C ASP B 77 17.96 -8.99 -3.95
N ILE B 78 18.99 -8.15 -3.87
CA ILE B 78 19.39 -7.50 -2.64
C ILE B 78 18.59 -6.24 -2.39
N ILE B 79 18.39 -5.40 -3.41
CA ILE B 79 17.68 -4.15 -3.20
C ILE B 79 16.18 -4.36 -3.03
N SER B 80 15.58 -5.37 -3.68
CA SER B 80 14.18 -5.69 -3.42
C SER B 80 13.98 -6.27 -2.04
N LEU B 81 14.93 -7.09 -1.57
CA LEU B 81 14.88 -7.62 -0.22
C LEU B 81 15.10 -6.54 0.83
N TRP B 82 15.87 -5.50 0.48
CA TRP B 82 16.05 -4.37 1.38
C TRP B 82 14.81 -3.48 1.42
N ASP B 83 14.14 -3.31 0.28
CA ASP B 83 12.89 -2.56 0.25
C ASP B 83 11.76 -3.31 0.96
N GLN B 84 11.78 -4.65 0.93
CA GLN B 84 10.77 -5.43 1.63
C GLN B 84 10.92 -5.31 3.14
N SER B 85 12.13 -5.16 3.64
CA SER B 85 12.39 -4.96 5.07
C SER B 85 12.26 -3.50 5.48
N LEU B 86 11.94 -2.60 4.54
CA LEU B 86 11.74 -1.19 4.83
C LEU B 86 10.33 -0.71 4.55
N LYS B 87 9.51 -1.48 3.83
CA LYS B 87 8.13 -1.07 3.57
C LYS B 87 7.24 -1.04 4.82
N PRO B 88 7.07 -2.12 5.61
CA PRO B 88 6.08 -2.05 6.68
C PRO B 88 6.52 -1.32 7.94
N CYS B 89 7.68 -0.66 7.92
CA CYS B 89 8.12 0.12 9.07
C CYS B 89 7.42 1.48 9.09
N VAL B 90 7.73 2.27 10.11
CA VAL B 90 7.09 3.57 10.29
C VAL B 90 7.68 4.58 9.32
N LYS B 91 6.79 5.33 8.66
CA LYS B 91 7.21 6.40 7.75
C LYS B 91 7.48 7.65 8.57
N LEU B 92 8.71 8.16 8.49
CA LEU B 92 9.13 9.30 9.31
C LEU B 92 8.83 10.61 8.58
N THR B 93 7.54 10.89 8.44
CA THR B 93 7.09 12.16 7.87
C THR B 93 7.23 13.41 8.77
N PRO B 94 6.77 13.48 10.02
CA PRO B 94 6.72 14.79 10.69
C PRO B 94 8.02 15.25 11.31
N LEU B 95 9.16 14.61 11.00
CA LEU B 95 10.43 15.03 11.56
C LEU B 95 10.95 16.29 10.89
N CYS B 96 10.51 16.57 9.66
CA CYS B 96 10.99 17.72 8.91
C CYS B 96 10.39 19.02 9.43
N VAL B 97 10.83 19.46 10.61
CA VAL B 97 10.41 20.72 11.19
C VAL B 97 11.65 21.57 11.45
N THR B 98 11.44 22.78 11.97
CA THR B 98 12.57 23.66 12.27
C THR B 98 13.27 23.20 13.54
N LEU B 99 14.57 22.89 13.42
CA LEU B 99 15.36 22.36 14.53
C LEU B 99 16.21 23.47 15.10
N GLN B 100 15.87 23.96 16.29
CA GLN B 100 16.73 24.95 16.94
C GLN B 100 17.96 24.23 17.48
N CYS B 101 19.11 24.40 16.84
CA CYS B 101 20.25 23.50 17.06
C CYS B 101 21.54 24.30 17.24
N THR B 102 22.18 24.09 18.39
CA THR B 102 23.45 24.69 18.75
C THR B 102 24.46 23.58 18.99
N ASN B 103 25.64 23.96 19.48
CA ASN B 103 26.72 23.00 19.72
C ASN B 103 26.60 22.39 21.11
N TYR B 104 26.55 21.08 21.17
CA TYR B 104 26.63 20.34 22.43
C TYR B 104 28.09 20.12 22.79
N ALA B 105 28.36 20.08 24.12
CA ALA B 105 29.67 20.02 24.75
C ALA B 105 30.57 21.15 24.25
N PRO B 106 30.32 22.38 24.66
CA PRO B 106 31.10 23.51 24.13
C PRO B 106 32.49 23.56 24.74
N ASN B 107 33.31 24.47 24.18
CA ASN B 107 34.72 24.75 24.45
C ASN B 107 35.58 23.51 24.69
N LEU B 108 35.38 22.47 23.89
CA LEU B 108 36.15 21.25 23.98
C LEU B 108 37.37 21.36 23.07
N LEU B 109 38.56 21.10 23.62
CA LEU B 109 39.80 21.25 22.89
C LEU B 109 40.25 19.94 22.23
N SER B 110 39.33 19.02 21.98
CA SER B 110 39.66 17.76 21.34
C SER B 110 39.46 17.89 19.82
N ASN B 111 39.50 16.76 19.12
CA ASN B 111 39.31 16.78 17.67
C ASN B 111 37.83 16.88 17.30
N MET B 112 36.97 16.18 18.02
CA MET B 112 35.53 16.17 17.74
C MET B 112 34.94 17.48 18.24
N ARG B 113 34.82 18.46 17.34
CA ARG B 113 34.26 19.76 17.67
C ARG B 113 33.02 20.10 16.85
N GLY B 114 33.05 19.88 15.54
CA GLY B 114 31.93 20.25 14.70
C GLY B 114 30.75 19.31 14.80
N GLU B 115 31.00 18.05 15.13
CA GLU B 115 29.93 17.07 15.25
C GLU B 115 29.25 17.19 16.61
N LEU B 116 28.24 16.34 16.82
CA LEU B 116 27.46 16.22 18.07
C LEU B 116 26.80 17.55 18.45
N LYS B 117 25.86 17.95 17.60
CA LYS B 117 25.09 19.17 17.82
C LYS B 117 23.77 18.86 18.52
N GLN B 118 23.38 19.74 19.45
CA GLN B 118 22.16 19.56 20.24
C GLN B 118 21.05 20.40 19.63
N CYS B 119 19.98 19.75 19.19
CA CYS B 119 18.81 20.45 18.67
C CYS B 119 17.51 20.04 19.34
N SER B 120 16.63 21.04 19.45
CA SER B 120 15.31 20.91 20.03
C SER B 120 14.28 21.21 18.97
N PHE B 121 13.16 20.47 19.01
CA PHE B 121 12.08 20.66 18.06
C PHE B 121 10.77 20.14 18.66
N ASN B 122 9.67 20.53 18.03
CA ASN B 122 8.35 20.09 18.39
C ASN B 122 7.98 18.83 17.61
N MET B 123 7.26 17.92 18.25
CA MET B 123 6.84 16.68 17.64
C MET B 123 5.40 16.37 18.06
N THR B 124 4.60 15.89 17.11
CA THR B 124 3.23 15.51 17.41
C THR B 124 3.21 14.23 18.23
N THR B 125 2.14 14.08 19.01
CA THR B 125 1.92 12.91 19.84
C THR B 125 0.62 12.23 19.40
N GLU B 126 0.18 11.23 20.19
CA GLU B 126 -1.04 10.49 19.88
C GLU B 126 -2.29 11.37 19.93
N LEU B 127 -2.27 12.45 20.71
CA LEU B 127 -3.33 13.46 20.69
C LEU B 127 -2.90 14.56 19.72
N ARG B 128 -3.67 14.75 18.65
CA ARG B 128 -3.24 15.61 17.56
C ARG B 128 -3.33 17.09 17.91
N ASP B 129 -4.09 17.47 18.94
CA ASP B 129 -4.13 18.88 19.34
C ASP B 129 -2.92 19.28 20.17
N LYS B 130 -2.29 18.33 20.86
CA LYS B 130 -1.14 18.61 21.69
C LYS B 130 0.15 18.29 20.95
N LYS B 131 1.22 18.97 21.36
CA LYS B 131 2.57 18.77 20.83
C LYS B 131 3.49 18.38 21.98
N GLN B 132 4.76 18.15 21.64
CA GLN B 132 5.75 17.78 22.65
C GLN B 132 7.11 18.33 22.22
N LYS B 133 7.73 19.10 23.10
CA LYS B 133 9.08 19.60 22.88
C LYS B 133 10.09 18.51 23.26
N VAL B 134 11.01 18.22 22.35
CA VAL B 134 11.96 17.13 22.56
C VAL B 134 13.36 17.66 22.26
N TYR B 135 14.36 17.07 22.91
CA TYR B 135 15.76 17.43 22.71
C TYR B 135 16.52 16.21 22.20
N SER B 136 17.47 16.42 21.30
CA SER B 136 18.22 15.31 20.72
C SER B 136 19.58 15.80 20.25
N LEU B 137 20.45 14.84 19.96
CA LEU B 137 21.77 15.10 19.41
C LEU B 137 21.86 14.51 18.01
N PHE B 138 22.31 15.34 17.06
CA PHE B 138 22.50 14.92 15.68
C PHE B 138 23.93 15.22 15.25
N TYR B 139 24.43 14.42 14.32
CA TYR B 139 25.80 14.58 13.85
C TYR B 139 25.90 15.77 12.88
N ARG B 140 27.14 16.06 12.47
CA ARG B 140 27.37 17.18 11.56
C ARG B 140 26.87 16.87 10.16
N LEU B 141 26.86 15.59 9.78
CA LEU B 141 26.38 15.17 8.47
C LEU B 141 24.88 14.91 8.43
N ASP B 142 24.15 15.32 9.48
CA ASP B 142 22.72 15.09 9.56
C ASP B 142 21.90 16.37 9.60
N VAL B 143 22.53 17.53 9.81
CA VAL B 143 21.82 18.80 9.92
C VAL B 143 22.42 19.79 8.93
N VAL B 144 21.56 20.57 8.28
CA VAL B 144 21.96 21.62 7.35
C VAL B 144 21.31 22.92 7.77
N GLN B 145 22.12 23.97 7.92
CA GLN B 145 21.58 25.28 8.27
C GLN B 145 20.89 25.91 7.07
N ILE B 146 19.87 26.72 7.34
CA ILE B 146 19.08 27.37 6.31
C ILE B 146 18.78 28.80 6.76
N ASN B 147 18.85 29.74 5.83
CA ASN B 147 18.57 31.14 6.12
C ASN B 147 17.15 31.52 5.72
N SER B 157 23.35 33.28 20.16
CA SER B 157 22.06 32.71 19.78
C SER B 157 22.24 31.37 19.10
N ASN B 158 21.13 30.69 18.82
CA ASN B 158 21.12 29.39 18.17
C ASN B 158 20.63 29.52 16.73
N LYS B 159 21.05 28.57 15.90
CA LYS B 159 20.67 28.56 14.50
C LYS B 159 19.52 27.58 14.27
N GLU B 160 18.94 27.64 13.07
CA GLU B 160 17.78 26.83 12.70
C GLU B 160 18.22 25.84 11.63
N TYR B 161 18.52 24.62 12.04
CA TYR B 161 18.94 23.55 11.15
C TYR B 161 17.73 22.72 10.73
N ARG B 162 17.90 22.00 9.61
CA ARG B 162 16.91 21.06 9.12
C ARG B 162 17.63 19.79 8.70
N LEU B 163 16.86 18.82 8.21
CA LEU B 163 17.40 17.52 7.87
C LEU B 163 18.24 17.57 6.60
N ILE B 164 19.06 16.54 6.41
CA ILE B 164 19.97 16.50 5.26
C ILE B 164 19.26 16.01 4.01
N ASN B 165 18.32 15.08 4.14
CA ASN B 165 17.70 14.42 3.00
C ASN B 165 16.19 14.58 3.07
N CYS B 166 15.73 15.80 3.31
CA CYS B 166 14.31 16.11 3.41
C CYS B 166 13.76 16.83 2.18
N ASN B 167 14.53 17.76 1.61
CA ASN B 167 14.04 18.54 0.48
C ASN B 167 14.06 17.79 -0.83
N THR B 168 14.67 16.61 -0.89
CA THR B 168 14.66 15.78 -2.08
C THR B 168 14.25 14.34 -1.81
N SER B 169 13.98 13.98 -0.57
CA SER B 169 13.63 12.60 -0.24
C SER B 169 12.74 12.59 0.99
N ALA B 170 12.06 11.46 1.18
CA ALA B 170 11.18 11.24 2.32
C ALA B 170 11.76 10.12 3.17
N ILE B 171 12.23 10.45 4.35
CA ILE B 171 12.93 9.48 5.20
C ILE B 171 11.93 8.60 5.90
N THR B 172 12.24 7.30 5.97
CA THR B 172 11.48 6.33 6.74
C THR B 172 12.39 5.73 7.81
N GLN B 173 11.87 5.58 9.02
CA GLN B 173 12.66 5.00 10.10
C GLN B 173 12.71 3.49 9.94
N ALA B 174 13.90 2.92 10.05
CA ALA B 174 14.06 1.47 9.95
C ALA B 174 13.52 0.79 11.20
N CYS B 175 13.12 -0.47 11.04
CA CYS B 175 12.56 -1.23 12.15
C CYS B 175 13.68 -1.68 13.08
N PRO B 176 13.57 -1.40 14.39
CA PRO B 176 14.63 -1.81 15.32
C PRO B 176 14.57 -3.28 15.70
N LYS B 177 13.51 -4.00 15.33
CA LYS B 177 13.42 -5.41 15.67
C LYS B 177 14.32 -6.27 14.78
N VAL B 178 14.43 -5.91 13.50
CA VAL B 178 15.29 -6.66 12.59
C VAL B 178 16.75 -6.28 12.83
N SER B 179 17.64 -7.17 12.40
CA SER B 179 19.07 -6.98 12.53
C SER B 179 19.68 -6.72 11.15
N PHE B 180 20.97 -6.38 11.13
CA PHE B 180 21.67 -6.06 9.90
C PHE B 180 22.93 -6.91 9.71
N GLU B 181 23.03 -8.03 10.41
CA GLU B 181 24.19 -8.88 10.24
C GLU B 181 24.02 -9.75 8.99
N PRO B 182 25.09 -9.94 8.20
CA PRO B 182 24.98 -10.75 6.98
C PRO B 182 24.95 -12.24 7.30
N ILE B 183 23.77 -12.84 7.13
CA ILE B 183 23.62 -14.29 7.28
C ILE B 183 23.99 -14.93 5.94
N PRO B 184 24.85 -15.94 5.93
CA PRO B 184 25.26 -16.55 4.65
C PRO B 184 24.13 -17.32 4.00
N ILE B 185 23.78 -16.92 2.78
CA ILE B 185 22.72 -17.54 2.01
C ILE B 185 23.31 -18.23 0.79
N HIS B 186 22.48 -19.05 0.14
CA HIS B 186 22.88 -19.80 -1.05
C HIS B 186 21.87 -19.54 -2.16
N TYR B 187 22.37 -19.23 -3.35
CA TYR B 187 21.53 -19.11 -4.54
C TYR B 187 21.46 -20.47 -5.21
N CYS B 188 20.26 -21.04 -5.28
CA CYS B 188 20.09 -22.42 -5.71
C CYS B 188 19.18 -22.49 -6.92
N ALA B 189 19.53 -23.38 -7.85
CA ALA B 189 18.92 -23.50 -9.17
C ALA B 189 17.85 -24.59 -9.19
N PRO B 190 16.81 -24.43 -10.00
CA PRO B 190 15.78 -25.48 -10.11
C PRO B 190 16.23 -26.68 -10.93
N ALA B 191 15.31 -27.61 -11.16
CA ALA B 191 15.60 -28.78 -11.97
C ALA B 191 15.76 -28.40 -13.43
N GLY B 192 16.75 -29.00 -14.09
CA GLY B 192 17.09 -28.68 -15.45
C GLY B 192 18.30 -27.78 -15.60
N PHE B 193 18.74 -27.15 -14.51
CA PHE B 193 19.90 -26.27 -14.51
C PHE B 193 20.93 -26.77 -13.51
N ALA B 194 22.18 -26.33 -13.69
CA ALA B 194 23.27 -26.72 -12.82
C ALA B 194 24.22 -25.54 -12.66
N ILE B 195 25.14 -25.67 -11.69
CA ILE B 195 26.15 -24.63 -11.44
C ILE B 195 27.50 -25.28 -11.66
N LEU B 196 28.19 -24.89 -12.73
CA LEU B 196 29.57 -25.30 -12.90
C LEU B 196 30.46 -24.49 -11.97
N LYS B 197 31.35 -25.19 -11.27
CA LYS B 197 32.25 -24.59 -10.30
C LYS B 197 33.69 -24.92 -10.68
N CYS B 198 34.50 -23.89 -10.89
CA CYS B 198 35.91 -24.08 -11.22
C CYS B 198 36.70 -24.34 -9.95
N LYS B 199 37.55 -25.37 -9.97
CA LYS B 199 38.31 -25.75 -8.80
C LYS B 199 39.81 -25.65 -9.07
N ASP B 200 40.23 -24.56 -9.71
CA ASP B 200 41.63 -24.35 -10.01
C ASP B 200 42.29 -23.53 -8.90
N LYS B 201 43.61 -23.69 -8.76
CA LYS B 201 44.35 -22.95 -7.75
C LYS B 201 44.49 -21.49 -8.14
N LYS B 202 45.14 -21.23 -9.27
CA LYS B 202 45.23 -19.89 -9.83
C LYS B 202 44.24 -19.76 -10.98
N PHE B 203 43.48 -18.67 -10.99
CA PHE B 203 42.41 -18.49 -11.96
C PHE B 203 42.10 -17.01 -12.10
N ASN B 204 42.34 -16.46 -13.28
CA ASN B 204 41.99 -15.07 -13.57
C ASN B 204 40.54 -15.01 -14.06
N GLY B 205 40.17 -13.87 -14.63
CA GLY B 205 38.78 -13.63 -15.04
C GLY B 205 38.27 -14.48 -16.19
N THR B 206 38.83 -14.29 -17.38
CA THR B 206 38.36 -14.98 -18.57
C THR B 206 39.39 -16.04 -18.99
N GLY B 207 38.90 -17.26 -19.20
CA GLY B 207 39.75 -18.33 -19.67
C GLY B 207 39.19 -19.71 -19.36
N PRO B 208 39.90 -20.75 -19.79
CA PRO B 208 39.43 -22.12 -19.56
C PRO B 208 39.74 -22.58 -18.14
N CYS B 209 38.91 -23.52 -17.68
CA CYS B 209 39.08 -24.12 -16.35
C CYS B 209 39.49 -25.58 -16.52
N PRO B 210 40.59 -26.02 -15.90
CA PRO B 210 41.04 -27.40 -16.12
C PRO B 210 40.26 -28.45 -15.36
N SER B 211 39.62 -28.09 -14.25
CA SER B 211 38.87 -29.05 -13.43
C SER B 211 37.61 -28.38 -12.93
N VAL B 212 36.46 -28.83 -13.44
CA VAL B 212 35.17 -28.25 -13.08
C VAL B 212 34.39 -29.26 -12.24
N SER B 213 33.30 -28.78 -11.65
CA SER B 213 32.38 -29.63 -10.90
C SER B 213 30.96 -29.17 -11.14
N THR B 214 30.02 -30.09 -10.99
CA THR B 214 28.60 -29.79 -11.17
C THR B 214 27.94 -29.76 -9.79
N VAL B 215 27.51 -28.58 -9.36
CA VAL B 215 26.94 -28.37 -8.04
C VAL B 215 25.50 -27.91 -8.21
N GLN B 216 24.66 -28.22 -7.23
CA GLN B 216 23.33 -27.62 -7.18
C GLN B 216 23.41 -26.19 -6.69
N CYS B 217 23.97 -25.97 -5.50
CA CYS B 217 24.20 -24.62 -5.00
C CYS B 217 25.38 -24.55 -4.04
N THR B 218 25.85 -23.32 -3.84
CA THR B 218 27.19 -23.02 -3.35
C THR B 218 27.28 -23.06 -1.83
N HIS B 219 28.41 -22.59 -1.33
CA HIS B 219 28.69 -22.48 0.10
C HIS B 219 28.08 -21.20 0.65
N GLY B 220 28.50 -20.81 1.86
CA GLY B 220 28.00 -19.60 2.49
C GLY B 220 28.44 -18.32 1.81
N ILE B 221 27.49 -17.62 1.20
CA ILE B 221 27.75 -16.35 0.54
C ILE B 221 27.21 -15.24 1.43
N LYS B 222 28.09 -14.44 2.01
CA LYS B 222 27.68 -13.36 2.89
C LYS B 222 27.33 -12.13 2.07
N PRO B 223 26.10 -11.61 2.16
CA PRO B 223 25.74 -10.39 1.42
C PRO B 223 26.07 -9.12 2.19
N VAL B 224 27.35 -8.93 2.48
CA VAL B 224 27.80 -7.78 3.24
C VAL B 224 27.85 -6.56 2.32
N VAL B 225 27.62 -5.38 2.90
CA VAL B 225 27.68 -4.12 2.17
C VAL B 225 28.94 -3.38 2.59
N SER B 226 29.82 -3.11 1.62
CA SER B 226 31.10 -2.48 1.90
C SER B 226 31.63 -1.84 0.63
N THR B 227 32.30 -0.70 0.81
CA THR B 227 33.00 -0.01 -0.26
C THR B 227 34.45 0.18 0.14
N GLN B 228 35.33 0.22 -0.88
CA GLN B 228 36.78 0.44 -0.83
C GLN B 228 37.55 -0.74 -0.24
N LEU B 229 36.87 -1.77 0.27
CA LEU B 229 37.50 -2.95 0.85
C LEU B 229 36.59 -4.14 0.62
N LEU B 230 37.00 -5.30 1.13
CA LEU B 230 36.20 -6.53 1.05
C LEU B 230 36.27 -7.20 2.41
N LEU B 231 35.29 -6.91 3.26
CA LEU B 231 35.26 -7.43 4.63
C LEU B 231 34.46 -8.72 4.69
N ASN B 232 34.99 -9.68 5.46
CA ASN B 232 34.35 -10.98 5.75
C ASN B 232 34.06 -11.78 4.49
N GLY B 233 34.95 -11.69 3.50
CA GLY B 233 34.79 -12.40 2.25
C GLY B 233 35.48 -13.76 2.28
N SER B 234 35.48 -14.40 1.12
CA SER B 234 36.13 -15.70 0.98
C SER B 234 37.65 -15.53 0.88
N LEU B 235 38.36 -16.55 1.35
CA LEU B 235 39.81 -16.52 1.34
C LEU B 235 40.33 -17.00 -0.01
N ALA B 236 41.66 -17.11 -0.14
CA ALA B 236 42.28 -17.55 -1.38
C ALA B 236 43.30 -18.64 -1.13
N GLU B 237 44.06 -19.00 -2.16
CA GLU B 237 45.10 -20.03 -2.05
C GLU B 237 46.39 -19.43 -1.51
N GLU B 238 47.49 -20.18 -1.64
CA GLU B 238 48.77 -19.81 -1.03
C GLU B 238 49.40 -18.56 -1.65
N GLU B 239 48.94 -18.12 -2.82
CA GLU B 239 49.47 -16.93 -3.46
C GLU B 239 48.36 -15.90 -3.69
N VAL B 240 48.73 -14.62 -3.55
CA VAL B 240 47.80 -13.54 -3.85
C VAL B 240 47.62 -13.45 -5.36
N ILE B 241 46.36 -13.41 -5.80
CA ILE B 241 46.01 -13.37 -7.21
C ILE B 241 45.24 -12.07 -7.47
N ILE B 242 45.53 -11.42 -8.59
CA ILE B 242 44.83 -10.23 -9.00
C ILE B 242 43.89 -10.60 -10.14
N ARG B 243 42.85 -9.77 -10.34
CA ARG B 243 41.84 -10.03 -11.34
C ARG B 243 41.38 -8.74 -11.99
N SER B 244 41.40 -8.70 -13.31
CA SER B 244 40.87 -7.58 -14.08
C SER B 244 40.49 -8.09 -15.46
N GLU B 245 39.78 -7.25 -16.21
CA GLU B 245 39.36 -7.65 -17.55
C GLU B 245 40.51 -7.55 -18.54
N ASN B 246 41.01 -6.33 -18.77
CA ASN B 246 42.06 -6.07 -19.74
C ASN B 246 43.07 -5.09 -19.13
N ILE B 247 43.66 -5.47 -18.00
CA ILE B 247 44.34 -4.64 -16.98
C ILE B 247 45.31 -3.58 -17.51
N THR B 248 45.78 -3.72 -18.76
CA THR B 248 46.42 -2.60 -19.44
C THR B 248 45.46 -1.42 -19.60
N ASN B 249 44.17 -1.70 -19.81
CA ASN B 249 43.14 -0.68 -19.72
C ASN B 249 42.98 -0.24 -18.27
N ASN B 250 43.02 1.08 -18.04
CA ASN B 250 42.91 1.65 -16.71
C ASN B 250 41.48 2.11 -16.39
N ALA B 251 40.48 1.46 -16.97
CA ALA B 251 39.08 1.81 -16.72
C ALA B 251 38.38 0.81 -15.81
N LYS B 252 38.72 -0.47 -15.90
CA LYS B 252 38.10 -1.47 -15.05
C LYS B 252 38.80 -1.57 -13.71
N ASN B 253 38.06 -1.96 -12.68
CA ASN B 253 38.60 -2.12 -11.35
C ASN B 253 39.44 -3.39 -11.26
N ILE B 254 40.42 -3.36 -10.36
CA ILE B 254 41.30 -4.49 -10.12
C ILE B 254 40.85 -5.17 -8.82
N LEU B 255 40.25 -6.36 -8.95
CA LEU B 255 39.75 -7.09 -7.79
C LEU B 255 40.83 -8.06 -7.33
N VAL B 256 41.63 -7.63 -6.36
CA VAL B 256 42.68 -8.48 -5.81
C VAL B 256 42.06 -9.34 -4.70
N GLN B 257 42.79 -10.39 -4.32
CA GLN B 257 42.34 -11.31 -3.28
C GLN B 257 43.56 -11.75 -2.48
N LEU B 258 43.58 -11.41 -1.20
CA LEU B 258 44.73 -11.69 -0.35
C LEU B 258 44.78 -13.16 0.05
N ASN B 259 45.98 -13.62 0.35
CA ASN B 259 46.19 -15.02 0.75
C ASN B 259 46.00 -15.24 2.23
N THR B 260 46.23 -14.21 3.05
CA THR B 260 46.05 -14.30 4.49
C THR B 260 45.19 -13.14 4.99
N PRO B 261 44.28 -13.38 5.92
CA PRO B 261 43.40 -12.31 6.40
C PRO B 261 44.11 -11.43 7.41
N VAL B 262 43.94 -10.11 7.24
CA VAL B 262 44.42 -9.12 8.18
C VAL B 262 43.21 -8.54 8.92
N GLN B 263 43.35 -8.37 10.23
CA GLN B 263 42.24 -7.97 11.07
C GLN B 263 42.22 -6.47 11.32
N ILE B 264 41.02 -5.91 11.37
CA ILE B 264 40.80 -4.52 11.75
C ILE B 264 39.83 -4.49 12.92
N ASN B 265 40.15 -3.68 13.93
CA ASN B 265 39.34 -3.58 15.14
C ASN B 265 38.82 -2.15 15.28
N CYS B 266 37.50 -2.00 15.38
CA CYS B 266 36.94 -0.71 15.78
C CYS B 266 35.66 -0.83 16.58
N THR B 267 35.62 -0.02 17.63
CA THR B 267 34.52 0.14 18.56
C THR B 267 33.97 1.56 18.45
N ARG B 268 33.04 1.89 19.35
CA ARG B 268 32.50 3.24 19.44
C ARG B 268 32.41 3.56 20.92
N PRO B 269 33.46 4.17 21.49
CA PRO B 269 33.61 4.22 22.95
C PRO B 269 32.70 5.21 23.67
N ASN B 270 31.94 6.03 22.95
CA ASN B 270 30.98 6.90 23.60
C ASN B 270 29.76 6.10 24.05
N ASN B 271 29.44 6.17 25.34
CA ASN B 271 28.30 5.43 25.88
C ASN B 271 27.00 6.08 25.41
N ASN B 272 26.20 5.32 24.68
CA ASN B 272 25.00 5.85 24.04
C ASN B 272 23.77 5.68 24.94
N THR B 273 22.77 6.52 24.68
CA THR B 273 21.46 6.41 25.31
C THR B 273 20.41 6.55 24.22
N VAL B 274 19.50 5.59 24.15
CA VAL B 274 18.43 5.58 23.15
C VAL B 274 17.12 5.88 23.87
N LYS B 275 16.45 6.96 23.48
CA LYS B 275 15.23 7.39 24.12
C LYS B 275 14.05 7.20 23.17
N SER B 276 12.91 6.81 23.73
CA SER B 276 11.72 6.49 22.95
C SER B 276 10.72 7.63 23.02
N ILE B 277 9.99 7.82 21.92
CA ILE B 277 8.90 8.79 21.87
C ILE B 277 7.84 8.24 20.92
N ARG B 278 6.62 8.75 21.05
CA ARG B 278 5.48 8.30 20.28
C ARG B 278 5.04 9.44 19.36
N ILE B 279 5.26 9.27 18.05
CA ILE B 279 4.96 10.34 17.11
C ILE B 279 3.50 10.35 16.68
N GLY B 280 2.79 9.23 16.83
CA GLY B 280 1.41 9.16 16.43
C GLY B 280 0.71 7.93 16.99
N PRO B 281 -0.49 7.64 16.50
CA PRO B 281 -1.23 6.47 16.99
C PRO B 281 -0.64 5.15 16.51
N GLY B 282 0.01 4.42 17.42
CA GLY B 282 0.59 3.13 17.12
C GLY B 282 2.04 3.16 16.69
N GLN B 283 2.56 4.31 16.28
CA GLN B 283 3.92 4.40 15.79
C GLN B 283 4.89 4.64 16.95
N ALA B 284 6.17 4.65 16.64
CA ALA B 284 7.22 4.85 17.64
C ALA B 284 8.44 5.45 16.97
N PHE B 285 9.27 6.11 17.77
CA PHE B 285 10.47 6.78 17.28
C PHE B 285 11.57 6.68 18.33
N TYR B 286 12.69 6.09 17.95
CA TYR B 286 13.84 5.91 18.83
C TYR B 286 14.92 6.91 18.42
N TYR B 287 15.20 7.87 19.30
CA TYR B 287 16.14 8.93 18.99
C TYR B 287 17.33 8.90 19.95
N PHE B 288 18.31 9.72 19.63
CA PHE B 288 19.56 9.79 20.39
C PHE B 288 19.37 10.58 21.68
N GLY B 289 19.85 10.01 22.78
CA GLY B 289 19.79 10.69 24.06
C GLY B 289 21.03 11.53 24.33
N ASP B 290 21.66 11.30 25.46
CA ASP B 290 22.88 12.00 25.84
C ASP B 290 24.07 11.04 25.78
N ILE B 291 25.25 11.56 26.15
CA ILE B 291 26.47 10.78 26.22
C ILE B 291 26.94 10.81 27.67
N ILE B 292 26.91 9.65 28.32
CA ILE B 292 27.34 9.53 29.71
C ILE B 292 28.75 8.93 29.67
N GLY B 293 29.75 9.80 29.62
CA GLY B 293 31.13 9.35 29.58
C GLY B 293 32.00 10.42 28.93
N ASP B 294 32.87 9.97 28.04
CA ASP B 294 33.83 10.83 27.36
C ASP B 294 33.44 11.00 25.90
N ILE B 295 33.57 12.23 25.39
CA ILE B 295 33.33 12.52 23.98
C ILE B 295 34.56 12.06 23.20
N ARG B 296 34.46 10.91 22.56
CA ARG B 296 35.56 10.34 21.79
C ARG B 296 35.12 10.11 20.35
N MET B 297 36.07 9.70 19.52
CA MET B 297 35.84 9.44 18.10
C MET B 297 36.16 7.98 17.80
N ALA B 298 35.27 7.32 17.06
CA ALA B 298 35.52 5.93 16.65
C ALA B 298 36.68 5.87 15.66
N HIS B 299 37.46 4.80 15.77
CA HIS B 299 38.67 4.68 14.97
C HIS B 299 38.99 3.21 14.75
N CYS B 300 39.38 2.85 13.52
CA CYS B 300 39.72 1.47 13.22
C CYS B 300 41.23 1.28 13.22
N ASN B 301 41.66 0.26 13.95
CA ASN B 301 43.06 -0.10 14.15
C ASN B 301 43.40 -1.28 13.25
N VAL B 302 44.53 -1.17 12.56
CA VAL B 302 45.10 -2.27 11.78
C VAL B 302 46.55 -2.46 12.23
N SER B 303 47.03 -3.70 12.18
CA SER B 303 48.42 -3.96 12.51
C SER B 303 49.32 -3.51 11.37
N LYS B 304 50.38 -2.76 11.70
CA LYS B 304 51.21 -2.12 10.68
C LYS B 304 52.11 -3.12 9.95
N ALA B 305 52.66 -4.11 10.65
CA ALA B 305 53.67 -4.98 10.07
C ALA B 305 53.08 -5.91 9.02
N THR B 306 51.97 -6.59 9.35
CA THR B 306 51.33 -7.47 8.39
C THR B 306 50.65 -6.72 7.25
N TRP B 307 50.21 -5.48 7.48
CA TRP B 307 49.66 -4.67 6.40
C TRP B 307 50.75 -4.22 5.44
N ASN B 308 51.92 -3.84 5.97
CA ASN B 308 53.04 -3.50 5.10
C ASN B 308 53.55 -4.72 4.34
N GLU B 309 53.55 -5.89 4.98
CA GLU B 309 53.93 -7.12 4.28
C GLU B 309 52.92 -7.49 3.20
N THR B 310 51.63 -7.26 3.46
CA THR B 310 50.59 -7.53 2.46
C THR B 310 50.70 -6.56 1.28
N LEU B 311 51.02 -5.29 1.56
CA LEU B 311 51.24 -4.32 0.49
C LEU B 311 52.47 -4.66 -0.34
N GLY B 312 53.56 -5.10 0.32
CA GLY B 312 54.72 -5.56 -0.43
C GLY B 312 54.46 -6.80 -1.26
N LYS B 313 53.65 -7.73 -0.74
CA LYS B 313 53.30 -8.93 -1.48
C LYS B 313 52.41 -8.63 -2.68
N VAL B 314 51.44 -7.72 -2.54
CA VAL B 314 50.59 -7.39 -3.68
C VAL B 314 51.34 -6.51 -4.68
N VAL B 315 52.35 -5.75 -4.25
CA VAL B 315 53.20 -5.03 -5.20
C VAL B 315 54.08 -6.01 -5.97
N LYS B 316 54.64 -7.02 -5.29
CA LYS B 316 55.43 -8.05 -5.96
C LYS B 316 54.58 -8.89 -6.89
N GLN B 317 53.29 -9.07 -6.58
CA GLN B 317 52.39 -9.76 -7.49
C GLN B 317 52.04 -8.90 -8.70
N LEU B 318 51.77 -7.60 -8.48
CA LEU B 318 51.40 -6.71 -9.57
C LEU B 318 52.58 -6.38 -10.48
N ARG B 319 53.82 -6.57 -10.00
CA ARG B 319 55.00 -6.29 -10.82
C ARG B 319 55.25 -7.32 -11.91
N LYS B 320 54.42 -8.36 -12.04
CA LYS B 320 54.58 -9.32 -13.12
C LYS B 320 53.98 -8.85 -14.44
N HIS B 321 53.29 -7.70 -14.45
CA HIS B 321 52.63 -7.22 -15.65
C HIS B 321 53.24 -5.95 -16.23
N PHE B 322 54.08 -5.24 -15.48
CA PHE B 322 54.63 -3.97 -15.93
C PHE B 322 56.15 -3.94 -15.85
N GLY B 323 56.80 -5.08 -16.07
CA GLY B 323 58.25 -5.11 -16.05
C GLY B 323 58.83 -5.01 -14.64
N ASN B 324 60.13 -4.70 -14.60
CA ASN B 324 60.86 -4.59 -13.35
C ASN B 324 60.94 -3.15 -12.84
N ASN B 325 61.48 -2.26 -13.66
CA ASN B 325 61.78 -0.89 -13.21
C ASN B 325 60.62 0.05 -13.54
N THR B 326 59.52 -0.17 -12.82
CA THR B 326 58.36 0.73 -12.86
C THR B 326 57.94 1.01 -11.43
N ILE B 327 57.92 2.29 -11.07
CA ILE B 327 57.66 2.71 -9.69
C ILE B 327 56.15 2.69 -9.46
N ILE B 328 55.69 1.75 -8.63
CA ILE B 328 54.28 1.64 -8.28
C ILE B 328 54.02 2.52 -7.07
N ARG B 329 53.08 3.45 -7.19
CA ARG B 329 52.82 4.45 -6.16
C ARG B 329 51.37 4.37 -5.72
N PHE B 330 51.15 3.99 -4.46
CA PHE B 330 49.83 3.99 -3.86
C PHE B 330 49.48 5.41 -3.42
N ALA B 331 48.29 5.87 -3.78
CA ALA B 331 47.84 7.22 -3.46
C ALA B 331 46.48 7.14 -2.79
N GLN B 332 45.95 8.30 -2.42
CA GLN B 332 44.65 8.37 -1.77
C GLN B 332 43.55 8.36 -2.83
N SER B 333 42.29 8.49 -2.39
CA SER B 333 41.15 8.45 -3.29
C SER B 333 41.05 9.76 -4.08
N SER B 334 40.18 9.74 -5.10
CA SER B 334 39.98 10.89 -5.97
C SER B 334 39.01 11.90 -5.36
N GLY B 335 37.81 11.47 -5.03
CA GLY B 335 36.82 12.35 -4.45
C GLY B 335 35.42 11.85 -4.77
N GLY B 336 34.46 12.78 -4.69
CA GLY B 336 33.08 12.46 -4.96
C GLY B 336 32.22 12.45 -3.72
N ASP B 337 31.35 11.45 -3.59
CA ASP B 337 30.51 11.32 -2.41
C ASP B 337 31.29 10.68 -1.27
N LEU B 338 30.62 10.49 -0.13
CA LEU B 338 31.27 9.98 1.05
C LEU B 338 31.54 8.47 0.99
N GLU B 339 30.92 7.76 0.04
CA GLU B 339 31.04 6.31 -0.03
C GLU B 339 32.17 5.83 -0.94
N VAL B 340 32.97 6.74 -1.49
CA VAL B 340 34.16 6.39 -2.26
C VAL B 340 35.42 6.99 -1.66
N THR B 341 35.37 8.29 -1.31
CA THR B 341 36.54 8.93 -0.73
C THR B 341 36.81 8.46 0.70
N THR B 342 35.84 7.82 1.35
CA THR B 342 36.05 7.11 2.59
C THR B 342 35.62 5.65 2.40
N HIS B 343 35.89 4.85 3.42
CA HIS B 343 35.52 3.44 3.47
C HIS B 343 34.30 3.31 4.37
N SER B 344 33.26 2.67 3.87
CA SER B 344 32.00 2.51 4.57
C SER B 344 31.66 1.03 4.71
N PHE B 345 31.14 0.66 5.88
CA PHE B 345 30.71 -0.71 6.15
C PHE B 345 29.56 -0.65 7.15
N ASN B 346 29.18 -1.81 7.68
CA ASN B 346 28.04 -1.94 8.56
C ASN B 346 28.46 -2.76 9.77
N CYS B 347 28.50 -2.14 10.94
CA CYS B 347 28.92 -2.77 12.18
C CYS B 347 27.73 -2.83 13.12
N GLY B 348 27.14 -4.02 13.25
CA GLY B 348 26.11 -4.29 14.25
C GLY B 348 24.77 -3.63 14.06
N GLY B 349 24.63 -2.74 13.08
CA GLY B 349 23.43 -1.95 12.92
C GLY B 349 23.75 -0.48 12.73
N GLU B 350 25.04 -0.14 12.80
CA GLU B 350 25.48 1.24 12.62
C GLU B 350 26.38 1.34 11.40
N PHE B 351 26.28 2.47 10.70
CA PHE B 351 27.02 2.68 9.46
C PHE B 351 28.19 3.63 9.72
N PHE B 352 29.39 3.18 9.38
CA PHE B 352 30.63 3.89 9.63
C PHE B 352 31.18 4.52 8.35
N TYR B 353 32.03 5.53 8.52
CA TYR B 353 32.70 6.18 7.39
C TYR B 353 34.09 6.61 7.85
N CYS B 354 35.12 5.83 7.51
CA CYS B 354 36.49 6.16 7.88
C CYS B 354 37.41 6.42 6.70
N ASN B 355 38.32 7.37 6.90
CA ASN B 355 39.07 8.00 5.81
C ASN B 355 40.08 7.05 5.19
N THR B 356 40.67 6.16 6.01
CA THR B 356 41.66 5.10 5.65
C THR B 356 42.81 5.59 4.76
N SER B 357 43.14 6.88 4.85
CA SER B 357 44.21 7.46 4.04
C SER B 357 45.59 7.20 4.62
N GLY B 358 45.68 6.63 5.81
CA GLY B 358 46.95 6.26 6.41
C GLY B 358 47.48 4.91 5.99
N LEU B 359 46.87 4.28 4.99
CA LEU B 359 47.32 3.00 4.47
C LEU B 359 47.85 3.09 3.05
N PHE B 360 47.94 4.30 2.49
CA PHE B 360 48.34 4.52 1.10
C PHE B 360 49.40 5.61 1.04
N ASN B 361 50.45 5.43 1.84
CA ASN B 361 51.57 6.37 1.95
C ASN B 361 52.55 6.21 0.78
N SER B 362 53.77 6.71 0.98
CA SER B 362 54.78 6.85 -0.08
C SER B 362 55.11 5.53 -0.76
N THR B 363 55.72 5.64 -1.95
CA THR B 363 55.71 4.59 -2.95
C THR B 363 56.69 3.47 -2.62
N TRP B 364 56.86 2.55 -3.56
CA TRP B 364 57.68 1.35 -3.39
C TRP B 364 58.69 1.29 -4.52
N ILE B 365 59.97 1.21 -4.16
CA ILE B 365 61.05 1.01 -5.13
C ILE B 365 61.63 -0.37 -4.88
N SER B 366 62.11 -1.00 -5.97
CA SER B 366 62.63 -2.37 -5.89
C SER B 366 63.93 -2.42 -5.09
N ASN B 367 64.74 -1.36 -5.16
CA ASN B 367 65.97 -1.30 -4.38
C ASN B 367 65.86 -0.26 -3.27
N ASN B 379 55.40 -3.05 15.93
CA ASN B 379 54.51 -3.60 16.95
C ASN B 379 53.37 -2.62 17.27
N ASP B 380 53.39 -1.47 16.59
CA ASP B 380 52.38 -0.46 16.79
C ASP B 380 51.16 -0.75 15.90
N SER B 381 50.20 0.16 15.87
CA SER B 381 48.99 -0.02 15.09
C SER B 381 48.63 1.29 14.40
N ILE B 382 48.14 1.18 13.17
CA ILE B 382 47.70 2.34 12.39
C ILE B 382 46.22 2.57 12.68
N VAL B 383 45.88 3.80 13.07
CA VAL B 383 44.51 4.19 13.34
C VAL B 383 43.95 4.94 12.15
N LEU B 384 42.65 4.80 11.93
CA LEU B 384 41.94 5.51 10.86
C LEU B 384 40.74 6.24 11.46
N PRO B 385 40.65 7.56 11.30
CA PRO B 385 39.53 8.30 11.91
C PRO B 385 38.21 8.01 11.22
N CYS B 386 37.21 7.65 12.03
CA CYS B 386 35.95 7.13 11.50
C CYS B 386 34.77 7.88 12.11
N ARG B 387 33.91 8.42 11.26
CA ARG B 387 32.74 9.17 11.65
C ARG B 387 31.48 8.34 11.45
N ILE B 388 30.37 8.85 11.97
CA ILE B 388 29.08 8.17 11.96
C ILE B 388 28.06 9.08 11.31
N LYS B 389 27.40 8.58 10.27
CA LYS B 389 26.30 9.28 9.63
C LYS B 389 25.04 8.44 9.76
N GLN B 390 23.95 9.07 10.24
CA GLN B 390 22.71 8.34 10.48
C GLN B 390 21.91 8.16 9.21
N ILE B 391 21.56 9.26 8.55
CA ILE B 391 20.78 9.21 7.32
C ILE B 391 21.70 8.74 6.18
N ILE B 392 21.42 7.58 5.63
CA ILE B 392 22.19 7.02 4.53
C ILE B 392 21.29 6.88 3.32
N ASN B 393 21.92 6.71 2.15
CA ASN B 393 21.22 6.52 0.89
C ASN B 393 22.03 5.51 0.06
N MET B 394 21.68 4.23 0.19
CA MET B 394 22.36 3.18 -0.54
C MET B 394 21.60 2.84 -1.82
N TRP B 395 22.37 2.50 -2.86
CA TRP B 395 21.93 2.09 -4.19
C TRP B 395 21.16 3.18 -4.93
N GLN B 396 21.23 4.44 -4.47
CA GLN B 396 20.75 5.64 -5.17
C GLN B 396 19.25 5.59 -5.46
N ARG B 397 18.47 5.19 -4.46
CA ARG B 397 17.02 5.20 -4.56
C ARG B 397 16.55 6.64 -4.37
N ILE B 398 16.26 7.32 -5.47
CA ILE B 398 15.83 8.72 -5.40
C ILE B 398 14.38 8.78 -4.89
N GLY B 399 14.15 9.63 -3.90
CA GLY B 399 12.84 9.76 -3.28
C GLY B 399 12.66 8.92 -2.03
N GLN B 400 13.56 7.98 -1.76
CA GLN B 400 13.47 7.13 -0.58
C GLN B 400 14.78 7.19 0.20
N ALA B 401 14.68 7.18 1.52
CA ALA B 401 15.85 7.17 2.39
C ALA B 401 15.47 6.51 3.70
N MET B 402 16.48 5.95 4.36
CA MET B 402 16.26 5.20 5.59
C MET B 402 16.99 5.86 6.75
N TYR B 403 16.39 5.79 7.93
CA TYR B 403 16.96 6.31 9.15
C TYR B 403 17.61 5.19 9.95
N ALA B 404 18.76 5.49 10.54
CA ALA B 404 19.49 4.50 11.34
C ALA B 404 19.29 4.79 12.81
N PRO B 405 18.61 3.91 13.56
CA PRO B 405 18.44 4.16 14.99
C PRO B 405 19.74 3.86 15.73
N PRO B 406 20.00 4.57 16.83
CA PRO B 406 21.24 4.33 17.58
C PRO B 406 21.19 3.02 18.34
N ILE B 407 22.37 2.51 18.65
CA ILE B 407 22.55 1.28 19.41
C ILE B 407 22.99 1.66 20.81
N GLN B 408 22.29 1.15 21.82
CA GLN B 408 22.59 1.49 23.21
C GLN B 408 23.86 0.79 23.67
N GLY B 409 24.79 1.56 24.22
CA GLY B 409 26.01 1.01 24.77
C GLY B 409 27.15 0.99 23.78
N VAL B 410 28.28 0.48 24.27
CA VAL B 410 29.50 0.38 23.46
C VAL B 410 29.42 -0.87 22.59
N ILE B 411 29.58 -0.68 21.28
CA ILE B 411 29.51 -1.77 20.31
C ILE B 411 30.87 -1.89 19.63
N ARG B 412 31.36 -3.12 19.49
CA ARG B 412 32.68 -3.39 18.94
C ARG B 412 32.58 -4.29 17.72
N CYS B 413 33.56 -4.17 16.82
CA CYS B 413 33.58 -4.95 15.59
C CYS B 413 35.01 -5.28 15.19
N VAL B 414 35.28 -6.58 15.06
CA VAL B 414 36.54 -7.08 14.51
C VAL B 414 36.23 -7.75 13.17
N SER B 415 37.01 -7.39 12.15
CA SER B 415 36.70 -7.85 10.80
C SER B 415 37.97 -8.30 10.09
N ASN B 416 37.81 -9.29 9.22
CA ASN B 416 38.86 -9.71 8.31
C ASN B 416 38.84 -8.83 7.06
N ILE B 417 39.99 -8.71 6.41
CA ILE B 417 40.10 -8.05 5.12
C ILE B 417 40.64 -9.07 4.13
N THR B 418 39.77 -9.57 3.26
CA THR B 418 40.14 -10.50 2.20
C THR B 418 39.82 -9.83 0.87
N GLY B 419 40.75 -9.03 0.35
CA GLY B 419 40.52 -8.40 -0.94
C GLY B 419 40.42 -6.90 -0.84
N LEU B 420 40.99 -6.22 -1.83
CA LEU B 420 40.95 -4.77 -1.94
C LEU B 420 40.41 -4.37 -3.30
N ILE B 421 39.97 -3.13 -3.40
CA ILE B 421 39.45 -2.56 -4.65
C ILE B 421 40.40 -1.44 -5.06
N LEU B 422 41.13 -1.66 -6.15
CA LEU B 422 42.11 -0.70 -6.63
C LEU B 422 41.87 -0.38 -8.10
N THR B 423 42.21 0.85 -8.47
CA THR B 423 42.18 1.27 -9.87
C THR B 423 43.36 2.18 -10.13
N ARG B 424 43.79 2.25 -11.39
CA ARG B 424 44.93 3.04 -11.79
C ARG B 424 44.50 4.15 -12.75
N ASP B 425 45.43 5.08 -12.98
CA ASP B 425 45.19 6.23 -13.84
C ASP B 425 45.90 6.04 -15.17
N GLY B 426 45.84 7.07 -16.02
CA GLY B 426 46.47 7.02 -17.31
C GLY B 426 47.92 7.46 -17.30
N GLY B 427 48.26 8.41 -18.16
CA GLY B 427 49.63 8.91 -18.23
C GLY B 427 50.16 8.98 -19.65
N SER B 428 51.29 9.66 -19.83
CA SER B 428 51.92 9.80 -21.14
C SER B 428 52.84 8.62 -21.39
N THR B 429 53.66 8.72 -22.45
CA THR B 429 54.60 7.65 -22.77
C THR B 429 55.75 7.61 -21.77
N ASN B 430 56.38 8.75 -21.52
CA ASN B 430 57.47 8.85 -20.56
C ASN B 430 56.89 8.95 -19.15
N SER B 431 56.46 7.80 -18.64
CA SER B 431 55.86 7.72 -17.31
C SER B 431 56.36 6.46 -16.62
N THR B 432 57.05 6.63 -15.50
CA THR B 432 57.54 5.51 -14.70
C THR B 432 56.85 5.39 -13.35
N THR B 433 56.02 6.35 -12.97
CA THR B 433 55.30 6.32 -11.70
C THR B 433 53.84 5.95 -11.95
N GLU B 434 53.58 4.65 -11.92
CA GLU B 434 52.22 4.13 -12.11
C GLU B 434 51.47 4.30 -10.79
N THR B 435 50.46 5.16 -10.81
CA THR B 435 49.70 5.44 -9.59
C THR B 435 48.55 4.45 -9.44
N PHE B 436 48.16 4.23 -8.18
CA PHE B 436 47.06 3.33 -7.85
C PHE B 436 46.24 3.96 -6.74
N ARG B 437 44.97 4.21 -7.00
CA ARG B 437 44.06 4.84 -6.06
C ARG B 437 42.92 3.89 -5.71
N PRO B 438 42.54 3.82 -4.43
CA PRO B 438 41.42 2.94 -4.07
C PRO B 438 40.08 3.57 -4.37
N GLY B 439 39.41 3.09 -5.42
CA GLY B 439 38.13 3.64 -5.83
C GLY B 439 37.01 2.63 -5.76
N GLY B 440 36.53 2.21 -6.93
CA GLY B 440 35.45 1.25 -6.99
C GLY B 440 34.10 1.86 -6.72
N GLY B 441 33.49 1.50 -5.57
CA GLY B 441 32.19 1.98 -5.21
C GLY B 441 31.04 1.16 -5.75
N ASP B 442 31.29 0.29 -6.73
CA ASP B 442 30.24 -0.53 -7.30
C ASP B 442 29.90 -1.66 -6.33
N MET B 443 28.60 -1.85 -6.09
CA MET B 443 28.16 -2.92 -5.18
C MET B 443 28.30 -4.29 -5.80
N ARG B 444 28.36 -4.40 -7.13
CA ARG B 444 28.53 -5.69 -7.76
C ARG B 444 29.95 -6.23 -7.64
N ASP B 445 30.92 -5.37 -7.32
CA ASP B 445 32.29 -5.84 -7.13
C ASP B 445 32.43 -6.61 -5.83
N ASN B 446 31.58 -6.33 -4.84
CA ASN B 446 31.56 -7.12 -3.61
C ASN B 446 30.98 -8.50 -3.82
N TRP B 447 30.13 -8.68 -4.84
CA TRP B 447 29.57 -9.97 -5.16
C TRP B 447 30.27 -10.65 -6.33
N ARG B 448 31.27 -9.99 -6.93
CA ARG B 448 32.07 -10.58 -7.99
C ARG B 448 33.33 -11.25 -7.47
N SER B 449 33.67 -11.05 -6.19
CA SER B 449 34.78 -11.75 -5.57
C SER B 449 34.34 -13.00 -4.82
N GLU B 450 33.03 -13.23 -4.69
CA GLU B 450 32.50 -14.42 -4.06
C GLU B 450 31.71 -15.30 -5.01
N LEU B 451 31.32 -14.80 -6.17
CA LEU B 451 30.58 -15.58 -7.17
C LEU B 451 31.37 -15.67 -8.47
N TYR B 452 32.69 -15.58 -8.39
CA TYR B 452 33.55 -15.64 -9.58
C TYR B 452 33.78 -17.06 -10.07
N LYS B 453 33.73 -18.05 -9.16
CA LYS B 453 33.98 -19.44 -9.51
C LYS B 453 32.69 -20.24 -9.65
N TYR B 454 31.61 -19.60 -10.08
CA TYR B 454 30.34 -20.28 -10.27
C TYR B 454 29.68 -19.77 -11.54
N LYS B 455 29.01 -20.68 -12.25
CA LYS B 455 28.47 -20.35 -13.57
C LYS B 455 27.23 -21.19 -13.81
N VAL B 456 26.07 -20.54 -13.97
CA VAL B 456 24.82 -21.24 -14.21
C VAL B 456 24.81 -21.77 -15.64
N VAL B 457 24.25 -22.96 -15.82
CA VAL B 457 24.29 -23.65 -17.11
C VAL B 457 23.02 -24.48 -17.26
N LYS B 458 22.56 -24.64 -18.50
CA LYS B 458 21.29 -25.31 -18.77
C LYS B 458 21.55 -26.55 -19.61
N ILE B 459 21.26 -27.73 -19.04
CA ILE B 459 21.50 -29.00 -19.71
C ILE B 459 20.34 -29.32 -20.64
N GLU B 460 20.65 -29.96 -21.77
CA GLU B 460 19.64 -30.45 -22.70
C GLU B 460 19.71 -31.97 -22.80
N PRO B 461 18.58 -32.66 -22.64
CA PRO B 461 18.59 -34.13 -22.64
C PRO B 461 18.38 -34.78 -24.01
N LEU B 462 18.45 -34.04 -25.12
CA LEU B 462 18.22 -34.60 -26.45
C LEU B 462 19.56 -34.66 -27.18
N GLY B 463 20.04 -35.87 -27.45
CA GLY B 463 21.25 -36.07 -28.21
C GLY B 463 20.97 -36.75 -29.54
N VAL B 464 21.79 -36.42 -30.55
CA VAL B 464 21.62 -36.92 -31.91
C VAL B 464 22.91 -37.60 -32.33
N ALA B 465 22.83 -38.87 -32.74
CA ALA B 465 24.04 -39.59 -33.15
C ALA B 465 23.73 -40.62 -34.23
N PRO B 466 24.60 -40.78 -35.22
CA PRO B 466 24.39 -41.84 -36.21
C PRO B 466 25.04 -43.15 -35.82
N THR B 467 24.40 -44.25 -36.22
CA THR B 467 24.90 -45.59 -35.95
C THR B 467 24.34 -46.53 -37.02
N ARG B 468 24.56 -47.83 -36.83
CA ARG B 468 24.10 -48.86 -37.76
C ARG B 468 22.72 -49.40 -37.40
N CYS B 469 22.02 -48.77 -36.47
CA CYS B 469 20.75 -49.30 -35.99
C CYS B 469 19.62 -48.96 -36.96
N LYS B 470 18.61 -49.83 -36.97
CA LYS B 470 17.43 -49.64 -37.81
C LYS B 470 16.25 -50.34 -37.16
N ARG B 471 15.13 -49.63 -37.03
CA ARG B 471 13.96 -50.19 -36.39
C ARG B 471 13.24 -51.17 -37.33
N ARG B 472 12.34 -51.96 -36.76
CA ARG B 472 11.60 -52.95 -37.52
C ARG B 472 10.42 -52.29 -38.24
N VAL B 473 9.68 -53.10 -38.99
CA VAL B 473 8.52 -52.61 -39.73
C VAL B 473 7.25 -52.83 -38.93
N ALA C 1 7.87 -71.11 -12.35
CA ALA C 1 6.82 -70.24 -11.84
C ALA C 1 6.99 -69.99 -10.35
N GLU C 2 7.96 -70.68 -9.75
CA GLU C 2 8.21 -70.50 -8.32
C GLU C 2 8.93 -69.19 -8.04
N ASN C 3 9.93 -68.86 -8.87
CA ASN C 3 10.68 -67.61 -8.71
C ASN C 3 9.80 -66.42 -9.10
N LEU C 4 9.45 -65.61 -8.11
CA LEU C 4 8.58 -64.46 -8.34
C LEU C 4 9.39 -63.26 -8.82
N TRP C 5 8.75 -62.45 -9.66
CA TRP C 5 9.30 -61.19 -10.12
C TRP C 5 8.42 -60.04 -9.66
N VAL C 6 9.05 -58.87 -9.49
CA VAL C 6 8.39 -57.68 -8.97
C VAL C 6 7.76 -56.91 -10.13
N THR C 7 6.51 -56.47 -9.94
CA THR C 7 5.81 -55.66 -10.91
C THR C 7 5.28 -54.41 -10.20
N VAL C 8 4.99 -53.39 -11.00
CA VAL C 8 4.45 -52.13 -10.50
C VAL C 8 3.04 -51.95 -11.03
N TYR C 9 2.23 -51.24 -10.24
CA TYR C 9 0.83 -51.00 -10.56
C TYR C 9 0.55 -49.51 -10.50
N TYR C 10 -0.14 -49.01 -11.51
CA TYR C 10 -0.53 -47.60 -11.56
C TYR C 10 -2.00 -47.46 -11.19
N GLY C 11 -2.30 -46.45 -10.38
CA GLY C 11 -3.65 -46.23 -9.91
C GLY C 11 -4.09 -47.24 -8.87
N VAL C 12 -3.36 -47.30 -7.76
CA VAL C 12 -3.59 -48.27 -6.70
C VAL C 12 -4.16 -47.54 -5.48
N PRO C 13 -5.22 -48.06 -4.85
CA PRO C 13 -5.79 -47.40 -3.65
C PRO C 13 -4.96 -47.58 -2.39
N VAL C 14 -3.94 -46.74 -2.25
CA VAL C 14 -3.12 -46.71 -1.04
C VAL C 14 -2.70 -45.26 -0.79
N TRP C 15 -2.79 -44.83 0.46
CA TRP C 15 -2.58 -43.43 0.80
C TRP C 15 -1.66 -43.30 2.01
N LYS C 16 -1.39 -42.05 2.38
CA LYS C 16 -0.61 -41.73 3.57
C LYS C 16 -0.95 -40.31 4.02
N ASP C 17 -0.68 -40.04 5.29
CA ASP C 17 -0.97 -38.73 5.88
C ASP C 17 0.05 -37.70 5.42
N ALA C 18 -0.44 -36.59 4.87
CA ALA C 18 0.43 -35.51 4.42
C ALA C 18 -0.36 -34.22 4.45
N GLU C 19 0.36 -33.10 4.54
CA GLU C 19 -0.23 -31.78 4.55
C GLU C 19 -0.17 -31.16 3.16
N THR C 20 -1.12 -30.26 2.88
CA THR C 20 -1.20 -29.58 1.61
C THR C 20 -1.93 -28.25 1.82
N THR C 21 -2.34 -27.62 0.73
CA THR C 21 -3.04 -26.34 0.76
C THR C 21 -4.48 -26.54 0.31
N LEU C 22 -5.42 -26.11 1.14
CA LEU C 22 -6.85 -26.22 0.87
C LEU C 22 -7.37 -24.89 0.32
N PHE C 23 -8.31 -24.97 -0.61
CA PHE C 23 -8.89 -23.77 -1.20
C PHE C 23 -10.39 -23.69 -0.91
N CYS C 24 -10.96 -22.54 -1.24
CA CYS C 24 -12.34 -22.20 -0.91
C CYS C 24 -13.31 -22.74 -1.95
N ALA C 25 -14.52 -23.05 -1.48
CA ALA C 25 -15.63 -23.41 -2.34
C ALA C 25 -16.92 -23.05 -1.63
N SER C 26 -17.68 -22.11 -2.18
CA SER C 26 -18.90 -21.66 -1.53
C SER C 26 -19.93 -21.30 -2.60
N ASP C 27 -21.16 -21.76 -2.39
CA ASP C 27 -22.27 -21.45 -3.30
C ASP C 27 -23.60 -21.48 -2.57
N HIS C 36 -24.70 -6.62 0.61
CA HIS C 36 -23.72 -6.52 -0.47
C HIS C 36 -22.89 -7.79 -0.58
N ASN C 37 -21.82 -7.87 0.22
CA ASN C 37 -20.92 -9.01 0.21
C ASN C 37 -20.40 -9.22 1.63
N VAL C 38 -19.77 -10.38 1.83
CA VAL C 38 -19.16 -10.72 3.10
C VAL C 38 -17.64 -10.72 2.93
N TRP C 39 -16.94 -10.89 4.05
CA TRP C 39 -15.48 -10.85 4.04
C TRP C 39 -14.85 -12.16 3.57
N ALA C 40 -15.63 -13.22 3.38
CA ALA C 40 -15.10 -14.51 3.00
C ALA C 40 -15.37 -14.87 1.55
N THR C 41 -16.63 -14.83 1.11
CA THR C 41 -16.99 -15.30 -0.23
C THR C 41 -16.98 -14.13 -1.20
N HIS C 42 -15.80 -13.87 -1.76
CA HIS C 42 -15.62 -12.91 -2.83
C HIS C 42 -15.19 -13.55 -4.14
N ALA C 43 -14.31 -14.55 -4.07
CA ALA C 43 -13.88 -15.27 -5.27
C ALA C 43 -13.56 -16.71 -4.84
N CYS C 44 -14.53 -17.61 -5.03
CA CYS C 44 -14.35 -19.01 -4.68
C CYS C 44 -14.87 -19.87 -5.83
N VAL C 45 -14.47 -21.13 -5.82
CA VAL C 45 -14.88 -22.07 -6.88
C VAL C 45 -16.32 -22.51 -6.61
N PRO C 46 -17.23 -22.40 -7.59
CA PRO C 46 -18.60 -22.84 -7.35
C PRO C 46 -18.70 -24.36 -7.27
N THR C 47 -19.47 -24.82 -6.28
CA THR C 47 -19.64 -26.25 -6.07
C THR C 47 -20.68 -26.83 -7.02
N PRO C 51 -21.70 -32.59 -2.70
CA PRO C 51 -22.01 -33.97 -2.30
C PRO C 51 -21.07 -34.99 -2.97
N GLN C 52 -21.66 -36.01 -3.59
CA GLN C 52 -20.96 -37.08 -4.31
C GLN C 52 -19.98 -37.83 -3.38
N GLU C 53 -20.53 -38.47 -2.37
CA GLU C 53 -19.74 -39.21 -1.42
C GLU C 53 -19.47 -40.63 -1.92
N ILE C 54 -18.40 -41.23 -1.41
CA ILE C 54 -18.02 -42.60 -1.72
C ILE C 54 -17.82 -43.34 -0.41
N HIS C 55 -18.62 -44.37 -0.17
CA HIS C 55 -18.52 -45.17 1.04
C HIS C 55 -17.45 -46.25 0.88
N LEU C 56 -16.84 -46.60 2.01
CA LEU C 56 -15.77 -47.60 2.04
C LEU C 56 -16.11 -48.71 3.03
N GLU C 57 -15.55 -49.88 2.78
CA GLU C 57 -15.77 -51.06 3.63
C GLU C 57 -14.44 -51.73 3.93
N ASN C 58 -14.43 -52.43 5.07
CA ASN C 58 -13.31 -53.28 5.53
C ASN C 58 -12.01 -52.49 5.70
N VAL C 59 -12.10 -51.23 6.13
CA VAL C 59 -10.94 -50.37 6.28
C VAL C 59 -11.08 -49.56 7.55
N THR C 60 -10.02 -49.52 8.36
CA THR C 60 -9.95 -48.69 9.56
C THR C 60 -8.85 -47.65 9.38
N GLU C 61 -9.03 -46.50 10.03
CA GLU C 61 -8.08 -45.41 9.94
C GLU C 61 -7.89 -44.78 11.31
N GLU C 62 -6.65 -44.40 11.62
CA GLU C 62 -6.30 -43.81 12.90
C GLU C 62 -6.63 -42.33 12.87
N PHE C 63 -7.87 -42.01 13.19
CA PHE C 63 -8.31 -40.62 13.24
C PHE C 63 -7.86 -39.98 14.53
N ASN C 64 -7.49 -38.70 14.46
CA ASN C 64 -6.96 -37.98 15.61
C ASN C 64 -7.17 -36.49 15.41
N MET C 65 -7.90 -35.86 16.33
CA MET C 65 -8.02 -34.42 16.37
C MET C 65 -6.94 -33.85 17.30
N TRP C 66 -6.93 -32.53 17.45
CA TRP C 66 -5.96 -31.70 18.17
C TRP C 66 -4.54 -31.79 17.58
N LYS C 67 -4.36 -32.44 16.43
CA LYS C 67 -3.07 -32.55 15.78
C LYS C 67 -3.18 -32.35 14.27
N ASN C 68 -4.37 -32.04 13.76
CA ASN C 68 -4.57 -31.93 12.32
C ASN C 68 -4.00 -30.62 11.79
N ASN C 69 -3.64 -30.63 10.51
CA ASN C 69 -3.13 -29.46 9.82
C ASN C 69 -4.24 -28.64 9.16
N MET C 70 -5.50 -28.99 9.40
CA MET C 70 -6.63 -28.25 8.86
C MET C 70 -7.20 -27.22 9.83
N VAL C 71 -7.15 -27.50 11.14
CA VAL C 71 -7.63 -26.53 12.12
C VAL C 71 -6.59 -25.46 12.42
N GLU C 72 -5.35 -25.65 11.98
CA GLU C 72 -4.31 -24.63 12.11
C GLU C 72 -4.08 -23.88 10.81
N GLN C 73 -4.59 -24.38 9.69
CA GLN C 73 -4.57 -23.65 8.42
C GLN C 73 -5.78 -22.72 8.31
N MET C 74 -6.92 -23.13 8.86
CA MET C 74 -8.10 -22.27 8.88
C MET C 74 -7.90 -21.07 9.81
N HIS C 75 -7.17 -21.27 10.91
CA HIS C 75 -6.89 -20.17 11.82
C HIS C 75 -5.99 -19.11 11.20
N GLU C 76 -5.12 -19.52 10.28
CA GLU C 76 -4.34 -18.56 9.50
C GLU C 76 -5.12 -17.96 8.35
N ASP C 77 -5.97 -18.75 7.68
CA ASP C 77 -6.78 -18.25 6.57
C ASP C 77 -7.84 -17.26 7.00
N ILE C 78 -8.34 -17.35 8.24
CA ILE C 78 -9.30 -16.39 8.74
C ILE C 78 -8.62 -15.06 9.10
N ILE C 79 -7.47 -15.10 9.76
CA ILE C 79 -6.77 -13.87 10.13
C ILE C 79 -6.06 -13.24 8.93
N SER C 80 -5.84 -14.00 7.85
CA SER C 80 -5.32 -13.41 6.63
C SER C 80 -6.41 -12.81 5.76
N LEU C 81 -7.66 -13.22 5.98
CA LEU C 81 -8.81 -12.66 5.26
C LEU C 81 -9.50 -11.55 6.04
N TRP C 82 -9.24 -11.45 7.35
CA TRP C 82 -9.85 -10.40 8.16
C TRP C 82 -9.32 -9.01 7.79
N ASP C 83 -8.00 -8.88 7.69
CA ASP C 83 -7.39 -7.60 7.34
C ASP C 83 -7.50 -7.25 5.86
N GLN C 84 -7.86 -8.20 5.00
CA GLN C 84 -8.03 -7.90 3.59
C GLN C 84 -9.29 -7.09 3.34
N SER C 85 -10.30 -7.23 4.20
CA SER C 85 -11.53 -6.45 4.11
C SER C 85 -11.42 -5.11 4.82
N LEU C 86 -10.27 -4.80 5.42
CA LEU C 86 -10.05 -3.52 6.10
C LEU C 86 -9.04 -2.66 5.37
N LYS C 87 -8.44 -3.15 4.28
CA LYS C 87 -7.45 -2.35 3.56
C LYS C 87 -8.07 -1.22 2.72
N PRO C 88 -9.12 -1.42 1.92
CA PRO C 88 -9.69 -0.26 1.21
C PRO C 88 -10.56 0.65 2.08
N CYS C 89 -10.81 0.28 3.34
CA CYS C 89 -11.65 1.11 4.20
C CYS C 89 -10.85 2.29 4.73
N VAL C 90 -11.56 3.17 5.44
CA VAL C 90 -10.97 4.43 5.92
C VAL C 90 -10.14 4.16 7.17
N LYS C 91 -8.93 4.71 7.20
CA LYS C 91 -8.08 4.65 8.39
C LYS C 91 -8.55 5.71 9.38
N LEU C 92 -8.78 5.31 10.63
CA LEU C 92 -9.31 6.21 11.65
C LEU C 92 -8.17 6.84 12.45
N THR C 93 -7.33 7.60 11.75
CA THR C 93 -6.19 8.29 12.34
C THR C 93 -6.55 9.52 13.17
N PRO C 94 -7.33 10.56 12.66
CA PRO C 94 -7.45 11.78 13.46
C PRO C 94 -8.57 11.74 14.51
N LEU C 95 -9.03 10.55 14.86
CA LEU C 95 -10.05 10.43 15.91
C LEU C 95 -9.47 10.67 17.29
N CYS C 96 -8.18 10.35 17.49
CA CYS C 96 -7.55 10.43 18.82
C CYS C 96 -7.28 11.89 19.19
N VAL C 97 -8.35 12.56 19.60
CA VAL C 97 -8.29 13.92 20.10
C VAL C 97 -8.64 13.84 21.59
N THR C 98 -8.51 14.95 22.30
CA THR C 98 -9.07 15.03 23.64
C THR C 98 -10.58 15.19 23.55
N LEU C 99 -11.32 14.35 24.27
CA LEU C 99 -12.78 14.33 24.21
C LEU C 99 -13.30 15.04 25.46
N GLN C 100 -13.91 16.21 25.26
CA GLN C 100 -14.60 16.88 26.36
C GLN C 100 -15.89 16.13 26.61
N CYS C 101 -15.94 15.31 27.67
CA CYS C 101 -16.99 14.32 27.80
C CYS C 101 -17.62 14.39 29.18
N THR C 102 -18.93 14.08 29.22
CA THR C 102 -19.70 14.04 30.46
C THR C 102 -20.66 12.86 30.35
N ASN C 103 -21.56 12.74 31.34
CA ASN C 103 -22.49 11.63 31.39
C ASN C 103 -23.81 12.01 30.71
N TYR C 104 -24.21 11.19 29.74
CA TYR C 104 -25.51 11.33 29.10
C TYR C 104 -26.56 10.63 29.94
N ALA C 105 -27.79 11.17 29.91
CA ALA C 105 -28.96 10.77 30.69
C ALA C 105 -28.63 10.77 32.18
N PRO C 106 -28.49 11.93 32.82
CA PRO C 106 -28.11 11.97 34.23
C PRO C 106 -29.30 11.60 35.12
N ASN C 107 -29.02 11.50 36.42
CA ASN C 107 -29.88 11.06 37.54
C ASN C 107 -30.80 9.90 37.20
N LEU C 108 -30.28 8.90 36.49
CA LEU C 108 -31.04 7.71 36.12
C LEU C 108 -30.84 6.65 37.19
N LEU C 109 -31.95 6.14 37.74
CA LEU C 109 -31.92 5.16 38.82
C LEU C 109 -31.96 3.72 38.32
N SER C 110 -31.62 3.49 37.05
CA SER C 110 -31.63 2.15 36.49
C SER C 110 -30.25 1.52 36.68
N ASN C 111 -30.02 0.38 36.02
CA ASN C 111 -28.73 -0.29 36.12
C ASN C 111 -27.69 0.36 35.21
N MET C 112 -28.10 0.81 34.03
CA MET C 112 -27.19 1.42 33.06
C MET C 112 -26.91 2.85 33.49
N ARG C 113 -25.83 3.02 34.26
CA ARG C 113 -25.42 4.32 34.75
C ARG C 113 -24.04 4.73 34.29
N GLY C 114 -23.05 3.83 34.38
CA GLY C 114 -21.70 4.19 34.01
C GLY C 114 -21.47 4.27 32.52
N GLU C 115 -22.27 3.56 31.74
CA GLU C 115 -22.14 3.58 30.30
C GLU C 115 -22.87 4.78 29.71
N LEU C 116 -22.81 4.89 28.38
CA LEU C 116 -23.47 5.95 27.58
C LEU C 116 -23.00 7.34 28.00
N LYS C 117 -21.73 7.61 27.76
CA LYS C 117 -21.15 8.91 28.02
C LYS C 117 -21.21 9.76 26.76
N GLN C 118 -21.68 11.00 26.91
CA GLN C 118 -21.78 11.93 25.79
C GLN C 118 -20.52 12.77 25.74
N CYS C 119 -19.78 12.67 24.64
CA CYS C 119 -18.50 13.33 24.51
C CYS C 119 -18.55 14.28 23.32
N SER C 120 -17.58 15.19 23.26
CA SER C 120 -17.51 16.16 22.17
C SER C 120 -16.07 16.41 21.80
N PHE C 121 -15.82 16.58 20.49
CA PHE C 121 -14.49 16.84 20.00
C PHE C 121 -14.56 17.49 18.62
N ASN C 122 -13.41 18.04 18.20
CA ASN C 122 -13.24 18.62 16.88
C ASN C 122 -12.89 17.54 15.87
N MET C 123 -13.14 17.83 14.59
CA MET C 123 -12.85 16.89 13.52
C MET C 123 -12.59 17.67 12.23
N THR C 124 -11.69 17.14 11.40
CA THR C 124 -11.36 17.78 10.14
C THR C 124 -12.48 17.57 9.12
N THR C 125 -12.86 18.66 8.45
CA THR C 125 -13.90 18.64 7.44
C THR C 125 -13.26 18.40 6.06
N GLU C 126 -14.00 18.67 4.98
CA GLU C 126 -13.46 18.54 3.63
C GLU C 126 -12.30 19.51 3.39
N LEU C 127 -12.39 20.71 3.93
CA LEU C 127 -11.31 21.68 3.83
C LEU C 127 -10.31 21.47 4.96
N ARG C 128 -9.02 21.65 4.64
CA ARG C 128 -7.97 21.38 5.63
C ARG C 128 -7.82 22.51 6.64
N ASP C 129 -8.17 23.74 6.26
CA ASP C 129 -8.02 24.89 7.14
C ASP C 129 -9.25 25.17 7.99
N LYS C 130 -10.25 24.28 7.96
CA LYS C 130 -11.45 24.44 8.76
C LYS C 130 -11.67 23.19 9.61
N LYS C 131 -12.42 23.36 10.70
CA LYS C 131 -12.73 22.30 11.63
C LYS C 131 -14.25 22.15 11.75
N GLN C 132 -14.67 21.16 12.52
CA GLN C 132 -16.11 20.92 12.75
C GLN C 132 -16.27 20.26 14.11
N LYS C 133 -17.10 20.86 14.96
CA LYS C 133 -17.39 20.29 16.27
C LYS C 133 -18.46 19.20 16.14
N VAL C 134 -18.29 18.12 16.88
CA VAL C 134 -19.24 17.01 16.83
C VAL C 134 -19.58 16.58 18.24
N TYR C 135 -20.76 15.98 18.40
CA TYR C 135 -21.22 15.42 19.67
C TYR C 135 -21.50 13.94 19.45
N SER C 136 -20.76 13.08 20.14
CA SER C 136 -20.89 11.64 19.98
C SER C 136 -21.23 11.00 21.32
N LEU C 137 -21.61 9.72 21.26
CA LEU C 137 -21.93 8.94 22.46
C LEU C 137 -21.10 7.67 22.45
N PHE C 138 -20.27 7.50 23.46
CA PHE C 138 -19.40 6.33 23.56
C PHE C 138 -19.67 5.59 24.86
N TYR C 139 -19.48 4.28 24.82
CA TYR C 139 -19.72 3.43 25.97
C TYR C 139 -18.62 3.58 27.02
N ARG C 140 -18.82 2.90 28.16
CA ARG C 140 -17.84 2.97 29.24
C ARG C 140 -16.59 2.18 28.89
N LEU C 141 -16.72 1.14 28.05
CA LEU C 141 -15.60 0.31 27.65
C LEU C 141 -14.89 0.84 26.41
N ASP C 142 -15.12 2.10 26.04
CA ASP C 142 -14.49 2.70 24.87
C ASP C 142 -13.73 3.98 25.18
N VAL C 143 -13.89 4.57 26.36
CA VAL C 143 -13.22 5.82 26.71
C VAL C 143 -12.38 5.58 27.97
N VAL C 144 -11.25 6.27 28.04
CA VAL C 144 -10.34 6.21 29.18
C VAL C 144 -10.00 7.65 29.57
N GLN C 145 -10.19 7.98 30.84
CA GLN C 145 -9.87 9.34 31.29
C GLN C 145 -8.36 9.51 31.42
N ILE C 146 -7.91 10.76 31.28
CA ILE C 146 -6.50 11.11 31.34
C ILE C 146 -6.36 12.39 32.17
N ASN C 147 -5.17 12.58 32.71
CA ASN C 147 -4.89 13.74 33.54
C ASN C 147 -3.77 14.59 32.95
N SER C 157 -18.57 19.87 36.07
CA SER C 157 -17.79 20.09 34.86
C SER C 157 -17.58 18.79 34.08
N ASN C 158 -17.04 18.92 32.87
CA ASN C 158 -16.76 17.79 32.01
C ASN C 158 -15.29 17.38 32.13
N LYS C 159 -15.02 16.11 31.85
CA LYS C 159 -13.68 15.58 31.93
C LYS C 159 -13.06 15.47 30.54
N GLU C 160 -11.77 15.15 30.50
CA GLU C 160 -11.01 15.04 29.26
C GLU C 160 -10.68 13.55 29.04
N TYR C 161 -11.56 12.86 28.33
CA TYR C 161 -11.37 11.45 28.03
C TYR C 161 -10.59 11.30 26.73
N ARG C 162 -10.26 10.06 26.39
CA ARG C 162 -9.60 9.72 25.14
C ARG C 162 -9.99 8.29 24.76
N LEU C 163 -9.55 7.87 23.59
CA LEU C 163 -9.89 6.53 23.11
C LEU C 163 -9.08 5.48 23.87
N ILE C 164 -9.65 4.27 23.93
CA ILE C 164 -9.07 3.24 24.80
C ILE C 164 -7.89 2.53 24.13
N ASN C 165 -7.96 2.33 22.82
CA ASN C 165 -6.99 1.48 22.12
C ASN C 165 -6.39 2.20 20.93
N CYS C 166 -5.92 3.43 21.14
CA CYS C 166 -5.16 4.09 20.10
C CYS C 166 -3.90 4.77 20.64
N ASN C 167 -3.54 4.51 21.90
CA ASN C 167 -2.24 4.92 22.43
C ASN C 167 -1.17 3.85 22.26
N THR C 168 -1.57 2.60 21.98
CA THR C 168 -0.64 1.53 21.63
C THR C 168 -0.86 0.97 20.25
N SER C 169 -1.98 1.28 19.60
CA SER C 169 -2.35 0.68 18.33
C SER C 169 -2.92 1.73 17.39
N ALA C 170 -3.23 1.31 16.18
CA ALA C 170 -3.88 2.15 15.18
C ALA C 170 -5.24 1.56 14.84
N ILE C 171 -6.28 2.39 14.91
CA ILE C 171 -7.65 1.95 14.68
C ILE C 171 -8.04 2.22 13.24
N THR C 172 -8.69 1.26 12.61
CA THR C 172 -9.26 1.40 11.28
C THR C 172 -10.76 1.15 11.37
N GLN C 173 -11.54 2.01 10.71
CA GLN C 173 -12.98 1.86 10.71
C GLN C 173 -13.39 0.78 9.70
N ALA C 174 -14.24 -0.15 10.14
CA ALA C 174 -14.73 -1.17 9.24
C ALA C 174 -15.74 -0.58 8.25
N CYS C 175 -15.78 -1.17 7.06
CA CYS C 175 -16.66 -0.68 6.02
C CYS C 175 -18.11 -1.08 6.31
N PRO C 176 -19.07 -0.15 6.24
CA PRO C 176 -20.45 -0.49 6.57
C PRO C 176 -21.19 -1.28 5.50
N LYS C 177 -20.64 -1.38 4.29
CA LYS C 177 -21.32 -2.11 3.22
C LYS C 177 -21.15 -3.62 3.39
N VAL C 178 -19.99 -4.07 3.85
CA VAL C 178 -19.79 -5.49 4.10
C VAL C 178 -20.48 -5.88 5.40
N SER C 179 -20.78 -7.16 5.53
CA SER C 179 -21.47 -7.71 6.69
C SER C 179 -20.52 -8.61 7.48
N PHE C 180 -21.06 -9.23 8.52
CA PHE C 180 -20.28 -10.12 9.38
C PHE C 180 -21.00 -11.44 9.65
N GLU C 181 -22.05 -11.76 8.91
CA GLU C 181 -22.74 -13.03 9.12
C GLU C 181 -21.92 -14.17 8.50
N PRO C 182 -21.80 -15.30 9.20
CA PRO C 182 -20.98 -16.41 8.68
C PRO C 182 -21.68 -17.14 7.54
N ILE C 183 -21.18 -16.93 6.33
CA ILE C 183 -21.65 -17.70 5.18
C ILE C 183 -20.96 -19.06 5.17
N PRO C 184 -21.71 -20.17 5.05
CA PRO C 184 -21.08 -21.49 5.12
C PRO C 184 -20.20 -21.77 3.91
N ILE C 185 -18.92 -22.00 4.15
CA ILE C 185 -17.95 -22.27 3.11
C ILE C 185 -17.45 -23.70 3.25
N HIS C 186 -16.75 -24.17 2.22
CA HIS C 186 -16.16 -25.51 2.19
C HIS C 186 -14.69 -25.41 1.82
N TYR C 187 -13.86 -26.20 2.50
CA TYR C 187 -12.45 -26.34 2.14
C TYR C 187 -12.30 -27.58 1.28
N CYS C 188 -11.87 -27.39 0.03
CA CYS C 188 -11.92 -28.48 -0.95
C CYS C 188 -10.53 -28.81 -1.45
N ALA C 189 -10.22 -30.10 -1.53
CA ALA C 189 -8.89 -30.62 -1.80
C ALA C 189 -8.60 -30.61 -3.30
N PRO C 190 -7.33 -30.38 -3.70
CA PRO C 190 -6.99 -30.44 -5.13
C PRO C 190 -6.86 -31.86 -5.65
N ALA C 191 -6.43 -31.99 -6.90
CA ALA C 191 -6.24 -33.30 -7.51
C ALA C 191 -5.05 -34.01 -6.89
N GLY C 192 -5.23 -35.30 -6.58
CA GLY C 192 -4.21 -36.08 -5.91
C GLY C 192 -4.39 -36.20 -4.42
N PHE C 193 -5.35 -35.49 -3.84
CA PHE C 193 -5.63 -35.55 -2.41
C PHE C 193 -7.09 -35.89 -2.18
N ALA C 194 -7.39 -36.35 -0.97
CA ALA C 194 -8.76 -36.69 -0.59
C ALA C 194 -8.98 -36.31 0.87
N ILE C 195 -10.22 -36.42 1.32
CA ILE C 195 -10.57 -36.15 2.71
C ILE C 195 -11.26 -37.39 3.26
N LEU C 196 -10.60 -38.07 4.20
CA LEU C 196 -11.22 -39.17 4.90
C LEU C 196 -12.18 -38.62 5.96
N LYS C 197 -13.41 -39.10 5.92
CA LYS C 197 -14.47 -38.66 6.82
C LYS C 197 -14.94 -39.83 7.65
N CYS C 198 -14.89 -39.69 8.97
CA CYS C 198 -15.34 -40.73 9.88
C CYS C 198 -16.84 -40.61 10.09
N LYS C 199 -17.57 -41.69 9.84
CA LYS C 199 -19.03 -41.72 9.95
C LYS C 199 -19.49 -42.65 11.06
N ASP C 200 -18.79 -42.62 12.19
CA ASP C 200 -19.14 -43.46 13.34
C ASP C 200 -20.21 -42.79 14.18
N LYS C 201 -20.92 -43.60 14.97
CA LYS C 201 -21.94 -43.08 15.86
C LYS C 201 -21.31 -42.31 17.02
N LYS C 202 -20.47 -42.98 17.81
CA LYS C 202 -19.76 -42.35 18.91
C LYS C 202 -18.28 -42.25 18.54
N PHE C 203 -17.68 -41.10 18.83
CA PHE C 203 -16.29 -40.84 18.44
C PHE C 203 -15.71 -39.82 19.40
N ASN C 204 -14.79 -40.27 20.26
CA ASN C 204 -14.21 -39.38 21.26
C ASN C 204 -13.01 -38.59 20.74
N GLY C 205 -12.64 -38.78 19.48
CA GLY C 205 -11.62 -37.93 18.87
C GLY C 205 -10.35 -38.63 18.44
N THR C 206 -9.86 -39.56 19.24
CA THR C 206 -8.61 -40.25 18.97
C THR C 206 -8.84 -41.74 18.92
N GLY C 207 -8.37 -42.39 17.85
CA GLY C 207 -8.44 -43.83 17.75
C GLY C 207 -8.84 -44.31 16.37
N PRO C 208 -9.10 -45.60 16.24
CA PRO C 208 -9.52 -46.14 14.95
C PRO C 208 -10.98 -45.85 14.65
N CYS C 209 -11.26 -45.62 13.37
CA CYS C 209 -12.60 -45.36 12.89
C CYS C 209 -13.00 -46.46 11.92
N PRO C 210 -13.92 -47.36 12.28
CA PRO C 210 -14.28 -48.48 11.40
C PRO C 210 -15.30 -48.16 10.31
N SER C 211 -15.60 -46.89 10.06
CA SER C 211 -16.53 -46.53 8.98
C SER C 211 -16.06 -45.18 8.42
N VAL C 212 -15.28 -45.24 7.35
CA VAL C 212 -14.71 -44.05 6.74
C VAL C 212 -15.27 -43.86 5.35
N SER C 213 -15.13 -42.66 4.82
CA SER C 213 -15.57 -42.32 3.48
C SER C 213 -14.56 -41.38 2.84
N THR C 214 -14.55 -41.35 1.51
CA THR C 214 -13.65 -40.51 0.74
C THR C 214 -14.45 -39.36 0.15
N VAL C 215 -14.18 -38.15 0.62
CA VAL C 215 -14.92 -36.96 0.22
C VAL C 215 -13.95 -36.00 -0.45
N GLN C 216 -14.44 -35.26 -1.44
CA GLN C 216 -13.68 -34.14 -2.00
C GLN C 216 -13.79 -32.92 -1.10
N CYS C 217 -15.00 -32.47 -0.81
CA CYS C 217 -15.21 -31.38 0.13
C CYS C 217 -16.53 -31.50 0.88
N THR C 218 -16.51 -30.92 2.07
CA THR C 218 -17.48 -31.19 3.15
C THR C 218 -18.72 -30.33 3.02
N HIS C 219 -19.52 -30.33 4.08
CA HIS C 219 -20.75 -29.55 4.18
C HIS C 219 -20.41 -28.11 4.58
N GLY C 220 -21.43 -27.36 4.99
CA GLY C 220 -21.24 -25.97 5.35
C GLY C 220 -20.55 -25.82 6.68
N ILE C 221 -19.33 -25.28 6.68
CA ILE C 221 -18.57 -25.01 7.90
C ILE C 221 -18.68 -23.51 8.15
N LYS C 222 -19.56 -23.14 9.07
CA LYS C 222 -19.79 -21.73 9.38
C LYS C 222 -18.65 -21.18 10.21
N PRO C 223 -17.94 -20.14 9.74
CA PRO C 223 -16.83 -19.56 10.54
C PRO C 223 -17.34 -18.59 11.60
N VAL C 224 -17.98 -19.14 12.63
CA VAL C 224 -18.53 -18.35 13.72
C VAL C 224 -17.42 -18.02 14.71
N VAL C 225 -17.53 -16.87 15.36
CA VAL C 225 -16.58 -16.43 16.37
C VAL C 225 -17.32 -16.30 17.69
N SER C 226 -16.89 -17.08 18.69
CA SER C 226 -17.55 -17.10 19.98
C SER C 226 -16.59 -17.66 21.02
N THR C 227 -16.51 -17.00 22.17
CA THR C 227 -15.73 -17.48 23.31
C THR C 227 -16.67 -17.95 24.41
N GLN C 228 -16.21 -18.95 25.18
CA GLN C 228 -16.86 -19.57 26.33
C GLN C 228 -18.14 -20.34 25.98
N LEU C 229 -18.50 -20.38 24.70
CA LEU C 229 -19.68 -21.08 24.22
C LEU C 229 -19.47 -21.42 22.76
N LEU C 230 -20.20 -22.44 22.29
CA LEU C 230 -20.15 -22.87 20.89
C LEU C 230 -21.50 -22.57 20.26
N LEU C 231 -21.52 -21.60 19.35
CA LEU C 231 -22.74 -21.17 18.67
C LEU C 231 -23.08 -22.11 17.52
N ASN C 232 -23.93 -21.62 16.59
CA ASN C 232 -24.80 -22.36 15.66
C ASN C 232 -24.25 -23.67 15.11
N GLY C 233 -23.08 -23.62 14.48
CA GLY C 233 -22.25 -24.77 14.12
C GLY C 233 -22.90 -25.96 13.45
N SER C 234 -22.73 -27.13 14.05
CA SER C 234 -23.36 -28.36 13.63
C SER C 234 -23.91 -29.10 14.85
N LEU C 235 -24.84 -30.01 14.60
CA LEU C 235 -25.47 -30.79 15.65
C LEU C 235 -24.76 -32.14 15.80
N ALA C 236 -25.30 -33.00 16.66
CA ALA C 236 -24.73 -34.30 16.95
C ALA C 236 -25.81 -35.37 16.84
N GLU C 237 -25.46 -36.58 17.26
CA GLU C 237 -26.35 -37.73 17.20
C GLU C 237 -27.17 -37.80 18.49
N GLU C 238 -27.80 -38.94 18.75
CA GLU C 238 -28.79 -39.09 19.82
C GLU C 238 -28.22 -38.95 21.23
N GLU C 239 -26.90 -39.00 21.40
CA GLU C 239 -26.28 -38.80 22.70
C GLU C 239 -25.31 -37.63 22.62
N VAL C 240 -24.92 -37.13 23.80
CA VAL C 240 -23.92 -36.07 23.88
C VAL C 240 -22.54 -36.70 23.96
N ILE C 241 -21.52 -35.98 23.48
CA ILE C 241 -20.17 -36.50 23.41
C ILE C 241 -19.20 -35.50 24.00
N ILE C 242 -18.40 -35.93 24.97
CA ILE C 242 -17.28 -35.13 25.46
C ILE C 242 -16.02 -35.55 24.72
N ARG C 243 -15.11 -34.60 24.52
CA ARG C 243 -13.87 -34.85 23.80
C ARG C 243 -12.75 -34.05 24.45
N SER C 244 -11.62 -34.70 24.67
CA SER C 244 -10.45 -34.06 25.25
C SER C 244 -9.22 -34.86 24.87
N GLU C 245 -8.04 -34.31 25.17
CA GLU C 245 -6.80 -35.03 24.94
C GLU C 245 -6.61 -36.13 25.97
N ASN C 246 -6.78 -35.80 27.25
CA ASN C 246 -6.72 -36.78 28.32
C ASN C 246 -7.72 -36.37 29.40
N ILE C 247 -8.41 -37.36 29.96
CA ILE C 247 -9.40 -37.09 31.01
C ILE C 247 -8.71 -36.72 32.31
N THR C 248 -7.60 -37.41 32.63
CA THR C 248 -6.85 -37.17 33.86
C THR C 248 -5.89 -35.99 33.75
N ASN C 249 -5.98 -35.19 32.68
CA ASN C 249 -5.17 -33.99 32.51
C ASN C 249 -6.10 -32.79 32.56
N ASN C 250 -5.93 -31.96 33.59
CA ASN C 250 -6.76 -30.79 33.80
C ASN C 250 -6.20 -29.54 33.13
N ALA C 251 -5.31 -29.69 32.15
CA ALA C 251 -4.74 -28.56 31.42
C ALA C 251 -5.40 -28.34 30.07
N LYS C 252 -5.77 -29.41 29.37
CA LYS C 252 -6.43 -29.29 28.08
C LYS C 252 -7.91 -29.02 28.27
N ASN C 253 -8.51 -28.36 27.28
CA ASN C 253 -9.92 -28.04 27.31
C ASN C 253 -10.76 -29.28 27.00
N ILE C 254 -12.01 -29.23 27.43
CA ILE C 254 -12.97 -30.32 27.21
C ILE C 254 -14.08 -29.78 26.30
N LEU C 255 -14.09 -30.22 25.06
CA LEU C 255 -15.11 -29.81 24.09
C LEU C 255 -16.27 -30.79 24.18
N VAL C 256 -17.44 -30.29 24.58
CA VAL C 256 -18.63 -31.12 24.64
C VAL C 256 -19.50 -30.81 23.44
N GLN C 257 -20.37 -31.76 23.09
CA GLN C 257 -21.28 -31.61 21.96
C GLN C 257 -22.62 -32.20 22.37
N LEU C 258 -23.65 -31.35 22.34
CA LEU C 258 -24.96 -31.74 22.84
C LEU C 258 -25.79 -32.42 21.75
N ASN C 259 -26.81 -33.16 22.19
CA ASN C 259 -27.66 -33.91 21.28
C ASN C 259 -28.86 -33.10 20.78
N THR C 260 -29.31 -32.11 21.55
CA THR C 260 -30.44 -31.29 21.16
C THR C 260 -30.06 -29.81 21.21
N PRO C 261 -30.51 -29.01 20.24
CA PRO C 261 -30.17 -27.59 20.25
C PRO C 261 -31.10 -26.80 21.17
N VAL C 262 -30.51 -26.15 22.17
CA VAL C 262 -31.24 -25.28 23.08
C VAL C 262 -31.12 -23.84 22.58
N GLN C 263 -32.26 -23.15 22.50
CA GLN C 263 -32.30 -21.82 21.91
C GLN C 263 -31.85 -20.76 22.93
N ILE C 264 -31.32 -19.66 22.40
CA ILE C 264 -30.86 -18.54 23.22
C ILE C 264 -31.11 -17.24 22.45
N ASN C 265 -31.75 -16.27 23.11
CA ASN C 265 -32.29 -15.08 22.45
C ASN C 265 -31.66 -13.83 23.07
N CYS C 266 -31.06 -12.97 22.24
CA CYS C 266 -30.73 -11.62 22.69
C CYS C 266 -30.85 -10.57 21.60
N THR C 267 -31.37 -9.42 22.01
CA THR C 267 -31.65 -8.29 21.14
C THR C 267 -30.93 -7.07 21.71
N ARG C 268 -31.21 -5.91 21.14
CA ARG C 268 -30.77 -4.63 21.69
C ARG C 268 -31.94 -3.66 21.64
N PRO C 269 -32.59 -3.38 22.77
CA PRO C 269 -33.81 -2.56 22.74
C PRO C 269 -33.57 -1.07 22.60
N ASN C 270 -32.32 -0.62 22.51
CA ASN C 270 -32.02 0.79 22.32
C ASN C 270 -32.17 1.13 20.85
N ASN C 271 -33.22 1.91 20.52
CA ASN C 271 -33.45 2.35 19.15
C ASN C 271 -32.48 3.48 18.84
N ASN C 272 -31.39 3.15 18.15
CA ASN C 272 -30.34 4.10 17.88
C ASN C 272 -30.52 4.75 16.51
N THR C 273 -29.97 5.96 16.39
CA THR C 273 -29.94 6.69 15.12
C THR C 273 -28.50 6.92 14.72
N VAL C 274 -28.12 6.40 13.56
CA VAL C 274 -26.76 6.49 13.07
C VAL C 274 -26.60 7.73 12.21
N LYS C 275 -25.72 8.63 12.61
CA LYS C 275 -25.41 9.85 11.86
C LYS C 275 -24.11 9.63 11.09
N SER C 276 -23.76 10.62 10.26
CA SER C 276 -22.58 10.54 9.43
C SER C 276 -21.87 11.89 9.41
N ILE C 277 -20.55 11.85 9.31
CA ILE C 277 -19.73 13.05 9.20
C ILE C 277 -18.57 12.82 8.23
N ARG C 278 -18.01 13.88 7.67
CA ARG C 278 -16.95 13.79 6.62
C ARG C 278 -15.55 14.01 7.21
N ILE C 279 -14.70 13.04 7.37
CA ILE C 279 -13.42 13.07 8.06
C ILE C 279 -12.29 13.56 7.14
N GLY C 280 -12.49 13.56 5.83
CA GLY C 280 -11.47 13.98 4.90
C GLY C 280 -11.93 13.94 3.46
N PRO C 281 -10.98 14.06 2.52
CA PRO C 281 -11.33 14.03 1.10
C PRO C 281 -11.67 12.61 0.63
N GLY C 282 -12.95 12.38 0.36
CA GLY C 282 -13.41 11.11 -0.17
C GLY C 282 -13.70 10.05 0.86
N GLN C 283 -13.37 10.26 2.12
CA GLN C 283 -13.59 9.26 3.16
C GLN C 283 -14.99 9.44 3.75
N ALA C 284 -15.25 8.75 4.86
CA ALA C 284 -16.52 8.85 5.56
C ALA C 284 -16.32 8.43 7.00
N PHE C 285 -17.24 8.87 7.86
CA PHE C 285 -17.21 8.46 9.26
C PHE C 285 -18.64 8.30 9.76
N TYR C 286 -18.92 7.16 10.38
CA TYR C 286 -20.22 6.87 10.96
C TYR C 286 -20.07 6.70 12.46
N TYR C 287 -20.68 7.62 13.21
CA TYR C 287 -20.56 7.62 14.67
C TYR C 287 -21.92 7.30 15.30
N PHE C 288 -21.97 7.38 16.62
CA PHE C 288 -23.14 7.02 17.40
C PHE C 288 -23.92 8.28 17.75
N GLY C 289 -25.21 8.28 17.42
CA GLY C 289 -26.05 9.45 17.66
C GLY C 289 -26.77 9.43 19.00
N ASP C 290 -28.06 9.74 18.99
CA ASP C 290 -28.87 9.80 20.19
C ASP C 290 -29.66 8.50 20.36
N ILE C 291 -30.35 8.41 21.48
CA ILE C 291 -31.16 7.24 21.83
C ILE C 291 -32.61 7.71 21.90
N ILE C 292 -33.34 7.54 20.79
CA ILE C 292 -34.76 7.89 20.75
C ILE C 292 -35.53 6.68 21.28
N GLY C 293 -35.95 6.77 22.54
CA GLY C 293 -36.67 5.68 23.17
C GLY C 293 -36.37 5.52 24.64
N ASP C 294 -36.10 4.30 25.08
CA ASP C 294 -35.81 4.00 26.47
C ASP C 294 -34.36 3.59 26.64
N ILE C 295 -33.75 4.04 27.73
CA ILE C 295 -32.38 3.66 28.08
C ILE C 295 -32.48 2.32 28.80
N ARG C 296 -32.23 1.23 28.08
CA ARG C 296 -32.32 -0.12 28.63
C ARG C 296 -31.01 -0.85 28.44
N MET C 297 -30.81 -1.89 29.25
CA MET C 297 -29.65 -2.75 29.17
C MET C 297 -29.98 -3.99 28.34
N ALA C 298 -29.11 -4.32 27.39
CA ALA C 298 -29.30 -5.48 26.53
C ALA C 298 -29.14 -6.76 27.34
N HIS C 299 -30.17 -7.59 27.35
CA HIS C 299 -30.18 -8.86 28.07
C HIS C 299 -30.15 -10.03 27.10
N CYS C 300 -29.77 -11.20 27.60
CA CYS C 300 -29.77 -12.40 26.78
C CYS C 300 -30.32 -13.57 27.57
N ASN C 301 -31.41 -14.14 27.07
CA ASN C 301 -32.23 -15.13 27.75
C ASN C 301 -31.95 -16.52 27.21
N VAL C 302 -32.06 -17.50 28.11
CA VAL C 302 -32.10 -18.91 27.77
C VAL C 302 -33.23 -19.54 28.58
N SER C 303 -33.82 -20.60 28.04
CA SER C 303 -34.90 -21.29 28.73
C SER C 303 -34.34 -22.11 29.88
N LYS C 304 -34.95 -21.99 31.05
CA LYS C 304 -34.37 -22.54 32.27
C LYS C 304 -34.49 -24.05 32.36
N ALA C 305 -35.64 -24.61 31.96
CA ALA C 305 -35.91 -26.03 32.17
C ALA C 305 -35.06 -26.91 31.28
N THR C 306 -34.99 -26.59 29.98
CA THR C 306 -34.18 -27.38 29.07
C THR C 306 -32.68 -27.16 29.28
N TRP C 307 -32.26 -26.00 29.79
CA TRP C 307 -30.86 -25.80 30.14
C TRP C 307 -30.49 -26.61 31.38
N ASN C 308 -31.39 -26.69 32.36
CA ASN C 308 -31.16 -27.53 33.52
C ASN C 308 -31.15 -29.01 33.16
N GLU C 309 -32.00 -29.40 32.19
CA GLU C 309 -32.00 -30.78 31.71
C GLU C 309 -30.72 -31.11 30.94
N THR C 310 -30.19 -30.14 30.17
CA THR C 310 -28.92 -30.35 29.49
C THR C 310 -27.76 -30.41 30.47
N LEU C 311 -27.81 -29.60 31.53
CA LEU C 311 -26.77 -29.66 32.56
C LEU C 311 -26.85 -30.94 33.38
N GLY C 312 -28.05 -31.50 33.55
CA GLY C 312 -28.18 -32.80 34.19
C GLY C 312 -27.76 -33.95 33.29
N LYS C 313 -27.93 -33.81 31.97
CA LYS C 313 -27.49 -34.85 31.04
C LYS C 313 -25.97 -34.86 30.87
N VAL C 314 -25.34 -33.69 30.83
CA VAL C 314 -23.89 -33.65 30.65
C VAL C 314 -23.15 -34.14 31.90
N VAL C 315 -23.73 -33.99 33.09
CA VAL C 315 -23.12 -34.55 34.29
C VAL C 315 -23.26 -36.07 34.30
N LYS C 316 -24.41 -36.59 33.87
CA LYS C 316 -24.61 -38.04 33.76
C LYS C 316 -23.71 -38.67 32.70
N GLN C 317 -23.38 -37.91 31.65
CA GLN C 317 -22.42 -38.41 30.67
C GLN C 317 -20.99 -38.32 31.19
N LEU C 318 -20.65 -37.24 31.90
CA LEU C 318 -19.29 -37.03 32.38
C LEU C 318 -18.96 -37.92 33.57
N ARG C 319 -19.97 -38.45 34.27
CA ARG C 319 -19.73 -39.30 35.43
C ARG C 319 -19.14 -40.66 35.08
N LYS C 320 -19.14 -41.07 33.82
CA LYS C 320 -18.55 -42.35 33.44
C LYS C 320 -17.03 -42.32 33.44
N HIS C 321 -16.41 -41.15 33.48
CA HIS C 321 -14.97 -41.02 33.41
C HIS C 321 -14.31 -40.69 34.73
N PHE C 322 -15.09 -40.50 35.80
CA PHE C 322 -14.56 -40.13 37.10
C PHE C 322 -15.09 -41.04 38.20
N GLY C 323 -15.33 -42.30 37.86
CA GLY C 323 -15.78 -43.26 38.85
C GLY C 323 -17.24 -43.05 39.20
N ASN C 324 -17.53 -42.94 40.49
CA ASN C 324 -18.89 -42.72 40.96
C ASN C 324 -18.82 -42.07 42.34
N ASN C 325 -19.94 -41.45 42.73
CA ASN C 325 -20.14 -40.76 44.01
C ASN C 325 -19.11 -39.66 44.20
N THR C 326 -19.15 -38.69 43.29
CA THR C 326 -18.32 -37.49 43.36
C THR C 326 -19.18 -36.26 43.17
N ILE C 327 -18.70 -35.13 43.67
CA ILE C 327 -19.45 -33.88 43.63
C ILE C 327 -18.90 -33.06 42.46
N ILE C 328 -19.67 -32.99 41.38
CA ILE C 328 -19.32 -32.16 40.24
C ILE C 328 -19.88 -30.77 40.47
N ARG C 329 -18.99 -29.79 40.63
CA ARG C 329 -19.36 -28.42 40.97
C ARG C 329 -19.02 -27.49 39.83
N PHE C 330 -20.04 -26.98 39.15
CA PHE C 330 -19.85 -25.96 38.13
C PHE C 330 -19.57 -24.62 38.82
N ALA C 331 -18.57 -23.90 38.33
CA ALA C 331 -18.15 -22.65 38.93
C ALA C 331 -18.04 -21.59 37.86
N GLN C 332 -17.51 -20.43 38.23
CA GLN C 332 -17.36 -19.31 37.31
C GLN C 332 -15.98 -19.35 36.65
N SER C 333 -15.69 -18.35 35.83
CA SER C 333 -14.40 -18.27 35.17
C SER C 333 -13.32 -17.78 36.13
N SER C 334 -12.07 -17.80 35.68
CA SER C 334 -10.94 -17.41 36.51
C SER C 334 -10.65 -15.92 36.43
N GLY C 335 -10.37 -15.42 35.22
CA GLY C 335 -10.09 -14.00 35.05
C GLY C 335 -9.78 -13.62 33.62
N GLY C 336 -8.85 -12.69 33.44
CA GLY C 336 -8.49 -12.23 32.11
C GLY C 336 -9.23 -10.97 31.72
N ASP C 337 -9.16 -10.67 30.42
CA ASP C 337 -9.85 -9.51 29.87
C ASP C 337 -11.30 -9.86 29.52
N LEU C 338 -11.94 -9.02 28.72
CA LEU C 338 -13.36 -9.12 28.43
C LEU C 338 -13.71 -10.21 27.40
N GLU C 339 -12.82 -11.17 27.13
CA GLU C 339 -13.06 -12.18 26.10
C GLU C 339 -12.85 -13.61 26.59
N VAL C 340 -12.72 -13.84 27.90
CA VAL C 340 -12.70 -15.21 28.43
C VAL C 340 -13.78 -15.33 29.49
N THR C 341 -13.76 -14.43 30.48
CA THR C 341 -14.77 -14.45 31.54
C THR C 341 -16.15 -14.03 31.04
N THR C 342 -16.23 -13.36 29.91
CA THR C 342 -17.48 -12.97 29.29
C THR C 342 -17.69 -13.75 27.99
N HIS C 343 -18.95 -14.08 27.73
CA HIS C 343 -19.36 -14.66 26.46
C HIS C 343 -19.36 -13.55 25.42
N SER C 344 -18.47 -13.64 24.44
CA SER C 344 -18.28 -12.62 23.42
C SER C 344 -18.68 -13.20 22.07
N PHE C 345 -19.58 -12.51 21.37
CA PHE C 345 -19.99 -12.95 20.04
C PHE C 345 -20.43 -11.74 19.23
N ASN C 346 -20.93 -12.00 18.02
CA ASN C 346 -21.38 -10.95 17.12
C ASN C 346 -22.82 -11.19 16.71
N CYS C 347 -23.52 -10.10 16.39
CA CYS C 347 -24.94 -10.15 16.06
C CYS C 347 -25.26 -8.93 15.21
N GLY C 348 -25.53 -9.14 13.92
CA GLY C 348 -26.02 -8.12 13.02
C GLY C 348 -25.08 -6.96 12.74
N GLY C 349 -23.82 -7.04 13.14
CA GLY C 349 -22.91 -5.92 13.03
C GLY C 349 -22.43 -5.45 14.38
N GLU C 350 -23.23 -5.70 15.42
CA GLU C 350 -22.86 -5.36 16.77
C GLU C 350 -22.08 -6.50 17.41
N PHE C 351 -21.35 -6.20 18.47
CA PHE C 351 -20.55 -7.19 19.19
C PHE C 351 -20.96 -7.20 20.65
N PHE C 352 -21.36 -8.36 21.14
CA PHE C 352 -21.96 -8.54 22.45
C PHE C 352 -20.99 -9.21 23.42
N TYR C 353 -20.96 -8.70 24.65
CA TYR C 353 -20.10 -9.22 25.73
C TYR C 353 -20.99 -9.37 26.97
N CYS C 354 -21.37 -10.60 27.29
CA CYS C 354 -22.28 -10.85 28.42
C CYS C 354 -21.79 -11.94 29.35
N ASN C 355 -22.71 -12.32 30.25
CA ASN C 355 -22.48 -13.18 31.40
C ASN C 355 -22.60 -14.65 31.01
N THR C 356 -23.05 -15.49 31.96
CA THR C 356 -22.83 -16.92 32.25
C THR C 356 -21.62 -17.15 33.17
N SER C 357 -21.32 -16.17 34.03
CA SER C 357 -20.75 -16.51 35.33
C SER C 357 -21.84 -16.95 36.30
N GLY C 358 -23.11 -16.69 35.98
CA GLY C 358 -24.23 -17.08 36.78
C GLY C 358 -25.07 -18.22 36.25
N LEU C 359 -24.83 -18.65 35.01
CA LEU C 359 -25.53 -19.80 34.43
C LEU C 359 -24.86 -21.13 34.79
N PHE C 360 -23.80 -21.09 35.58
CA PHE C 360 -23.08 -22.30 35.99
C PHE C 360 -23.24 -22.53 37.49
N ASN C 361 -24.46 -22.35 37.98
CA ASN C 361 -24.81 -22.58 39.38
C ASN C 361 -25.27 -24.03 39.54
N SER C 362 -25.93 -24.34 40.66
CA SER C 362 -26.57 -25.63 40.95
C SER C 362 -25.56 -26.78 40.93
N THR C 363 -24.70 -26.76 41.95
CA THR C 363 -23.73 -27.82 42.20
C THR C 363 -24.42 -29.17 42.33
N TRP C 364 -23.99 -30.12 41.51
CA TRP C 364 -24.69 -31.40 41.32
C TRP C 364 -24.19 -32.45 42.30
N ILE C 365 -25.10 -33.02 43.06
CA ILE C 365 -24.84 -34.21 43.86
C ILE C 365 -25.65 -35.36 43.26
N SER C 366 -25.21 -36.59 43.52
CA SER C 366 -25.86 -37.77 42.93
C SER C 366 -27.25 -37.99 43.52
N ASN C 367 -27.36 -37.95 44.84
CA ASN C 367 -28.65 -38.15 45.50
C ASN C 367 -29.31 -36.81 45.80
N ASN C 379 -40.85 -22.56 33.53
CA ASN C 379 -41.46 -21.89 32.40
C ASN C 379 -40.90 -20.48 32.21
N ASP C 380 -40.07 -20.06 33.17
CA ASP C 380 -39.47 -18.74 33.15
C ASP C 380 -38.16 -18.80 32.36
N SER C 381 -37.40 -17.70 32.39
CA SER C 381 -36.13 -17.61 31.67
C SER C 381 -35.11 -16.90 32.54
N ILE C 382 -33.84 -17.20 32.30
CA ILE C 382 -32.73 -16.62 33.05
C ILE C 382 -32.13 -15.50 32.20
N VAL C 383 -32.03 -14.30 32.77
CA VAL C 383 -31.50 -13.15 32.06
C VAL C 383 -30.00 -13.04 32.32
N LEU C 384 -29.30 -12.42 31.36
CA LEU C 384 -27.86 -12.18 31.45
C LEU C 384 -27.54 -10.77 30.99
N PRO C 385 -26.89 -9.95 31.81
CA PRO C 385 -26.57 -8.58 31.39
C PRO C 385 -25.45 -8.56 30.36
N CYS C 386 -25.65 -7.75 29.31
CA CYS C 386 -24.75 -7.78 28.15
C CYS C 386 -24.39 -6.36 27.73
N ARG C 387 -23.09 -6.10 27.66
CA ARG C 387 -22.55 -4.81 27.23
C ARG C 387 -22.07 -4.88 25.80
N ILE C 388 -21.80 -3.70 25.23
CA ILE C 388 -21.36 -3.56 23.85
C ILE C 388 -20.10 -2.72 23.83
N LYS C 389 -19.03 -3.28 23.27
CA LYS C 389 -17.77 -2.57 23.08
C LYS C 389 -17.57 -2.27 21.60
N GLN C 390 -17.27 -1.00 21.29
CA GLN C 390 -17.15 -0.57 19.90
C GLN C 390 -15.79 -0.88 19.30
N ILE C 391 -14.71 -0.44 19.96
CA ILE C 391 -13.36 -0.76 19.48
C ILE C 391 -13.05 -2.20 19.85
N ILE C 392 -12.76 -3.02 18.85
CA ILE C 392 -12.58 -4.45 19.00
C ILE C 392 -11.14 -4.80 18.63
N ASN C 393 -10.49 -5.60 19.46
CA ASN C 393 -9.14 -6.09 19.20
C ASN C 393 -9.22 -7.61 19.06
N MET C 394 -9.48 -8.07 17.85
CA MET C 394 -9.54 -9.50 17.57
C MET C 394 -8.19 -10.01 17.09
N TRP C 395 -7.98 -11.32 17.26
CA TRP C 395 -6.83 -12.11 16.83
C TRP C 395 -5.50 -11.69 17.48
N GLN C 396 -5.54 -10.78 18.46
CA GLN C 396 -4.41 -10.38 19.31
C GLN C 396 -3.24 -9.81 18.52
N ARG C 397 -3.49 -9.19 17.37
CA ARG C 397 -2.43 -8.59 16.58
C ARG C 397 -2.19 -7.17 17.06
N ILE C 398 -1.07 -6.94 17.73
CA ILE C 398 -0.75 -5.62 18.26
C ILE C 398 -0.27 -4.73 17.12
N GLY C 399 -0.82 -3.52 17.04
CA GLY C 399 -0.55 -2.60 15.96
C GLY C 399 -1.74 -2.30 15.07
N GLN C 400 -2.80 -3.11 15.14
CA GLN C 400 -4.01 -2.89 14.37
C GLN C 400 -5.22 -3.14 15.25
N ALA C 401 -6.26 -2.34 15.05
CA ALA C 401 -7.52 -2.51 15.76
C ALA C 401 -8.66 -2.11 14.85
N MET C 402 -9.84 -2.65 15.14
CA MET C 402 -11.02 -2.47 14.30
C MET C 402 -12.08 -1.68 15.06
N TYR C 403 -12.60 -0.62 14.43
CA TYR C 403 -13.71 0.14 14.97
C TYR C 403 -15.00 -0.34 14.33
N ALA C 404 -15.99 -0.68 15.16
CA ALA C 404 -17.24 -1.23 14.67
C ALA C 404 -18.26 -0.13 14.49
N PRO C 405 -18.84 0.03 13.30
CA PRO C 405 -19.88 1.05 13.13
C PRO C 405 -21.18 0.61 13.78
N PRO C 406 -22.00 1.54 14.25
CA PRO C 406 -23.26 1.16 14.88
C PRO C 406 -24.29 0.71 13.85
N ILE C 407 -25.31 0.01 14.36
CA ILE C 407 -26.40 -0.50 13.55
C ILE C 407 -27.66 0.27 13.92
N GLN C 408 -28.35 0.81 12.91
CA GLN C 408 -29.56 1.59 13.15
C GLN C 408 -30.74 0.66 13.42
N GLY C 409 -31.44 0.93 14.52
CA GLY C 409 -32.63 0.16 14.85
C GLY C 409 -32.36 -0.95 15.84
N VAL C 410 -33.45 -1.64 16.19
CA VAL C 410 -33.38 -2.74 17.14
C VAL C 410 -32.92 -4.00 16.40
N ILE C 411 -31.82 -4.58 16.86
CA ILE C 411 -31.26 -5.79 16.26
C ILE C 411 -31.51 -6.96 17.20
N ARG C 412 -32.01 -8.06 16.63
CA ARG C 412 -32.37 -9.25 17.40
C ARG C 412 -31.61 -10.45 16.85
N CYS C 413 -31.31 -11.40 17.73
CA CYS C 413 -30.60 -12.61 17.33
C CYS C 413 -31.06 -13.79 18.19
N VAL C 414 -31.59 -14.81 17.52
CA VAL C 414 -31.81 -16.12 18.13
C VAL C 414 -30.66 -17.03 17.68
N SER C 415 -30.30 -17.99 18.53
CA SER C 415 -29.18 -18.87 18.21
C SER C 415 -29.39 -20.20 18.90
N ASN C 416 -28.58 -21.18 18.48
CA ASN C 416 -28.47 -22.48 19.14
C ASN C 416 -27.05 -22.62 19.68
N ILE C 417 -26.95 -22.93 20.97
CA ILE C 417 -25.65 -23.17 21.61
C ILE C 417 -25.41 -24.67 21.62
N THR C 418 -24.83 -25.17 20.53
CA THR C 418 -24.56 -26.59 20.37
C THR C 418 -23.10 -26.90 20.75
N GLY C 419 -22.84 -26.84 22.04
CA GLY C 419 -21.53 -27.16 22.57
C GLY C 419 -21.04 -26.16 23.60
N LEU C 420 -20.14 -26.61 24.46
CA LEU C 420 -19.54 -25.76 25.49
C LEU C 420 -18.07 -26.12 25.64
N ILE C 421 -17.28 -25.17 26.11
CA ILE C 421 -15.87 -25.36 26.39
C ILE C 421 -15.67 -25.27 27.90
N LEU C 422 -15.25 -26.36 28.52
CA LEU C 422 -15.10 -26.43 29.97
C LEU C 422 -13.68 -26.88 30.33
N THR C 423 -13.13 -26.25 31.38
CA THR C 423 -11.86 -26.64 31.94
C THR C 423 -12.06 -26.94 33.42
N ARG C 424 -11.16 -27.75 33.98
CA ARG C 424 -11.17 -28.07 35.39
C ARG C 424 -9.81 -27.78 36.00
N ASP C 425 -9.78 -27.69 37.33
CA ASP C 425 -8.58 -27.35 38.07
C ASP C 425 -7.95 -28.60 38.67
N GLY C 426 -6.89 -28.42 39.46
CA GLY C 426 -6.23 -29.53 40.11
C GLY C 426 -6.84 -29.87 41.44
N GLY C 427 -6.05 -29.87 42.50
CA GLY C 427 -6.57 -30.14 43.82
C GLY C 427 -5.88 -31.26 44.58
N SER C 428 -6.61 -32.35 44.80
CA SER C 428 -6.16 -33.45 45.66
C SER C 428 -6.71 -34.74 45.08
N THR C 429 -6.79 -35.78 45.91
CA THR C 429 -7.37 -37.06 45.52
C THR C 429 -8.84 -36.88 45.13
N ASN C 430 -9.36 -37.87 44.38
CA ASN C 430 -10.62 -37.73 43.66
C ASN C 430 -11.86 -37.93 44.56
N SER C 431 -11.89 -37.16 45.65
CA SER C 431 -13.10 -37.04 46.47
C SER C 431 -13.34 -35.62 46.97
N THR C 432 -12.45 -34.68 46.68
CA THR C 432 -12.50 -33.34 47.25
C THR C 432 -13.19 -32.34 46.32
N THR C 433 -14.45 -32.62 45.96
CA THR C 433 -15.39 -31.83 45.14
C THR C 433 -14.75 -31.06 43.98
N GLU C 434 -14.24 -31.81 42.98
CA GLU C 434 -13.57 -31.21 41.84
C GLU C 434 -14.51 -30.32 41.03
N THR C 435 -13.98 -29.19 40.57
CA THR C 435 -14.79 -28.13 39.97
C THR C 435 -14.73 -28.20 38.45
N PHE C 436 -15.54 -27.35 37.82
CA PHE C 436 -15.57 -27.24 36.36
C PHE C 436 -15.85 -25.79 36.01
N ARG C 437 -14.89 -25.14 35.34
CA ARG C 437 -14.96 -23.73 35.02
C ARG C 437 -15.03 -23.52 33.51
N PRO C 438 -15.91 -22.64 33.04
CA PRO C 438 -15.99 -22.36 31.59
C PRO C 438 -14.89 -21.42 31.16
N GLY C 439 -13.90 -21.95 30.45
CA GLY C 439 -12.77 -21.16 30.01
C GLY C 439 -12.74 -20.96 28.50
N GLY C 440 -11.89 -21.73 27.83
CA GLY C 440 -11.75 -21.62 26.40
C GLY C 440 -10.79 -20.53 25.98
N GLY C 441 -11.26 -19.62 25.13
CA GLY C 441 -10.44 -18.54 24.62
C GLY C 441 -9.70 -18.87 23.33
N ASP C 442 -9.33 -20.13 23.14
CA ASP C 442 -8.66 -20.55 21.91
C ASP C 442 -9.68 -20.59 20.77
N MET C 443 -9.42 -19.82 19.72
CA MET C 443 -10.35 -19.75 18.60
C MET C 443 -10.34 -21.01 17.74
N ARG C 444 -9.22 -21.74 17.71
CA ARG C 444 -9.15 -22.97 16.93
C ARG C 444 -9.96 -24.10 17.55
N ASP C 445 -10.35 -23.97 18.83
CA ASP C 445 -11.33 -24.87 19.40
C ASP C 445 -12.73 -24.63 18.84
N ASN C 446 -13.00 -23.42 18.35
CA ASN C 446 -14.26 -23.12 17.69
C ASN C 446 -14.37 -23.76 16.31
N TRP C 447 -13.25 -24.14 15.70
CA TRP C 447 -13.24 -24.84 14.43
C TRP C 447 -12.92 -26.32 14.58
N ARG C 448 -12.65 -26.80 15.80
CA ARG C 448 -12.39 -28.20 16.06
C ARG C 448 -13.66 -28.99 16.37
N SER C 449 -14.82 -28.36 16.31
CA SER C 449 -16.10 -29.04 16.49
C SER C 449 -16.79 -29.36 15.17
N GLU C 450 -16.28 -28.82 14.05
CA GLU C 450 -16.81 -29.13 12.73
C GLU C 450 -15.79 -29.79 11.81
N LEU C 451 -14.50 -29.73 12.14
CA LEU C 451 -13.46 -30.36 11.34
C LEU C 451 -12.79 -31.52 12.08
N TYR C 452 -13.42 -32.02 13.14
CA TYR C 452 -12.87 -33.15 13.89
C TYR C 452 -13.07 -34.47 13.17
N LYS C 453 -14.09 -34.59 12.33
CA LYS C 453 -14.39 -35.83 11.62
C LYS C 453 -13.86 -35.81 10.19
N TYR C 454 -12.79 -35.06 9.94
CA TYR C 454 -12.21 -34.96 8.60
C TYR C 454 -10.69 -34.97 8.71
N LYS C 455 -10.05 -35.62 7.74
CA LYS C 455 -8.59 -35.66 7.70
C LYS C 455 -8.13 -35.70 6.25
N VAL C 456 -7.28 -34.75 5.86
CA VAL C 456 -6.77 -34.71 4.50
C VAL C 456 -5.70 -35.79 4.35
N VAL C 457 -5.72 -36.49 3.22
CA VAL C 457 -4.86 -37.63 2.97
C VAL C 457 -4.36 -37.56 1.53
N LYS C 458 -3.18 -38.12 1.29
CA LYS C 458 -2.54 -38.06 -0.02
C LYS C 458 -2.32 -39.47 -0.54
N ILE C 459 -2.84 -39.77 -1.71
CA ILE C 459 -2.77 -41.11 -2.28
C ILE C 459 -1.47 -41.26 -3.06
N GLU C 460 -0.94 -42.47 -3.04
CA GLU C 460 0.25 -42.82 -3.81
C GLU C 460 -0.14 -43.81 -4.90
N PRO C 461 -0.15 -43.43 -6.17
CA PRO C 461 -0.66 -44.32 -7.22
C PRO C 461 0.38 -45.28 -7.79
N LEU C 462 1.50 -45.47 -7.10
CA LEU C 462 2.57 -46.36 -7.55
C LEU C 462 2.71 -47.50 -6.54
N GLY C 463 2.18 -48.68 -6.89
CA GLY C 463 2.26 -49.83 -6.01
C GLY C 463 3.25 -50.88 -6.49
N VAL C 464 3.75 -51.69 -5.57
CA VAL C 464 4.78 -52.69 -5.86
C VAL C 464 4.28 -54.03 -5.35
N ALA C 465 4.29 -55.04 -6.23
CA ALA C 465 3.80 -56.36 -5.83
C ALA C 465 4.52 -57.47 -6.61
N PRO C 466 4.84 -58.59 -5.98
CA PRO C 466 5.44 -59.71 -6.70
C PRO C 466 4.38 -60.67 -7.26
N THR C 467 4.74 -61.29 -8.37
CA THR C 467 3.86 -62.24 -9.05
C THR C 467 4.73 -63.22 -9.83
N ARG C 468 4.08 -64.11 -10.59
CA ARG C 468 4.76 -65.10 -11.41
C ARG C 468 5.04 -64.63 -12.82
N CYS C 469 4.82 -63.35 -13.11
CA CYS C 469 4.96 -62.84 -14.47
C CYS C 469 6.41 -62.51 -14.79
N LYS C 470 6.73 -62.53 -16.08
CA LYS C 470 8.06 -62.21 -16.57
C LYS C 470 7.95 -61.71 -18.00
N ARG C 471 8.54 -60.55 -18.27
CA ARG C 471 8.46 -59.97 -19.60
C ARG C 471 9.37 -60.73 -20.57
N ARG C 472 9.11 -60.52 -21.86
CA ARG C 472 9.86 -61.20 -22.90
C ARG C 472 11.14 -60.42 -23.23
N VAL C 473 11.92 -60.95 -24.16
CA VAL C 473 13.17 -60.32 -24.57
C VAL C 473 12.90 -59.27 -25.65
N GLN D 1 -12.49 65.18 -48.96
CA GLN D 1 -11.66 65.88 -47.98
C GLN D 1 -12.53 66.40 -46.84
N VAL D 2 -12.07 66.19 -45.60
CA VAL D 2 -12.80 66.58 -44.41
C VAL D 2 -12.05 67.73 -43.75
N GLN D 3 -12.74 68.85 -43.54
CA GLN D 3 -12.18 70.02 -42.88
C GLN D 3 -12.95 70.29 -41.58
N LEU D 4 -12.22 70.65 -40.53
CA LEU D 4 -12.79 70.84 -39.20
C LEU D 4 -12.51 72.27 -38.75
N GLN D 5 -13.59 72.98 -38.38
CA GLN D 5 -13.48 74.31 -37.80
C GLN D 5 -14.07 74.30 -36.40
N GLU D 6 -13.63 75.26 -35.58
CA GLU D 6 -14.03 75.33 -34.18
C GLU D 6 -14.72 76.65 -33.88
N SER D 7 -15.46 76.66 -32.78
CA SER D 7 -16.09 77.88 -32.26
C SER D 7 -16.17 77.75 -30.74
N GLY D 8 -15.53 78.67 -30.04
CA GLY D 8 -15.49 78.63 -28.59
C GLY D 8 -15.92 79.94 -27.96
N PRO D 9 -16.48 79.86 -26.74
CA PRO D 9 -16.94 81.08 -26.06
C PRO D 9 -15.80 81.90 -25.47
N GLY D 10 -14.70 81.23 -25.11
CA GLY D 10 -13.56 81.92 -24.55
C GLY D 10 -13.63 82.13 -23.05
N LEU D 11 -14.50 83.04 -22.61
CA LEU D 11 -14.68 83.34 -21.20
C LEU D 11 -15.84 82.52 -20.66
N VAL D 12 -15.55 81.65 -19.69
CA VAL D 12 -16.52 80.70 -19.16
C VAL D 12 -16.56 80.86 -17.64
N LYS D 13 -17.76 81.07 -17.09
CA LYS D 13 -17.97 81.13 -15.65
C LYS D 13 -18.00 79.72 -15.07
N PRO D 14 -17.61 79.55 -13.80
CA PRO D 14 -17.67 78.22 -13.19
C PRO D 14 -19.10 77.80 -12.87
N SER D 15 -19.32 76.48 -12.94
CA SER D 15 -20.55 75.81 -12.53
C SER D 15 -21.77 76.27 -13.34
N GLU D 16 -21.64 76.24 -14.66
CA GLU D 16 -22.74 76.54 -15.56
C GLU D 16 -22.51 75.77 -16.86
N THR D 17 -23.29 76.10 -17.89
CA THR D 17 -23.30 75.33 -19.13
C THR D 17 -22.18 75.78 -20.05
N LEU D 18 -21.27 74.86 -20.37
CA LEU D 18 -20.20 75.09 -21.32
C LEU D 18 -20.58 74.51 -22.66
N SER D 19 -20.43 75.31 -23.73
CA SER D 19 -20.81 74.90 -25.07
C SER D 19 -19.72 75.32 -26.05
N VAL D 20 -19.07 74.32 -26.65
CA VAL D 20 -18.05 74.54 -27.69
C VAL D 20 -18.51 73.80 -28.94
N THR D 21 -18.57 74.52 -30.06
CA THR D 21 -19.18 74.02 -31.29
C THR D 21 -18.10 73.57 -32.26
N CYS D 22 -18.21 72.34 -32.74
CA CYS D 22 -17.35 71.83 -33.81
C CYS D 22 -18.15 71.78 -35.11
N SER D 23 -17.54 72.26 -36.19
CA SER D 23 -18.20 72.32 -37.49
C SER D 23 -17.39 71.56 -38.51
N VAL D 24 -18.08 70.85 -39.40
CA VAL D 24 -17.45 70.04 -40.43
C VAL D 24 -17.80 70.63 -41.80
N SER D 25 -16.79 70.74 -42.66
CA SER D 25 -17.00 71.20 -44.03
C SER D 25 -16.27 70.25 -44.98
N GLY D 26 -17.00 69.71 -45.95
CA GLY D 26 -16.39 68.84 -46.94
C GLY D 26 -17.13 67.54 -47.19
N ASP D 27 -17.71 66.96 -46.14
CA ASP D 27 -18.39 65.67 -46.28
C ASP D 27 -19.49 65.56 -45.24
N SER D 28 -20.20 64.43 -45.27
CA SER D 28 -21.34 64.19 -44.40
C SER D 28 -20.90 63.38 -43.17
N MET D 29 -21.88 62.90 -42.41
CA MET D 29 -21.67 62.17 -41.16
C MET D 29 -21.85 60.67 -41.34
N ASN D 30 -21.39 60.12 -42.46
CA ASN D 30 -21.70 58.73 -42.79
C ASN D 30 -20.87 57.75 -41.97
N ASN D 31 -19.54 57.86 -42.02
CA ASN D 31 -18.67 56.87 -41.41
C ASN D 31 -17.62 57.42 -40.44
N TYR D 32 -17.33 58.71 -40.49
CA TYR D 32 -16.31 59.28 -39.61
C TYR D 32 -16.86 59.43 -38.20
N TYR D 33 -16.09 59.02 -37.20
CA TYR D 33 -16.52 59.04 -35.81
C TYR D 33 -15.81 60.17 -35.08
N TRP D 34 -16.57 61.16 -34.63
CA TRP D 34 -16.00 62.37 -34.05
C TRP D 34 -15.69 62.17 -32.57
N THR D 35 -14.53 62.67 -32.15
CA THR D 35 -14.04 62.51 -30.79
C THR D 35 -13.45 63.84 -30.30
N TRP D 36 -13.24 63.92 -29.00
CA TRP D 36 -12.72 65.14 -28.39
C TRP D 36 -11.58 64.83 -27.45
N ILE D 37 -10.51 65.63 -27.52
CA ILE D 37 -9.29 65.43 -26.75
C ILE D 37 -9.00 66.72 -25.97
N ARG D 38 -8.79 66.58 -24.66
CA ARG D 38 -8.49 67.71 -23.80
C ARG D 38 -7.02 67.69 -23.42
N GLN D 39 -6.34 68.84 -23.56
CA GLN D 39 -4.93 68.98 -23.21
C GLN D 39 -4.80 70.07 -22.16
N SER D 40 -4.36 69.69 -20.96
CA SER D 40 -4.18 70.63 -19.86
C SER D 40 -2.71 70.91 -19.61
N PRO D 41 -2.36 72.15 -19.26
CA PRO D 41 -0.96 72.44 -18.92
C PRO D 41 -0.56 71.80 -17.60
N GLY D 42 0.57 71.11 -17.60
CA GLY D 42 1.03 70.37 -16.44
C GLY D 42 0.82 68.88 -16.52
N LYS D 43 0.23 68.37 -17.61
CA LYS D 43 -0.02 66.94 -17.78
C LYS D 43 -0.03 66.65 -19.28
N GLY D 44 -0.44 65.43 -19.62
CA GLY D 44 -0.54 64.99 -21.00
C GLY D 44 -1.92 65.18 -21.57
N LEU D 45 -2.20 64.43 -22.63
CA LEU D 45 -3.51 64.50 -23.27
C LEU D 45 -4.54 63.72 -22.46
N GLU D 46 -5.81 63.93 -22.80
CA GLU D 46 -6.91 63.28 -22.09
C GLU D 46 -8.08 63.11 -23.05
N TRP D 47 -8.68 61.92 -23.03
CA TRP D 47 -9.81 61.61 -23.89
C TRP D 47 -11.11 61.94 -23.16
N ILE D 48 -11.91 62.83 -23.76
CA ILE D 48 -13.21 63.19 -23.21
C ILE D 48 -14.22 62.12 -23.62
N GLY D 49 -14.40 61.96 -24.93
CA GLY D 49 -15.36 60.99 -25.43
C GLY D 49 -15.41 61.00 -26.94
N TYR D 50 -16.32 60.18 -27.45
CA TYR D 50 -16.54 60.05 -28.88
C TYR D 50 -17.98 59.66 -29.13
N ILE D 51 -18.37 59.68 -30.41
CA ILE D 51 -19.70 59.24 -30.85
C ILE D 51 -19.52 58.40 -32.10
N SER D 52 -20.53 57.57 -32.39
CA SER D 52 -20.47 56.64 -33.51
C SER D 52 -21.78 56.72 -34.27
N ASP D 53 -21.95 55.81 -35.23
CA ASP D 53 -23.18 55.72 -36.01
C ASP D 53 -24.33 55.07 -35.24
N ARG D 54 -24.05 54.47 -34.09
CA ARG D 54 -25.08 53.91 -33.22
C ARG D 54 -25.74 54.96 -32.33
N GLU D 55 -25.28 56.23 -32.44
CA GLU D 55 -25.75 57.37 -31.62
C GLU D 55 -25.59 57.10 -30.13
N SER D 56 -24.48 56.47 -29.76
CA SER D 56 -24.18 56.15 -28.37
C SER D 56 -23.14 57.13 -27.86
N ALA D 57 -23.48 57.87 -26.81
CA ALA D 57 -22.58 58.84 -26.20
C ALA D 57 -21.86 58.21 -25.03
N THR D 58 -20.94 57.30 -25.37
CA THR D 58 -20.13 56.60 -24.37
C THR D 58 -19.04 57.53 -23.86
N TYR D 59 -19.11 57.89 -22.59
CA TYR D 59 -18.15 58.80 -21.98
C TYR D 59 -17.07 58.03 -21.24
N ASN D 60 -16.02 58.75 -20.87
CA ASN D 60 -14.98 58.18 -20.03
C ASN D 60 -15.51 58.02 -18.61
N PRO D 61 -15.33 56.84 -17.98
CA PRO D 61 -15.83 56.66 -16.60
C PRO D 61 -15.03 57.38 -15.53
N SER D 62 -13.92 58.04 -15.88
CA SER D 62 -13.15 58.84 -14.93
C SER D 62 -13.58 60.30 -14.92
N LEU D 63 -14.73 60.63 -15.51
CA LEU D 63 -15.25 61.98 -15.53
C LEU D 63 -16.54 62.14 -14.74
N ASN D 64 -17.11 61.05 -14.21
CA ASN D 64 -18.34 61.03 -13.40
C ASN D 64 -19.54 61.59 -14.15
N SER D 65 -19.56 61.33 -15.47
CA SER D 65 -20.68 61.68 -16.37
C SER D 65 -20.99 63.18 -16.37
N ARG D 66 -19.94 63.99 -16.48
CA ARG D 66 -20.10 65.45 -16.47
C ARG D 66 -20.08 66.06 -17.87
N VAL D 67 -19.95 65.25 -18.92
CA VAL D 67 -19.95 65.74 -20.29
C VAL D 67 -21.07 65.10 -21.07
N VAL D 68 -21.66 65.86 -21.99
CA VAL D 68 -22.69 65.39 -22.92
C VAL D 68 -22.26 65.77 -24.33
N ILE D 69 -22.21 64.78 -25.22
CA ILE D 69 -21.89 64.99 -26.63
C ILE D 69 -23.19 64.99 -27.41
N SER D 70 -23.32 65.89 -28.39
CA SER D 70 -24.48 65.86 -29.28
C SER D 70 -24.03 66.20 -30.68
N ARG D 71 -24.50 65.45 -31.67
CA ARG D 71 -24.19 65.72 -33.06
C ARG D 71 -25.45 66.14 -33.81
N ASP D 72 -25.27 66.71 -34.99
CA ASP D 72 -26.40 67.08 -35.82
C ASP D 72 -26.01 66.99 -37.28
N THR D 73 -26.98 66.64 -38.12
CA THR D 73 -26.79 66.51 -39.56
C THR D 73 -27.50 67.58 -40.36
N SER D 74 -28.67 68.03 -39.90
CA SER D 74 -29.43 69.05 -40.63
C SER D 74 -28.78 70.42 -40.58
N LYS D 75 -28.00 70.71 -39.54
CA LYS D 75 -27.30 71.98 -39.42
C LYS D 75 -25.78 71.83 -39.47
N ASN D 76 -25.27 70.60 -39.54
CA ASN D 76 -23.85 70.27 -39.74
C ASN D 76 -22.96 70.83 -38.64
N GLN D 77 -23.22 70.36 -37.41
CA GLN D 77 -22.45 70.82 -36.26
C GLN D 77 -22.45 69.75 -35.19
N LEU D 78 -21.68 70.01 -34.13
CA LEU D 78 -21.61 69.14 -32.97
C LEU D 78 -21.40 70.02 -31.75
N SER D 79 -22.16 69.73 -30.69
CA SER D 79 -22.22 70.55 -29.50
C SER D 79 -21.80 69.77 -28.26
N LEU D 80 -21.25 70.50 -27.29
CA LEU D 80 -20.80 69.99 -26.01
C LEU D 80 -21.67 70.58 -24.91
N LYS D 81 -21.99 69.78 -23.90
CA LYS D 81 -22.80 70.25 -22.77
C LYS D 81 -22.15 69.79 -21.47
N LEU D 82 -21.67 70.73 -20.68
CA LEU D 82 -21.07 70.44 -19.38
C LEU D 82 -21.88 71.13 -18.29
N ASN D 83 -21.80 70.57 -17.08
CA ASN D 83 -22.54 71.11 -15.94
C ASN D 83 -21.81 70.76 -14.66
N SER D 84 -21.94 71.64 -13.67
CA SER D 84 -21.31 71.56 -12.34
C SER D 84 -19.81 71.30 -12.44
N VAL D 85 -19.13 72.15 -13.20
CA VAL D 85 -17.71 71.95 -13.46
C VAL D 85 -16.89 72.70 -12.42
N THR D 86 -15.64 72.30 -12.28
CA THR D 86 -14.66 72.91 -11.39
C THR D 86 -13.89 73.99 -12.15
N PRO D 87 -13.29 74.96 -11.43
CA PRO D 87 -12.39 75.90 -12.09
C PRO D 87 -10.96 75.40 -12.27
N ALA D 88 -10.70 74.09 -12.13
CA ALA D 88 -9.36 73.54 -12.20
C ALA D 88 -9.13 72.72 -13.48
N ASP D 89 -9.79 73.09 -14.58
CA ASP D 89 -9.57 72.43 -15.86
C ASP D 89 -9.42 73.46 -16.97
N THR D 90 -8.58 74.48 -16.73
CA THR D 90 -8.28 75.47 -17.74
C THR D 90 -7.39 74.84 -18.80
N ALA D 91 -7.99 74.35 -19.89
CA ALA D 91 -7.32 73.46 -20.83
C ALA D 91 -7.77 73.79 -22.24
N VAL D 92 -6.98 73.33 -23.22
CA VAL D 92 -7.31 73.53 -24.63
C VAL D 92 -8.00 72.27 -25.16
N TYR D 93 -9.04 72.47 -25.96
CA TYR D 93 -9.84 71.39 -26.50
C TYR D 93 -9.45 71.11 -27.95
N TYR D 94 -9.75 69.88 -28.39
CA TYR D 94 -9.45 69.48 -29.76
C TYR D 94 -10.57 68.59 -30.27
N CYS D 95 -11.15 68.98 -31.40
CA CYS D 95 -12.17 68.20 -32.08
C CYS D 95 -11.53 67.44 -33.22
N ALA D 96 -11.64 66.11 -33.20
CA ALA D 96 -10.93 65.30 -34.18
C ALA D 96 -11.86 64.23 -34.72
N THR D 97 -11.44 63.61 -35.82
CA THR D 97 -12.14 62.47 -36.40
C THR D 97 -11.43 61.19 -35.98
N ALA D 98 -12.09 60.06 -36.26
CA ALA D 98 -11.53 58.75 -35.95
C ALA D 98 -12.18 57.73 -36.87
N ARG D 99 -11.36 56.86 -37.44
CA ARG D 99 -11.84 55.74 -38.24
C ARG D 99 -11.66 54.44 -37.46
N ARG D 100 -12.66 53.57 -37.53
CA ARG D 100 -12.69 52.33 -36.77
C ARG D 100 -12.16 51.19 -37.62
N GLY D 101 -11.12 50.53 -37.14
CA GLY D 101 -10.59 49.36 -37.80
C GLY D 101 -10.39 48.22 -36.82
N GLN D 102 -10.75 47.02 -37.26
CA GLN D 102 -10.63 45.84 -36.42
C GLN D 102 -9.22 45.26 -36.49
N ARG D 103 -8.80 44.65 -35.39
CA ARG D 103 -7.50 43.99 -35.31
C ARG D 103 -7.77 42.53 -34.97
N ILE D 104 -7.84 41.68 -36.00
CA ILE D 104 -8.13 40.27 -35.83
C ILE D 104 -6.84 39.52 -35.56
N TYR D 105 -6.79 38.81 -34.44
CA TYR D 105 -5.64 37.99 -34.07
C TYR D 105 -5.93 36.50 -34.07
N GLY D 106 -7.16 36.10 -33.75
CA GLY D 106 -7.56 34.71 -33.78
C GLY D 106 -8.57 34.45 -34.87
N VAL D 107 -9.79 34.10 -34.48
CA VAL D 107 -10.87 33.84 -35.41
C VAL D 107 -11.90 34.98 -35.30
N VAL D 108 -12.85 34.99 -36.23
CA VAL D 108 -13.92 35.97 -36.22
C VAL D 108 -15.25 35.40 -35.75
N SER D 109 -15.36 34.08 -35.61
CA SER D 109 -16.61 33.46 -35.20
C SER D 109 -16.86 33.61 -33.70
N PHE D 110 -15.82 33.41 -32.88
CA PHE D 110 -15.99 33.51 -31.43
C PHE D 110 -15.91 34.94 -30.93
N GLY D 111 -15.33 35.85 -31.72
CA GLY D 111 -15.17 37.22 -31.28
C GLY D 111 -13.78 37.49 -30.72
N GLU D 112 -12.76 36.90 -31.33
CA GLU D 112 -11.38 37.08 -30.91
C GLU D 112 -10.72 38.23 -31.67
N PHE D 113 -11.30 39.41 -31.48
CA PHE D 113 -10.82 40.63 -32.14
C PHE D 113 -11.27 41.82 -31.31
N PHE D 114 -10.76 43.00 -31.68
CA PHE D 114 -11.15 44.23 -31.01
C PHE D 114 -11.03 45.39 -32.00
N TYR D 115 -11.47 46.56 -31.55
CA TYR D 115 -11.50 47.77 -32.36
C TYR D 115 -10.57 48.82 -31.80
N TYR D 116 -10.00 49.63 -32.69
CA TYR D 116 -9.27 50.82 -32.31
C TYR D 116 -9.82 52.01 -33.09
N TYR D 117 -9.46 53.21 -32.66
CA TYR D 117 -9.94 54.45 -33.27
C TYR D 117 -8.75 55.31 -33.64
N SER D 118 -8.50 55.45 -34.95
CA SER D 118 -7.38 56.23 -35.44
C SER D 118 -7.82 57.67 -35.70
N MET D 119 -6.97 58.62 -35.30
CA MET D 119 -7.24 60.04 -35.46
C MET D 119 -6.20 60.64 -36.41
N ASP D 120 -6.58 60.79 -37.68
CA ASP D 120 -5.69 61.33 -38.69
C ASP D 120 -5.91 62.81 -38.96
N VAL D 121 -7.17 63.25 -39.01
CA VAL D 121 -7.51 64.64 -39.26
C VAL D 121 -7.95 65.27 -37.95
N TRP D 122 -7.24 66.30 -37.52
CA TRP D 122 -7.52 67.00 -36.27
C TRP D 122 -8.03 68.42 -36.57
N GLY D 123 -8.25 69.19 -35.51
CA GLY D 123 -8.70 70.55 -35.62
C GLY D 123 -7.71 71.53 -35.01
N LYS D 124 -8.01 72.82 -35.19
CA LYS D 124 -7.15 73.86 -34.65
C LYS D 124 -7.29 73.98 -33.14
N GLY D 125 -8.53 74.04 -32.65
CA GLY D 125 -8.78 74.12 -31.23
C GLY D 125 -8.70 75.53 -30.67
N THR D 126 -9.67 75.88 -29.81
CA THR D 126 -9.71 77.18 -29.17
C THR D 126 -9.41 77.03 -27.69
N THR D 127 -8.64 77.97 -27.15
CA THR D 127 -8.27 77.96 -25.74
C THR D 127 -9.47 78.46 -24.93
N VAL D 128 -10.12 77.54 -24.22
CA VAL D 128 -11.29 77.85 -23.41
C VAL D 128 -10.89 77.66 -21.94
N THR D 129 -10.83 78.77 -21.21
CA THR D 129 -10.48 78.76 -19.80
C THR D 129 -11.69 79.06 -18.93
N VAL D 130 -11.58 78.70 -17.66
CA VAL D 130 -12.63 78.95 -16.67
C VAL D 130 -11.98 79.50 -15.40
N SER D 131 -12.59 80.54 -14.84
CA SER D 131 -12.08 81.20 -13.64
C SER D 131 -13.22 81.97 -12.99
N SER D 132 -13.09 82.20 -11.69
CA SER D 132 -14.07 82.99 -10.96
C SER D 132 -13.93 84.49 -11.21
N ALA D 133 -12.75 84.94 -11.63
CA ALA D 133 -12.52 86.35 -11.91
C ALA D 133 -12.83 86.67 -13.37
N VAL E 3 6.06 61.90 -18.32
CA VAL E 3 6.92 62.74 -19.14
C VAL E 3 8.37 62.32 -18.98
N ARG E 4 8.99 61.94 -20.09
CA ARG E 4 10.39 61.52 -20.11
C ARG E 4 11.15 62.25 -21.19
N PRO E 5 12.30 62.82 -20.88
CA PRO E 5 13.08 63.55 -21.88
C PRO E 5 14.03 62.62 -22.65
N LEU E 6 14.41 63.09 -23.84
CA LEU E 6 15.37 62.40 -24.67
C LEU E 6 16.22 63.43 -25.40
N SER E 7 17.50 63.13 -25.58
CA SER E 7 18.45 64.04 -26.20
C SER E 7 19.23 63.30 -27.26
N VAL E 8 18.88 63.51 -28.53
CA VAL E 8 19.52 62.86 -29.66
C VAL E 8 20.03 63.94 -30.61
N ALA E 9 21.30 63.86 -30.98
CA ALA E 9 21.93 64.87 -31.82
C ALA E 9 21.55 64.67 -33.29
N LEU E 10 22.20 65.44 -34.16
CA LEU E 10 21.90 65.42 -35.59
C LEU E 10 22.49 64.19 -36.25
N GLY E 11 21.93 63.85 -37.42
CA GLY E 11 22.50 62.81 -38.25
C GLY E 11 22.01 61.40 -37.97
N GLU E 12 22.33 60.89 -36.79
CA GLU E 12 22.04 59.49 -36.47
C GLU E 12 20.57 59.30 -36.13
N THR E 13 20.14 58.03 -36.14
CA THR E 13 18.76 57.67 -35.86
C THR E 13 18.49 57.69 -34.36
N ALA E 14 17.22 57.47 -34.01
CA ALA E 14 16.79 57.44 -32.62
C ALA E 14 15.63 56.46 -32.47
N ARG E 15 15.62 55.73 -31.36
CA ARG E 15 14.58 54.75 -31.06
C ARG E 15 13.87 55.17 -29.78
N ILE E 16 12.57 55.38 -29.87
CA ILE E 16 11.76 55.85 -28.75
C ILE E 16 10.74 54.77 -28.40
N SER E 17 10.87 54.19 -27.20
CA SER E 17 9.93 53.21 -26.72
C SER E 17 8.77 53.86 -25.98
N CYS E 18 7.85 53.05 -25.47
CA CYS E 18 6.73 53.53 -24.68
C CYS E 18 6.90 53.18 -23.20
N GLY E 19 6.22 53.97 -22.36
CA GLY E 19 6.21 53.71 -20.94
C GLY E 19 5.35 52.54 -20.52
N ARG E 20 4.36 52.19 -21.34
CA ARG E 20 3.51 51.03 -21.08
C ARG E 20 4.05 49.82 -21.81
N GLN E 21 4.17 48.71 -21.08
CA GLN E 21 4.70 47.49 -21.65
C GLN E 21 3.62 46.77 -22.45
N ALA E 22 3.95 46.37 -23.67
CA ALA E 22 2.99 45.68 -24.52
C ALA E 22 2.78 44.25 -24.02
N LEU E 23 1.54 43.78 -24.08
CA LEU E 23 1.18 42.45 -23.60
C LEU E 23 0.11 41.90 -24.55
N GLY E 24 0.52 41.02 -25.45
CA GLY E 24 -0.39 40.39 -26.38
C GLY E 24 -0.25 40.95 -27.79
N SER E 25 -1.36 40.86 -28.52
CA SER E 25 -1.42 41.43 -29.87
C SER E 25 -1.44 42.96 -29.78
N ARG E 26 -0.67 43.59 -30.66
CA ARG E 26 -0.40 45.02 -30.56
C ARG E 26 -0.90 45.76 -31.78
N ALA E 27 -1.52 46.91 -31.55
CA ALA E 27 -1.91 47.83 -32.62
C ALA E 27 -1.85 49.24 -32.04
N VAL E 28 -0.72 49.92 -32.23
CA VAL E 28 -0.48 51.21 -31.61
C VAL E 28 -0.57 52.30 -32.67
N GLN E 29 -0.72 53.55 -32.20
CA GLN E 29 -0.78 54.73 -33.06
C GLN E 29 0.22 55.74 -32.53
N TRP E 30 1.13 56.18 -33.41
CA TRP E 30 2.15 57.15 -33.05
C TRP E 30 1.71 58.54 -33.50
N TYR E 31 1.76 59.49 -32.58
CA TYR E 31 1.34 60.87 -32.81
C TYR E 31 2.54 61.80 -32.68
N GLN E 32 2.28 63.08 -32.90
CA GLN E 32 3.30 64.12 -32.81
C GLN E 32 2.58 65.44 -32.58
N HIS E 33 2.78 66.05 -31.42
CA HIS E 33 2.01 67.23 -31.03
C HIS E 33 2.96 68.43 -30.83
N ARG E 34 2.91 69.37 -31.76
CA ARG E 34 3.64 70.61 -31.58
C ARG E 34 2.91 71.51 -30.58
N PRO E 35 3.65 72.23 -29.74
CA PRO E 35 3.00 73.12 -28.75
C PRO E 35 2.33 74.32 -29.40
N GLY E 36 1.00 74.32 -29.41
CA GLY E 36 0.21 75.36 -30.04
C GLY E 36 -0.44 74.93 -31.35
N GLN E 37 0.18 73.99 -32.06
CA GLN E 37 -0.35 73.50 -33.33
C GLN E 37 -1.25 72.30 -33.09
N ALA E 38 -1.63 71.61 -34.17
CA ALA E 38 -2.52 70.46 -34.12
C ALA E 38 -1.71 69.17 -34.16
N PRO E 39 -2.15 68.13 -33.43
CA PRO E 39 -1.44 66.84 -33.50
C PRO E 39 -1.70 66.14 -34.81
N ILE E 40 -0.67 65.45 -35.32
CA ILE E 40 -0.76 64.73 -36.58
C ILE E 40 -0.39 63.27 -36.34
N LEU E 41 -1.02 62.39 -37.11
CA LEU E 41 -0.72 60.96 -37.03
C LEU E 41 0.49 60.64 -37.88
N LEU E 42 1.32 59.73 -37.38
CA LEU E 42 2.53 59.31 -38.08
C LEU E 42 2.46 57.85 -38.52
N ILE E 43 2.25 56.93 -37.60
CA ILE E 43 2.21 55.50 -37.89
C ILE E 43 0.96 54.91 -37.23
N TYR E 44 0.09 54.32 -38.04
CA TYR E 44 -1.06 53.59 -37.55
C TYR E 44 -0.99 52.14 -38.02
N ASN E 45 -1.50 51.24 -37.17
CA ASN E 45 -1.51 49.78 -37.38
C ASN E 45 -0.10 49.20 -37.54
N ASN E 46 0.89 49.89 -36.95
CA ASN E 46 2.28 49.45 -36.72
C ASN E 46 3.12 49.33 -37.98
N GLN E 47 2.53 49.45 -39.16
CA GLN E 47 3.29 49.38 -40.41
C GLN E 47 2.90 50.50 -41.37
N ASP E 48 1.65 50.91 -41.32
CA ASP E 48 1.11 51.81 -42.33
C ASP E 48 1.49 53.26 -42.05
N ARG E 49 1.16 54.13 -43.00
CA ARG E 49 1.48 55.55 -42.94
C ARG E 49 0.51 56.33 -43.82
N PRO E 50 -0.10 57.40 -43.32
CA PRO E 50 -1.05 58.18 -44.11
C PRO E 50 -0.33 59.07 -45.11
N SER E 51 -1.12 59.76 -45.92
CA SER E 51 -0.59 60.63 -46.96
C SER E 51 -0.05 61.93 -46.36
N GLY E 52 0.97 62.50 -47.03
CA GLY E 52 1.61 63.71 -46.59
C GLY E 52 2.78 63.50 -45.65
N ILE E 53 2.79 62.40 -44.92
CA ILE E 53 3.88 62.10 -43.99
C ILE E 53 5.08 61.58 -44.79
N PRO E 54 6.29 62.08 -44.55
CA PRO E 54 7.46 61.55 -45.27
C PRO E 54 7.79 60.12 -44.83
N GLU E 55 8.55 59.45 -45.69
CA GLU E 55 8.87 58.03 -45.49
C GLU E 55 10.16 57.85 -44.68
N ARG E 56 10.19 58.45 -43.50
CA ARG E 56 11.31 58.30 -42.58
C ARG E 56 10.93 57.67 -41.26
N PHE E 57 9.63 57.49 -40.97
CA PHE E 57 9.16 56.93 -39.73
C PHE E 57 8.82 55.46 -39.96
N SER E 58 9.63 54.56 -39.38
CA SER E 58 9.44 53.13 -39.50
C SER E 58 9.13 52.55 -38.12
N GLY E 59 8.10 51.70 -38.06
CA GLY E 59 7.69 51.12 -36.81
C GLY E 59 8.27 49.75 -36.54
N THR E 60 7.45 48.84 -36.00
CA THR E 60 7.89 47.50 -35.65
C THR E 60 6.78 46.53 -36.05
N PRO E 61 7.10 45.46 -36.78
CA PRO E 61 6.08 44.47 -37.13
C PRO E 61 5.68 43.63 -35.92
N ASP E 62 4.61 42.86 -36.10
CA ASP E 62 4.01 42.08 -35.03
C ASP E 62 4.33 40.59 -35.12
N ILE E 63 5.16 40.17 -36.07
CA ILE E 63 5.59 38.78 -36.11
C ILE E 63 6.60 38.53 -35.00
N ASN E 64 6.58 37.30 -34.46
CA ASN E 64 7.45 36.84 -33.38
C ASN E 64 7.31 37.72 -32.14
N PHE E 65 6.12 37.61 -31.52
CA PHE E 65 5.70 38.47 -30.43
C PHE E 65 6.65 38.37 -29.23
N GLY E 66 7.05 39.53 -28.72
CA GLY E 66 8.04 39.63 -27.68
C GLY E 66 8.98 40.80 -27.92
N THR E 67 8.81 41.46 -29.06
CA THR E 67 9.64 42.59 -29.43
C THR E 67 9.09 43.88 -28.83
N ARG E 68 9.91 44.93 -28.89
CA ARG E 68 9.56 46.24 -28.37
C ARG E 68 9.07 47.13 -29.50
N ALA E 69 7.97 47.84 -29.27
CA ALA E 69 7.42 48.77 -30.24
C ALA E 69 8.15 50.11 -30.12
N THR E 70 9.02 50.40 -31.08
CA THR E 70 9.80 51.63 -31.08
C THR E 70 9.52 52.44 -32.34
N LEU E 71 9.92 53.71 -32.31
CA LEU E 71 9.76 54.62 -33.43
C LEU E 71 11.13 55.07 -33.89
N THR E 72 11.46 54.78 -35.15
CA THR E 72 12.77 55.11 -35.73
C THR E 72 12.63 56.34 -36.60
N ILE E 73 13.47 57.34 -36.35
CA ILE E 73 13.48 58.59 -37.11
C ILE E 73 14.81 58.67 -37.84
N SER E 74 14.79 58.39 -39.14
CA SER E 74 15.98 58.47 -39.99
C SER E 74 16.08 59.87 -40.57
N GLY E 75 17.26 60.48 -40.45
CA GLY E 75 17.47 61.83 -40.93
C GLY E 75 16.75 62.86 -40.07
N VAL E 76 17.21 63.01 -38.83
CA VAL E 76 16.59 63.93 -37.90
C VAL E 76 16.94 65.37 -38.28
N GLU E 77 15.93 66.23 -38.37
CA GLU E 77 16.12 67.63 -38.68
C GLU E 77 16.05 68.47 -37.40
N ALA E 78 16.18 69.79 -37.57
CA ALA E 78 16.37 70.67 -36.43
C ALA E 78 15.05 70.96 -35.70
N GLY E 79 13.94 70.96 -36.44
CA GLY E 79 12.66 71.32 -35.84
C GLY E 79 11.88 70.16 -35.24
N ASP E 80 12.59 69.12 -34.78
CA ASP E 80 11.94 67.96 -34.18
C ASP E 80 11.91 68.15 -32.65
N GLU E 81 11.06 69.08 -32.22
CA GLU E 81 10.89 69.39 -30.81
C GLU E 81 9.55 68.94 -30.26
N ALA E 82 8.64 68.47 -31.09
CA ALA E 82 7.32 68.07 -30.66
C ALA E 82 7.37 66.71 -29.96
N ASP E 83 6.56 66.56 -28.91
CA ASP E 83 6.53 65.29 -28.19
C ASP E 83 5.57 64.31 -28.87
N TYR E 84 5.84 63.03 -28.67
CA TYR E 84 5.11 61.95 -29.30
C TYR E 84 4.20 61.25 -28.29
N TYR E 85 3.30 60.44 -28.84
CA TYR E 85 2.38 59.64 -28.03
C TYR E 85 2.14 58.32 -28.76
N CYS E 86 2.12 57.23 -28.00
CA CYS E 86 1.84 55.91 -28.56
C CYS E 86 0.58 55.36 -27.89
N HIS E 87 -0.53 55.43 -28.62
CA HIS E 87 -1.83 54.97 -28.13
C HIS E 87 -1.81 53.45 -28.15
N MET E 88 -1.52 52.85 -27.00
CA MET E 88 -1.38 51.40 -26.89
C MET E 88 -2.76 50.74 -26.82
N TRP E 89 -3.03 49.85 -27.77
CA TRP E 89 -4.24 49.05 -27.79
C TRP E 89 -3.85 47.58 -27.85
N ASP E 90 -4.53 46.76 -27.05
CA ASP E 90 -4.23 45.32 -27.01
C ASP E 90 -5.51 44.57 -26.70
N SER E 91 -5.38 43.31 -26.28
CA SER E 91 -6.52 42.43 -26.04
C SER E 91 -6.88 42.32 -24.57
N ARG E 92 -5.88 42.16 -23.69
CA ARG E 92 -6.15 41.87 -22.29
C ARG E 92 -6.59 43.11 -21.52
N SER E 93 -5.99 44.27 -21.81
CA SER E 93 -6.34 45.49 -21.10
C SER E 93 -7.66 46.09 -21.57
N GLY E 94 -8.19 45.67 -22.72
CA GLY E 94 -9.46 46.16 -23.19
C GLY E 94 -9.41 47.55 -23.78
N PHE E 95 -10.43 48.36 -23.52
CA PHE E 95 -10.50 49.71 -24.05
C PHE E 95 -9.56 50.62 -23.27
N SER E 96 -8.54 51.15 -23.95
CA SER E 96 -7.58 52.06 -23.35
C SER E 96 -7.99 53.50 -23.64
N TRP E 97 -8.10 54.31 -22.59
CA TRP E 97 -8.51 55.70 -22.71
C TRP E 97 -7.34 56.67 -22.61
N SER E 98 -6.40 56.42 -21.72
CA SER E 98 -5.26 57.30 -21.54
C SER E 98 -4.27 57.15 -22.68
N PHE E 99 -3.55 58.23 -22.98
CA PHE E 99 -2.58 58.21 -24.07
C PHE E 99 -1.25 57.61 -23.62
N GLY E 100 -0.66 58.18 -22.58
CA GLY E 100 0.59 57.70 -22.03
C GLY E 100 1.53 58.85 -21.74
N GLY E 101 2.77 58.51 -21.41
CA GLY E 101 3.76 59.53 -21.11
C GLY E 101 4.28 60.17 -22.37
N ALA E 102 4.36 61.50 -22.37
CA ALA E 102 4.84 62.26 -23.52
C ALA E 102 6.36 62.22 -23.54
N THR E 103 6.92 61.59 -24.57
CA THR E 103 8.37 61.52 -24.73
C THR E 103 8.85 62.81 -25.39
N ARG E 104 9.46 63.68 -24.60
CA ARG E 104 9.90 64.99 -25.08
C ARG E 104 11.29 64.83 -25.71
N LEU E 105 11.34 64.87 -27.04
CA LEU E 105 12.60 64.81 -27.76
C LEU E 105 13.16 66.22 -27.93
N THR E 106 14.40 66.43 -27.49
CA THR E 106 15.05 67.74 -27.58
C THR E 106 16.38 67.55 -28.31
N VAL E 107 16.43 67.97 -29.56
CA VAL E 107 17.64 67.85 -30.38
C VAL E 107 18.52 69.08 -30.14
N LEU E 108 19.82 68.83 -29.94
CA LEU E 108 20.78 69.89 -29.68
C LEU E 108 21.53 70.24 -30.96
N GLY E 109 21.75 71.53 -31.18
CA GLY E 109 22.44 72.00 -32.36
C GLY E 109 21.53 72.20 -33.55
N GLN F 1 65.36 22.00 44.93
CA GLN F 1 64.42 22.65 45.83
C GLN F 1 64.18 24.09 45.40
N VAL F 2 62.91 24.50 45.38
CA VAL F 2 62.50 25.83 44.95
C VAL F 2 61.81 26.52 46.13
N GLN F 3 62.36 27.66 46.56
CA GLN F 3 61.82 28.43 47.66
C GLN F 3 61.25 29.75 47.15
N LEU F 4 60.16 30.18 47.77
CA LEU F 4 59.43 31.38 47.35
C LEU F 4 59.36 32.35 48.53
N GLN F 5 59.81 33.58 48.31
CA GLN F 5 59.65 34.67 49.26
C GLN F 5 58.67 35.68 48.68
N GLU F 6 58.09 36.51 49.55
CA GLU F 6 57.08 37.47 49.13
C GLU F 6 57.50 38.89 49.49
N SER F 7 56.91 39.86 48.79
CA SER F 7 57.02 41.26 49.15
C SER F 7 55.70 41.94 48.80
N GLY F 8 55.37 42.99 49.56
CA GLY F 8 54.12 43.68 49.36
C GLY F 8 54.17 45.13 49.82
N PRO F 9 53.40 46.00 49.15
CA PRO F 9 53.36 47.41 49.55
C PRO F 9 52.51 47.64 50.79
N GLY F 10 51.52 46.79 51.01
CA GLY F 10 50.65 46.92 52.17
C GLY F 10 49.51 47.89 51.98
N LEU F 11 49.81 49.19 52.01
CA LEU F 11 48.80 50.22 51.85
C LEU F 11 48.71 50.60 50.37
N VAL F 12 47.53 50.42 49.79
CA VAL F 12 47.31 50.64 48.37
C VAL F 12 46.14 51.61 48.19
N LYS F 13 46.38 52.71 47.47
CA LYS F 13 45.37 53.67 47.09
C LYS F 13 44.56 53.11 45.92
N PRO F 14 43.25 53.34 45.88
CA PRO F 14 42.43 52.77 44.80
C PRO F 14 42.66 53.45 43.46
N SER F 15 42.41 52.68 42.40
CA SER F 15 42.43 53.14 41.00
C SER F 15 43.81 53.64 40.57
N GLU F 16 44.83 52.81 40.80
CA GLU F 16 46.17 53.07 40.29
C GLU F 16 46.88 51.73 40.12
N THR F 17 48.20 51.79 39.91
CA THR F 17 48.99 50.61 39.56
C THR F 17 49.36 49.83 40.81
N LEU F 18 48.83 48.61 40.93
CA LEU F 18 49.19 47.72 42.03
C LEU F 18 50.30 46.78 41.57
N SER F 19 51.25 46.51 42.47
CA SER F 19 52.41 45.68 42.16
C SER F 19 52.80 44.89 43.39
N VAL F 20 52.63 43.57 43.35
CA VAL F 20 53.04 42.66 44.41
C VAL F 20 53.96 41.62 43.80
N THR F 21 55.14 41.45 44.40
CA THR F 21 56.22 40.68 43.77
C THR F 21 56.65 39.54 44.69
N CYS F 22 56.67 38.33 44.14
CA CYS F 22 57.28 37.19 44.79
C CYS F 22 58.62 36.88 44.13
N SER F 23 59.56 36.40 44.94
CA SER F 23 60.91 36.09 44.50
C SER F 23 61.19 34.60 44.63
N VAL F 24 61.98 34.08 43.69
CA VAL F 24 62.32 32.67 43.62
C VAL F 24 63.79 32.52 44.01
N SER F 25 64.09 31.50 44.82
CA SER F 25 65.46 31.19 45.20
C SER F 25 65.63 29.69 45.28
N GLY F 26 66.66 29.18 44.61
CA GLY F 26 66.97 27.76 44.67
C GLY F 26 67.18 27.10 43.32
N ASP F 27 66.42 27.52 42.30
CA ASP F 27 66.52 26.93 40.98
C ASP F 27 66.06 27.95 39.95
N SER F 28 66.15 27.58 38.68
CA SER F 28 65.74 28.43 37.58
C SER F 28 64.25 28.28 37.30
N MET F 29 63.76 29.06 36.35
CA MET F 29 62.34 29.12 35.99
C MET F 29 62.12 28.63 34.56
N ASN F 30 62.78 27.54 34.19
CA ASN F 30 62.72 27.07 32.81
C ASN F 30 61.51 26.18 32.56
N ASN F 31 61.12 25.36 33.54
CA ASN F 31 60.05 24.39 33.37
C ASN F 31 58.85 24.58 34.28
N TYR F 32 59.03 25.16 35.46
CA TYR F 32 57.93 25.37 36.39
C TYR F 32 57.05 26.52 35.93
N TYR F 33 55.73 26.37 36.12
CA TYR F 33 54.77 27.35 35.65
C TYR F 33 54.23 28.14 36.84
N TRP F 34 54.49 29.44 36.86
CA TRP F 34 54.15 30.28 38.01
C TRP F 34 52.72 30.79 37.91
N THR F 35 51.98 30.63 39.00
CA THR F 35 50.58 31.02 39.05
C THR F 35 50.32 31.84 40.31
N TRP F 36 49.18 32.54 40.30
CA TRP F 36 48.81 33.42 41.42
C TRP F 36 47.36 33.16 41.81
N ILE F 37 47.14 33.02 43.12
CA ILE F 37 45.83 32.68 43.68
C ILE F 37 45.45 33.78 44.67
N ARG F 38 44.23 34.31 44.53
CA ARG F 38 43.70 35.33 45.43
C ARG F 38 42.70 34.69 46.39
N GLN F 39 42.85 34.99 47.69
CA GLN F 39 41.95 34.50 48.72
C GLN F 39 41.31 35.69 49.41
N SER F 40 40.02 35.91 49.17
CA SER F 40 39.31 37.04 49.76
C SER F 40 38.47 36.58 50.95
N PRO F 41 38.37 37.39 52.00
CA PRO F 41 37.51 37.02 53.13
C PRO F 41 36.03 37.13 52.76
N GLY F 42 35.26 36.12 53.13
CA GLY F 42 33.87 36.04 52.76
C GLY F 42 33.57 35.13 51.58
N LYS F 43 34.58 34.52 50.99
CA LYS F 43 34.41 33.62 49.85
C LYS F 43 35.57 32.63 49.85
N GLY F 44 35.70 31.89 48.75
CA GLY F 44 36.76 30.91 48.59
C GLY F 44 37.95 31.47 47.84
N LEU F 45 38.76 30.56 47.30
CA LEU F 45 39.92 30.95 46.54
C LEU F 45 39.52 31.46 45.15
N GLU F 46 40.47 32.09 44.47
CA GLU F 46 40.22 32.64 43.14
C GLU F 46 41.52 32.62 42.36
N TRP F 47 41.43 32.17 41.10
CA TRP F 47 42.59 32.10 40.22
C TRP F 47 42.75 33.41 39.47
N ILE F 48 43.92 34.03 39.62
CA ILE F 48 44.22 35.26 38.90
C ILE F 48 44.76 34.90 37.52
N GLY F 49 45.86 34.19 37.49
CA GLY F 49 46.47 33.82 36.23
C GLY F 49 47.71 32.98 36.45
N TYR F 50 48.36 32.66 35.33
CA TYR F 50 49.56 31.85 35.32
C TYR F 50 50.39 32.22 34.09
N ILE F 51 51.64 31.73 34.08
CA ILE F 51 52.55 31.96 32.97
C ILE F 51 53.31 30.66 32.72
N SER F 52 53.86 30.53 31.51
CA SER F 52 54.54 29.32 31.09
C SER F 52 55.77 29.71 30.27
N ASP F 53 56.40 28.70 29.66
CA ASP F 53 57.58 28.91 28.83
C ASP F 53 57.26 29.52 27.48
N ARG F 54 55.98 29.53 27.08
CA ARG F 54 55.55 30.18 25.84
C ARG F 54 55.38 31.68 25.99
N GLU F 55 55.59 32.22 27.21
CA GLU F 55 55.41 33.63 27.56
C GLU F 55 53.99 34.11 27.25
N SER F 56 53.01 33.25 27.51
CA SER F 56 51.61 33.56 27.27
C SER F 56 50.95 33.88 28.61
N ALA F 57 50.45 35.11 28.74
CA ALA F 57 49.81 35.57 29.96
C ALA F 57 48.29 35.35 29.83
N THR F 58 47.89 34.10 30.01
CA THR F 58 46.48 33.74 29.91
C THR F 58 45.75 34.17 31.18
N TYR F 59 44.92 35.19 31.07
CA TYR F 59 44.19 35.72 32.23
C TYR F 59 42.85 35.02 32.39
N ASN F 60 42.28 35.19 33.57
CA ASN F 60 40.92 34.72 33.82
C ASN F 60 39.94 35.64 33.11
N PRO F 61 38.96 35.10 32.37
CA PRO F 61 38.01 35.96 31.65
C PRO F 61 36.97 36.64 32.53
N SER F 62 36.95 36.36 33.85
CA SER F 62 36.05 37.03 34.77
C SER F 62 36.71 38.23 35.46
N LEU F 63 37.85 38.69 34.94
CA LEU F 63 38.54 39.86 35.49
C LEU F 63 38.53 41.05 34.55
N ASN F 64 38.03 40.90 33.32
CA ASN F 64 37.93 41.95 32.30
C ASN F 64 39.28 42.57 31.97
N SER F 65 40.32 41.72 31.94
CA SER F 65 41.70 42.07 31.55
C SER F 65 42.29 43.17 32.43
N ARG F 66 41.97 43.14 33.72
CA ARG F 66 42.47 44.13 34.66
C ARG F 66 43.82 43.75 35.28
N VAL F 67 44.35 42.58 34.94
CA VAL F 67 45.65 42.15 35.45
C VAL F 67 46.63 41.99 34.28
N VAL F 68 47.90 42.25 34.57
CA VAL F 68 48.99 42.10 33.62
C VAL F 68 50.05 41.23 34.26
N ILE F 69 50.42 40.14 33.58
CA ILE F 69 51.42 39.19 34.06
C ILE F 69 52.69 39.41 33.28
N SER F 70 53.83 39.49 33.97
CA SER F 70 55.11 39.55 33.29
C SER F 70 56.15 38.85 34.14
N ARG F 71 57.18 38.31 33.50
CA ARG F 71 58.29 37.68 34.20
C ARG F 71 59.61 38.26 33.70
N ASP F 72 60.70 37.88 34.37
CA ASP F 72 62.03 38.31 33.95
C ASP F 72 63.04 37.26 34.38
N THR F 73 63.98 36.94 33.50
CA THR F 73 64.99 35.93 33.78
C THR F 73 66.34 36.54 34.17
N SER F 74 66.54 37.84 33.95
CA SER F 74 67.82 38.46 34.26
C SER F 74 67.92 38.91 35.72
N LYS F 75 66.79 39.09 36.40
CA LYS F 75 66.80 39.56 37.78
C LYS F 75 66.04 38.62 38.72
N ASN F 76 65.55 37.48 38.20
CA ASN F 76 64.83 36.45 38.97
C ASN F 76 63.58 37.01 39.64
N GLN F 77 62.84 37.83 38.91
CA GLN F 77 61.63 38.46 39.43
C GLN F 77 60.50 38.33 38.42
N LEU F 78 59.31 38.76 38.84
CA LEU F 78 58.13 38.76 37.98
C LEU F 78 57.16 39.83 38.49
N SER F 79 56.53 40.52 37.56
CA SER F 79 55.72 41.69 37.82
C SER F 79 54.24 41.38 37.63
N LEU F 80 53.44 41.85 38.59
CA LEU F 80 52.00 41.62 38.68
C LEU F 80 51.31 42.98 38.68
N LYS F 81 51.00 43.50 37.50
CA LYS F 81 50.47 44.85 37.37
C LYS F 81 48.94 44.84 37.35
N LEU F 82 48.34 45.89 37.88
CA LEU F 82 46.90 46.09 37.82
C LEU F 82 46.60 47.54 37.46
N ASN F 83 45.36 47.81 37.08
CA ASN F 83 44.92 49.17 36.78
C ASN F 83 43.42 49.29 37.03
N SER F 84 43.02 50.49 37.49
CA SER F 84 41.62 50.87 37.77
C SER F 84 40.96 49.90 38.76
N VAL F 85 41.63 49.70 39.90
CA VAL F 85 41.17 48.70 40.85
C VAL F 85 40.04 49.26 41.70
N THR F 86 39.30 48.36 42.33
CA THR F 86 38.18 48.65 43.21
C THR F 86 38.62 48.64 44.66
N PRO F 87 37.89 49.30 45.55
CA PRO F 87 38.14 49.13 46.99
C PRO F 87 37.47 47.91 47.62
N ALA F 88 36.99 46.95 46.82
CA ALA F 88 36.24 45.81 47.33
C ALA F 88 36.94 44.48 47.04
N ASP F 89 38.27 44.49 47.01
CA ASP F 89 39.05 43.26 46.84
C ASP F 89 40.23 43.24 47.81
N THR F 90 39.98 43.62 49.06
CA THR F 90 40.99 43.58 50.11
C THR F 90 41.27 42.13 50.45
N ALA F 91 42.35 41.58 49.90
CA ALA F 91 42.60 40.16 49.99
C ALA F 91 44.10 39.90 50.12
N VAL F 92 44.43 38.73 50.66
CA VAL F 92 45.82 38.28 50.77
C VAL F 92 46.19 37.54 49.49
N TYR F 93 47.36 37.84 48.95
CA TYR F 93 47.81 37.27 47.70
C TYR F 93 48.66 36.02 47.94
N TYR F 94 48.83 35.23 46.88
CA TYR F 94 49.62 34.02 46.95
C TYR F 94 50.38 33.84 45.64
N CYS F 95 51.63 33.42 45.75
CA CYS F 95 52.49 33.12 44.60
C CYS F 95 52.89 31.65 44.68
N ALA F 96 52.49 30.87 43.68
CA ALA F 96 52.73 29.44 43.75
C ALA F 96 53.31 28.96 42.43
N THR F 97 53.88 27.76 42.47
CA THR F 97 54.35 27.07 41.28
C THR F 97 53.30 26.04 40.85
N ALA F 98 53.48 25.50 39.65
CA ALA F 98 52.56 24.51 39.11
C ALA F 98 53.31 23.68 38.07
N ARG F 99 53.17 22.36 38.17
CA ARG F 99 53.67 21.44 37.15
C ARG F 99 52.51 20.97 36.29
N ARG F 100 52.79 20.76 35.00
CA ARG F 100 51.77 20.38 34.03
C ARG F 100 51.91 18.90 33.70
N GLY F 101 50.87 18.14 33.99
CA GLY F 101 50.82 16.74 33.60
C GLY F 101 49.61 16.48 32.73
N GLN F 102 49.82 15.67 31.70
CA GLN F 102 48.76 15.37 30.75
C GLN F 102 47.90 14.22 31.24
N ARG F 103 46.61 14.32 31.00
CA ARG F 103 45.65 13.25 31.27
C ARG F 103 45.10 12.78 29.93
N ILE F 104 45.36 11.53 29.60
CA ILE F 104 44.93 10.92 28.34
C ILE F 104 43.88 9.87 28.65
N TYR F 105 42.74 9.95 27.96
CA TYR F 105 41.67 8.98 28.11
C TYR F 105 41.45 8.13 26.87
N GLY F 106 41.78 8.65 25.68
CA GLY F 106 41.64 7.89 24.45
C GLY F 106 42.97 7.70 23.74
N VAL F 107 43.04 8.15 22.49
CA VAL F 107 44.25 8.03 21.67
C VAL F 107 44.90 9.40 21.59
N VAL F 108 46.24 9.43 21.67
CA VAL F 108 46.98 10.68 21.66
C VAL F 108 47.12 11.24 20.24
N SER F 109 46.93 10.40 19.21
CA SER F 109 47.15 10.84 17.84
C SER F 109 46.06 11.79 17.36
N PHE F 110 44.85 11.66 17.89
CA PHE F 110 43.77 12.56 17.51
C PHE F 110 43.66 13.78 18.41
N GLY F 111 44.23 13.73 19.60
CA GLY F 111 44.12 14.82 20.55
C GLY F 111 43.06 14.63 21.61
N GLU F 112 42.77 13.39 22.01
CA GLU F 112 41.75 13.12 23.02
C GLU F 112 42.40 13.07 24.41
N PHE F 113 42.96 14.21 24.80
CA PHE F 113 43.65 14.35 26.08
C PHE F 113 43.56 15.81 26.52
N PHE F 114 43.92 16.07 27.76
CA PHE F 114 43.91 17.44 28.27
C PHE F 114 45.03 17.64 29.27
N TYR F 115 45.14 18.87 29.76
CA TYR F 115 46.19 19.29 30.67
C TYR F 115 45.59 19.78 31.98
N TYR F 116 46.36 19.63 33.06
CA TYR F 116 46.06 20.26 34.33
C TYR F 116 47.32 20.89 34.88
N TYR F 117 47.18 21.63 35.98
CA TYR F 117 48.30 22.32 36.61
C TYR F 117 48.24 22.07 38.11
N SER F 118 49.18 21.28 38.62
CA SER F 118 49.23 20.94 40.03
C SER F 118 50.12 21.93 40.78
N MET F 119 49.63 22.43 41.91
CA MET F 119 50.34 23.40 42.73
C MET F 119 50.76 22.73 44.03
N ASP F 120 52.02 22.31 44.11
CA ASP F 120 52.56 21.60 45.26
C ASP F 120 53.32 22.52 46.22
N VAL F 121 54.18 23.39 45.68
CA VAL F 121 54.97 24.31 46.49
C VAL F 121 54.30 25.68 46.43
N TRP F 122 53.93 26.21 47.60
CA TRP F 122 53.25 27.49 47.71
C TRP F 122 54.15 28.49 48.45
N GLY F 123 53.65 29.72 48.57
CA GLY F 123 54.35 30.77 49.27
C GLY F 123 53.65 31.15 50.57
N LYS F 124 54.30 32.03 51.32
CA LYS F 124 53.74 32.48 52.59
C LYS F 124 52.56 33.42 52.37
N GLY F 125 52.74 34.44 51.54
CA GLY F 125 51.67 35.35 51.20
C GLY F 125 51.54 36.53 52.15
N THR F 126 51.54 37.74 51.61
CA THR F 126 51.37 38.96 52.38
C THR F 126 50.05 39.61 52.01
N THR F 127 49.31 40.07 53.01
CA THR F 127 48.01 40.69 52.77
C THR F 127 48.17 42.09 52.19
N VAL F 128 47.24 42.45 51.31
CA VAL F 128 47.21 43.75 50.66
C VAL F 128 45.82 44.32 50.85
N THR F 129 45.72 45.42 51.59
CA THR F 129 44.45 46.08 51.86
C THR F 129 44.35 47.37 51.05
N VAL F 130 43.24 47.54 50.35
CA VAL F 130 42.98 48.74 49.56
C VAL F 130 41.80 49.48 50.18
N SER F 131 41.95 50.79 50.34
CA SER F 131 40.94 51.63 50.95
C SER F 131 41.20 53.08 50.56
N SER F 132 40.12 53.88 50.54
CA SER F 132 40.25 55.29 50.23
C SER F 132 40.86 56.09 51.38
N ALA F 133 40.79 55.58 52.60
CA ALA F 133 41.37 56.26 53.76
C ALA F 133 42.82 55.83 53.98
N VAL G 3 30.32 26.75 50.68
CA VAL G 3 30.81 26.40 52.00
C VAL G 3 29.85 25.43 52.68
N ARG G 4 30.35 24.25 53.02
CA ARG G 4 29.54 23.23 53.67
C ARG G 4 30.25 22.73 54.92
N PRO G 5 29.55 22.64 56.04
CA PRO G 5 30.18 22.16 57.28
C PRO G 5 30.15 20.65 57.41
N LEU G 6 31.03 20.15 58.28
CA LEU G 6 31.10 18.73 58.58
C LEU G 6 31.68 18.57 59.97
N SER G 7 31.14 17.60 60.72
CA SER G 7 31.55 17.34 62.09
C SER G 7 31.84 15.87 62.25
N VAL G 8 33.11 15.52 62.43
CA VAL G 8 33.56 14.13 62.56
C VAL G 8 34.39 14.04 63.84
N ALA G 9 34.04 13.08 64.70
CA ALA G 9 34.71 12.90 65.97
C ALA G 9 36.06 12.20 65.80
N LEU G 10 36.73 11.93 66.91
CA LEU G 10 38.05 11.32 66.90
C LEU G 10 37.97 9.84 66.58
N GLY G 11 39.07 9.30 66.07
CA GLY G 11 39.22 7.87 65.87
C GLY G 11 38.80 7.35 64.52
N GLU G 12 37.51 7.47 64.19
CA GLU G 12 36.98 6.88 62.97
C GLU G 12 37.34 7.73 61.75
N THR G 13 37.21 7.12 60.58
CA THR G 13 37.53 7.78 59.32
C THR G 13 36.36 8.64 58.87
N ALA G 14 36.57 9.33 57.74
CA ALA G 14 35.55 10.21 57.18
C ALA G 14 35.73 10.30 55.68
N ARG G 15 34.61 10.45 54.97
CA ARG G 15 34.60 10.60 53.52
C ARG G 15 34.01 11.96 53.16
N ILE G 16 34.80 12.77 52.45
CA ILE G 16 34.43 14.12 52.12
C ILE G 16 34.32 14.23 50.60
N SER G 17 33.13 14.59 50.11
CA SER G 17 32.91 14.82 48.70
C SER G 17 32.77 16.32 48.42
N CYS G 18 33.00 16.69 47.17
CA CYS G 18 32.86 18.07 46.74
C CYS G 18 31.57 18.22 45.92
N GLY G 19 31.05 19.45 45.89
CA GLY G 19 29.77 19.72 45.27
C GLY G 19 29.77 19.63 43.76
N ARG G 20 30.94 19.70 43.13
CA ARG G 20 31.03 19.58 41.68
C ARG G 20 30.87 18.13 41.28
N GLN G 21 29.78 17.82 40.56
CA GLN G 21 29.54 16.47 40.08
C GLN G 21 30.47 16.19 38.90
N ALA G 22 31.32 15.18 39.05
CA ALA G 22 32.30 14.87 38.02
C ALA G 22 31.62 14.19 36.83
N LEU G 23 31.99 14.62 35.63
CA LEU G 23 31.42 14.12 34.38
C LEU G 23 32.58 13.85 33.43
N GLY G 24 33.01 12.59 33.35
CA GLY G 24 34.10 12.23 32.46
C GLY G 24 35.32 11.70 33.19
N SER G 25 36.46 11.73 32.52
CA SER G 25 37.71 11.30 33.14
C SER G 25 38.17 12.35 34.15
N ARG G 26 38.32 11.94 35.40
CA ARG G 26 38.60 12.84 36.50
C ARG G 26 40.09 12.91 36.79
N ALA G 27 40.54 14.12 37.14
CA ALA G 27 41.92 14.34 37.62
C ALA G 27 41.84 15.47 38.64
N VAL G 28 41.71 15.10 39.91
CA VAL G 28 41.45 16.06 40.97
C VAL G 28 42.74 16.35 41.71
N GLN G 29 42.79 17.51 42.35
CA GLN G 29 43.91 17.92 43.19
C GLN G 29 43.34 18.38 44.53
N TRP G 30 43.38 17.51 45.53
CA TRP G 30 42.81 17.82 46.84
C TRP G 30 43.76 18.75 47.60
N TYR G 31 43.22 19.84 48.11
CA TYR G 31 44.02 20.83 48.82
C TYR G 31 43.62 20.87 50.30
N GLN G 32 44.37 21.68 51.05
CA GLN G 32 44.13 21.85 52.48
C GLN G 32 44.75 23.19 52.87
N HIS G 33 43.93 24.12 53.37
CA HIS G 33 44.37 25.49 53.62
C HIS G 33 44.12 25.86 55.08
N ARG G 34 45.19 25.99 55.85
CA ARG G 34 45.06 26.51 57.20
C ARG G 34 44.87 28.03 57.15
N PRO G 35 44.05 28.59 58.07
CA PRO G 35 43.84 30.05 58.06
C PRO G 35 45.06 30.81 58.52
N GLY G 36 45.74 31.49 57.58
CA GLY G 36 46.95 32.22 57.84
C GLY G 36 48.20 31.54 57.30
N GLN G 37 48.17 30.23 57.17
CA GLN G 37 49.31 29.47 56.68
C GLN G 37 49.20 29.30 55.17
N ALA G 38 50.03 28.43 54.60
CA ALA G 38 50.11 28.17 53.17
C ALA G 38 49.36 26.89 52.81
N PRO G 39 48.69 26.87 51.66
CA PRO G 39 48.02 25.63 51.23
C PRO G 39 49.03 24.60 50.75
N ILE G 40 48.66 23.33 50.95
CA ILE G 40 49.52 22.21 50.57
C ILE G 40 48.72 21.26 49.69
N LEU G 41 49.44 20.56 48.80
CA LEU G 41 48.84 19.57 47.92
C LEU G 41 48.84 18.21 48.60
N LEU G 42 47.66 17.61 48.74
CA LEU G 42 47.52 16.32 49.39
C LEU G 42 47.52 15.16 48.38
N ILE G 43 46.56 15.14 47.46
CA ILE G 43 46.40 14.06 46.50
C ILE G 43 46.25 14.66 45.11
N TYR G 44 47.13 14.27 44.20
CA TYR G 44 47.03 14.66 42.80
C TYR G 44 47.00 13.42 41.92
N ASN G 45 46.31 13.55 40.77
CA ASN G 45 46.13 12.52 39.75
C ASN G 45 45.45 11.26 40.30
N ASN G 46 44.64 11.43 41.35
CA ASN G 46 43.69 10.47 41.94
C ASN G 46 44.34 9.28 42.64
N GLN G 47 45.64 9.10 42.51
CA GLN G 47 46.33 8.00 43.16
C GLN G 47 47.60 8.42 43.89
N ASP G 48 48.35 9.37 43.35
CA ASP G 48 49.68 9.67 43.83
C ASP G 48 49.63 10.60 45.05
N ARG G 49 50.81 10.88 45.61
CA ARG G 49 50.97 11.69 46.81
C ARG G 49 52.39 12.24 46.85
N PRO G 50 52.57 13.54 47.08
CA PRO G 50 53.92 14.11 47.12
C PRO G 50 54.63 13.77 48.42
N SER G 51 55.90 14.16 48.48
CA SER G 51 56.73 13.88 49.65
C SER G 51 56.36 14.78 50.82
N GLY G 52 56.54 14.25 52.03
CA GLY G 52 56.21 14.95 53.25
C GLY G 52 54.80 14.69 53.76
N ILE G 53 53.88 14.36 52.87
CA ILE G 53 52.50 14.08 53.28
C ILE G 53 52.44 12.67 53.88
N PRO G 54 51.81 12.49 55.03
CA PRO G 54 51.67 11.15 55.60
C PRO G 54 50.76 10.27 54.77
N GLU G 55 50.88 8.96 54.98
CA GLU G 55 50.18 7.96 54.16
C GLU G 55 48.83 7.60 54.80
N ARG G 56 48.01 8.63 55.01
CA ARG G 56 46.68 8.46 55.56
C ARG G 56 45.57 8.96 54.66
N PHE G 57 45.89 9.66 53.58
CA PHE G 57 44.91 10.21 52.66
C PHE G 57 44.88 9.35 51.41
N SER G 58 43.74 8.70 51.17
CA SER G 58 43.56 7.82 50.01
C SER G 58 42.40 8.34 49.18
N GLY G 59 42.60 8.39 47.86
CA GLY G 59 41.57 8.88 46.96
C GLY G 59 40.77 7.77 46.32
N THR G 60 40.38 7.95 45.06
CA THR G 60 39.59 6.97 44.33
C THR G 60 40.17 6.83 42.93
N PRO G 61 40.38 5.60 42.44
CA PRO G 61 40.89 5.43 41.07
C PRO G 61 39.79 5.70 40.05
N ASP G 62 40.21 5.68 38.78
CA ASP G 62 39.32 6.00 37.67
C ASP G 62 38.73 4.75 37.02
N ILE G 63 38.95 3.59 37.61
CA ILE G 63 38.33 2.35 37.11
C ILE G 63 36.86 2.35 37.48
N ASN G 64 36.03 1.81 36.57
CA ASN G 64 34.57 1.73 36.70
C ASN G 64 33.97 3.11 36.91
N PHE G 65 34.04 3.91 35.85
CA PHE G 65 33.59 5.30 35.87
C PHE G 65 32.11 5.41 36.21
N GLY G 66 31.81 6.27 37.17
CA GLY G 66 30.48 6.39 37.73
C GLY G 66 30.55 6.49 39.25
N THR G 67 31.76 6.36 39.78
CA THR G 67 31.98 6.42 41.22
C THR G 67 32.18 7.87 41.66
N ARG G 68 32.19 8.05 42.98
CA ARG G 68 32.34 9.38 43.58
C ARG G 68 33.79 9.62 43.97
N ALA G 69 34.30 10.80 43.64
CA ALA G 69 35.67 11.19 44.01
C ALA G 69 35.63 11.77 45.41
N THR G 70 36.07 10.97 46.39
CA THR G 70 36.04 11.36 47.79
C THR G 70 37.44 11.29 48.39
N LEU G 71 37.59 11.92 49.55
CA LEU G 71 38.84 11.93 50.29
C LEU G 71 38.64 11.22 51.63
N THR G 72 39.46 10.21 51.89
CA THR G 72 39.38 9.42 53.11
C THR G 72 40.49 9.85 54.05
N ILE G 73 40.13 10.22 55.27
CA ILE G 73 41.07 10.65 56.29
C ILE G 73 41.09 9.59 57.39
N SER G 74 42.06 8.69 57.32
CA SER G 74 42.21 7.65 58.33
C SER G 74 43.06 8.17 59.48
N GLY G 75 42.57 7.98 60.71
CA GLY G 75 43.27 8.48 61.88
C GLY G 75 43.23 9.98 62.01
N VAL G 76 42.03 10.54 62.23
CA VAL G 76 41.88 11.98 62.33
C VAL G 76 42.43 12.46 63.67
N GLU G 77 43.23 13.51 63.62
CA GLU G 77 43.80 14.11 64.82
C GLU G 77 43.05 15.40 65.16
N ALA G 78 43.50 16.06 66.24
CA ALA G 78 42.75 17.19 66.78
C ALA G 78 42.95 18.47 65.99
N GLY G 79 44.11 18.65 65.36
CA GLY G 79 44.41 19.86 64.63
C GLY G 79 43.93 19.93 63.21
N ASP G 80 43.00 19.06 62.81
CA ASP G 80 42.48 19.04 61.44
C ASP G 80 41.26 19.95 61.34
N GLU G 81 41.53 21.26 61.43
CA GLU G 81 40.52 22.29 61.31
C GLU G 81 40.60 23.06 60.00
N ALA G 82 41.58 22.75 59.16
CA ALA G 82 41.73 23.45 57.88
C ALA G 82 40.70 22.94 56.88
N ASP G 83 40.21 23.86 56.03
CA ASP G 83 39.26 23.45 55.02
C ASP G 83 39.98 22.89 53.79
N TYR G 84 39.26 22.03 53.06
CA TYR G 84 39.79 21.36 51.89
C TYR G 84 39.22 21.98 50.63
N TYR G 85 39.84 21.64 49.50
CA TYR G 85 39.42 22.17 48.20
C TYR G 85 39.50 21.04 47.18
N CYS G 86 38.40 20.85 46.44
CA CYS G 86 38.26 19.77 45.46
C CYS G 86 38.29 20.39 44.07
N HIS G 87 39.49 20.49 43.51
CA HIS G 87 39.65 21.00 42.15
C HIS G 87 39.20 19.95 41.15
N MET G 88 38.47 20.38 40.12
CA MET G 88 37.91 19.47 39.12
C MET G 88 38.54 19.74 37.77
N TRP G 89 39.04 18.69 37.14
CA TRP G 89 39.61 18.76 35.79
C TRP G 89 39.06 17.58 34.99
N ASP G 90 38.20 17.88 34.02
CA ASP G 90 37.58 16.84 33.21
C ASP G 90 37.69 17.17 31.72
N SER G 91 36.99 16.39 30.89
CA SER G 91 37.08 16.55 29.44
C SER G 91 36.02 17.49 28.88
N ARG G 92 34.76 17.31 29.29
CA ARG G 92 33.66 18.04 28.65
C ARG G 92 33.60 19.49 29.09
N SER G 93 33.85 19.77 30.37
CA SER G 93 33.74 21.13 30.88
C SER G 93 34.93 22.01 30.50
N GLY G 94 36.02 21.42 30.01
CA GLY G 94 37.14 22.21 29.54
C GLY G 94 38.01 22.72 30.67
N PHE G 95 38.60 23.89 30.44
CA PHE G 95 39.54 24.50 31.39
C PHE G 95 38.76 25.10 32.55
N SER G 96 38.80 24.45 33.70
CA SER G 96 38.15 24.96 34.89
C SER G 96 39.06 25.97 35.58
N TRP G 97 38.49 27.10 35.99
CA TRP G 97 39.23 28.19 36.61
C TRP G 97 39.00 28.29 38.10
N SER G 98 37.76 28.24 38.55
CA SER G 98 37.45 28.35 39.97
C SER G 98 37.77 27.03 40.68
N PHE G 99 37.80 27.10 42.01
CA PHE G 99 38.18 25.96 42.83
C PHE G 99 36.96 25.11 43.22
N GLY G 100 35.97 25.72 43.86
CA GLY G 100 34.76 25.04 44.26
C GLY G 100 34.39 25.40 45.68
N GLY G 101 33.45 24.63 46.23
CA GLY G 101 32.99 24.86 47.59
C GLY G 101 34.01 24.35 48.60
N ALA G 102 34.22 25.13 49.66
CA ALA G 102 35.18 24.77 50.70
C ALA G 102 34.45 23.96 51.78
N THR G 103 34.80 22.69 51.91
CA THR G 103 34.23 21.81 52.93
C THR G 103 34.98 22.03 54.24
N ARG G 104 34.32 22.68 55.19
CA ARG G 104 34.94 23.01 56.47
C ARG G 104 34.73 21.85 57.43
N LEU G 105 35.82 21.13 57.74
CA LEU G 105 35.77 20.02 58.69
C LEU G 105 36.12 20.54 60.08
N THR G 106 35.18 20.42 61.02
CA THR G 106 35.39 20.84 62.40
C THR G 106 35.33 19.58 63.28
N VAL G 107 36.49 19.13 63.73
CA VAL G 107 36.58 17.97 64.61
C VAL G 107 36.32 18.41 66.04
N LEU G 108 35.46 17.68 66.75
CA LEU G 108 35.09 18.00 68.11
C LEU G 108 35.83 17.10 69.09
N GLY G 109 36.28 17.69 70.20
CA GLY G 109 37.04 16.95 71.19
C GLY G 109 38.54 17.05 70.99
N GLN H 1 -62.46 4.48 54.02
CA GLN H 1 -62.48 5.84 53.50
C GLN H 1 -61.58 6.74 54.32
N VAL H 2 -60.79 7.58 53.64
CA VAL H 2 -59.82 8.46 54.27
C VAL H 2 -60.33 9.89 54.15
N GLN H 3 -60.40 10.60 55.28
CA GLN H 3 -60.82 11.99 55.33
C GLN H 3 -59.69 12.83 55.91
N LEU H 4 -59.50 14.02 55.35
CA LEU H 4 -58.39 14.89 55.71
C LEU H 4 -58.92 16.24 56.15
N GLN H 5 -58.56 16.65 57.37
CA GLN H 5 -58.88 17.98 57.87
C GLN H 5 -57.59 18.76 58.10
N GLU H 6 -57.70 20.08 58.10
CA GLU H 6 -56.53 20.96 58.22
C GLU H 6 -56.68 21.88 59.41
N SER H 7 -55.55 22.42 59.87
CA SER H 7 -55.54 23.47 60.87
C SER H 7 -54.46 24.47 60.51
N GLY H 8 -54.79 25.76 60.61
CA GLY H 8 -53.86 26.81 60.26
C GLY H 8 -53.98 28.03 61.14
N PRO H 9 -52.85 28.69 61.41
CA PRO H 9 -52.87 29.90 62.25
C PRO H 9 -53.38 31.12 61.50
N GLY H 10 -53.23 31.12 60.18
CA GLY H 10 -53.69 32.23 59.36
C GLY H 10 -52.70 33.38 59.27
N LEU H 11 -52.60 34.17 60.33
CA LEU H 11 -51.69 35.30 60.37
C LEU H 11 -50.35 34.84 60.92
N VAL H 12 -49.31 34.94 60.09
CA VAL H 12 -47.99 34.41 60.42
C VAL H 12 -46.97 35.53 60.25
N LYS H 13 -46.25 35.83 61.33
CA LYS H 13 -45.14 36.77 61.25
C LYS H 13 -43.98 36.15 60.49
N PRO H 14 -43.26 36.93 59.68
CA PRO H 14 -42.09 36.37 58.99
C PRO H 14 -40.93 36.08 59.93
N SER H 15 -40.01 35.24 59.43
CA SER H 15 -38.74 34.90 60.08
C SER H 15 -38.94 34.22 61.43
N GLU H 16 -39.85 33.26 61.49
CA GLU H 16 -40.03 32.43 62.67
C GLU H 16 -40.60 31.08 62.22
N THR H 17 -41.04 30.27 63.19
CA THR H 17 -41.42 28.89 62.93
C THR H 17 -42.88 28.80 62.52
N LEU H 18 -43.14 28.30 61.31
CA LEU H 18 -44.49 28.08 60.82
C LEU H 18 -44.90 26.63 61.07
N SER H 19 -46.10 26.43 61.61
CA SER H 19 -46.60 25.10 61.95
C SER H 19 -47.99 24.93 61.39
N VAL H 20 -48.17 23.90 60.56
CA VAL H 20 -49.47 23.55 59.98
C VAL H 20 -49.73 22.09 60.31
N THR H 21 -50.91 21.80 60.87
CA THR H 21 -51.26 20.46 61.33
C THR H 21 -52.36 19.89 60.45
N CYS H 22 -52.07 18.74 59.84
CA CYS H 22 -53.03 17.98 59.05
C CYS H 22 -53.47 16.76 59.83
N SER H 23 -54.78 16.56 59.94
CA SER H 23 -55.36 15.46 60.70
C SER H 23 -56.06 14.49 59.76
N VAL H 24 -55.90 13.20 60.05
CA VAL H 24 -56.49 12.12 59.27
C VAL H 24 -57.57 11.47 60.09
N SER H 25 -58.73 11.20 59.47
CA SER H 25 -59.85 10.55 60.15
C SER H 25 -60.48 9.55 59.20
N GLY H 26 -60.64 8.31 59.66
CA GLY H 26 -61.29 7.28 58.87
C GLY H 26 -60.47 6.01 58.73
N ASP H 27 -59.15 6.15 58.63
CA ASP H 27 -58.29 4.99 58.46
C ASP H 27 -56.91 5.34 59.00
N SER H 28 -56.05 4.34 59.09
CA SER H 28 -54.70 4.52 59.59
C SER H 28 -53.77 4.98 58.46
N MET H 29 -52.49 5.07 58.77
CA MET H 29 -51.47 5.56 57.83
C MET H 29 -50.46 4.47 57.52
N ASN H 30 -50.95 3.25 57.23
CA ASN H 30 -50.04 2.13 57.02
C ASN H 30 -49.40 2.16 55.64
N ASN H 31 -50.18 2.47 54.60
CA ASN H 31 -49.68 2.40 53.23
C ASN H 31 -49.78 3.70 52.46
N TYR H 32 -50.58 4.66 52.90
CA TYR H 32 -50.73 5.93 52.18
C TYR H 32 -49.52 6.82 52.45
N TYR H 33 -49.05 7.48 51.39
CA TYR H 33 -47.88 8.35 51.48
C TYR H 33 -48.32 9.81 51.38
N TRP H 34 -48.14 10.56 52.46
CA TRP H 34 -48.70 11.90 52.58
C TRP H 34 -47.75 12.93 51.98
N THR H 35 -48.27 13.78 51.10
CA THR H 35 -47.51 14.82 50.43
C THR H 35 -47.95 16.19 50.94
N TRP H 36 -47.27 17.24 50.47
CA TRP H 36 -47.64 18.61 50.80
C TRP H 36 -47.53 19.45 49.54
N ILE H 37 -48.64 20.05 49.12
CA ILE H 37 -48.68 20.87 47.90
C ILE H 37 -49.17 22.26 48.27
N ARG H 38 -48.37 23.28 47.98
CA ARG H 38 -48.77 24.66 48.23
C ARG H 38 -49.09 25.36 46.92
N GLN H 39 -49.99 26.34 47.01
CA GLN H 39 -50.44 27.12 45.85
C GLN H 39 -50.36 28.59 46.21
N SER H 40 -49.50 29.33 45.52
CA SER H 40 -49.26 30.76 45.67
C SER H 40 -49.88 31.52 44.51
N PRO H 41 -50.43 32.71 44.74
CA PRO H 41 -51.00 33.49 43.64
C PRO H 41 -49.90 34.08 42.77
N GLY H 42 -50.07 33.94 41.45
CA GLY H 42 -49.10 34.40 40.48
C GLY H 42 -48.31 33.30 39.81
N LYS H 43 -48.53 32.04 40.18
CA LYS H 43 -47.82 30.91 39.59
C LYS H 43 -48.70 29.68 39.68
N GLY H 44 -48.12 28.52 39.41
CA GLY H 44 -48.82 27.26 39.48
C GLY H 44 -48.58 26.53 40.79
N LEU H 45 -48.80 25.22 40.77
CA LEU H 45 -48.58 24.40 41.94
C LEU H 45 -47.09 24.18 42.18
N GLU H 46 -46.76 23.74 43.40
CA GLU H 46 -45.38 23.50 43.77
C GLU H 46 -45.33 22.38 44.80
N TRP H 47 -44.34 21.49 44.65
CA TRP H 47 -44.16 20.38 45.56
C TRP H 47 -43.23 20.78 46.70
N ILE H 48 -43.72 20.65 47.93
CA ILE H 48 -42.91 20.94 49.11
C ILE H 48 -42.13 19.69 49.49
N GLY H 49 -42.86 18.62 49.81
CA GLY H 49 -42.23 17.38 50.20
C GLY H 49 -43.26 16.29 50.40
N TYR H 50 -42.77 15.14 50.84
CA TYR H 50 -43.61 13.98 51.09
C TYR H 50 -42.91 13.07 52.10
N ILE H 51 -43.68 12.11 52.62
CA ILE H 51 -43.16 11.13 53.56
C ILE H 51 -43.64 9.75 53.11
N SER H 52 -42.92 8.72 53.56
CA SER H 52 -43.22 7.36 53.15
C SER H 52 -43.23 6.41 54.34
N ASP H 53 -43.33 5.10 54.08
CA ASP H 53 -43.28 4.10 55.12
C ASP H 53 -41.87 3.86 55.65
N ARG H 54 -40.85 4.36 54.95
CA ARG H 54 -39.47 4.30 55.42
C ARG H 54 -39.13 5.41 56.40
N GLU H 55 -40.10 6.30 56.69
CA GLU H 55 -39.94 7.48 57.55
C GLU H 55 -38.82 8.40 57.05
N SER H 56 -38.74 8.54 55.74
CA SER H 56 -37.74 9.40 55.10
C SER H 56 -38.40 10.68 54.64
N ALA H 57 -37.89 11.81 55.12
CA ALA H 57 -38.45 13.11 54.77
C ALA H 57 -37.65 13.71 53.60
N THR H 58 -37.91 13.17 52.41
CA THR H 58 -37.25 13.62 51.20
C THR H 58 -37.84 14.96 50.77
N TYR H 59 -37.08 16.03 50.94
CA TYR H 59 -37.55 17.37 50.62
C TYR H 59 -37.24 17.71 49.17
N ASN H 60 -37.89 18.78 48.70
CA ASN H 60 -37.60 19.31 47.38
C ASN H 60 -36.30 20.10 47.42
N PRO H 61 -35.34 19.81 46.53
CA PRO H 61 -34.06 20.53 46.55
C PRO H 61 -34.12 21.98 46.08
N SER H 62 -35.26 22.44 45.56
CA SER H 62 -35.42 23.83 45.14
C SER H 62 -35.90 24.73 46.27
N LEU H 63 -36.02 24.20 47.49
CA LEU H 63 -36.44 24.98 48.65
C LEU H 63 -35.32 25.21 49.66
N ASN H 64 -34.10 24.79 49.33
CA ASN H 64 -32.88 24.97 50.15
C ASN H 64 -33.00 24.33 51.53
N SER H 65 -33.75 23.23 51.60
CA SER H 65 -33.93 22.40 52.81
C SER H 65 -34.46 23.21 53.99
N ARG H 66 -35.44 24.08 53.73
CA ARG H 66 -36.00 24.94 54.75
C ARG H 66 -37.27 24.39 55.37
N VAL H 67 -37.72 23.20 54.98
CA VAL H 67 -38.92 22.59 55.53
C VAL H 67 -38.55 21.31 56.26
N VAL H 68 -39.34 20.98 57.28
CA VAL H 68 -39.21 19.75 58.04
C VAL H 68 -40.57 19.05 58.05
N ILE H 69 -40.57 17.78 57.64
CA ILE H 69 -41.78 16.96 57.56
C ILE H 69 -41.75 15.97 58.72
N SER H 70 -42.86 15.85 59.44
CA SER H 70 -42.96 14.93 60.55
C SER H 70 -44.39 14.45 60.69
N ARG H 71 -44.55 13.17 61.03
CA ARG H 71 -45.85 12.57 61.25
C ARG H 71 -45.87 11.95 62.64
N ASP H 72 -47.08 11.61 63.10
CA ASP H 72 -47.25 11.00 64.42
C ASP H 72 -48.48 10.11 64.39
N THR H 73 -48.28 8.83 64.72
CA THR H 73 -49.36 7.85 64.75
C THR H 73 -50.02 7.72 66.12
N SER H 74 -49.31 8.07 67.19
CA SER H 74 -49.88 8.00 68.53
C SER H 74 -50.93 9.08 68.77
N LYS H 75 -50.88 10.19 68.04
CA LYS H 75 -51.88 11.23 68.13
C LYS H 75 -52.55 11.52 66.81
N ASN H 76 -52.18 10.81 65.73
CA ASN H 76 -52.80 10.88 64.40
C ASN H 76 -52.73 12.29 63.82
N GLN H 77 -51.49 12.74 63.55
CA GLN H 77 -51.28 14.09 63.03
C GLN H 77 -50.09 14.09 62.07
N LEU H 78 -50.02 15.17 61.28
CA LEU H 78 -48.90 15.39 60.36
C LEU H 78 -48.57 16.87 60.41
N SER H 79 -47.39 17.21 60.93
CA SER H 79 -47.02 18.59 61.18
C SER H 79 -45.98 19.07 60.17
N LEU H 80 -46.09 20.35 59.82
CA LEU H 80 -45.09 21.06 59.03
C LEU H 80 -44.23 21.91 59.95
N LYS H 81 -42.94 21.99 59.66
CA LYS H 81 -42.06 22.90 60.41
C LYS H 81 -41.25 23.72 59.41
N LEU H 82 -41.16 25.02 59.66
CA LEU H 82 -40.37 25.92 58.81
C LEU H 82 -39.49 26.79 59.70
N ASN H 83 -38.53 27.48 59.06
CA ASN H 83 -37.65 28.41 59.75
C ASN H 83 -37.13 29.43 58.76
N SER H 84 -37.00 30.68 59.24
CA SER H 84 -36.46 31.82 58.47
C SER H 84 -37.25 32.07 57.18
N VAL H 85 -38.57 32.23 57.33
CA VAL H 85 -39.43 32.38 56.16
C VAL H 85 -39.39 33.82 55.66
N THR H 86 -39.84 34.00 54.43
CA THR H 86 -39.92 35.30 53.76
C THR H 86 -41.38 35.75 53.67
N PRO H 87 -41.63 37.06 53.55
CA PRO H 87 -43.02 37.52 53.35
C PRO H 87 -43.63 37.14 52.00
N ALA H 88 -42.86 36.60 51.05
CA ALA H 88 -43.38 36.14 49.78
C ALA H 88 -43.78 34.67 49.79
N ASP H 89 -44.12 34.12 50.96
CA ASP H 89 -44.54 32.73 51.10
C ASP H 89 -46.03 32.62 51.40
N THR H 90 -46.82 33.60 50.98
CA THR H 90 -48.27 33.56 51.15
C THR H 90 -48.87 32.56 50.15
N ALA H 91 -49.33 31.42 50.67
CA ALA H 91 -49.79 30.33 49.82
C ALA H 91 -50.76 29.46 50.62
N VAL H 92 -51.77 28.94 49.93
CA VAL H 92 -52.71 28.01 50.54
C VAL H 92 -52.11 26.60 50.47
N TYR H 93 -52.16 25.88 51.58
CA TYR H 93 -51.55 24.56 51.67
C TYR H 93 -52.56 23.47 51.35
N TYR H 94 -52.04 22.28 51.02
CA TYR H 94 -52.86 21.13 50.67
C TYR H 94 -52.17 19.88 51.19
N CYS H 95 -52.83 19.19 52.12
CA CYS H 95 -52.37 17.92 52.66
C CYS H 95 -53.16 16.81 51.99
N ALA H 96 -52.46 15.98 51.22
CA ALA H 96 -53.12 14.95 50.43
C ALA H 96 -52.35 13.64 50.55
N THR H 97 -53.03 12.56 50.20
CA THR H 97 -52.43 11.24 50.15
C THR H 97 -51.86 10.97 48.76
N ALA H 98 -51.11 9.87 48.66
CA ALA H 98 -50.53 9.44 47.40
C ALA H 98 -50.26 7.95 47.51
N ARG H 99 -50.72 7.20 46.50
CA ARG H 99 -50.38 5.80 46.35
C ARG H 99 -49.22 5.64 45.39
N ARG H 100 -48.39 4.63 45.64
CA ARG H 100 -47.20 4.38 44.85
C ARG H 100 -47.43 3.16 43.97
N GLY H 101 -47.51 3.40 42.66
CA GLY H 101 -47.59 2.32 41.69
C GLY H 101 -46.35 2.28 40.83
N GLN H 102 -45.79 1.08 40.63
CA GLN H 102 -44.57 0.96 39.85
C GLN H 102 -44.87 0.98 38.36
N ARG H 103 -43.99 1.63 37.61
CA ARG H 103 -44.05 1.65 36.15
C ARG H 103 -42.84 0.87 35.64
N ILE H 104 -43.10 -0.24 34.97
CA ILE H 104 -42.07 -1.12 34.44
C ILE H 104 -42.10 -1.03 32.93
N TYR H 105 -40.94 -0.83 32.32
CA TYR H 105 -40.80 -0.81 30.87
C TYR H 105 -39.92 -1.92 30.33
N GLY H 106 -38.94 -2.37 31.10
CA GLY H 106 -38.12 -3.50 30.71
C GLY H 106 -38.22 -4.65 31.70
N VAL H 107 -37.07 -5.16 32.13
CA VAL H 107 -37.03 -6.24 33.11
C VAL H 107 -37.05 -5.63 34.51
N VAL H 108 -37.32 -6.46 35.52
CA VAL H 108 -37.29 -6.02 36.91
C VAL H 108 -36.04 -6.48 37.66
N SER H 109 -35.22 -7.33 37.04
CA SER H 109 -34.03 -7.82 37.72
C SER H 109 -32.91 -6.79 37.73
N PHE H 110 -32.73 -6.05 36.62
CA PHE H 110 -31.68 -5.06 36.56
C PHE H 110 -32.10 -3.75 37.23
N GLY H 111 -33.39 -3.43 37.20
CA GLY H 111 -33.88 -2.20 37.77
C GLY H 111 -34.36 -1.23 36.71
N GLU H 112 -34.95 -1.76 35.64
CA GLU H 112 -35.47 -0.94 34.55
C GLU H 112 -36.95 -0.60 34.79
N PHE H 113 -37.18 0.09 35.91
CA PHE H 113 -38.52 0.47 36.34
C PHE H 113 -38.38 1.66 37.28
N PHE H 114 -39.50 2.36 37.49
CA PHE H 114 -39.48 3.51 38.39
C PHE H 114 -40.82 3.60 39.10
N TYR H 115 -40.97 4.66 39.90
CA TYR H 115 -42.15 4.87 40.73
C TYR H 115 -42.77 6.22 40.45
N TYR H 116 -44.08 6.30 40.61
CA TYR H 116 -44.81 7.56 40.64
C TYR H 116 -45.67 7.61 41.89
N TYR H 117 -46.29 8.76 42.12
CA TYR H 117 -47.13 8.97 43.30
C TYR H 117 -48.43 9.62 42.84
N SER H 118 -49.54 8.88 42.97
CA SER H 118 -50.84 9.37 42.54
C SER H 118 -51.58 9.97 43.74
N MET H 119 -52.10 11.18 43.55
CA MET H 119 -52.83 11.89 44.59
C MET H 119 -54.30 11.99 44.18
N ASP H 120 -55.14 11.19 44.84
CA ASP H 120 -56.57 11.12 44.53
C ASP H 120 -57.44 11.81 45.56
N VAL H 121 -57.17 11.62 46.85
CA VAL H 121 -57.97 12.22 47.92
C VAL H 121 -57.18 13.40 48.47
N TRP H 122 -57.65 14.61 48.19
CA TRP H 122 -57.00 15.83 48.64
C TRP H 122 -57.73 16.39 49.86
N GLY H 123 -57.29 17.57 50.30
CA GLY H 123 -57.87 18.23 51.45
C GLY H 123 -58.42 19.60 51.08
N LYS H 124 -59.09 20.22 52.05
CA LYS H 124 -59.67 21.54 51.83
C LYS H 124 -58.58 22.61 51.84
N GLY H 125 -57.78 22.65 52.91
CA GLY H 125 -56.69 23.60 52.99
C GLY H 125 -57.09 24.94 53.55
N THR H 126 -56.23 25.51 54.40
CA THR H 126 -56.46 26.81 54.99
C THR H 126 -55.46 27.82 54.42
N THR H 127 -55.96 29.04 54.16
CA THR H 127 -55.12 30.10 53.60
C THR H 127 -54.21 30.64 54.69
N VAL H 128 -52.92 30.32 54.60
CA VAL H 128 -51.93 30.74 55.58
C VAL H 128 -51.05 31.80 54.92
N THR H 129 -51.37 33.06 55.17
CA THR H 129 -50.58 34.16 54.62
C THR H 129 -49.45 34.54 55.55
N VAL H 130 -48.39 35.10 54.98
CA VAL H 130 -47.22 35.55 55.72
C VAL H 130 -46.97 37.01 55.37
N SER H 131 -47.07 37.88 56.37
CA SER H 131 -46.85 39.30 56.18
C SER H 131 -46.41 39.92 57.49
N SER H 132 -45.66 41.02 57.40
CA SER H 132 -45.19 41.72 58.58
C SER H 132 -46.26 42.56 59.24
N ALA H 133 -47.30 42.93 58.50
CA ALA H 133 -48.38 43.75 59.04
C ALA H 133 -49.34 42.90 59.87
N VAL I 3 -48.45 28.83 32.09
CA VAL I 3 -49.87 29.11 31.95
C VAL I 3 -50.20 29.42 30.49
N ARG I 4 -51.02 28.58 29.88
CA ARG I 4 -51.43 28.76 28.50
C ARG I 4 -52.94 28.81 28.38
N PRO I 5 -53.49 29.76 27.63
CA PRO I 5 -54.95 29.83 27.46
C PRO I 5 -55.46 28.93 26.36
N LEU I 6 -56.73 28.58 26.47
CA LEU I 6 -57.41 27.76 25.47
C LEU I 6 -58.90 28.07 25.54
N SER I 7 -59.51 28.23 24.36
CA SER I 7 -60.92 28.57 24.25
C SER I 7 -61.61 27.51 23.41
N VAL I 8 -62.69 26.94 23.94
CA VAL I 8 -63.43 25.88 23.27
C VAL I 8 -64.90 26.29 23.19
N ALA I 9 -65.54 25.99 22.06
CA ALA I 9 -66.97 26.22 21.93
C ALA I 9 -67.76 25.14 22.66
N LEU I 10 -69.04 25.39 22.86
CA LEU I 10 -69.90 24.48 23.59
C LEU I 10 -70.30 23.29 22.70
N GLY I 11 -70.40 22.12 23.31
CA GLY I 11 -70.85 20.93 22.61
C GLY I 11 -69.75 20.06 22.04
N GLU I 12 -68.87 20.66 21.24
CA GLU I 12 -67.83 19.89 20.56
C GLU I 12 -66.72 19.49 21.54
N THR I 13 -65.94 18.49 21.12
CA THR I 13 -64.87 17.97 21.95
C THR I 13 -63.64 18.87 21.87
N ALA I 14 -62.65 18.57 22.72
CA ALA I 14 -61.41 19.32 22.76
C ALA I 14 -60.28 18.41 23.16
N ARG I 15 -59.10 18.65 22.58
CA ARG I 15 -57.88 17.89 22.89
C ARG I 15 -56.87 18.85 23.48
N ILE I 16 -56.46 18.60 24.72
CA ILE I 16 -55.57 19.48 25.47
C ILE I 16 -54.25 18.74 25.69
N SER I 17 -53.18 19.25 25.10
CA SER I 17 -51.84 18.74 25.31
C SER I 17 -51.14 19.58 26.37
N CYS I 18 -49.85 19.35 26.56
CA CYS I 18 -49.06 20.10 27.52
C CYS I 18 -47.68 20.39 26.93
N GLY I 19 -47.02 21.40 27.48
CA GLY I 19 -45.72 21.81 26.98
C GLY I 19 -44.59 20.86 27.30
N ARG I 20 -44.79 19.97 28.27
CA ARG I 20 -43.77 18.98 28.62
C ARG I 20 -43.74 17.90 27.56
N GLN I 21 -42.65 17.86 26.77
CA GLN I 21 -42.50 16.86 25.72
C GLN I 21 -42.17 15.51 26.34
N ALA I 22 -42.96 14.49 26.02
CA ALA I 22 -42.73 13.16 26.54
C ALA I 22 -41.52 12.53 25.86
N LEU I 23 -40.67 11.88 26.65
CA LEU I 23 -39.44 11.28 26.15
C LEU I 23 -39.27 9.93 26.82
N GLY I 24 -39.63 8.87 26.12
CA GLY I 24 -39.53 7.51 26.63
C GLY I 24 -40.87 6.95 27.07
N SER I 25 -40.80 6.07 28.07
CA SER I 25 -42.01 5.54 28.67
C SER I 25 -42.72 6.64 29.47
N ARG I 26 -44.04 6.70 29.32
CA ARG I 26 -44.82 7.82 29.81
C ARG I 26 -45.71 7.41 30.97
N ALA I 27 -45.92 8.34 31.90
CA ALA I 27 -46.87 8.16 32.99
C ALA I 27 -47.37 9.55 33.37
N VAL I 28 -48.56 9.90 32.90
CA VAL I 28 -49.12 11.21 33.18
C VAL I 28 -50.21 11.07 34.23
N GLN I 29 -50.36 12.10 35.05
CA GLN I 29 -51.38 12.16 36.10
C GLN I 29 -52.18 13.44 35.88
N TRP I 30 -53.29 13.33 35.17
CA TRP I 30 -54.09 14.51 34.84
C TRP I 30 -54.91 14.95 36.05
N TYR I 31 -54.78 16.21 36.41
CA TYR I 31 -55.50 16.79 37.54
C TYR I 31 -56.51 17.81 37.03
N GLN I 32 -57.27 18.38 37.97
CA GLN I 32 -58.25 19.42 37.67
C GLN I 32 -58.46 20.22 38.94
N HIS I 33 -58.10 21.50 38.91
CA HIS I 33 -58.09 22.33 40.12
C HIS I 33 -59.02 23.51 39.94
N ARG I 34 -60.16 23.48 40.64
CA ARG I 34 -61.03 24.64 40.68
C ARG I 34 -60.44 25.71 41.60
N PRO I 35 -60.59 26.99 41.24
CA PRO I 35 -60.04 28.06 42.09
C PRO I 35 -60.79 28.21 43.40
N GLY I 36 -60.16 27.81 44.51
CA GLY I 36 -60.76 27.84 45.82
C GLY I 36 -61.13 26.46 46.35
N GLN I 37 -61.43 25.52 45.45
CA GLN I 37 -61.81 24.17 45.84
C GLN I 37 -60.58 23.29 45.92
N ALA I 38 -60.79 21.98 46.05
CA ALA I 38 -59.74 20.98 46.15
C ALA I 38 -59.45 20.34 44.80
N PRO I 39 -58.20 20.04 44.49
CA PRO I 39 -57.88 19.38 43.22
C PRO I 39 -58.31 17.93 43.23
N ILE I 40 -58.79 17.45 42.08
CA ILE I 40 -59.25 16.08 41.93
C ILE I 40 -58.47 15.42 40.80
N LEU I 41 -58.33 14.11 40.90
CA LEU I 41 -57.64 13.32 39.87
C LEU I 41 -58.63 12.90 38.80
N LEU I 42 -58.18 12.90 37.55
CA LEU I 42 -59.01 12.49 36.42
C LEU I 42 -58.49 11.21 35.76
N ILE I 43 -57.24 11.20 35.31
CA ILE I 43 -56.66 10.07 34.61
C ILE I 43 -55.30 9.78 35.23
N TYR I 44 -55.13 8.54 35.72
CA TYR I 44 -53.84 8.06 36.21
C TYR I 44 -53.48 6.78 35.48
N ASN I 45 -52.16 6.57 35.33
CA ASN I 45 -51.55 5.42 34.64
C ASN I 45 -52.00 5.31 33.17
N ASN I 46 -52.37 6.46 32.57
CA ASN I 46 -52.60 6.70 31.15
C ASN I 46 -53.85 6.02 30.58
N GLN I 47 -54.49 5.14 31.34
CA GLN I 47 -55.71 4.48 30.90
C GLN I 47 -56.81 4.48 31.94
N ASP I 48 -56.47 4.36 33.22
CA ASP I 48 -57.44 4.11 34.26
C ASP I 48 -58.16 5.40 34.67
N ARG I 49 -59.14 5.24 35.56
CA ARG I 49 -59.97 6.32 36.04
C ARG I 49 -60.49 5.93 37.42
N PRO I 50 -60.39 6.80 38.42
CA PRO I 50 -60.86 6.47 39.76
C PRO I 50 -62.39 6.55 39.85
N SER I 51 -62.90 6.22 41.03
CA SER I 51 -64.34 6.20 41.27
C SER I 51 -64.88 7.62 41.39
N GLY I 52 -66.13 7.79 40.98
CA GLY I 52 -66.80 9.08 41.02
C GLY I 52 -66.61 9.93 39.79
N ILE I 53 -65.54 9.72 39.04
CA ILE I 53 -65.29 10.50 37.82
C ILE I 53 -66.16 9.95 36.69
N PRO I 54 -66.87 10.81 35.95
CA PRO I 54 -67.65 10.33 34.81
C PRO I 54 -66.76 9.84 33.68
N GLU I 55 -67.35 9.02 32.82
CA GLU I 55 -66.61 8.34 31.75
C GLU I 55 -66.55 9.18 30.47
N ARG I 56 -66.04 10.41 30.59
CA ARG I 56 -65.89 11.29 29.45
C ARG I 56 -64.43 11.68 29.18
N PHE I 57 -63.53 11.46 30.12
CA PHE I 57 -62.12 11.80 29.95
C PHE I 57 -61.37 10.56 29.48
N SER I 58 -60.84 10.60 28.27
CA SER I 58 -60.11 9.48 27.69
C SER I 58 -58.73 9.95 27.27
N GLY I 59 -57.70 9.24 27.71
CA GLY I 59 -56.34 9.55 27.37
C GLY I 59 -55.84 8.79 26.16
N THR I 60 -54.53 8.59 26.11
CA THR I 60 -53.87 7.88 25.01
C THR I 60 -53.03 6.74 25.57
N PRO I 61 -53.03 5.58 24.90
CA PRO I 61 -52.16 4.48 25.34
C PRO I 61 -50.71 4.76 25.01
N ASP I 62 -49.83 3.94 25.59
CA ASP I 62 -48.38 4.13 25.46
C ASP I 62 -47.75 3.13 24.50
N ILE I 63 -48.55 2.27 23.86
CA ILE I 63 -48.00 1.41 22.82
C ILE I 63 -47.73 2.25 21.57
N ASN I 64 -46.74 1.82 20.78
CA ASN I 64 -46.24 2.53 19.60
C ASN I 64 -45.80 3.95 19.95
N PHE I 65 -44.71 4.00 20.74
CA PHE I 65 -44.20 5.23 21.34
C PHE I 65 -43.84 6.28 20.28
N GLY I 66 -44.29 7.50 20.51
CA GLY I 66 -44.15 8.59 19.55
C GLY I 66 -45.41 9.44 19.51
N THR I 67 -46.40 9.06 20.30
CA THR I 67 -47.67 9.77 20.34
C THR I 67 -47.62 10.90 21.37
N ARG I 68 -48.66 11.73 21.34
CA ARG I 68 -48.77 12.89 22.23
C ARG I 68 -49.77 12.59 23.34
N ALA I 69 -49.47 13.08 24.54
CA ALA I 69 -50.36 12.92 25.69
C ALA I 69 -51.41 14.02 25.65
N THR I 70 -52.62 13.67 25.21
CA THR I 70 -53.71 14.62 25.11
C THR I 70 -54.88 14.16 25.95
N LEU I 71 -55.69 15.12 26.41
CA LEU I 71 -56.88 14.85 27.20
C LEU I 71 -58.11 15.20 26.37
N THR I 72 -58.98 14.21 26.18
CA THR I 72 -60.19 14.38 25.38
C THR I 72 -61.38 14.57 26.31
N ILE I 73 -62.13 15.64 26.09
CA ILE I 73 -63.32 15.97 26.89
C ILE I 73 -64.51 15.89 25.95
N SER I 74 -65.23 14.76 25.98
CA SER I 74 -66.42 14.58 25.16
C SER I 74 -67.64 15.03 25.96
N GLY I 75 -68.46 15.88 25.33
CA GLY I 75 -69.62 16.43 26.01
C GLY I 75 -69.24 17.46 27.06
N VAL I 76 -68.69 18.59 26.62
CA VAL I 76 -68.24 19.62 27.54
C VAL I 76 -69.44 20.38 28.09
N GLU I 77 -69.50 20.52 29.42
CA GLU I 77 -70.56 21.27 30.07
C GLU I 77 -70.09 22.70 30.34
N ALA I 78 -70.96 23.49 30.97
CA ALA I 78 -70.71 24.92 31.08
C ALA I 78 -69.73 25.25 32.20
N GLY I 79 -69.73 24.49 33.29
CA GLY I 79 -68.90 24.78 34.44
C GLY I 79 -67.48 24.29 34.36
N ASP I 80 -67.00 23.88 33.18
CA ASP I 80 -65.63 23.39 33.02
C ASP I 80 -64.69 24.60 32.83
N GLU I 81 -64.40 25.27 33.93
CA GLU I 81 -63.51 26.42 33.94
C GLU I 81 -62.22 26.15 34.71
N ALA I 82 -62.07 24.98 35.31
CA ALA I 82 -60.88 24.67 36.09
C ALA I 82 -59.72 24.30 35.17
N ASP I 83 -58.50 24.62 35.62
CA ASP I 83 -57.33 24.29 34.85
C ASP I 83 -56.77 22.92 35.25
N TYR I 84 -56.09 22.30 34.29
CA TYR I 84 -55.54 20.96 34.44
C TYR I 84 -54.03 21.05 34.64
N TYR I 85 -53.39 19.89 34.83
CA TYR I 85 -51.96 19.81 35.07
C TYR I 85 -51.39 18.59 34.38
N CYS I 86 -50.28 18.78 33.67
CA CYS I 86 -49.61 17.70 32.95
C CYS I 86 -48.48 17.17 33.84
N HIS I 87 -48.86 16.41 34.87
CA HIS I 87 -47.90 15.78 35.76
C HIS I 87 -47.24 14.62 35.04
N MET I 88 -45.99 14.82 34.63
CA MET I 88 -45.27 13.90 33.76
C MET I 88 -44.28 13.08 34.58
N TRP I 89 -44.22 11.78 34.33
CA TRP I 89 -43.22 10.89 34.90
C TRP I 89 -42.67 10.01 33.79
N ASP I 90 -41.34 9.92 33.70
CA ASP I 90 -40.67 9.16 32.67
C ASP I 90 -39.48 8.44 33.29
N SER I 91 -38.60 7.92 32.43
CA SER I 91 -37.44 7.15 32.88
C SER I 91 -36.14 7.95 32.82
N ARG I 92 -35.94 8.75 31.77
CA ARG I 92 -34.67 9.41 31.57
C ARG I 92 -34.52 10.65 32.46
N SER I 93 -35.57 11.45 32.60
CA SER I 93 -35.48 12.68 33.37
C SER I 93 -35.51 12.44 34.88
N GLY I 94 -35.85 11.23 35.33
CA GLY I 94 -35.79 10.94 36.75
C GLY I 94 -37.02 11.42 37.50
N PHE I 95 -36.80 11.78 38.77
CA PHE I 95 -37.87 12.21 39.65
C PHE I 95 -38.29 13.64 39.30
N SER I 96 -39.46 13.78 38.70
CA SER I 96 -39.99 15.10 38.37
C SER I 96 -40.69 15.69 39.59
N TRP I 97 -40.34 16.93 39.92
CA TRP I 97 -40.89 17.62 41.09
C TRP I 97 -41.97 18.65 40.71
N SER I 98 -41.71 19.47 39.71
CA SER I 98 -42.67 20.48 39.30
C SER I 98 -43.82 19.86 38.52
N PHE I 99 -44.98 20.52 38.57
CA PHE I 99 -46.17 20.02 37.91
C PHE I 99 -46.15 20.35 36.42
N GLY I 100 -46.09 21.64 36.10
CA GLY I 100 -46.06 22.09 34.73
C GLY I 100 -46.97 23.27 34.54
N GLY I 101 -47.12 23.69 33.28
CA GLY I 101 -47.98 24.83 32.97
C GLY I 101 -49.44 24.44 33.01
N ALA I 102 -50.23 25.22 33.75
CA ALA I 102 -51.66 24.96 33.90
C ALA I 102 -52.39 25.52 32.69
N THR I 103 -53.01 24.65 31.90
CA THR I 103 -53.76 25.05 30.72
C THR I 103 -55.13 25.56 31.17
N ARG I 104 -55.35 26.86 31.04
CA ARG I 104 -56.61 27.47 31.45
C ARG I 104 -57.66 27.27 30.36
N LEU I 105 -58.64 26.41 30.64
CA LEU I 105 -59.68 26.09 29.67
C LEU I 105 -60.88 27.02 29.87
N THR I 106 -61.32 27.67 28.80
CA THR I 106 -62.47 28.57 28.82
C THR I 106 -63.49 28.07 27.82
N VAL I 107 -64.68 27.72 28.31
CA VAL I 107 -65.79 27.28 27.47
C VAL I 107 -66.90 28.33 27.57
N LEU I 108 -67.50 28.66 26.43
CA LEU I 108 -68.57 29.64 26.36
C LEU I 108 -69.93 28.95 26.43
N GLY I 109 -70.89 29.64 27.04
CA GLY I 109 -72.22 29.09 27.18
C GLY I 109 -73.17 30.00 27.96
N GLY J 21 15.18 -13.73 23.16
CA GLY J 21 16.46 -14.20 23.68
C GLY J 21 16.52 -14.21 25.19
N ARG J 22 15.97 -13.16 25.81
CA ARG J 22 15.95 -13.05 27.26
C ARG J 22 14.77 -12.19 27.68
N LEU J 23 14.17 -12.55 28.80
CA LEU J 23 13.06 -11.80 29.38
C LEU J 23 13.56 -10.97 30.54
N PHE J 24 12.95 -9.81 30.73
CA PHE J 24 13.38 -8.86 31.75
C PHE J 24 12.29 -8.65 32.80
N GLN J 25 12.72 -8.37 34.03
CA GLN J 25 11.82 -8.06 35.12
C GLN J 25 12.58 -7.22 36.15
N SER J 26 11.88 -6.26 36.74
CA SER J 26 12.49 -5.34 37.69
C SER J 26 11.86 -5.50 39.07
N GLY J 27 12.63 -5.12 40.10
CA GLY J 27 12.10 -5.09 41.45
C GLY J 27 12.99 -5.75 42.48
N THR J 28 13.34 -4.99 43.52
CA THR J 28 14.03 -5.50 44.70
C THR J 28 13.35 -4.91 45.94
N GLU J 29 12.02 -5.03 45.98
CA GLU J 29 11.22 -4.34 46.98
C GLU J 29 11.18 -5.12 48.30
N VAL J 30 11.19 -4.38 49.39
CA VAL J 30 10.96 -4.93 50.72
C VAL J 30 9.47 -4.80 51.02
N LYS J 31 8.94 -5.75 51.79
CA LYS J 31 7.51 -5.83 52.04
C LYS J 31 7.25 -6.05 53.52
N ARG J 32 5.99 -5.81 53.91
CA ARG J 32 5.49 -5.97 55.26
C ARG J 32 4.38 -7.01 55.26
N PRO J 33 4.16 -7.71 56.38
CA PRO J 33 3.05 -8.68 56.44
C PRO J 33 1.70 -7.97 56.42
N GLY J 34 0.81 -8.46 55.56
CA GLY J 34 -0.49 -7.88 55.37
C GLY J 34 -0.64 -7.01 54.13
N ALA J 35 0.43 -6.78 53.39
CA ALA J 35 0.40 -5.97 52.19
C ALA J 35 0.41 -6.86 50.95
N SER J 36 0.51 -6.23 49.78
CA SER J 36 0.54 -6.92 48.51
C SER J 36 1.75 -6.49 47.71
N VAL J 37 2.20 -7.36 46.80
CA VAL J 37 3.34 -7.11 45.95
C VAL J 37 2.87 -7.11 44.50
N LYS J 38 3.62 -6.42 43.63
CA LYS J 38 3.30 -6.35 42.21
C LYS J 38 4.60 -6.50 41.44
N ILE J 39 4.77 -7.65 40.78
CA ILE J 39 5.97 -7.96 40.02
C ILE J 39 5.59 -8.08 38.55
N SER J 40 6.30 -7.34 37.70
CA SER J 40 6.02 -7.31 36.27
C SER J 40 7.13 -8.02 35.50
N CYS J 41 6.72 -8.88 34.56
CA CYS J 41 7.63 -9.58 33.67
C CYS J 41 7.41 -9.08 32.25
N ARG J 42 8.44 -8.50 31.65
CA ARG J 42 8.31 -7.89 30.33
C ARG J 42 9.65 -7.94 29.60
N ALA J 43 9.72 -8.73 28.54
CA ALA J 43 10.85 -8.66 27.65
C ALA J 43 10.74 -7.42 26.76
N ASP J 44 11.86 -7.07 26.11
CA ASP J 44 11.98 -5.90 25.22
C ASP J 44 11.64 -4.61 25.96
N ASP J 45 12.58 -4.22 26.84
CA ASP J 45 12.43 -3.15 27.84
C ASP J 45 11.86 -1.83 27.32
N ASP J 46 12.01 -1.52 26.04
CA ASP J 46 11.38 -0.32 25.49
C ASP J 46 9.85 -0.49 25.48
N PRO J 47 9.11 0.48 26.02
CA PRO J 47 7.65 0.29 26.13
C PRO J 47 6.91 0.42 24.81
N TYR J 48 7.44 1.20 23.87
CA TYR J 48 6.75 1.46 22.60
C TYR J 48 7.30 0.54 21.51
N THR J 49 6.95 -0.74 21.62
CA THR J 49 7.40 -1.74 20.66
C THR J 49 6.39 -2.87 20.59
N ASP J 50 6.60 -3.75 19.61
CA ASP J 50 5.87 -5.01 19.49
C ASP J 50 6.91 -6.12 19.29
N ASP J 51 6.69 -7.25 19.97
CA ASP J 51 7.67 -8.33 19.97
C ASP J 51 7.08 -9.70 19.66
N ASP J 52 5.75 -9.79 19.50
CA ASP J 52 5.00 -11.04 19.33
C ASP J 52 5.27 -12.00 20.49
N THR J 53 5.36 -11.44 21.69
CA THR J 53 5.56 -12.19 22.92
C THR J 53 4.33 -12.02 23.79
N PHE J 54 4.03 -13.07 24.58
CA PHE J 54 2.79 -13.20 25.37
C PHE J 54 1.54 -13.11 24.48
N THR J 55 1.65 -13.60 23.26
CA THR J 55 0.58 -13.68 22.26
C THR J 55 0.37 -15.10 21.77
N LYS J 56 1.44 -15.88 21.62
CA LYS J 56 1.35 -17.30 21.28
C LYS J 56 2.30 -18.13 22.14
N TYR J 57 2.63 -17.62 23.33
CA TYR J 57 3.52 -18.32 24.24
C TYR J 57 3.00 -18.19 25.66
N TYR J 58 2.71 -19.33 26.30
CA TYR J 58 2.31 -19.40 27.70
C TYR J 58 3.43 -18.88 28.61
N THR J 59 3.04 -18.33 29.75
CA THR J 59 4.01 -17.77 30.70
C THR J 59 3.80 -18.41 32.07
N HIS J 60 4.80 -19.17 32.51
CA HIS J 60 4.78 -19.75 33.85
C HIS J 60 5.45 -18.83 34.86
N TRP J 61 4.99 -18.89 36.11
CA TRP J 61 5.62 -18.21 37.22
C TRP J 61 6.09 -19.24 38.22
N ILE J 62 7.35 -19.15 38.63
CA ILE J 62 7.96 -20.15 39.51
C ILE J 62 8.71 -19.44 40.63
N ARG J 63 8.40 -19.81 41.87
CA ARG J 63 9.05 -19.25 43.06
C ARG J 63 9.95 -20.32 43.67
N GLN J 64 11.21 -19.95 43.92
CA GLN J 64 12.18 -20.82 44.56
C GLN J 64 12.55 -20.23 45.91
N ALA J 65 12.34 -21.00 46.97
CA ALA J 65 12.77 -20.57 48.29
C ALA J 65 14.22 -21.00 48.53
N PRO J 66 15.00 -20.21 49.28
CA PRO J 66 16.38 -20.59 49.58
C PRO J 66 16.42 -21.79 50.51
N GLY J 67 17.15 -22.83 50.10
CA GLY J 67 17.19 -24.08 50.83
C GLY J 67 16.00 -24.98 50.60
N GLN J 68 15.18 -24.70 49.60
CA GLN J 68 13.98 -25.46 49.29
C GLN J 68 13.89 -25.65 47.78
N PRO J 69 13.25 -26.73 47.32
CA PRO J 69 13.07 -26.90 45.88
C PRO J 69 12.05 -25.90 45.34
N PRO J 70 12.18 -25.49 44.08
CA PRO J 70 11.22 -24.55 43.51
C PRO J 70 9.90 -25.24 43.20
N GLU J 71 8.80 -24.57 43.53
CA GLU J 71 7.46 -25.08 43.31
C GLU J 71 6.69 -24.20 42.33
N TRP J 72 5.63 -24.75 41.77
CA TRP J 72 4.81 -24.06 40.79
C TRP J 72 3.91 -23.04 41.47
N LEU J 73 3.61 -21.97 40.73
CA LEU J 73 2.82 -20.87 41.29
C LEU J 73 1.60 -20.58 40.43
N GLY J 74 1.72 -20.74 39.12
CA GLY J 74 0.63 -20.47 38.20
C GLY J 74 1.09 -20.11 36.80
N VAL J 75 0.24 -20.42 35.82
CA VAL J 75 0.55 -20.13 34.42
C VAL J 75 -0.51 -19.18 33.89
N ILE J 76 -0.14 -18.38 32.90
CA ILE J 76 -1.08 -17.53 32.18
C ILE J 76 -0.99 -17.86 30.69
N SER J 77 -2.15 -18.10 30.07
CA SER J 77 -2.28 -18.45 28.67
C SER J 77 -2.14 -17.21 27.79
N PRO J 78 -1.59 -17.34 26.59
CA PRO J 78 -1.39 -16.17 25.73
C PRO J 78 -2.56 -15.84 24.83
N HIS J 79 -3.65 -16.60 24.90
CA HIS J 79 -4.78 -16.35 23.98
C HIS J 79 -5.53 -15.08 24.38
N PHE J 80 -6.16 -15.08 25.55
CA PHE J 80 -6.75 -13.87 26.11
C PHE J 80 -6.51 -13.81 27.61
N ALA J 81 -5.27 -14.12 28.03
CA ALA J 81 -4.77 -13.96 29.40
C ALA J 81 -5.60 -14.73 30.43
N ARG J 82 -6.07 -15.92 30.08
CA ARG J 82 -6.81 -16.75 31.03
C ARG J 82 -5.82 -17.51 31.90
N PRO J 83 -5.81 -17.29 33.22
CA PRO J 83 -4.81 -17.93 34.07
C PRO J 83 -5.27 -19.26 34.65
N ILE J 84 -4.29 -20.13 34.88
CA ILE J 84 -4.49 -21.39 35.56
C ILE J 84 -3.67 -21.36 36.84
N TYR J 85 -4.34 -21.47 37.97
CA TYR J 85 -3.71 -21.40 39.29
C TYR J 85 -3.43 -22.80 39.82
N SER J 86 -2.94 -22.84 41.05
CA SER J 86 -2.79 -24.07 41.82
C SER J 86 -3.80 -24.12 42.95
N TYR J 87 -3.89 -25.28 43.60
CA TYR J 87 -4.83 -25.42 44.69
C TYR J 87 -4.34 -24.71 45.95
N LYS J 88 -3.02 -24.56 46.09
CA LYS J 88 -2.49 -23.87 47.26
C LYS J 88 -2.66 -22.36 47.14
N PHE J 89 -2.43 -21.81 45.95
CA PHE J 89 -2.52 -20.38 45.72
C PHE J 89 -3.82 -19.96 45.05
N ARG J 90 -4.90 -20.73 45.23
CA ARG J 90 -6.17 -20.36 44.62
C ARG J 90 -6.81 -19.19 45.35
N ASP J 91 -6.63 -19.13 46.67
CA ASP J 91 -7.36 -18.15 47.47
C ASP J 91 -6.80 -16.74 47.31
N ARG J 92 -5.47 -16.60 47.19
CA ARG J 92 -4.85 -15.27 47.07
C ARG J 92 -3.90 -15.22 45.87
N LEU J 93 -4.47 -14.93 44.69
CA LEU J 93 -3.69 -14.74 43.47
C LEU J 93 -4.51 -14.03 42.40
N THR J 94 -3.94 -12.97 41.81
CA THR J 94 -4.54 -12.28 40.68
C THR J 94 -3.44 -11.83 39.74
N LEU J 95 -3.46 -12.33 38.51
CA LEU J 95 -2.46 -11.95 37.52
C LEU J 95 -3.11 -11.86 36.14
N THR J 96 -2.74 -10.82 35.41
CA THR J 96 -3.27 -10.54 34.08
C THR J 96 -2.30 -9.59 33.38
N ARG J 97 -2.72 -9.09 32.22
CA ARG J 97 -1.95 -8.10 31.47
C ARG J 97 -2.79 -6.86 31.25
N ASP J 98 -2.13 -5.79 30.80
CA ASP J 98 -2.77 -4.51 30.57
C ASP J 98 -3.38 -4.47 29.17
N SER J 99 -3.74 -3.27 28.71
CA SER J 99 -4.35 -3.12 27.39
C SER J 99 -3.35 -3.39 26.27
N SER J 100 -2.09 -3.03 26.48
CA SER J 100 -1.05 -3.39 25.53
C SER J 100 -0.73 -4.88 25.65
N LEU J 101 -0.21 -5.46 24.56
CA LEU J 101 0.06 -6.89 24.53
C LEU J 101 1.50 -7.21 24.95
N THR J 102 1.91 -6.61 26.08
CA THR J 102 3.19 -6.88 26.73
C THR J 102 2.96 -6.80 28.23
N ALA J 103 4.03 -7.09 28.99
CA ALA J 103 4.13 -6.83 30.44
C ALA J 103 3.04 -7.53 31.25
N VAL J 104 3.09 -8.86 31.26
CA VAL J 104 2.18 -9.65 32.08
C VAL J 104 2.52 -9.42 33.55
N TYR J 105 1.50 -9.06 34.33
CA TYR J 105 1.71 -8.66 35.72
C TYR J 105 1.51 -9.85 36.65
N PHE J 106 1.78 -9.62 37.94
CA PHE J 106 1.63 -10.64 38.97
C PHE J 106 1.41 -9.94 40.30
N GLU J 107 0.24 -10.14 40.89
CA GLU J 107 -0.14 -9.50 42.15
C GLU J 107 -0.43 -10.58 43.18
N LEU J 108 0.22 -10.49 44.33
CA LEU J 108 0.10 -11.49 45.39
C LEU J 108 -0.33 -10.79 46.67
N ARG J 109 -1.59 -10.97 47.05
CA ARG J 109 -2.10 -10.43 48.29
C ARG J 109 -1.99 -11.46 49.40
N GLY J 110 -2.14 -10.99 50.64
CA GLY J 110 -2.05 -11.86 51.80
C GLY J 110 -0.66 -12.41 52.04
N LEU J 111 0.27 -11.54 52.42
CA LEU J 111 1.67 -11.92 52.55
C LEU J 111 1.89 -12.80 53.78
N GLN J 112 3.09 -13.37 53.84
CA GLN J 112 3.43 -14.41 54.81
C GLN J 112 4.94 -14.43 54.95
N PRO J 113 5.48 -14.82 56.12
CA PRO J 113 6.93 -15.02 56.22
C PRO J 113 7.41 -16.39 55.73
N ASP J 114 6.58 -17.09 54.96
CA ASP J 114 6.95 -18.41 54.45
C ASP J 114 7.36 -18.40 52.98
N ASP J 115 6.80 -17.50 52.17
CA ASP J 115 7.09 -17.48 50.73
C ASP J 115 8.22 -16.52 50.36
N THR J 116 9.17 -16.31 51.26
CA THR J 116 10.32 -15.46 50.96
C THR J 116 11.29 -16.21 50.07
N GLY J 117 11.54 -15.69 48.88
CA GLY J 117 12.45 -16.34 47.96
C GLY J 117 12.60 -15.54 46.69
N ILE J 118 13.06 -16.22 45.64
CA ILE J 118 13.27 -15.60 44.34
C ILE J 118 12.16 -16.05 43.40
N TYR J 119 11.87 -15.19 42.42
CA TYR J 119 10.77 -15.38 41.49
C TYR J 119 11.29 -15.33 40.06
N PHE J 120 10.70 -16.16 39.20
CA PHE J 120 11.08 -16.26 37.80
C PHE J 120 9.83 -16.36 36.94
N CYS J 121 9.91 -15.79 35.74
CA CYS J 121 8.90 -15.97 34.70
C CYS J 121 9.53 -16.69 33.51
N ALA J 122 8.84 -17.70 33.01
CA ALA J 122 9.40 -18.56 31.98
C ALA J 122 8.43 -18.65 30.81
N ARG J 123 8.99 -18.68 29.59
CA ARG J 123 8.19 -18.78 28.38
C ARG J 123 8.11 -20.23 27.92
N ASP J 124 6.89 -20.73 27.72
CA ASP J 124 6.65 -22.13 27.41
C ASP J 124 5.55 -22.16 26.34
N PRO J 125 5.80 -22.80 25.19
CA PRO J 125 4.72 -22.96 24.20
C PRO J 125 3.58 -23.83 24.68
N PHE J 126 3.87 -24.83 25.52
CA PHE J 126 2.89 -25.72 26.16
C PHE J 126 2.06 -26.49 25.14
N GLY J 127 2.70 -26.91 24.05
CA GLY J 127 2.04 -27.72 23.05
C GLY J 127 1.00 -27.00 22.21
N ASP J 128 1.27 -25.75 21.84
CA ASP J 128 0.36 -24.98 21.00
C ASP J 128 0.99 -24.51 19.70
N MET J 129 2.29 -24.69 19.52
CA MET J 129 2.94 -24.27 18.28
C MET J 129 2.77 -25.33 17.20
N TYR J 130 3.16 -24.96 15.98
CA TYR J 130 3.05 -25.85 14.82
C TYR J 130 4.15 -26.91 14.72
N PRO J 131 5.45 -26.64 14.95
CA PRO J 131 6.40 -27.76 14.86
C PRO J 131 6.38 -28.64 16.12
N HIS J 132 5.89 -29.87 15.94
CA HIS J 132 6.16 -31.04 16.79
C HIS J 132 5.48 -31.02 18.17
N TYR J 133 4.86 -29.90 18.54
CA TYR J 133 4.12 -29.71 19.81
C TYR J 133 4.99 -30.03 21.03
N ASN J 134 6.06 -29.24 21.19
CA ASN J 134 7.03 -29.51 22.23
C ASN J 134 6.55 -29.00 23.59
N TYR J 135 7.26 -29.42 24.64
CA TYR J 135 6.95 -29.07 26.03
C TYR J 135 8.25 -28.65 26.70
N HIS J 136 8.55 -27.36 26.68
CA HIS J 136 9.82 -26.88 27.22
C HIS J 136 9.73 -25.41 27.59
N MET J 137 10.48 -25.00 28.60
CA MET J 137 10.64 -23.60 28.95
C MET J 137 11.97 -23.13 28.38
N ASP J 138 11.90 -22.58 27.16
CA ASP J 138 13.11 -22.26 26.42
C ASP J 138 13.84 -21.02 26.96
N VAL J 139 13.16 -20.14 27.68
CA VAL J 139 13.82 -18.98 28.25
C VAL J 139 13.18 -18.66 29.60
N TRP J 140 14.04 -18.40 30.58
CA TRP J 140 13.67 -17.89 31.90
C TRP J 140 14.16 -16.46 32.00
N GLY J 141 13.42 -15.62 32.71
CA GLY J 141 13.75 -14.22 32.71
C GLY J 141 14.17 -13.64 34.04
N GLY J 142 15.46 -13.33 34.17
CA GLY J 142 16.00 -12.63 35.32
C GLY J 142 15.85 -13.36 36.65
N GLY J 143 14.94 -12.86 37.46
CA GLY J 143 14.69 -13.40 38.78
C GLY J 143 14.77 -12.32 39.84
N THR J 144 13.69 -12.12 40.59
CA THR J 144 13.64 -11.07 41.58
C THR J 144 13.56 -11.66 42.97
N THR J 145 13.74 -10.81 43.99
CA THR J 145 13.69 -11.25 45.37
C THR J 145 12.80 -10.30 46.17
N VAL J 146 12.05 -10.88 47.11
CA VAL J 146 11.23 -10.12 48.06
C VAL J 146 11.48 -10.68 49.45
N ILE J 147 11.52 -9.78 50.43
CA ILE J 147 11.76 -10.16 51.82
C ILE J 147 10.75 -9.46 52.71
N VAL J 148 10.35 -10.14 53.77
CA VAL J 148 9.40 -9.60 54.74
C VAL J 148 10.03 -9.66 56.13
N SER J 149 9.75 -8.64 56.94
CA SER J 149 10.30 -8.55 58.28
C SER J 149 9.33 -7.75 59.14
N SER J 150 9.77 -7.36 60.33
CA SER J 150 8.96 -6.57 61.24
C SER J 150 8.92 -5.11 60.81
N GLU K 20 -1.34 -36.03 42.88
CA GLU K 20 -0.09 -35.30 42.70
C GLU K 20 1.10 -36.24 42.66
N ILE K 21 1.53 -36.60 41.45
CA ILE K 21 2.67 -37.48 41.27
C ILE K 21 3.95 -36.70 41.55
N VAL K 22 4.70 -37.12 42.56
CA VAL K 22 5.92 -36.44 42.95
C VAL K 22 7.10 -37.16 42.30
N LEU K 23 8.24 -36.46 42.27
CA LEU K 23 9.46 -36.98 41.67
C LEU K 23 10.55 -37.05 42.73
N THR K 24 11.39 -38.08 42.65
CA THR K 24 12.44 -38.30 43.63
C THR K 24 13.78 -38.47 42.92
N GLN K 25 14.84 -38.01 43.58
CA GLN K 25 16.21 -38.13 43.08
C GLN K 25 17.10 -38.63 44.21
N SER K 26 17.67 -39.81 44.03
CA SER K 26 18.55 -40.39 45.05
C SER K 26 19.98 -39.84 45.04
N PRO K 27 20.67 -39.57 43.88
CA PRO K 27 22.00 -38.95 44.09
C PRO K 27 21.92 -37.43 44.30
N ALA K 28 21.62 -37.05 45.55
CA ALA K 28 21.47 -35.63 45.86
C ALA K 28 22.82 -34.93 45.96
N ILE K 29 23.86 -35.63 46.39
CA ILE K 29 25.21 -35.08 46.50
C ILE K 29 26.11 -35.90 45.58
N LEU K 30 26.69 -35.25 44.58
CA LEU K 30 27.58 -35.91 43.63
C LEU K 30 28.80 -35.05 43.41
N SER K 31 29.97 -35.67 43.44
CA SER K 31 31.24 -34.99 43.21
C SER K 31 32.00 -35.73 42.11
N VAL K 32 32.64 -34.95 41.22
CA VAL K 32 33.35 -35.52 40.09
C VAL K 32 34.46 -34.56 39.67
N SER K 33 35.43 -35.10 38.91
CA SER K 33 36.58 -34.47 38.27
C SER K 33 36.23 -34.06 36.85
N PRO K 34 36.88 -33.02 36.30
CA PRO K 34 36.59 -32.62 34.92
C PRO K 34 37.14 -33.60 33.89
N GLY K 35 36.24 -34.26 33.14
CA GLY K 35 36.67 -35.12 32.06
C GLY K 35 36.19 -36.56 32.12
N ASP K 36 35.07 -36.82 32.79
CA ASP K 36 34.49 -38.16 32.84
C ASP K 36 33.00 -38.07 32.54
N ARG K 37 32.33 -39.22 32.67
CA ARG K 37 30.89 -39.31 32.48
C ARG K 37 30.19 -39.44 33.82
N VAL K 38 29.07 -38.73 33.98
CA VAL K 38 28.27 -38.78 35.19
C VAL K 38 26.88 -39.26 34.86
N ILE K 39 26.24 -39.91 35.83
CA ILE K 39 24.90 -40.46 35.68
C ILE K 39 24.01 -39.74 36.67
N LEU K 40 23.06 -38.96 36.16
CA LEU K 40 22.11 -38.24 37.01
C LEU K 40 20.76 -38.96 36.86
N SER K 41 20.45 -39.83 37.82
CA SER K 41 19.25 -40.65 37.76
C SER K 41 18.13 -40.00 38.55
N CYS K 42 16.90 -40.20 38.07
CA CYS K 42 15.71 -39.69 38.74
C CYS K 42 14.61 -40.73 38.66
N LYS K 43 13.89 -40.87 39.77
CA LYS K 43 12.82 -41.86 39.91
C LYS K 43 11.47 -41.16 39.94
N ALA K 44 10.47 -41.81 39.37
CA ALA K 44 9.09 -41.33 39.37
C ALA K 44 8.25 -42.15 40.32
N SER K 45 7.08 -41.61 40.68
CA SER K 45 6.21 -42.28 41.63
C SER K 45 5.48 -43.45 40.98
N GLU K 46 4.58 -43.17 40.04
CA GLU K 46 3.80 -44.21 39.38
C GLU K 46 3.45 -43.72 37.98
N GLY K 47 4.21 -44.17 36.98
CA GLY K 47 3.83 -43.99 35.60
C GLY K 47 4.15 -42.64 34.99
N LEU K 48 4.72 -42.64 33.79
CA LEU K 48 4.92 -41.44 33.00
C LEU K 48 4.81 -41.80 31.53
N SER K 49 4.64 -40.78 30.69
CA SER K 49 4.42 -40.97 29.26
C SER K 49 5.70 -40.85 28.45
N SER K 50 6.86 -40.68 29.11
CA SER K 50 8.19 -40.58 28.50
C SER K 50 8.33 -39.42 27.52
N SER K 51 7.46 -38.41 27.61
CA SER K 51 7.58 -37.21 26.80
C SER K 51 7.31 -35.93 27.57
N ASP K 52 6.94 -36.03 28.85
CA ASP K 52 6.65 -34.87 29.69
C ASP K 52 7.73 -34.81 30.76
N LEU K 53 8.85 -34.17 30.43
CA LEU K 53 9.99 -34.07 31.33
C LEU K 53 10.87 -32.91 30.88
N ALA K 54 11.32 -32.11 31.84
CA ALA K 54 12.23 -31.01 31.54
C ALA K 54 13.34 -30.98 32.59
N TRP K 55 14.57 -30.84 32.10
CA TRP K 55 15.75 -30.75 32.94
C TRP K 55 16.32 -29.34 32.86
N TYR K 56 16.79 -28.83 34.00
CA TYR K 56 17.27 -27.46 34.10
C TYR K 56 18.68 -27.44 34.66
N ARG K 57 19.27 -26.25 34.66
CA ARG K 57 20.63 -26.01 35.17
C ARG K 57 20.58 -24.75 36.01
N PHE K 58 20.42 -24.89 37.32
CA PHE K 58 20.32 -23.76 38.23
C PHE K 58 21.67 -23.46 38.86
N LYS K 59 21.83 -22.20 39.25
CA LYS K 59 23.01 -21.74 39.97
C LYS K 59 22.62 -20.52 40.78
N GLY K 60 23.44 -20.20 41.78
CA GLY K 60 23.17 -19.09 42.66
C GLY K 60 23.34 -17.72 42.00
N GLY K 61 22.22 -17.05 41.75
CA GLY K 61 22.25 -15.71 41.17
C GLY K 61 22.64 -15.70 39.70
N GLN K 62 22.03 -16.57 38.91
CA GLN K 62 22.32 -16.65 37.48
C GLN K 62 21.00 -16.87 36.74
N ILE K 63 21.11 -17.19 35.45
CA ILE K 63 19.94 -17.41 34.59
C ILE K 63 19.78 -18.92 34.43
N PRO K 64 18.69 -19.51 34.94
CA PRO K 64 18.49 -20.96 34.77
C PRO K 64 18.10 -21.32 33.35
N THR K 65 18.96 -22.08 32.68
CA THR K 65 18.75 -22.46 31.28
C THR K 65 18.28 -23.92 31.17
N LEU K 66 17.70 -24.23 30.03
CA LEU K 66 17.23 -25.57 29.72
C LEU K 66 18.29 -26.33 28.94
N VAL K 67 18.32 -27.66 29.11
CA VAL K 67 19.36 -28.47 28.51
C VAL K 67 18.81 -29.53 27.56
N ILE K 68 17.57 -29.99 27.77
CA ILE K 68 17.03 -31.10 27.01
C ILE K 68 15.52 -31.01 26.96
N PHE K 69 14.93 -31.53 25.87
CA PHE K 69 13.49 -31.71 25.75
C PHE K 69 13.13 -33.16 26.05
N GLY K 70 12.03 -33.33 26.79
CA GLY K 70 11.33 -34.61 26.94
C GLY K 70 12.15 -35.81 27.38
N ALA K 71 12.33 -36.76 26.46
CA ALA K 71 13.20 -37.91 26.70
C ALA K 71 14.62 -37.66 26.20
N SER K 72 14.78 -37.43 24.89
CA SER K 72 16.09 -37.15 24.33
C SER K 72 15.91 -36.26 23.09
N ASN K 73 15.95 -34.94 23.32
CA ASN K 73 15.92 -33.94 22.26
C ASN K 73 16.63 -32.69 22.78
N ARG K 74 17.68 -32.27 22.08
CA ARG K 74 18.49 -31.15 22.56
C ARG K 74 17.84 -29.82 22.22
N ALA K 75 18.24 -28.79 22.96
CA ALA K 75 17.71 -27.44 22.78
C ALA K 75 18.59 -26.66 21.82
N ARG K 76 18.38 -25.34 21.75
CA ARG K 76 19.16 -24.50 20.85
C ARG K 76 20.58 -24.29 21.38
N GLY K 77 20.69 -23.72 22.58
CA GLY K 77 21.99 -23.48 23.19
C GLY K 77 22.49 -24.65 23.98
N THR K 78 22.74 -25.78 23.31
CA THR K 78 23.17 -27.01 23.95
C THR K 78 24.27 -27.63 23.09
N PRO K 79 25.41 -27.98 23.67
CA PRO K 79 26.50 -28.59 22.90
C PRO K 79 26.21 -30.06 22.61
N ASP K 80 27.18 -30.70 21.96
CA ASP K 80 27.03 -32.10 21.55
C ASP K 80 27.23 -33.08 22.69
N ARG K 81 27.78 -32.63 23.82
CA ARG K 81 28.11 -33.53 24.92
C ARG K 81 26.93 -33.82 25.84
N PHE K 82 25.83 -33.09 25.72
CA PHE K 82 24.68 -33.29 26.59
C PHE K 82 23.71 -34.27 25.94
N SER K 83 23.41 -35.35 26.66
CA SER K 83 22.47 -36.36 26.17
C SER K 83 21.84 -37.05 27.38
N GLY K 84 21.01 -38.05 27.09
CA GLY K 84 20.34 -38.79 28.14
C GLY K 84 18.99 -39.32 27.69
N SER K 85 18.62 -40.51 28.15
CA SER K 85 17.37 -41.15 27.76
C SER K 85 16.71 -41.74 29.00
N GLY K 86 15.67 -42.52 28.78
CA GLY K 86 14.92 -43.16 29.85
C GLY K 86 13.45 -43.21 29.53
N SER K 87 12.75 -44.13 30.19
CA SER K 87 11.32 -44.32 30.00
C SER K 87 10.73 -44.93 31.26
N GLY K 88 9.40 -44.91 31.33
CA GLY K 88 8.69 -45.47 32.47
C GLY K 88 8.79 -44.62 33.71
N THR K 89 9.51 -45.10 34.72
CA THR K 89 9.64 -44.39 35.99
C THR K 89 11.09 -44.02 36.32
N ASP K 90 12.04 -44.35 35.44
CA ASP K 90 13.45 -44.04 35.67
C ASP K 90 13.98 -43.24 34.50
N PHE K 91 14.59 -42.09 34.78
CA PHE K 91 15.11 -41.22 33.73
C PHE K 91 16.53 -40.79 34.09
N THR K 92 17.46 -40.99 33.15
CA THR K 92 18.87 -40.74 33.38
C THR K 92 19.37 -39.61 32.49
N LEU K 93 20.23 -38.76 33.04
CA LEU K 93 20.94 -37.72 32.32
C LEU K 93 22.41 -38.15 32.24
N THR K 94 22.94 -38.20 31.02
CA THR K 94 24.29 -38.68 30.77
C THR K 94 25.11 -37.56 30.13
N ILE K 95 25.95 -36.91 30.93
CA ILE K 95 26.87 -35.90 30.41
C ILE K 95 28.13 -36.60 29.94
N ASN K 96 28.62 -36.20 28.76
CA ASN K 96 29.79 -36.86 28.18
C ASN K 96 31.07 -36.45 28.89
N ARG K 97 31.31 -35.15 29.01
CA ARG K 97 32.49 -34.62 29.67
C ARG K 97 32.08 -33.53 30.65
N VAL K 98 32.90 -33.34 31.68
CA VAL K 98 32.63 -32.38 32.73
C VAL K 98 33.52 -31.16 32.51
N GLU K 99 32.90 -29.99 32.47
CA GLU K 99 33.56 -28.71 32.25
C GLU K 99 33.54 -27.86 33.51
N PRO K 100 34.46 -26.90 33.67
CA PRO K 100 34.38 -25.98 34.82
C PRO K 100 33.18 -25.04 34.76
N GLU K 101 32.55 -24.86 33.60
CA GLU K 101 31.33 -24.07 33.48
C GLU K 101 30.08 -24.91 33.66
N ASP K 102 30.20 -26.12 34.22
CA ASP K 102 29.06 -26.99 34.43
C ASP K 102 28.86 -27.39 35.88
N PHE K 103 29.68 -26.89 36.79
CA PHE K 103 29.55 -27.20 38.23
C PHE K 103 28.42 -26.35 38.80
N ALA K 104 27.20 -26.82 38.59
CA ALA K 104 25.99 -26.12 39.01
C ALA K 104 24.92 -27.16 39.32
N THR K 105 23.90 -26.75 40.06
CA THR K 105 22.91 -27.73 40.49
C THR K 105 21.90 -28.00 39.40
N TYR K 106 21.27 -29.18 39.46
CA TYR K 106 20.35 -29.63 38.43
C TYR K 106 19.00 -29.94 39.03
N TYR K 107 17.95 -29.61 38.28
CA TYR K 107 16.58 -29.89 38.69
C TYR K 107 15.82 -30.52 37.53
N CYS K 108 14.72 -31.18 37.86
CA CYS K 108 13.86 -31.79 36.85
C CYS K 108 12.42 -31.54 37.23
N GLN K 109 11.55 -31.49 36.21
CA GLN K 109 10.14 -31.26 36.42
C GLN K 109 9.34 -32.07 35.40
N ARG K 110 8.13 -32.45 35.81
CA ARG K 110 7.20 -33.15 34.94
C ARG K 110 6.18 -32.18 34.38
N TYR K 111 5.37 -32.66 33.44
CA TYR K 111 4.31 -31.88 32.83
C TYR K 111 3.01 -32.66 32.90
N GLY K 112 1.95 -32.07 32.37
CA GLY K 112 0.64 -32.70 32.41
C GLY K 112 -0.36 -31.90 33.21
N GLY K 113 -0.98 -32.53 34.21
CA GLY K 113 -1.96 -31.85 35.01
C GLY K 113 -1.35 -30.92 36.03
N THR K 114 -2.08 -29.84 36.34
CA THR K 114 -1.63 -28.89 37.35
C THR K 114 -1.86 -29.47 38.74
N PRO K 115 -0.92 -29.29 39.67
CA PRO K 115 0.36 -28.56 39.54
C PRO K 115 1.49 -29.39 38.95
N ILE K 116 2.54 -28.72 38.49
CA ILE K 116 3.71 -29.37 37.93
C ILE K 116 4.84 -29.21 38.97
N THR K 117 4.97 -30.23 39.81
CA THR K 117 5.99 -30.21 40.85
C THR K 117 7.37 -30.50 40.26
N PHE K 118 8.40 -30.13 41.02
CA PHE K 118 9.77 -30.34 40.59
C PHE K 118 10.26 -31.70 41.10
N GLY K 119 11.56 -31.95 40.97
CA GLY K 119 12.10 -33.25 41.31
C GLY K 119 13.10 -33.25 42.44
N GLY K 120 12.90 -32.39 43.43
CA GLY K 120 13.81 -32.35 44.56
C GLY K 120 15.02 -31.47 44.28
N GLY K 121 16.12 -32.08 43.87
CA GLY K 121 17.31 -31.34 43.52
C GLY K 121 18.60 -32.08 43.83
N THR K 122 19.52 -32.08 42.88
CA THR K 122 20.84 -32.69 43.04
C THR K 122 21.91 -31.60 42.96
N LYS K 123 23.16 -32.04 42.98
CA LYS K 123 24.28 -31.10 42.94
C LYS K 123 25.49 -31.79 42.34
N VAL K 124 26.27 -31.05 41.55
CA VAL K 124 27.50 -31.52 40.95
C VAL K 124 28.64 -30.65 41.48
N ASP K 125 29.59 -31.28 42.18
CA ASP K 125 30.69 -30.57 42.80
C ASP K 125 32.01 -31.06 42.23
N ILE K 126 33.05 -30.26 42.44
CA ILE K 126 34.40 -30.55 41.97
C ILE K 126 35.23 -31.09 43.14
N LYS K 127 35.88 -32.21 42.92
CA LYS K 127 36.72 -32.82 43.94
C LYS K 127 37.92 -33.54 43.32
N GLY L 21 -30.30 -4.11 -2.90
CA GLY L 21 -31.43 -4.73 -2.22
C GLY L 21 -32.74 -4.01 -2.46
N ARG L 22 -32.72 -2.69 -2.30
CA ARG L 22 -33.91 -1.88 -2.49
C ARG L 22 -33.48 -0.45 -2.78
N LEU L 23 -34.32 0.26 -3.53
CA LEU L 23 -34.12 1.67 -3.83
C LEU L 23 -34.97 2.59 -2.98
N PHE L 24 -34.41 3.71 -2.56
CA PHE L 24 -35.06 4.61 -1.60
C PHE L 24 -35.40 6.03 -2.09
N GLN L 25 -36.48 6.13 -2.85
CA GLN L 25 -36.97 7.41 -3.31
C GLN L 25 -38.08 7.97 -2.43
N SER L 26 -38.16 9.30 -2.35
CA SER L 26 -39.08 9.98 -1.46
C SER L 26 -39.78 11.12 -2.18
N GLY L 27 -40.86 11.61 -1.56
CA GLY L 27 -41.58 12.75 -2.09
C GLY L 27 -43.08 12.59 -2.03
N THR L 28 -43.76 13.53 -1.38
CA THR L 28 -45.23 13.57 -1.34
C THR L 28 -45.64 15.02 -1.62
N GLU L 29 -45.07 15.59 -2.67
CA GLU L 29 -45.24 17.01 -2.96
C GLU L 29 -46.58 17.28 -3.64
N VAL L 30 -47.25 18.33 -3.19
CA VAL L 30 -48.46 18.83 -3.83
C VAL L 30 -48.09 20.02 -4.71
N LYS L 31 -48.54 19.99 -5.96
CA LYS L 31 -48.10 20.95 -6.96
C LYS L 31 -49.28 21.67 -7.58
N ARG L 32 -48.96 22.71 -8.35
CA ARG L 32 -49.88 23.55 -9.09
C ARG L 32 -49.59 23.46 -10.58
N PRO L 33 -50.58 23.67 -11.45
CA PRO L 33 -50.32 23.61 -12.89
C PRO L 33 -49.45 24.77 -13.37
N GLY L 34 -48.41 24.43 -14.11
CA GLY L 34 -47.47 25.42 -14.61
C GLY L 34 -46.10 25.41 -13.94
N ALA L 35 -45.84 24.46 -13.05
CA ALA L 35 -44.58 24.36 -12.34
C ALA L 35 -43.83 23.10 -12.76
N SER L 36 -42.69 22.87 -12.11
CA SER L 36 -41.85 21.72 -12.38
C SER L 36 -41.65 20.91 -11.10
N VAL L 37 -41.51 19.59 -11.27
CA VAL L 37 -41.34 18.68 -10.15
C VAL L 37 -39.92 18.14 -10.18
N LYS L 38 -39.44 17.72 -9.02
CA LYS L 38 -38.10 17.15 -8.88
C LYS L 38 -38.17 15.95 -7.95
N ILE L 39 -37.93 14.76 -8.51
CA ILE L 39 -38.00 13.51 -7.77
C ILE L 39 -36.63 12.85 -7.84
N SER L 40 -36.02 12.62 -6.69
CA SER L 40 -34.71 11.98 -6.60
C SER L 40 -34.88 10.51 -6.25
N CYS L 41 -34.12 9.66 -6.94
CA CYS L 41 -34.17 8.21 -6.74
C CYS L 41 -32.77 7.75 -6.34
N ARG L 42 -32.63 7.30 -5.10
CA ARG L 42 -31.32 6.99 -4.54
C ARG L 42 -31.40 5.79 -3.61
N ALA L 43 -30.48 4.85 -3.79
CA ALA L 43 -30.24 3.78 -2.83
C ALA L 43 -29.08 4.17 -1.92
N ASP L 44 -28.85 3.40 -0.87
CA ASP L 44 -27.78 3.81 0.01
C ASP L 44 -28.22 5.19 0.43
N ASP L 45 -29.24 5.21 1.28
CA ASP L 45 -29.87 6.44 1.76
C ASP L 45 -28.89 7.38 2.45
N ASP L 46 -27.93 6.85 3.20
CA ASP L 46 -26.93 7.69 3.83
C ASP L 46 -26.22 8.40 2.68
N PRO L 47 -26.03 9.72 2.83
CA PRO L 47 -25.46 10.60 1.79
C PRO L 47 -24.02 10.28 1.34
N TYR L 48 -23.14 9.87 2.25
CA TYR L 48 -21.73 9.66 1.86
C TYR L 48 -21.46 8.19 1.56
N THR L 49 -22.04 7.53 0.57
CA THR L 49 -21.68 6.09 0.42
C THR L 49 -21.36 5.73 -1.04
N ASP L 50 -20.55 4.70 -1.29
CA ASP L 50 -20.31 4.38 -2.62
C ASP L 50 -20.99 3.09 -2.78
N ASP L 51 -21.88 2.92 -3.77
CA ASP L 51 -22.46 1.64 -3.77
C ASP L 51 -22.31 0.79 -4.93
N ASP L 52 -21.65 1.32 -5.97
CA ASP L 52 -21.49 0.76 -7.34
C ASP L 52 -22.84 0.68 -8.11
N THR L 53 -23.79 1.52 -7.85
CA THR L 53 -25.05 1.46 -8.66
C THR L 53 -24.98 2.63 -9.66
N PHE L 54 -25.94 2.78 -10.57
CA PHE L 54 -26.01 3.94 -11.51
C PHE L 54 -24.71 4.16 -12.29
N THR L 55 -23.81 3.19 -12.20
CA THR L 55 -22.50 3.14 -12.83
C THR L 55 -22.43 2.07 -13.92
N LYS L 56 -23.03 0.92 -13.70
CA LYS L 56 -23.09 -0.14 -14.70
C LYS L 56 -24.49 -0.74 -14.79
N TYR L 57 -25.51 0.03 -14.40
CA TYR L 57 -26.88 -0.44 -14.40
C TYR L 57 -27.81 0.66 -14.87
N TYR L 58 -28.57 0.37 -15.93
CA TYR L 58 -29.57 1.29 -16.45
C TYR L 58 -30.67 1.53 -15.42
N THR L 59 -31.28 2.71 -15.49
CA THR L 59 -32.32 3.11 -14.53
C THR L 59 -33.54 3.55 -15.31
N HIS L 60 -34.64 2.82 -15.14
CA HIS L 60 -35.90 3.14 -15.79
C HIS L 60 -36.71 4.11 -14.94
N TRP L 61 -37.81 4.60 -15.52
CA TRP L 61 -38.75 5.47 -14.84
C TRP L 61 -40.14 5.15 -15.39
N ILE L 62 -41.07 4.77 -14.51
CA ILE L 62 -42.38 4.31 -14.94
C ILE L 62 -43.45 5.00 -14.10
N ARG L 63 -44.40 5.64 -14.78
CA ARG L 63 -45.52 6.32 -14.14
C ARG L 63 -46.80 5.50 -14.31
N GLN L 64 -47.52 5.29 -13.22
CA GLN L 64 -48.79 4.57 -13.22
C GLN L 64 -49.89 5.50 -12.72
N ALA L 65 -50.92 5.67 -13.52
CA ALA L 65 -52.09 6.44 -13.10
C ALA L 65 -53.12 5.51 -12.47
N PRO L 66 -53.90 5.99 -11.51
CA PRO L 66 -54.96 5.15 -10.92
C PRO L 66 -56.08 4.88 -11.93
N GLY L 67 -56.39 3.61 -12.11
CA GLY L 67 -57.36 3.22 -13.12
C GLY L 67 -56.82 3.16 -14.53
N GLN L 68 -55.50 3.19 -14.69
CA GLN L 68 -54.85 3.19 -15.99
C GLN L 68 -53.64 2.27 -15.95
N PRO L 69 -53.28 1.65 -17.07
CA PRO L 69 -52.07 0.82 -17.09
C PRO L 69 -50.83 1.68 -17.02
N PRO L 70 -49.73 1.16 -16.49
CA PRO L 70 -48.48 1.93 -16.44
C PRO L 70 -47.84 2.04 -17.83
N GLU L 71 -47.22 3.19 -18.07
CA GLU L 71 -46.59 3.47 -19.35
C GLU L 71 -45.12 3.87 -19.13
N TRP L 72 -44.34 3.73 -20.19
CA TRP L 72 -42.93 4.10 -20.14
C TRP L 72 -42.77 5.61 -20.17
N LEU L 73 -41.72 6.09 -19.50
CA LEU L 73 -41.48 7.52 -19.39
C LEU L 73 -40.07 7.94 -19.79
N GLY L 74 -39.07 7.08 -19.62
CA GLY L 74 -37.71 7.44 -20.00
C GLY L 74 -36.65 6.67 -19.22
N VAL L 75 -35.59 6.27 -19.91
CA VAL L 75 -34.49 5.54 -19.31
C VAL L 75 -33.24 6.43 -19.38
N ILE L 76 -32.29 6.16 -18.49
CA ILE L 76 -31.01 6.87 -18.47
C ILE L 76 -29.90 5.82 -18.43
N SER L 77 -28.92 5.99 -19.32
CA SER L 77 -27.82 5.03 -19.40
C SER L 77 -26.84 5.26 -18.25
N PRO L 78 -26.19 4.20 -17.76
CA PRO L 78 -25.19 4.37 -16.71
C PRO L 78 -23.78 4.64 -17.23
N HIS L 79 -23.62 4.80 -18.54
CA HIS L 79 -22.28 5.03 -19.09
C HIS L 79 -21.79 6.43 -18.76
N PHE L 80 -22.47 7.45 -19.27
CA PHE L 80 -22.17 8.83 -18.91
C PHE L 80 -23.46 9.63 -18.76
N ALA L 81 -24.49 9.00 -18.18
CA ALA L 81 -25.79 9.59 -17.85
C ALA L 81 -26.51 10.16 -19.08
N ARG L 82 -26.42 9.44 -20.20
CA ARG L 82 -27.12 9.84 -21.41
C ARG L 82 -28.54 9.30 -21.39
N PRO L 83 -29.56 10.14 -21.38
CA PRO L 83 -30.94 9.64 -21.30
C PRO L 83 -31.56 9.41 -22.67
N ILE L 84 -32.55 8.52 -22.68
CA ILE L 84 -33.34 8.21 -23.86
C ILE L 84 -34.81 8.49 -23.51
N TYR L 85 -35.42 9.40 -24.25
CA TYR L 85 -36.80 9.80 -24.00
C TYR L 85 -37.75 9.06 -24.94
N SER L 86 -39.03 9.42 -24.85
CA SER L 86 -40.06 8.94 -25.76
C SER L 86 -40.61 10.11 -26.56
N TYR L 87 -41.53 9.80 -27.47
CA TYR L 87 -42.10 10.84 -28.33
C TYR L 87 -43.21 11.63 -27.66
N LYS L 88 -43.83 11.08 -26.60
CA LYS L 88 -44.89 11.80 -25.92
C LYS L 88 -44.36 12.85 -24.95
N PHE L 89 -43.20 12.61 -24.36
CA PHE L 89 -42.59 13.50 -23.39
C PHE L 89 -41.20 13.95 -23.84
N ARG L 90 -41.10 14.36 -25.11
CA ARG L 90 -39.78 14.67 -25.66
C ARG L 90 -39.35 16.10 -25.32
N ASP L 91 -40.27 17.05 -25.38
CA ASP L 91 -39.91 18.46 -25.29
C ASP L 91 -39.95 19.03 -23.88
N ARG L 92 -40.43 18.27 -22.90
CA ARG L 92 -40.58 18.78 -21.54
C ARG L 92 -40.11 17.77 -20.51
N LEU L 93 -38.96 17.14 -20.74
CA LEU L 93 -38.44 16.15 -19.81
C LEU L 93 -36.92 16.18 -19.83
N THR L 94 -36.32 16.58 -18.71
CA THR L 94 -34.88 16.51 -18.50
C THR L 94 -34.60 15.68 -17.26
N LEU L 95 -33.60 14.80 -17.34
CA LEU L 95 -33.17 14.02 -16.19
C LEU L 95 -31.69 13.72 -16.32
N THR L 96 -30.99 13.79 -15.19
CA THR L 96 -29.55 13.55 -15.13
C THR L 96 -29.18 13.24 -13.69
N ARG L 97 -27.87 13.19 -13.43
CA ARG L 97 -27.34 12.98 -12.09
C ARG L 97 -26.34 14.08 -11.75
N ASP L 98 -26.02 14.18 -10.46
CA ASP L 98 -25.12 15.21 -9.96
C ASP L 98 -23.67 14.76 -10.11
N SER L 99 -22.75 15.45 -9.43
CA SER L 99 -21.33 15.13 -9.51
C SER L 99 -21.02 13.80 -8.83
N SER L 100 -21.70 13.51 -7.72
CA SER L 100 -21.56 12.20 -7.09
C SER L 100 -22.28 11.15 -7.93
N LEU L 101 -21.81 9.91 -7.83
CA LEU L 101 -22.37 8.82 -8.64
C LEU L 101 -23.52 8.10 -7.93
N THR L 102 -24.45 8.89 -7.39
CA THR L 102 -25.69 8.41 -6.81
C THR L 102 -26.78 9.44 -7.12
N ALA L 103 -28.03 9.09 -6.79
CA ALA L 103 -29.18 9.99 -6.72
C ALA L 103 -29.46 10.69 -8.05
N VAL L 104 -29.82 9.88 -9.05
CA VAL L 104 -30.26 10.43 -10.33
C VAL L 104 -31.58 11.17 -10.14
N TYR L 105 -31.74 12.27 -10.85
CA TYR L 105 -32.85 13.19 -10.65
C TYR L 105 -33.91 12.99 -11.74
N PHE L 106 -35.01 13.71 -11.60
CA PHE L 106 -36.13 13.60 -12.52
C PHE L 106 -36.88 14.91 -12.52
N GLU L 107 -36.76 15.69 -13.60
CA GLU L 107 -37.37 17.00 -13.72
C GLU L 107 -38.40 16.99 -14.83
N LEU L 108 -39.67 17.19 -14.46
CA LEU L 108 -40.78 17.19 -15.42
C LEU L 108 -41.38 18.59 -15.44
N ARG L 109 -41.04 19.37 -16.46
CA ARG L 109 -41.60 20.70 -16.64
C ARG L 109 -42.86 20.63 -17.49
N GLY L 110 -43.65 21.70 -17.42
CA GLY L 110 -44.90 21.76 -18.15
C GLY L 110 -45.94 20.81 -17.59
N LEU L 111 -46.44 21.10 -16.40
CA LEU L 111 -47.35 20.21 -15.70
C LEU L 111 -48.72 20.19 -16.36
N GLN L 112 -49.55 19.25 -15.92
CA GLN L 112 -50.84 18.97 -16.53
C GLN L 112 -51.73 18.32 -15.49
N PRO L 113 -53.05 18.38 -15.64
CA PRO L 113 -53.93 17.60 -14.75
C PRO L 113 -54.12 16.15 -15.19
N ASP L 114 -53.28 15.66 -16.10
CA ASP L 114 -53.43 14.32 -16.64
C ASP L 114 -52.44 13.31 -16.06
N ASP L 115 -51.25 13.77 -15.62
CA ASP L 115 -50.22 12.87 -15.12
C ASP L 115 -50.27 12.68 -13.61
N THR L 116 -51.45 12.81 -13.01
CA THR L 116 -51.59 12.60 -11.57
C THR L 116 -51.53 11.11 -11.27
N GLY L 117 -50.51 10.69 -10.54
CA GLY L 117 -50.37 9.28 -10.20
C GLY L 117 -49.09 9.01 -9.45
N ILE L 118 -48.68 7.74 -9.51
CA ILE L 118 -47.54 7.24 -8.76
C ILE L 118 -46.39 6.95 -9.72
N TYR L 119 -45.17 6.95 -9.18
CA TYR L 119 -43.95 6.85 -9.96
C TYR L 119 -43.01 5.82 -9.34
N PHE L 120 -42.28 5.12 -10.21
CA PHE L 120 -41.28 4.14 -9.81
C PHE L 120 -40.00 4.36 -10.61
N CYS L 121 -38.87 4.05 -9.96
CA CYS L 121 -37.58 3.95 -10.62
C CYS L 121 -37.04 2.54 -10.37
N ALA L 122 -36.50 1.92 -11.42
CA ALA L 122 -36.11 0.52 -11.35
C ALA L 122 -34.74 0.30 -11.99
N ARG L 123 -34.05 -0.73 -11.51
CA ARG L 123 -32.75 -1.10 -12.04
C ARG L 123 -32.90 -2.06 -13.21
N ASP L 124 -31.96 -2.01 -14.14
CA ASP L 124 -32.02 -2.83 -15.34
C ASP L 124 -30.62 -3.12 -15.86
N PRO L 125 -30.26 -4.39 -16.07
CA PRO L 125 -28.99 -4.67 -16.75
C PRO L 125 -29.00 -4.28 -18.22
N PHE L 126 -30.12 -4.53 -18.90
CA PHE L 126 -30.35 -4.14 -20.30
C PHE L 126 -29.33 -4.75 -21.27
N GLY L 127 -28.88 -5.96 -20.97
CA GLY L 127 -27.99 -6.67 -21.87
C GLY L 127 -26.58 -6.13 -21.96
N ASP L 128 -26.08 -5.52 -20.88
CA ASP L 128 -24.72 -5.01 -20.84
C ASP L 128 -23.83 -5.76 -19.85
N MET L 129 -24.38 -6.63 -19.02
CA MET L 129 -23.58 -7.39 -18.07
C MET L 129 -22.95 -8.60 -18.74
N TYR L 130 -22.03 -9.24 -18.01
CA TYR L 130 -21.33 -10.41 -18.49
C TYR L 130 -22.14 -11.71 -18.42
N PRO L 131 -22.90 -12.05 -17.31
CA PRO L 131 -23.69 -13.29 -17.36
C PRO L 131 -24.93 -13.16 -18.22
N HIS L 132 -24.91 -13.84 -19.39
CA HIS L 132 -26.08 -14.23 -20.19
C HIS L 132 -26.79 -13.09 -20.91
N TYR L 133 -26.41 -11.83 -20.64
CA TYR L 133 -26.99 -10.62 -21.24
C TYR L 133 -28.51 -10.57 -21.07
N ASN L 134 -28.94 -10.54 -19.82
CA ASN L 134 -30.35 -10.68 -19.50
C ASN L 134 -31.11 -9.38 -19.74
N TYR L 135 -32.43 -9.47 -19.58
CA TYR L 135 -33.36 -8.35 -19.82
C TYR L 135 -34.45 -8.42 -18.75
N HIS L 136 -34.24 -7.70 -17.65
CA HIS L 136 -35.17 -7.77 -16.52
C HIS L 136 -35.04 -6.53 -15.65
N MET L 137 -35.96 -6.41 -14.71
CA MET L 137 -35.91 -5.40 -13.65
C MET L 137 -35.88 -6.16 -12.32
N ASP L 138 -34.67 -6.30 -11.75
CA ASP L 138 -34.49 -7.16 -10.59
C ASP L 138 -35.06 -6.58 -9.31
N VAL L 139 -35.20 -5.25 -9.21
CA VAL L 139 -35.71 -4.64 -7.99
C VAL L 139 -36.47 -3.36 -8.36
N TRP L 140 -37.64 -3.20 -7.78
CA TRP L 140 -38.41 -1.96 -7.87
C TRP L 140 -38.31 -1.24 -6.53
N GLY L 141 -38.14 0.08 -6.58
CA GLY L 141 -37.84 0.80 -5.36
C GLY L 141 -38.85 1.85 -4.96
N GLY L 142 -39.53 1.61 -3.84
CA GLY L 142 -40.44 2.58 -3.26
C GLY L 142 -41.67 2.88 -4.08
N GLY L 143 -41.70 4.07 -4.67
CA GLY L 143 -42.83 4.53 -5.44
C GLY L 143 -43.45 5.77 -4.83
N THR L 144 -43.22 6.92 -5.45
CA THR L 144 -43.73 8.18 -4.94
C THR L 144 -45.06 8.49 -5.61
N THR L 145 -45.70 9.59 -5.18
CA THR L 145 -46.97 9.97 -5.77
C THR L 145 -47.03 11.49 -5.88
N VAL L 146 -47.75 11.98 -6.89
CA VAL L 146 -47.98 13.41 -7.08
C VAL L 146 -49.45 13.64 -7.38
N ILE L 147 -49.98 14.74 -6.87
CA ILE L 147 -51.34 15.19 -7.17
C ILE L 147 -51.27 16.68 -7.52
N VAL L 148 -52.20 17.10 -8.37
CA VAL L 148 -52.26 18.49 -8.81
C VAL L 148 -53.73 18.92 -8.81
N SER L 149 -53.98 20.16 -8.42
CA SER L 149 -55.34 20.71 -8.34
C SER L 149 -55.25 22.23 -8.44
N SER L 150 -56.35 22.90 -8.11
CA SER L 150 -56.40 24.36 -8.14
C SER L 150 -55.69 24.95 -6.92
N GLU M 20 -46.19 0.59 -33.39
CA GLU M 20 -45.69 0.02 -32.14
C GLU M 20 -46.44 -1.26 -31.80
N ILE M 21 -45.70 -2.28 -31.38
CA ILE M 21 -46.28 -3.58 -31.04
C ILE M 21 -46.88 -3.47 -29.64
N VAL M 22 -48.19 -3.61 -29.54
CA VAL M 22 -48.89 -3.56 -28.27
C VAL M 22 -49.25 -4.99 -27.87
N LEU M 23 -49.49 -5.20 -26.58
CA LEU M 23 -49.82 -6.51 -26.05
C LEU M 23 -51.20 -6.46 -25.41
N THR M 24 -52.02 -7.46 -25.70
CA THR M 24 -53.38 -7.55 -25.18
C THR M 24 -53.50 -8.75 -24.26
N GLN M 25 -54.39 -8.63 -23.27
CA GLN M 25 -54.65 -9.69 -22.30
C GLN M 25 -56.16 -9.85 -22.16
N SER M 26 -56.70 -10.97 -22.67
CA SER M 26 -58.13 -11.22 -22.60
C SER M 26 -58.62 -11.68 -21.22
N PRO M 27 -57.88 -12.52 -20.41
CA PRO M 27 -58.44 -12.70 -19.05
C PRO M 27 -58.14 -11.54 -18.11
N ALA M 28 -58.93 -10.47 -18.24
CA ALA M 28 -58.71 -9.28 -17.42
C ALA M 28 -59.24 -9.46 -16.01
N ILE M 29 -60.35 -10.17 -15.84
CA ILE M 29 -60.96 -10.41 -14.54
C ILE M 29 -60.97 -11.92 -14.32
N LEU M 30 -60.38 -12.37 -13.22
CA LEU M 30 -60.27 -13.79 -12.91
C LEU M 30 -60.55 -14.01 -11.43
N SER M 31 -61.17 -15.15 -11.13
CA SER M 31 -61.43 -15.58 -9.76
C SER M 31 -61.11 -17.06 -9.64
N VAL M 32 -60.42 -17.43 -8.55
CA VAL M 32 -60.01 -18.81 -8.34
C VAL M 32 -59.84 -19.04 -6.84
N SER M 33 -59.89 -20.31 -6.44
CA SER M 33 -59.69 -20.80 -5.08
C SER M 33 -58.21 -21.09 -4.84
N PRO M 34 -57.72 -20.94 -3.59
CA PRO M 34 -56.31 -21.25 -3.32
C PRO M 34 -56.06 -22.75 -3.35
N GLY M 35 -55.17 -23.17 -4.25
CA GLY M 35 -54.78 -24.57 -4.31
C GLY M 35 -54.97 -25.26 -5.64
N ASP M 36 -54.96 -24.50 -6.74
CA ASP M 36 -55.08 -25.09 -8.07
C ASP M 36 -54.06 -24.42 -8.99
N ARG M 37 -54.20 -24.66 -10.29
CA ARG M 37 -53.36 -24.05 -11.30
C ARG M 37 -54.14 -23.02 -12.09
N VAL M 38 -53.46 -21.94 -12.48
CA VAL M 38 -54.08 -20.85 -13.22
C VAL M 38 -53.24 -20.54 -14.45
N ILE M 39 -53.92 -20.16 -15.53
CA ILE M 39 -53.28 -19.86 -16.80
C ILE M 39 -53.47 -18.37 -17.06
N LEU M 40 -52.37 -17.63 -17.19
CA LEU M 40 -52.41 -16.21 -17.51
C LEU M 40 -51.85 -16.04 -18.93
N SER M 41 -52.74 -15.85 -19.90
CA SER M 41 -52.35 -15.78 -21.30
C SER M 41 -52.25 -14.34 -21.76
N CYS M 42 -51.29 -14.08 -22.65
CA CYS M 42 -51.10 -12.76 -23.24
C CYS M 42 -50.81 -12.92 -24.73
N LYS M 43 -51.41 -12.04 -25.52
CA LYS M 43 -51.27 -12.06 -26.97
C LYS M 43 -50.40 -10.90 -27.42
N ALA M 44 -49.51 -11.16 -28.37
CA ALA M 44 -48.68 -10.13 -28.98
C ALA M 44 -49.27 -9.70 -30.32
N SER M 45 -48.85 -8.52 -30.78
CA SER M 45 -49.45 -7.95 -31.99
C SER M 45 -48.85 -8.55 -33.25
N GLU M 46 -47.54 -8.32 -33.48
CA GLU M 46 -46.89 -8.75 -34.73
C GLU M 46 -45.47 -9.20 -34.43
N GLY M 47 -45.30 -10.49 -34.18
CA GLY M 47 -43.99 -11.12 -34.20
C GLY M 47 -43.01 -10.71 -33.12
N LEU M 48 -43.26 -11.10 -31.87
CA LEU M 48 -42.30 -10.86 -30.81
C LEU M 48 -41.09 -11.78 -30.98
N SER M 49 -39.96 -11.34 -30.43
CA SER M 49 -38.69 -12.05 -30.60
C SER M 49 -38.54 -13.25 -29.67
N SER M 50 -39.53 -13.54 -28.83
CA SER M 50 -39.62 -14.70 -27.94
C SER M 50 -38.49 -14.78 -26.92
N SER M 51 -37.81 -13.66 -26.66
CA SER M 51 -36.79 -13.62 -25.63
C SER M 51 -36.78 -12.31 -24.84
N ASP M 52 -37.73 -11.41 -25.10
CA ASP M 52 -37.78 -10.09 -24.47
C ASP M 52 -39.17 -9.88 -23.89
N LEU M 53 -39.36 -10.33 -22.64
CA LEU M 53 -40.64 -10.19 -21.96
C LEU M 53 -40.40 -10.23 -20.47
N ALA M 54 -41.25 -9.54 -19.72
CA ALA M 54 -41.15 -9.51 -18.26
C ALA M 54 -42.54 -9.53 -17.65
N TRP M 55 -42.63 -10.19 -16.49
CA TRP M 55 -43.86 -10.29 -15.72
C TRP M 55 -43.68 -9.55 -14.40
N TYR M 56 -44.69 -8.78 -14.01
CA TYR M 56 -44.67 -8.00 -12.79
C TYR M 56 -45.86 -8.34 -11.92
N ARG M 57 -45.65 -8.30 -10.61
CA ARG M 57 -46.70 -8.56 -9.62
C ARG M 57 -46.94 -7.25 -8.87
N PHE M 58 -47.90 -6.47 -9.34
CA PHE M 58 -48.23 -5.19 -8.75
C PHE M 58 -49.27 -5.34 -7.65
N LYS M 59 -49.34 -4.35 -6.78
CA LYS M 59 -50.35 -4.30 -5.73
C LYS M 59 -50.56 -2.86 -5.32
N GLY M 60 -51.75 -2.58 -4.80
CA GLY M 60 -52.08 -1.23 -4.35
C GLY M 60 -51.37 -0.84 -3.09
N GLY M 61 -50.43 0.10 -3.19
CA GLY M 61 -49.68 0.54 -2.04
C GLY M 61 -48.62 -0.43 -1.56
N GLN M 62 -48.01 -1.18 -2.48
CA GLN M 62 -46.97 -2.15 -2.13
C GLN M 62 -45.84 -2.04 -3.14
N ILE M 63 -44.77 -2.77 -2.87
CA ILE M 63 -43.57 -2.75 -3.70
C ILE M 63 -43.73 -3.77 -4.83
N PRO M 64 -43.59 -3.37 -6.09
CA PRO M 64 -43.66 -4.34 -7.18
C PRO M 64 -42.40 -5.19 -7.26
N THR M 65 -42.52 -6.31 -7.97
CA THR M 65 -41.41 -7.25 -8.10
C THR M 65 -41.54 -8.01 -9.41
N LEU M 66 -40.43 -8.61 -9.82
CA LEU M 66 -40.35 -9.44 -11.02
C LEU M 66 -40.18 -10.89 -10.62
N VAL M 67 -40.75 -11.80 -11.42
CA VAL M 67 -40.74 -13.22 -11.10
C VAL M 67 -40.15 -14.05 -12.22
N ILE M 68 -40.25 -13.58 -13.47
CA ILE M 68 -39.87 -14.36 -14.64
C ILE M 68 -38.83 -13.60 -15.46
N PHE M 69 -37.69 -14.24 -15.72
CA PHE M 69 -36.73 -13.73 -16.69
C PHE M 69 -37.13 -14.16 -18.10
N GLY M 70 -37.03 -13.21 -19.04
CA GLY M 70 -37.16 -13.47 -20.47
C GLY M 70 -38.41 -14.18 -20.96
N ALA M 71 -38.23 -15.40 -21.45
CA ALA M 71 -39.33 -16.24 -21.92
C ALA M 71 -39.77 -17.26 -20.89
N SER M 72 -38.86 -18.09 -20.39
CA SER M 72 -39.20 -19.10 -19.40
C SER M 72 -37.98 -19.31 -18.49
N ASN M 73 -37.96 -18.57 -17.38
CA ASN M 73 -36.91 -18.66 -16.38
C ASN M 73 -37.47 -18.17 -15.05
N ARG M 74 -36.58 -17.96 -14.08
CA ARG M 74 -36.96 -17.51 -12.75
C ARG M 74 -36.01 -16.41 -12.29
N ALA M 75 -36.50 -15.57 -11.38
CA ALA M 75 -35.72 -14.49 -10.81
C ALA M 75 -35.06 -14.98 -9.52
N ARG M 76 -34.49 -14.04 -8.75
CA ARG M 76 -33.82 -14.41 -7.50
C ARG M 76 -34.82 -14.78 -6.41
N GLY M 77 -35.68 -13.83 -6.04
CA GLY M 77 -36.68 -14.07 -5.02
C GLY M 77 -37.97 -14.64 -5.57
N THR M 78 -37.88 -15.83 -6.19
CA THR M 78 -39.03 -16.47 -6.80
C THR M 78 -39.04 -17.94 -6.42
N PRO M 79 -40.15 -18.47 -5.88
CA PRO M 79 -40.17 -19.88 -5.47
C PRO M 79 -40.34 -20.83 -6.65
N ASP M 80 -40.47 -22.13 -6.34
CA ASP M 80 -40.61 -23.15 -7.37
C ASP M 80 -41.99 -23.17 -8.00
N ARG M 81 -43.00 -22.62 -7.33
CA ARG M 81 -44.37 -22.68 -7.82
C ARG M 81 -44.65 -21.75 -8.99
N PHE M 82 -43.75 -20.81 -9.29
CA PHE M 82 -43.95 -19.86 -10.37
C PHE M 82 -43.18 -20.35 -11.60
N SER M 83 -43.89 -20.50 -12.72
CA SER M 83 -43.29 -20.92 -13.98
C SER M 83 -44.16 -20.41 -15.12
N GLY M 84 -43.73 -20.71 -16.34
CA GLY M 84 -44.47 -20.28 -17.51
C GLY M 84 -43.59 -20.11 -18.74
N SER M 85 -44.07 -20.58 -19.89
CA SER M 85 -43.31 -20.51 -21.12
C SER M 85 -44.22 -19.93 -22.20
N GLY M 86 -43.74 -19.95 -23.43
CA GLY M 86 -44.47 -19.42 -24.57
C GLY M 86 -43.53 -18.89 -25.62
N SER M 87 -44.00 -18.89 -26.87
CA SER M 87 -43.21 -18.43 -27.99
C SER M 87 -44.13 -17.85 -29.05
N GLY M 88 -43.53 -17.13 -29.99
CA GLY M 88 -44.28 -16.52 -31.08
C GLY M 88 -45.04 -15.29 -30.66
N THR M 89 -46.37 -15.38 -30.62
CA THR M 89 -47.22 -14.26 -30.24
C THR M 89 -48.11 -14.57 -29.06
N ASP M 90 -47.92 -15.72 -28.40
CA ASP M 90 -48.71 -16.11 -27.24
C ASP M 90 -47.77 -16.47 -26.11
N PHE M 91 -47.98 -15.88 -24.94
CA PHE M 91 -47.13 -16.11 -23.78
C PHE M 91 -48.00 -16.43 -22.58
N THR M 92 -47.68 -17.54 -21.89
CA THR M 92 -48.49 -18.05 -20.79
C THR M 92 -47.69 -18.04 -19.50
N LEU M 93 -48.38 -17.70 -18.40
CA LEU M 93 -47.85 -17.79 -17.05
C LEU M 93 -48.61 -18.87 -16.32
N THR M 94 -47.89 -19.83 -15.76
CA THR M 94 -48.47 -21.03 -15.14
C THR M 94 -48.05 -21.09 -13.69
N ILE M 95 -48.93 -20.65 -12.79
CA ILE M 95 -48.69 -20.79 -11.35
C ILE M 95 -49.11 -22.19 -10.92
N ASN M 96 -48.24 -22.87 -10.17
CA ASN M 96 -48.50 -24.24 -9.77
C ASN M 96 -49.56 -24.32 -8.69
N ARG M 97 -49.43 -23.52 -7.64
CA ARG M 97 -50.39 -23.50 -6.54
C ARG M 97 -50.66 -22.07 -6.12
N VAL M 98 -51.93 -21.71 -6.03
CA VAL M 98 -52.33 -20.36 -5.65
C VAL M 98 -52.18 -20.21 -4.15
N GLU M 99 -51.46 -19.18 -3.72
CA GLU M 99 -51.19 -18.89 -2.33
C GLU M 99 -51.95 -17.63 -1.89
N PRO M 100 -52.23 -17.48 -0.58
CA PRO M 100 -52.89 -16.24 -0.13
C PRO M 100 -52.00 -15.01 -0.21
N GLU M 101 -50.69 -15.16 -0.36
CA GLU M 101 -49.79 -14.03 -0.54
C GLU M 101 -49.57 -13.70 -2.02
N ASP M 102 -50.43 -14.20 -2.92
CA ASP M 102 -50.32 -13.95 -4.34
C ASP M 102 -51.58 -13.33 -4.94
N PHE M 103 -52.60 -13.06 -4.14
CA PHE M 103 -53.85 -12.48 -4.64
C PHE M 103 -53.63 -10.99 -4.90
N ALA M 104 -53.10 -10.70 -6.08
CA ALA M 104 -52.83 -9.33 -6.50
C ALA M 104 -52.88 -9.27 -8.01
N THR M 105 -52.90 -8.05 -8.55
CA THR M 105 -52.94 -7.86 -9.99
C THR M 105 -51.58 -8.17 -10.60
N TYR M 106 -51.60 -8.58 -11.87
CA TYR M 106 -50.40 -8.95 -12.61
C TYR M 106 -50.30 -8.12 -13.87
N TYR M 107 -49.07 -7.85 -14.29
CA TYR M 107 -48.81 -7.09 -15.51
C TYR M 107 -47.72 -7.76 -16.31
N CYS M 108 -47.63 -7.41 -17.59
CA CYS M 108 -46.57 -7.90 -18.45
C CYS M 108 -46.05 -6.76 -19.32
N GLN M 109 -44.81 -6.91 -19.77
CA GLN M 109 -44.19 -5.90 -20.61
C GLN M 109 -43.22 -6.57 -21.57
N ARG M 110 -42.89 -5.84 -22.64
CA ARG M 110 -41.93 -6.30 -23.64
C ARG M 110 -40.71 -5.38 -23.64
N TYR M 111 -39.72 -5.77 -24.45
CA TYR M 111 -38.51 -4.97 -24.58
C TYR M 111 -38.21 -4.72 -26.06
N GLY M 112 -37.04 -4.15 -26.35
CA GLY M 112 -36.66 -3.88 -27.72
C GLY M 112 -36.68 -2.40 -28.04
N GLY M 113 -37.54 -2.01 -28.99
CA GLY M 113 -37.59 -0.62 -29.40
C GLY M 113 -38.29 0.26 -28.39
N THR M 114 -37.94 1.56 -28.46
CA THR M 114 -38.54 2.56 -27.60
C THR M 114 -39.77 3.17 -28.27
N PRO M 115 -40.89 3.35 -27.55
CA PRO M 115 -41.09 3.04 -26.12
C PRO M 115 -41.48 1.59 -25.87
N ILE M 116 -41.44 1.19 -24.60
CA ILE M 116 -41.83 -0.15 -24.20
C ILE M 116 -43.19 -0.12 -23.48
N THR M 117 -44.25 -0.39 -24.23
CA THR M 117 -45.58 -0.40 -23.66
C THR M 117 -45.79 -1.67 -22.84
N PHE M 118 -46.79 -1.61 -21.96
CA PHE M 118 -47.14 -2.75 -21.12
C PHE M 118 -48.19 -3.60 -21.85
N GLY M 119 -48.75 -4.57 -21.15
CA GLY M 119 -49.72 -5.46 -21.76
C GLY M 119 -51.12 -5.32 -21.21
N GLY M 120 -51.51 -4.09 -20.86
CA GLY M 120 -52.84 -3.88 -20.32
C GLY M 120 -52.89 -4.10 -18.82
N GLY M 121 -53.31 -5.29 -18.42
CA GLY M 121 -53.34 -5.63 -17.01
C GLY M 121 -54.42 -6.64 -16.66
N THR M 122 -54.06 -7.63 -15.85
CA THR M 122 -54.96 -8.67 -15.40
C THR M 122 -55.00 -8.68 -13.87
N LYS M 123 -55.91 -9.48 -13.33
CA LYS M 123 -56.10 -9.53 -11.89
C LYS M 123 -56.67 -10.87 -11.50
N VAL M 124 -56.21 -11.40 -10.36
CA VAL M 124 -56.75 -12.62 -9.79
C VAL M 124 -57.53 -12.25 -8.53
N ASP M 125 -58.43 -13.14 -8.14
CA ASP M 125 -59.27 -12.90 -6.98
C ASP M 125 -59.58 -14.23 -6.31
N ILE M 126 -59.99 -14.14 -5.04
CA ILE M 126 -60.36 -15.30 -4.24
C ILE M 126 -61.88 -15.42 -4.22
N LYS M 127 -62.37 -16.65 -4.40
CA LYS M 127 -63.80 -16.90 -4.40
C LYS M 127 -64.10 -18.33 -3.93
N GLY N 21 15.82 11.71 -23.46
CA GLY N 21 15.67 12.33 -24.76
C GLY N 21 16.81 13.25 -25.13
N ARG N 22 17.05 14.25 -24.28
CA ARG N 22 18.11 15.22 -24.50
C ARG N 22 18.51 15.82 -23.17
N LEU N 23 19.80 16.11 -23.04
CA LEU N 23 20.33 16.76 -21.85
C LEU N 23 20.37 18.28 -21.93
N PHE N 24 20.33 18.93 -20.76
CA PHE N 24 20.27 20.37 -20.66
C PHE N 24 21.38 21.07 -19.88
N GLN N 25 22.16 21.90 -20.55
CA GLN N 25 23.13 22.76 -19.88
C GLN N 25 23.04 24.20 -20.33
N SER N 26 23.15 25.11 -19.37
CA SER N 26 22.98 26.54 -19.61
C SER N 26 24.26 27.28 -19.25
N GLY N 27 24.40 28.48 -19.82
CA GLY N 27 25.54 29.31 -19.51
C GLY N 27 26.22 29.90 -20.72
N THR N 28 26.38 31.22 -20.74
CA THR N 28 27.13 31.94 -21.75
C THR N 28 28.04 32.95 -21.04
N GLU N 29 28.75 32.44 -20.03
CA GLU N 29 29.52 33.29 -19.13
C GLU N 29 30.87 33.64 -19.73
N VAL N 30 31.28 34.88 -19.57
CA VAL N 30 32.63 35.30 -19.90
C VAL N 30 33.47 35.22 -18.63
N LYS N 31 34.79 35.16 -18.81
CA LYS N 31 35.69 34.93 -17.68
C LYS N 31 36.94 35.78 -17.84
N ARG N 32 37.70 35.86 -16.74
CA ARG N 32 38.97 36.56 -16.63
C ARG N 32 40.06 35.56 -16.29
N PRO N 33 41.32 35.83 -16.68
CA PRO N 33 42.41 34.91 -16.33
C PRO N 33 42.70 34.93 -14.84
N GLY N 34 42.58 33.77 -14.20
CA GLY N 34 42.78 33.63 -12.78
C GLY N 34 41.53 33.32 -11.98
N ALA N 35 40.42 33.01 -12.64
CA ALA N 35 39.15 32.72 -11.98
C ALA N 35 38.75 31.28 -12.26
N SER N 36 37.56 30.91 -11.79
CA SER N 36 37.01 29.58 -11.98
C SER N 36 35.64 29.68 -12.61
N VAL N 37 35.26 28.62 -13.35
CA VAL N 37 33.98 28.57 -14.04
C VAL N 37 33.18 27.41 -13.45
N LYS N 38 31.86 27.51 -13.55
CA LYS N 38 30.95 26.49 -13.04
C LYS N 38 29.89 26.22 -14.11
N ILE N 39 29.91 25.02 -14.67
CA ILE N 39 28.97 24.61 -15.71
C ILE N 39 28.16 23.45 -15.18
N SER N 40 26.83 23.62 -15.14
CA SER N 40 25.93 22.57 -14.67
C SER N 40 25.18 21.97 -15.86
N CYS N 41 25.25 20.65 -15.97
CA CYS N 41 24.60 19.91 -17.06
C CYS N 41 23.55 18.99 -16.46
N ARG N 42 22.29 19.41 -16.53
CA ARG N 42 21.17 18.68 -15.97
C ARG N 42 20.39 17.99 -17.08
N ALA N 43 19.60 17.04 -16.62
CA ALA N 43 18.78 16.21 -17.52
C ALA N 43 17.37 16.44 -17.06
N ASP N 44 16.40 16.73 -17.92
CA ASP N 44 15.01 17.11 -17.61
C ASP N 44 15.01 18.33 -16.82
N ASP N 45 14.66 19.40 -17.46
CA ASP N 45 14.79 20.64 -16.81
C ASP N 45 14.10 21.03 -15.52
N ASP N 46 12.87 20.60 -15.24
CA ASP N 46 12.23 21.10 -14.03
C ASP N 46 12.99 20.67 -12.83
N PRO N 47 13.29 21.58 -11.94
CA PRO N 47 14.14 21.22 -10.83
C PRO N 47 13.60 20.12 -9.92
N TYR N 48 12.34 20.07 -9.58
CA TYR N 48 11.89 18.98 -8.68
C TYR N 48 11.61 17.73 -9.48
N THR N 49 12.59 17.11 -10.14
CA THR N 49 12.27 15.92 -10.98
C THR N 49 13.12 14.73 -10.55
N ASP N 50 12.67 13.50 -10.82
CA ASP N 50 13.44 12.38 -10.40
C ASP N 50 13.70 11.58 -11.61
N ASP N 51 14.45 12.17 -12.49
CA ASP N 51 14.80 11.47 -13.67
C ASP N 51 15.47 10.18 -13.43
N ASP N 52 16.41 10.14 -12.49
CA ASP N 52 17.18 8.92 -12.24
C ASP N 52 18.25 8.76 -13.33
N THR N 53 18.41 9.78 -14.17
CA THR N 53 19.38 9.74 -15.30
C THR N 53 20.81 9.63 -14.76
N PHE N 54 21.18 10.40 -13.74
CA PHE N 54 22.52 10.31 -13.12
C PHE N 54 22.43 9.24 -12.04
N THR N 55 22.39 7.98 -12.44
CA THR N 55 22.16 6.90 -11.50
C THR N 55 22.73 5.57 -11.97
N LYS N 56 22.60 5.27 -13.26
CA LYS N 56 23.19 4.06 -13.84
C LYS N 56 23.86 4.36 -15.17
N TYR N 57 24.20 5.61 -15.44
CA TYR N 57 24.82 6.00 -16.71
C TYR N 57 26.00 6.92 -16.45
N TYR N 58 27.16 6.56 -16.98
CA TYR N 58 28.34 7.40 -16.97
C TYR N 58 28.10 8.67 -17.77
N THR N 59 28.85 9.73 -17.45
CA THR N 59 28.68 11.01 -18.14
C THR N 59 30.05 11.54 -18.55
N HIS N 60 30.21 11.84 -19.83
CA HIS N 60 31.46 12.37 -20.36
C HIS N 60 31.36 13.87 -20.54
N TRP N 61 32.40 14.58 -20.14
CA TRP N 61 32.58 16.00 -20.42
C TRP N 61 33.70 16.13 -21.45
N ILE N 62 33.41 16.86 -22.53
CA ILE N 62 34.31 16.96 -23.69
C ILE N 62 34.41 18.42 -24.10
N ARG N 63 35.64 18.93 -24.20
CA ARG N 63 35.91 20.28 -24.67
C ARG N 63 36.25 20.27 -26.15
N GLN N 64 35.92 21.37 -26.83
CA GLN N 64 36.25 21.53 -28.24
C GLN N 64 36.64 22.98 -28.50
N ALA N 65 37.84 23.19 -29.02
CA ALA N 65 38.24 24.53 -29.41
C ALA N 65 37.88 24.79 -30.87
N PRO N 66 37.57 26.03 -31.23
CA PRO N 66 37.27 26.33 -32.64
C PRO N 66 38.53 26.24 -33.51
N GLY N 67 38.42 25.52 -34.62
CA GLY N 67 39.56 25.26 -35.45
C GLY N 67 40.49 24.19 -34.93
N GLN N 68 40.04 23.38 -33.98
CA GLN N 68 40.84 22.35 -33.34
C GLN N 68 39.98 21.10 -33.17
N PRO N 69 40.60 19.91 -33.17
CA PRO N 69 39.83 18.70 -32.90
C PRO N 69 39.39 18.64 -31.45
N PRO N 70 38.26 18.01 -31.15
CA PRO N 70 37.80 17.92 -29.77
C PRO N 70 38.63 16.92 -28.97
N GLU N 71 38.90 17.27 -27.72
CA GLU N 71 39.70 16.44 -26.83
C GLU N 71 38.87 16.03 -25.62
N TRP N 72 39.27 14.92 -25.01
CA TRP N 72 38.61 14.42 -23.82
C TRP N 72 38.94 15.28 -22.62
N LEU N 73 37.93 15.51 -21.77
CA LEU N 73 38.10 16.33 -20.57
C LEU N 73 37.81 15.61 -19.27
N GLY N 74 36.82 14.72 -19.21
CA GLY N 74 36.66 13.91 -18.02
C GLY N 74 35.31 13.22 -17.88
N VAL N 75 35.36 11.99 -17.38
CA VAL N 75 34.16 11.18 -17.21
C VAL N 75 33.83 11.12 -15.72
N ILE N 76 32.54 10.99 -15.41
CA ILE N 76 32.06 10.83 -14.04
C ILE N 76 31.14 9.60 -14.00
N SER N 77 31.39 8.71 -13.03
CA SER N 77 30.67 7.47 -12.82
C SER N 77 29.35 7.73 -12.10
N PRO N 78 28.32 6.92 -12.37
CA PRO N 78 27.03 7.10 -11.71
C PRO N 78 26.85 6.36 -10.40
N HIS N 79 27.89 5.66 -9.92
CA HIS N 79 27.73 4.87 -8.70
C HIS N 79 27.69 5.78 -7.47
N PHE N 80 28.77 6.51 -7.21
CA PHE N 80 28.77 7.52 -6.14
C PHE N 80 29.51 8.78 -6.59
N ALA N 81 29.43 9.11 -7.88
CA ALA N 81 30.07 10.27 -8.50
C ALA N 81 31.59 10.28 -8.31
N ARG N 82 32.21 9.12 -8.54
CA ARG N 82 33.66 9.01 -8.48
C ARG N 82 34.26 9.50 -9.80
N PRO N 83 35.02 10.59 -9.78
CA PRO N 83 35.54 11.14 -11.04
C PRO N 83 36.83 10.49 -11.49
N ILE N 84 37.01 10.48 -12.82
CA ILE N 84 38.22 9.96 -13.45
C ILE N 84 38.77 11.08 -14.34
N TYR N 85 39.87 11.69 -13.92
CA TYR N 85 40.47 12.77 -14.67
C TYR N 85 41.59 12.26 -15.57
N SER N 86 42.12 13.15 -16.40
CA SER N 86 43.27 12.88 -17.24
C SER N 86 44.52 13.53 -16.64
N TYR N 87 45.67 13.21 -17.24
CA TYR N 87 46.93 13.73 -16.73
C TYR N 87 47.18 15.18 -17.13
N LYS N 88 46.51 15.67 -18.18
CA LYS N 88 46.70 17.06 -18.60
C LYS N 88 45.95 18.03 -17.69
N PHE N 89 44.77 17.62 -17.21
CA PHE N 89 43.93 18.49 -16.39
C PHE N 89 43.68 17.85 -15.02
N ARG N 90 44.73 17.36 -14.38
CA ARG N 90 44.57 16.62 -13.13
C ARG N 90 44.43 17.55 -11.93
N ASP N 91 45.42 18.41 -11.72
CA ASP N 91 45.52 19.18 -10.48
C ASP N 91 44.62 20.40 -10.43
N ARG N 92 43.87 20.69 -11.49
CA ARG N 92 43.05 21.90 -11.52
C ARG N 92 41.66 21.60 -12.10
N LEU N 93 41.06 20.49 -11.70
CA LEU N 93 39.74 20.11 -12.19
C LEU N 93 39.04 19.26 -11.13
N THR N 94 38.00 19.82 -10.52
CA THR N 94 37.15 19.09 -9.59
C THR N 94 35.72 19.09 -10.12
N LEU N 95 35.06 17.94 -10.06
CA LEU N 95 33.69 17.81 -10.54
C LEU N 95 32.96 16.73 -9.77
N THR N 96 31.73 17.03 -9.37
CA THR N 96 30.90 16.12 -8.60
C THR N 96 29.44 16.56 -8.76
N ARG N 97 28.56 15.93 -7.98
CA ARG N 97 27.15 16.26 -7.95
C ARG N 97 26.72 16.65 -6.54
N ASP N 98 25.51 17.20 -6.45
CA ASP N 98 24.98 17.67 -5.17
C ASP N 98 24.24 16.53 -4.48
N SER N 99 23.46 16.88 -3.44
CA SER N 99 22.75 15.87 -2.66
C SER N 99 21.62 15.22 -3.47
N SER N 100 20.95 16.01 -4.32
CA SER N 100 19.98 15.44 -5.23
C SER N 100 20.70 14.67 -6.34
N LEU N 101 20.01 13.67 -6.90
CA LEU N 101 20.65 12.79 -7.88
C LEU N 101 20.45 13.29 -9.31
N THR N 102 20.69 14.58 -9.52
CA THR N 102 20.79 15.23 -10.81
C THR N 102 21.93 16.24 -10.75
N ALA N 103 22.11 16.99 -11.84
CA ALA N 103 22.86 18.25 -11.90
C ALA N 103 24.32 18.07 -11.48
N VAL N 104 25.06 17.32 -12.30
CA VAL N 104 26.50 17.22 -12.10
C VAL N 104 27.15 18.55 -12.47
N TYR N 105 28.25 18.86 -11.79
CA TYR N 105 28.89 20.16 -11.92
C TYR N 105 30.23 20.03 -12.62
N PHE N 106 30.84 21.18 -12.93
CA PHE N 106 32.10 21.22 -13.66
C PHE N 106 32.84 22.47 -13.21
N GLU N 107 33.84 22.29 -12.34
CA GLU N 107 34.61 23.41 -11.81
C GLU N 107 36.03 23.31 -12.34
N LEU N 108 36.43 24.30 -13.14
CA LEU N 108 37.75 24.33 -13.78
C LEU N 108 38.50 25.53 -13.22
N ARG N 109 39.25 25.32 -12.15
CA ARG N 109 40.08 26.37 -11.58
C ARG N 109 41.39 26.48 -12.35
N GLY N 110 42.07 27.62 -12.16
CA GLY N 110 43.31 27.88 -12.87
C GLY N 110 43.11 28.08 -14.35
N LEU N 111 42.47 29.20 -14.72
CA LEU N 111 42.07 29.43 -16.10
C LEU N 111 43.27 29.80 -16.96
N GLN N 112 43.02 29.91 -18.27
CA GLN N 112 44.05 30.08 -19.27
C GLN N 112 43.39 30.68 -20.51
N PRO N 113 44.11 31.47 -21.31
CA PRO N 113 43.54 31.92 -22.60
C PRO N 113 43.65 30.90 -23.73
N ASP N 114 43.88 29.62 -23.39
CA ASP N 114 44.02 28.57 -24.39
C ASP N 114 42.79 27.69 -24.52
N ASP N 115 41.98 27.54 -23.46
CA ASP N 115 40.82 26.66 -23.49
C ASP N 115 39.53 27.39 -23.85
N THR N 116 39.60 28.45 -24.63
CA THR N 116 38.42 29.15 -25.11
C THR N 116 37.69 28.29 -26.15
N GLY N 117 36.45 27.94 -25.87
CA GLY N 117 35.73 27.09 -26.79
C GLY N 117 34.44 26.56 -26.19
N ILE N 118 33.91 25.52 -26.81
CA ILE N 118 32.62 24.96 -26.44
C ILE N 118 32.83 23.72 -25.59
N TYR N 119 31.84 23.44 -24.75
CA TYR N 119 31.85 22.32 -23.82
C TYR N 119 30.59 21.49 -24.00
N PHE N 120 30.73 20.18 -23.87
CA PHE N 120 29.64 19.25 -24.11
C PHE N 120 29.60 18.20 -23.02
N CYS N 121 28.38 17.75 -22.69
CA CYS N 121 28.16 16.65 -21.77
C CYS N 121 27.32 15.58 -22.46
N ALA N 122 27.79 14.34 -22.40
CA ALA N 122 27.17 13.24 -23.13
C ALA N 122 26.91 12.07 -22.18
N ARG N 123 25.77 11.41 -22.39
CA ARG N 123 25.45 10.22 -21.62
C ARG N 123 26.06 8.98 -22.27
N ASP N 124 26.57 8.07 -21.44
CA ASP N 124 27.29 6.91 -21.93
C ASP N 124 27.16 5.77 -20.93
N PRO N 125 26.66 4.61 -21.34
CA PRO N 125 26.58 3.48 -20.40
C PRO N 125 27.94 2.94 -19.99
N PHE N 126 28.94 3.00 -20.89
CA PHE N 126 30.33 2.61 -20.64
C PHE N 126 30.44 1.14 -20.23
N GLY N 127 29.63 0.29 -20.86
CA GLY N 127 29.73 -1.15 -20.65
C GLY N 127 29.28 -1.65 -19.30
N ASP N 128 28.33 -0.95 -18.66
CA ASP N 128 27.81 -1.36 -17.38
C ASP N 128 26.35 -1.79 -17.41
N MET N 129 25.66 -1.61 -18.53
CA MET N 129 24.26 -1.99 -18.62
C MET N 129 24.12 -3.49 -18.90
N TYR N 130 22.89 -3.97 -18.83
CA TYR N 130 22.57 -5.37 -19.05
C TYR N 130 22.53 -5.81 -20.52
N PRO N 131 21.96 -5.07 -21.48
CA PRO N 131 22.06 -5.57 -22.87
C PRO N 131 23.40 -5.25 -23.50
N HIS N 132 24.16 -6.31 -23.82
CA HIS N 132 25.24 -6.35 -24.81
C HIS N 132 26.52 -5.63 -24.41
N TYR N 133 26.50 -4.89 -23.29
CA TYR N 133 27.64 -4.14 -22.74
C TYR N 133 28.28 -3.22 -23.78
N ASN N 134 27.48 -2.27 -24.28
CA ASN N 134 27.89 -1.47 -25.41
C ASN N 134 28.77 -0.30 -24.98
N TYR N 135 29.32 0.42 -25.97
CA TYR N 135 30.22 1.56 -25.76
C TYR N 135 29.80 2.65 -26.74
N HIS N 136 28.92 3.54 -26.30
CA HIS N 136 28.38 4.56 -27.20
C HIS N 136 27.88 5.75 -26.40
N MET N 137 28.06 6.95 -26.96
CA MET N 137 27.49 8.17 -26.42
C MET N 137 26.18 8.42 -27.15
N ASP N 138 25.09 7.90 -26.58
CA ASP N 138 23.80 7.89 -27.28
C ASP N 138 23.18 9.28 -27.39
N VAL N 139 23.44 10.16 -26.43
CA VAL N 139 22.87 11.49 -26.46
C VAL N 139 23.90 12.49 -25.93
N TRP N 140 24.00 13.62 -26.61
CA TRP N 140 24.79 14.76 -26.18
C TRP N 140 23.84 15.89 -25.81
N GLY N 141 24.28 16.79 -24.93
CA GLY N 141 23.36 17.81 -24.46
C GLY N 141 23.85 19.23 -24.56
N GLY N 142 23.16 20.02 -25.38
CA GLY N 142 23.42 21.45 -25.46
C GLY N 142 24.76 21.82 -26.07
N GLY N 143 25.69 22.22 -25.21
CA GLY N 143 26.98 22.71 -25.64
C GLY N 143 27.13 24.18 -25.30
N THR N 144 27.83 24.48 -24.23
CA THR N 144 28.00 25.86 -23.79
C THR N 144 29.29 26.42 -24.35
N THR N 145 29.48 27.73 -24.21
CA THR N 145 30.70 28.38 -24.69
C THR N 145 31.36 29.14 -23.57
N VAL N 146 32.69 29.06 -23.49
CA VAL N 146 33.48 29.76 -22.49
C VAL N 146 34.57 30.53 -23.25
N ILE N 147 34.56 31.85 -23.09
CA ILE N 147 35.59 32.72 -23.64
C ILE N 147 36.25 33.45 -22.47
N VAL N 148 37.46 33.94 -22.71
CA VAL N 148 38.22 34.66 -21.70
C VAL N 148 39.08 35.72 -22.40
N SER N 149 39.04 36.94 -21.88
CA SER N 149 39.81 38.05 -22.43
C SER N 149 40.06 39.04 -21.30
N SER N 150 40.57 40.23 -21.67
CA SER N 150 40.83 41.28 -20.68
C SER N 150 40.73 42.65 -21.33
N GLU O 20 49.54 4.99 -25.77
CA GLU O 20 48.69 5.94 -26.46
C GLU O 20 48.54 5.56 -27.93
N ILE O 21 47.29 5.52 -28.40
CA ILE O 21 46.97 5.20 -29.78
C ILE O 21 46.45 6.46 -30.45
N VAL O 22 47.20 6.97 -31.43
CA VAL O 22 46.82 8.16 -32.16
C VAL O 22 45.93 7.75 -33.34
N LEU O 23 44.82 8.48 -33.53
CA LEU O 23 43.84 8.18 -34.54
C LEU O 23 43.87 9.27 -35.60
N THR O 24 44.25 8.90 -36.82
CA THR O 24 44.38 9.84 -37.92
C THR O 24 43.34 9.54 -39.00
N GLN O 25 43.06 10.54 -39.83
CA GLN O 25 42.13 10.43 -40.95
C GLN O 25 42.71 11.14 -42.15
N SER O 26 43.02 10.39 -43.20
CA SER O 26 43.58 10.96 -44.42
C SER O 26 42.56 11.67 -45.33
N PRO O 27 41.27 11.21 -45.50
CA PRO O 27 40.40 12.11 -46.28
C PRO O 27 39.83 13.26 -45.45
N ALA O 28 40.63 14.32 -45.29
CA ALA O 28 40.21 15.46 -44.49
C ALA O 28 39.20 16.33 -45.23
N ILE O 29 39.37 16.50 -46.54
CA ILE O 29 38.48 17.32 -47.36
C ILE O 29 37.81 16.40 -48.37
N LEU O 30 36.49 16.43 -48.40
CA LEU O 30 35.71 15.60 -49.31
C LEU O 30 34.59 16.43 -49.92
N SER O 31 34.30 16.18 -51.20
CA SER O 31 33.22 16.85 -51.91
C SER O 31 32.50 15.82 -52.77
N VAL O 32 31.16 15.85 -52.73
CA VAL O 32 30.34 14.88 -53.44
C VAL O 32 28.99 15.50 -53.72
N SER O 33 28.27 14.94 -54.71
CA SER O 33 26.93 15.22 -55.19
C SER O 33 25.90 14.41 -54.39
N PRO O 34 24.65 14.87 -54.26
CA PRO O 34 23.64 14.08 -53.55
C PRO O 34 23.20 12.89 -54.40
N GLY O 35 23.41 11.69 -53.87
CA GLY O 35 22.92 10.49 -54.53
C GLY O 35 23.97 9.48 -54.94
N ASP O 36 25.09 9.41 -54.22
CA ASP O 36 26.12 8.41 -54.48
C ASP O 36 26.62 7.83 -53.16
N ARG O 37 27.61 6.97 -53.25
CA ARG O 37 28.24 6.36 -52.08
C ARG O 37 29.58 7.01 -51.81
N VAL O 38 29.83 7.36 -50.54
CA VAL O 38 31.09 7.95 -50.12
C VAL O 38 31.77 7.01 -49.14
N ILE O 39 33.11 7.11 -49.08
CA ILE O 39 33.93 6.26 -48.23
C ILE O 39 34.66 7.18 -47.25
N LEU O 40 34.43 6.97 -45.95
CA LEU O 40 35.11 7.73 -44.91
C LEU O 40 36.07 6.77 -44.21
N SER O 41 37.34 6.85 -44.57
CA SER O 41 38.34 5.92 -44.04
C SER O 41 39.06 6.53 -42.85
N CYS O 42 39.54 5.65 -41.97
CA CYS O 42 40.29 6.06 -40.79
C CYS O 42 41.35 5.02 -40.48
N LYS O 43 42.56 5.48 -40.16
CA LYS O 43 43.68 4.62 -39.84
C LYS O 43 43.98 4.69 -38.35
N ALA O 44 44.22 3.53 -37.74
CA ALA O 44 44.61 3.45 -36.34
C ALA O 44 46.12 3.31 -36.24
N SER O 45 46.64 3.54 -35.03
CA SER O 45 48.08 3.53 -34.82
C SER O 45 48.62 2.11 -34.67
N GLU O 46 48.22 1.41 -33.61
CA GLU O 46 48.76 0.08 -33.31
C GLU O 46 47.65 -0.80 -32.73
N GLY O 47 46.95 -1.52 -33.61
CA GLY O 47 46.11 -2.64 -33.21
C GLY O 47 44.91 -2.35 -32.33
N LEU O 48 43.88 -1.71 -32.90
CA LEU O 48 42.64 -1.52 -32.16
C LEU O 48 41.92 -2.84 -31.96
N SER O 49 41.08 -2.90 -30.93
CA SER O 49 40.40 -4.13 -30.52
C SER O 49 39.17 -4.45 -31.37
N SER O 50 38.87 -3.62 -32.38
CA SER O 50 37.82 -3.82 -33.38
C SER O 50 36.41 -3.87 -32.79
N SER O 51 36.24 -3.39 -31.56
CA SER O 51 34.91 -3.31 -30.95
C SER O 51 34.70 -2.03 -30.14
N ASP O 52 35.67 -1.11 -30.12
CA ASP O 52 35.59 0.13 -29.34
C ASP O 52 35.87 1.29 -30.27
N LEU O 53 34.83 1.77 -30.95
CA LEU O 53 34.94 2.89 -31.87
C LEU O 53 33.56 3.50 -32.05
N ALA O 54 33.53 4.81 -32.28
CA ALA O 54 32.27 5.52 -32.45
C ALA O 54 32.45 6.62 -33.50
N TRP O 55 31.36 6.94 -34.19
CA TRP O 55 31.32 8.03 -35.16
C TRP O 55 30.26 9.04 -34.74
N TYR O 56 30.61 10.32 -34.83
CA TYR O 56 29.72 11.41 -34.48
C TYR O 56 29.60 12.38 -35.64
N ARG O 57 28.41 12.98 -35.77
CA ARG O 57 28.11 13.94 -36.84
C ARG O 57 28.00 15.32 -36.20
N PHE O 58 29.09 16.08 -36.27
CA PHE O 58 29.16 17.40 -35.69
C PHE O 58 28.73 18.46 -36.69
N LYS O 59 28.32 19.62 -36.16
CA LYS O 59 27.99 20.77 -36.98
C LYS O 59 28.17 22.03 -36.14
N GLY O 60 28.18 23.17 -36.82
CA GLY O 60 28.36 24.44 -36.15
C GLY O 60 27.10 24.94 -35.46
N GLY O 61 27.08 24.88 -34.14
CA GLY O 61 25.93 25.34 -33.37
C GLY O 61 24.72 24.44 -33.46
N GLN O 62 24.94 23.14 -33.34
CA GLN O 62 23.86 22.15 -33.38
C GLN O 62 24.13 21.10 -32.32
N ILE O 63 23.35 20.01 -32.38
CA ILE O 63 23.46 18.92 -31.42
C ILE O 63 24.23 17.78 -32.09
N PRO O 64 25.46 17.48 -31.66
CA PRO O 64 26.21 16.37 -32.27
C PRO O 64 25.68 15.01 -31.85
N THR O 65 25.06 14.30 -32.78
CA THR O 65 24.45 13.00 -32.50
C THR O 65 25.36 11.87 -32.96
N LEU O 66 25.02 10.67 -32.52
CA LEU O 66 25.74 9.45 -32.87
C LEU O 66 25.05 8.78 -34.06
N VAL O 67 25.84 8.06 -34.85
CA VAL O 67 25.31 7.38 -36.03
C VAL O 67 25.55 5.87 -36.02
N ILE O 68 26.55 5.35 -35.31
CA ILE O 68 26.87 3.92 -35.39
C ILE O 68 27.47 3.47 -34.06
N PHE O 69 27.21 2.20 -33.71
CA PHE O 69 27.86 1.55 -32.58
C PHE O 69 29.05 0.74 -33.07
N GLY O 70 30.11 0.70 -32.24
CA GLY O 70 31.22 -0.23 -32.33
C GLY O 70 31.89 -0.42 -33.68
N ALA O 71 31.73 -1.62 -34.24
CA ALA O 71 32.17 -1.91 -35.60
C ALA O 71 31.03 -1.70 -36.60
N SER O 72 29.93 -2.44 -36.44
CA SER O 72 28.77 -2.30 -37.34
C SER O 72 27.51 -2.63 -36.54
N ASN O 73 26.87 -1.58 -36.00
CA ASN O 73 25.61 -1.71 -35.29
C ASN O 73 24.94 -0.34 -35.26
N ARG O 74 23.69 -0.27 -35.73
CA ARG O 74 23.03 1.01 -35.85
C ARG O 74 22.43 1.46 -34.52
N ALA O 75 22.19 2.76 -34.41
CA ALA O 75 21.62 3.37 -33.23
C ALA O 75 20.10 3.44 -33.35
N ARG O 76 19.47 4.19 -32.46
CA ARG O 76 18.01 4.35 -32.49
C ARG O 76 17.58 5.27 -33.62
N GLY O 77 18.06 6.51 -33.61
CA GLY O 77 17.72 7.46 -34.66
C GLY O 77 18.66 7.41 -35.84
N THR O 78 18.71 6.25 -36.51
CA THR O 78 19.59 6.05 -37.65
C THR O 78 18.82 5.32 -38.74
N PRO O 79 18.79 5.82 -39.96
CA PRO O 79 18.07 5.15 -41.05
C PRO O 79 18.86 3.97 -41.60
N ASP O 80 18.30 3.36 -42.65
CA ASP O 80 18.90 2.19 -43.26
C ASP O 80 20.13 2.51 -44.11
N ARG O 81 20.30 3.77 -44.48
CA ARG O 81 21.36 4.16 -45.42
C ARG O 81 22.72 4.36 -44.77
N PHE O 82 22.83 4.23 -43.45
CA PHE O 82 24.08 4.43 -42.74
C PHE O 82 24.64 3.09 -42.33
N SER O 83 25.86 2.79 -42.76
CA SER O 83 26.53 1.54 -42.41
C SER O 83 28.04 1.77 -42.48
N GLY O 84 28.80 0.71 -42.20
CA GLY O 84 30.24 0.79 -42.22
C GLY O 84 30.90 -0.30 -41.40
N SER O 85 32.02 -0.83 -41.88
CA SER O 85 32.72 -1.92 -41.19
C SER O 85 34.21 -1.61 -41.21
N GLY O 86 34.99 -2.60 -40.80
CA GLY O 86 36.44 -2.46 -40.72
C GLY O 86 36.98 -3.17 -39.50
N SER O 87 38.23 -3.61 -39.59
CA SER O 87 38.87 -4.34 -38.51
C SER O 87 40.36 -4.07 -38.54
N GLY O 88 41.02 -4.38 -37.43
CA GLY O 88 42.45 -4.19 -37.31
C GLY O 88 42.82 -2.74 -37.06
N THR O 89 43.39 -2.08 -38.07
CA THR O 89 43.79 -0.69 -37.97
C THR O 89 43.07 0.22 -38.95
N ASP O 90 42.23 -0.32 -39.82
CA ASP O 90 41.50 0.45 -40.81
C ASP O 90 40.00 0.33 -40.53
N PHE O 91 39.31 1.47 -40.48
CA PHE O 91 37.88 1.51 -40.22
C PHE O 91 37.21 2.40 -41.24
N THR O 92 36.16 1.90 -41.88
CA THR O 92 35.49 2.61 -42.97
C THR O 92 34.03 2.89 -42.62
N LEU O 93 33.56 4.04 -43.06
CA LEU O 93 32.16 4.43 -42.97
C LEU O 93 31.61 4.53 -44.39
N THR O 94 30.54 3.78 -44.66
CA THR O 94 29.97 3.66 -46.00
C THR O 94 28.55 4.21 -45.97
N ILE O 95 28.37 5.44 -46.45
CA ILE O 95 27.05 6.03 -46.57
C ILE O 95 26.45 5.62 -47.92
N ASN O 96 25.19 5.18 -47.90
CA ASN O 96 24.56 4.68 -49.12
C ASN O 96 24.20 5.82 -50.06
N ARG O 97 23.49 6.83 -49.57
CA ARG O 97 23.08 7.98 -50.37
C ARG O 97 23.34 9.26 -49.59
N VAL O 98 23.55 10.34 -50.33
CA VAL O 98 23.89 11.64 -49.74
C VAL O 98 22.66 12.54 -49.77
N GLU O 99 22.31 13.09 -48.63
CA GLU O 99 21.16 13.96 -48.44
C GLU O 99 21.60 15.38 -48.12
N PRO O 100 20.75 16.38 -48.37
CA PRO O 100 21.09 17.76 -47.95
C PRO O 100 21.12 17.95 -46.44
N GLU O 101 20.55 17.04 -45.65
CA GLU O 101 20.64 17.09 -44.20
C GLU O 101 21.85 16.33 -43.65
N ASP O 102 22.81 15.98 -44.51
CA ASP O 102 23.99 15.26 -44.08
C ASP O 102 25.29 15.96 -44.41
N PHE O 103 25.25 17.14 -45.03
CA PHE O 103 26.46 17.89 -45.37
C PHE O 103 27.01 18.54 -44.10
N ALA O 104 27.79 17.76 -43.35
CA ALA O 104 28.36 18.24 -42.11
C ALA O 104 29.64 17.47 -41.84
N THR O 105 30.44 17.99 -40.91
CA THR O 105 31.70 17.35 -40.56
C THR O 105 31.46 16.12 -39.69
N TYR O 106 32.39 15.18 -39.74
CA TYR O 106 32.31 13.93 -39.01
C TYR O 106 33.55 13.78 -38.13
N TYR O 107 33.36 13.16 -36.97
CA TYR O 107 34.46 12.93 -36.03
C TYR O 107 34.37 11.53 -35.47
N CYS O 108 35.45 10.76 -35.61
CA CYS O 108 35.52 9.41 -35.09
C CYS O 108 36.35 9.40 -33.82
N GLN O 109 36.01 8.48 -32.91
CA GLN O 109 36.71 8.36 -31.63
C GLN O 109 36.82 6.88 -31.27
N ARG O 110 37.73 6.61 -30.34
CA ARG O 110 37.98 5.26 -29.84
C ARG O 110 37.66 5.21 -28.35
N TYR O 111 37.88 4.03 -27.76
CA TYR O 111 37.70 3.85 -26.33
C TYR O 111 38.89 3.09 -25.75
N GLY O 112 38.78 2.67 -24.49
CA GLY O 112 39.85 1.94 -23.85
C GLY O 112 40.48 2.70 -22.71
N GLY O 113 41.80 2.84 -22.74
CA GLY O 113 42.50 3.49 -21.64
C GLY O 113 42.31 5.00 -21.67
N THR O 114 42.09 5.58 -20.49
CA THR O 114 41.97 7.02 -20.39
C THR O 114 43.36 7.66 -20.50
N PRO O 115 43.49 8.78 -21.23
CA PRO O 115 42.44 9.51 -21.95
C PRO O 115 42.13 8.96 -23.34
N ILE O 116 40.87 9.07 -23.76
CA ILE O 116 40.50 8.72 -25.12
C ILE O 116 40.81 9.88 -26.05
N THR O 117 40.97 9.55 -27.34
CA THR O 117 41.39 10.53 -28.32
C THR O 117 40.51 10.41 -29.56
N PHE O 118 40.09 11.56 -30.09
CA PHE O 118 39.29 11.61 -31.30
C PHE O 118 40.18 11.34 -32.52
N GLY O 119 39.55 11.26 -33.69
CA GLY O 119 40.26 10.89 -34.89
C GLY O 119 40.63 12.04 -35.80
N GLY O 120 40.92 13.20 -35.22
CA GLY O 120 41.30 14.35 -36.03
C GLY O 120 40.08 15.11 -36.53
N GLY O 121 39.70 14.84 -37.78
CA GLY O 121 38.51 15.46 -38.32
C GLY O 121 38.41 15.36 -39.83
N THR O 122 37.21 15.10 -40.32
CA THR O 122 36.91 15.05 -41.75
C THR O 122 35.65 15.88 -42.03
N LYS O 123 35.42 16.16 -43.31
CA LYS O 123 34.31 17.01 -43.68
C LYS O 123 33.87 16.68 -45.09
N VAL O 124 32.55 16.60 -45.31
CA VAL O 124 31.99 16.44 -46.63
C VAL O 124 31.47 17.80 -47.10
N ASP O 125 31.30 17.93 -48.41
CA ASP O 125 30.86 19.21 -48.98
C ASP O 125 30.04 18.94 -50.23
N ILE O 126 29.32 19.98 -50.65
CA ILE O 126 28.47 19.93 -51.83
C ILE O 126 29.21 20.60 -53.00
N LYS O 127 29.21 19.93 -54.15
CA LYS O 127 29.85 20.48 -55.35
C LYS O 127 29.17 19.95 -56.61
N SER P 8 2.49 -29.91 -46.23
CA SER P 8 2.98 -28.54 -46.31
C SER P 8 1.82 -27.55 -46.36
N LEU P 9 1.07 -27.47 -45.27
CA LEU P 9 -0.08 -26.58 -45.18
C LEU P 9 0.06 -25.53 -44.09
N GLY P 10 0.51 -25.91 -42.90
CA GLY P 10 0.66 -25.01 -41.79
C GLY P 10 -0.25 -25.40 -40.64
N PHE P 11 -0.22 -24.56 -39.60
CA PHE P 11 -1.04 -24.79 -38.41
C PHE P 11 -2.50 -24.50 -38.73
N LEU P 12 -3.36 -25.51 -38.47
CA LEU P 12 -4.80 -25.47 -38.75
C LEU P 12 -5.09 -25.17 -40.23
N GLY P 13 -4.27 -25.75 -41.10
CA GLY P 13 -4.42 -25.51 -42.53
C GLY P 13 -5.46 -26.40 -43.18
N ALA P 14 -5.60 -27.63 -42.67
CA ALA P 14 -6.56 -28.60 -43.20
C ALA P 14 -7.85 -28.64 -42.39
N ALA P 15 -8.28 -27.50 -41.84
CA ALA P 15 -9.49 -27.48 -41.01
C ALA P 15 -10.76 -27.62 -41.83
N GLY P 16 -10.74 -27.25 -43.10
CA GLY P 16 -11.91 -27.39 -43.95
C GLY P 16 -11.74 -28.46 -45.01
N SER P 17 -10.62 -29.18 -44.96
CA SER P 17 -10.33 -30.19 -45.95
C SER P 17 -11.04 -31.50 -45.62
N THR P 18 -10.79 -32.51 -46.44
CA THR P 18 -11.40 -33.83 -46.27
C THR P 18 -10.70 -34.59 -45.15
N MET P 19 -11.48 -35.38 -44.41
CA MET P 19 -10.92 -36.19 -43.32
C MET P 19 -9.98 -37.26 -43.84
N GLY P 20 -10.19 -37.75 -45.07
CA GLY P 20 -9.25 -38.67 -45.67
C GLY P 20 -7.96 -38.01 -46.11
N ALA P 21 -7.94 -36.69 -46.27
CA ALA P 21 -6.74 -35.95 -46.63
C ALA P 21 -6.10 -35.22 -45.46
N ALA P 22 -6.86 -34.95 -44.39
CA ALA P 22 -6.33 -34.30 -43.21
C ALA P 22 -5.73 -35.28 -42.21
N SER P 23 -5.77 -36.58 -42.50
CA SER P 23 -5.18 -37.59 -41.62
C SER P 23 -3.68 -37.74 -41.82
N MET P 24 -3.10 -37.07 -42.80
CA MET P 24 -1.66 -37.10 -43.04
C MET P 24 -0.95 -35.87 -42.50
N THR P 25 -1.69 -34.86 -42.06
CA THR P 25 -1.13 -33.62 -41.53
C THR P 25 -1.46 -33.48 -40.05
N LEU P 26 -1.34 -34.58 -39.30
CA LEU P 26 -1.60 -34.56 -37.86
C LEU P 26 -0.42 -34.04 -37.05
N THR P 27 0.70 -33.72 -37.70
CA THR P 27 1.89 -33.27 -36.99
C THR P 27 1.81 -31.80 -36.61
N VAL P 28 1.19 -30.97 -37.46
CA VAL P 28 1.22 -29.52 -37.25
C VAL P 28 0.30 -29.06 -36.13
N GLN P 29 -0.65 -29.89 -35.70
CA GLN P 29 -1.52 -29.56 -34.58
C GLN P 29 -1.07 -30.17 -33.26
N ALA P 30 -0.29 -31.25 -33.31
CA ALA P 30 0.18 -31.92 -32.11
C ALA P 30 1.50 -31.36 -31.59
N ARG P 31 2.12 -30.43 -32.32
CA ARG P 31 3.39 -29.85 -31.90
C ARG P 31 3.27 -28.38 -31.49
N ASN P 32 2.12 -27.75 -31.71
CA ASN P 32 1.91 -26.36 -31.33
C ASN P 32 1.03 -26.23 -30.09
N LEU P 33 0.81 -27.31 -29.35
CA LEU P 33 0.02 -27.25 -28.13
C LEU P 33 0.82 -26.74 -26.93
N LEU P 34 2.15 -26.67 -27.04
CA LEU P 34 2.98 -26.18 -25.96
C LEU P 34 3.69 -24.88 -26.27
N SER P 35 3.79 -24.50 -27.55
CA SER P 35 4.44 -23.26 -27.93
C SER P 35 3.60 -22.47 -28.92
N THR P 58 3.43 -5.22 -11.09
CA THR P 58 3.14 -5.48 -12.50
C THR P 58 1.79 -6.16 -12.66
N HIS P 59 0.98 -5.64 -13.59
CA HIS P 59 -0.33 -6.23 -13.84
C HIS P 59 -0.22 -7.53 -14.63
N TRP P 60 0.73 -7.59 -15.58
CA TRP P 60 0.92 -8.76 -16.42
C TRP P 60 1.79 -9.83 -15.78
N GLY P 61 2.16 -9.67 -14.51
CA GLY P 61 2.96 -10.68 -13.85
C GLY P 61 2.19 -11.94 -13.49
N ILE P 62 0.93 -11.79 -13.08
CA ILE P 62 0.07 -12.93 -12.78
C ILE P 62 -0.83 -13.28 -13.97
N LYS P 63 -0.94 -12.40 -14.97
CA LYS P 63 -1.73 -12.70 -16.15
C LYS P 63 -1.03 -13.70 -17.05
N GLN P 64 0.29 -13.60 -17.19
CA GLN P 64 1.03 -14.52 -18.03
C GLN P 64 1.32 -15.84 -17.32
N LEU P 65 1.26 -15.85 -15.98
CA LEU P 65 1.59 -17.08 -15.25
C LEU P 65 0.45 -18.08 -15.28
N GLN P 66 -0.80 -17.61 -15.32
CA GLN P 66 -1.95 -18.52 -15.36
C GLN P 66 -2.08 -19.22 -16.70
N ALA P 67 -1.68 -18.56 -17.79
CA ALA P 67 -1.85 -19.12 -19.14
C ALA P 67 -0.98 -20.34 -19.38
N ARG P 68 0.28 -20.31 -18.92
CA ARG P 68 1.16 -21.46 -19.07
C ARG P 68 0.69 -22.65 -18.25
N VAL P 69 0.17 -22.39 -17.03
CA VAL P 69 -0.36 -23.46 -16.19
C VAL P 69 -1.61 -24.07 -16.82
N LEU P 70 -2.47 -23.22 -17.40
CA LEU P 70 -3.66 -23.72 -18.07
C LEU P 70 -3.33 -24.52 -19.32
N ALA P 71 -2.32 -24.08 -20.10
CA ALA P 71 -1.89 -24.83 -21.26
C ALA P 71 -1.24 -26.17 -20.90
N VAL P 72 -0.43 -26.19 -19.83
CA VAL P 72 0.19 -27.42 -19.35
C VAL P 72 -0.87 -28.41 -18.85
N GLU P 73 -1.88 -27.91 -18.14
CA GLU P 73 -2.95 -28.78 -17.66
C GLU P 73 -3.82 -29.30 -18.80
N HIS P 74 -4.12 -28.45 -19.80
CA HIS P 74 -4.91 -28.90 -20.94
C HIS P 74 -4.15 -29.86 -21.83
N TYR P 75 -2.82 -29.77 -21.87
CA TYR P 75 -2.04 -30.76 -22.60
C TYR P 75 -1.93 -32.07 -21.83
N LEU P 76 -1.72 -31.98 -20.51
CA LEU P 76 -1.56 -33.19 -19.71
C LEU P 76 -2.85 -33.96 -19.53
N ARG P 77 -4.01 -33.28 -19.60
CA ARG P 77 -5.28 -34.00 -19.56
C ARG P 77 -5.47 -34.88 -20.79
N ASP P 78 -5.16 -34.34 -21.98
CA ASP P 78 -5.23 -35.13 -23.21
C ASP P 78 -4.13 -36.16 -23.30
N GLN P 79 -2.98 -35.93 -22.65
CA GLN P 79 -1.96 -36.97 -22.59
C GLN P 79 -2.31 -38.07 -21.60
N GLN P 80 -3.06 -37.76 -20.55
CA GLN P 80 -3.51 -38.78 -19.61
C GLN P 80 -4.67 -39.59 -20.19
N LEU P 81 -5.53 -38.94 -20.99
CA LEU P 81 -6.63 -39.67 -21.61
C LEU P 81 -6.15 -40.61 -22.72
N LEU P 82 -5.01 -40.31 -23.34
CA LEU P 82 -4.46 -41.18 -24.37
C LEU P 82 -3.49 -42.21 -23.81
N GLY P 83 -3.13 -42.13 -22.53
CA GLY P 83 -2.21 -43.07 -21.95
C GLY P 83 -2.88 -44.26 -21.31
N ILE P 84 -4.17 -44.14 -21.02
CA ILE P 84 -4.94 -45.20 -20.41
C ILE P 84 -5.78 -45.97 -21.43
N TRP P 85 -5.51 -45.75 -22.72
CA TRP P 85 -6.21 -46.47 -23.78
C TRP P 85 -5.27 -47.37 -24.59
N GLY P 86 -4.02 -47.51 -24.18
CA GLY P 86 -3.07 -48.28 -24.95
C GLY P 86 -2.56 -47.59 -26.19
N CYS P 87 -2.67 -46.25 -26.25
CA CYS P 87 -2.27 -45.48 -27.43
C CYS P 87 -1.28 -44.39 -27.06
N SER P 88 -0.48 -44.62 -26.03
CA SER P 88 0.52 -43.64 -25.60
C SER P 88 1.70 -43.65 -26.56
N GLY P 89 2.02 -42.47 -27.10
CA GLY P 89 3.10 -42.34 -28.05
C GLY P 89 2.69 -42.49 -29.50
N LYS P 90 1.46 -42.87 -29.78
CA LYS P 90 0.97 -43.04 -31.14
C LYS P 90 -0.03 -41.93 -31.48
N LEU P 91 -0.16 -41.65 -32.78
CA LEU P 91 -1.12 -40.70 -33.28
C LEU P 91 -2.38 -41.36 -33.81
N ILE P 92 -2.25 -42.45 -34.55
CA ILE P 92 -3.37 -43.23 -35.06
C ILE P 92 -3.24 -44.64 -34.50
N CYS P 93 -4.06 -44.96 -33.50
CA CYS P 93 -4.06 -46.27 -32.88
C CYS P 93 -5.40 -46.95 -33.14
N CYS P 94 -5.43 -48.26 -32.92
CA CYS P 94 -6.63 -49.07 -33.12
C CYS P 94 -7.09 -49.65 -31.78
N THR P 95 -8.41 -49.74 -31.61
CA THR P 95 -9.01 -50.24 -30.39
C THR P 95 -9.90 -51.43 -30.72
N ASN P 96 -10.50 -52.00 -29.67
CA ASN P 96 -11.36 -53.17 -29.79
C ASN P 96 -12.84 -52.84 -29.58
N VAL P 97 -13.18 -51.59 -29.33
CA VAL P 97 -14.58 -51.21 -29.07
C VAL P 97 -15.30 -51.11 -30.41
N PRO P 98 -16.41 -51.84 -30.60
CA PRO P 98 -17.13 -51.75 -31.87
C PRO P 98 -17.93 -50.47 -31.99
N TRP P 99 -18.21 -50.08 -33.23
CA TRP P 99 -18.97 -48.87 -33.52
C TRP P 99 -20.45 -49.22 -33.56
N ASN P 100 -21.22 -48.63 -32.64
CA ASN P 100 -22.65 -48.86 -32.61
C ASN P 100 -23.35 -48.09 -33.72
N SER P 101 -24.40 -48.68 -34.28
CA SER P 101 -25.15 -48.04 -35.36
C SER P 101 -26.08 -46.95 -34.86
N SER P 102 -26.35 -46.88 -33.56
CA SER P 102 -27.23 -45.84 -33.03
C SER P 102 -26.55 -44.48 -32.97
N TRP P 103 -25.22 -44.44 -32.99
CA TRP P 103 -24.53 -43.16 -32.92
C TRP P 103 -24.56 -42.45 -34.27
N SER P 104 -24.27 -43.17 -35.35
CA SER P 104 -24.33 -42.62 -36.69
C SER P 104 -24.57 -43.75 -37.68
N ASN P 105 -25.46 -43.53 -38.64
CA ASN P 105 -25.80 -44.51 -39.66
C ASN P 105 -25.10 -44.26 -40.98
N ARG P 106 -24.04 -43.45 -40.98
CA ARG P 106 -23.34 -43.12 -42.22
C ARG P 106 -22.34 -44.20 -42.58
N ASN P 107 -22.14 -44.39 -43.88
CA ASN P 107 -21.24 -45.41 -44.39
C ASN P 107 -19.84 -44.82 -44.58
N LEU P 108 -18.96 -45.57 -45.24
CA LEU P 108 -17.58 -45.13 -45.41
C LEU P 108 -17.41 -44.17 -46.58
N SER P 109 -18.27 -44.27 -47.60
CA SER P 109 -18.12 -43.46 -48.81
C SER P 109 -18.58 -42.03 -48.63
N GLU P 110 -19.23 -41.68 -47.51
CA GLU P 110 -19.71 -40.33 -47.29
C GLU P 110 -19.01 -39.62 -46.14
N ILE P 111 -18.24 -40.32 -45.33
CA ILE P 111 -17.55 -39.70 -44.21
C ILE P 111 -16.16 -39.23 -44.60
N TRP P 112 -15.34 -40.12 -45.16
CA TRP P 112 -13.96 -39.82 -45.50
C TRP P 112 -13.80 -39.25 -46.91
N ASP P 113 -14.89 -38.83 -47.55
CA ASP P 113 -14.80 -38.27 -48.89
C ASP P 113 -15.48 -36.91 -48.98
N ASN P 114 -16.58 -36.74 -48.24
CA ASN P 114 -17.38 -35.52 -48.31
C ASN P 114 -17.26 -34.67 -47.05
N MET P 115 -17.42 -35.27 -45.88
CA MET P 115 -17.50 -34.50 -44.64
C MET P 115 -16.12 -34.10 -44.14
N THR P 116 -16.07 -32.96 -43.46
CA THR P 116 -14.87 -32.52 -42.77
C THR P 116 -14.98 -32.90 -41.28
N TRP P 117 -13.96 -32.51 -40.50
CA TRP P 117 -13.96 -32.84 -39.08
C TRP P 117 -14.93 -31.97 -38.28
N LEU P 118 -15.15 -30.72 -38.70
CA LEU P 118 -16.06 -29.85 -37.98
C LEU P 118 -17.52 -30.28 -38.16
N GLN P 119 -17.86 -30.79 -39.34
CA GLN P 119 -19.21 -31.33 -39.54
C GLN P 119 -19.38 -32.71 -38.91
N TRP P 120 -18.28 -33.42 -38.67
CA TRP P 120 -18.38 -34.73 -38.05
C TRP P 120 -18.43 -34.64 -36.53
N ASP P 121 -17.77 -33.62 -35.94
CA ASP P 121 -17.77 -33.48 -34.49
C ASP P 121 -19.13 -33.04 -33.96
N LYS P 122 -19.94 -32.36 -34.78
CA LYS P 122 -21.26 -31.94 -34.36
C LYS P 122 -22.28 -33.08 -34.39
N GLU P 123 -21.98 -34.18 -35.08
CA GLU P 123 -22.92 -35.29 -35.16
C GLU P 123 -22.79 -36.24 -33.97
N ILE P 124 -21.61 -36.34 -33.38
CA ILE P 124 -21.39 -37.21 -32.23
C ILE P 124 -21.02 -36.37 -31.02
N SER P 125 -21.53 -35.14 -30.96
CA SER P 125 -21.22 -34.24 -29.86
C SER P 125 -21.91 -34.64 -28.56
N ASN P 126 -22.99 -35.41 -28.64
CA ASN P 126 -23.70 -35.85 -27.44
C ASN P 126 -23.31 -37.25 -27.02
N TYR P 127 -22.57 -37.99 -27.85
CA TYR P 127 -22.16 -39.35 -27.54
C TYR P 127 -20.67 -39.45 -27.21
N THR P 128 -20.12 -38.44 -26.53
CA THR P 128 -18.70 -38.47 -26.21
C THR P 128 -18.42 -39.21 -24.91
N GLN P 129 -19.24 -38.98 -23.88
CA GLN P 129 -18.99 -39.55 -22.56
C GLN P 129 -19.28 -41.04 -22.47
N ILE P 130 -20.05 -41.59 -23.41
CA ILE P 130 -20.27 -43.03 -23.42
C ILE P 130 -19.17 -43.76 -24.21
N ILE P 131 -18.65 -43.15 -25.28
CA ILE P 131 -17.50 -43.73 -25.97
C ILE P 131 -16.26 -43.63 -25.10
N TYR P 132 -16.11 -42.53 -24.36
CA TYR P 132 -14.99 -42.38 -23.43
C TYR P 132 -15.07 -43.35 -22.25
N GLY P 133 -16.27 -43.84 -21.91
CA GLY P 133 -16.41 -44.83 -20.87
C GLY P 133 -16.26 -46.24 -21.40
N LEU P 134 -16.68 -46.48 -22.64
CA LEU P 134 -16.54 -47.79 -23.25
C LEU P 134 -15.10 -48.07 -23.66
N LEU P 135 -14.32 -47.02 -23.94
CA LEU P 135 -12.92 -47.21 -24.31
C LEU P 135 -12.03 -47.55 -23.12
N GLU P 136 -12.53 -47.37 -21.90
CA GLU P 136 -11.69 -47.59 -20.72
C GLU P 136 -11.65 -49.05 -20.31
N GLU P 137 -12.74 -49.79 -20.48
CA GLU P 137 -12.77 -51.20 -20.10
C GLU P 137 -11.99 -52.08 -21.06
N SER P 138 -11.79 -51.65 -22.31
CA SER P 138 -11.03 -52.42 -23.28
C SER P 138 -9.55 -52.45 -22.95
N GLN P 139 -9.06 -51.46 -22.20
CA GLN P 139 -7.67 -51.51 -21.73
C GLN P 139 -7.49 -52.56 -20.64
N ASN P 140 -8.41 -52.61 -19.67
CA ASN P 140 -8.31 -53.58 -18.60
C ASN P 140 -8.58 -55.00 -19.09
N GLN P 141 -9.55 -55.19 -19.98
CA GLN P 141 -9.86 -56.50 -20.52
C GLN P 141 -8.79 -57.05 -21.44
N GLN P 142 -7.89 -56.20 -21.93
CA GLN P 142 -6.71 -56.63 -22.66
C GLN P 142 -5.51 -56.85 -21.75
N GLU P 143 -5.31 -55.96 -20.76
CA GLU P 143 -4.15 -56.05 -19.88
C GLU P 143 -4.25 -57.24 -18.92
N LYS P 144 -5.45 -57.55 -18.42
CA LYS P 144 -5.60 -58.70 -17.53
C LYS P 144 -5.39 -60.02 -18.29
N ASN P 145 -5.88 -60.09 -19.52
CA ASN P 145 -5.66 -61.29 -20.33
C ASN P 145 -4.19 -61.43 -20.74
N GLU P 146 -3.51 -60.32 -21.04
CA GLU P 146 -2.08 -60.39 -21.34
C GLU P 146 -1.25 -60.74 -20.12
N GLN P 147 -1.68 -60.29 -18.93
CA GLN P 147 -1.00 -60.67 -17.70
C GLN P 147 -1.23 -62.13 -17.36
N ASP P 148 -2.41 -62.67 -17.65
CA ASP P 148 -2.65 -64.09 -17.45
C ASP P 148 -1.93 -64.94 -18.49
N LEU P 149 -1.72 -64.41 -19.69
CA LEU P 149 -0.97 -65.12 -20.72
C LEU P 149 0.53 -65.09 -20.47
N LEU P 150 1.06 -64.00 -19.92
CA LEU P 150 2.48 -63.88 -19.67
C LEU P 150 2.93 -64.56 -18.38
N ALA P 151 2.00 -64.97 -17.53
CA ALA P 151 2.34 -65.63 -16.28
C ALA P 151 2.75 -67.08 -16.45
N LEU P 152 2.49 -67.68 -17.60
CA LEU P 152 2.84 -69.07 -17.85
C LEU P 152 4.33 -69.22 -18.15
N SER Q 8 27.85 -46.03 -12.05
CA SER Q 8 28.08 -45.39 -10.76
C SER Q 8 29.04 -44.21 -10.89
N LEU Q 9 28.54 -43.10 -11.43
CA LEU Q 9 29.33 -41.90 -11.62
C LEU Q 9 28.72 -40.67 -10.97
N GLY Q 10 27.39 -40.56 -10.95
CA GLY Q 10 26.71 -39.42 -10.37
C GLY Q 10 26.05 -38.56 -11.44
N PHE Q 11 25.47 -37.46 -10.97
CA PHE Q 11 24.80 -36.52 -11.86
C PHE Q 11 25.84 -35.75 -12.67
N LEU Q 12 25.71 -35.81 -14.00
CA LEU Q 12 26.62 -35.19 -14.98
C LEU Q 12 28.07 -35.67 -14.77
N GLY Q 13 28.23 -36.96 -14.50
CA GLY Q 13 29.54 -37.51 -14.24
C GLY Q 13 30.30 -37.91 -15.49
N ALA Q 14 29.56 -38.39 -16.50
CA ALA Q 14 30.17 -38.83 -17.76
C ALA Q 14 30.19 -37.74 -18.82
N ALA Q 15 30.25 -36.47 -18.41
CA ALA Q 15 30.26 -35.38 -19.37
C ALA Q 15 31.60 -35.22 -20.08
N GLY Q 16 32.69 -35.69 -19.48
CA GLY Q 16 33.99 -35.60 -20.09
C GLY Q 16 34.51 -36.95 -20.56
N SER Q 17 33.66 -37.96 -20.52
CA SER Q 17 34.03 -39.31 -20.89
C SER Q 17 33.75 -39.53 -22.38
N THR Q 18 33.85 -40.78 -22.82
CA THR Q 18 33.62 -41.14 -24.21
C THR Q 18 32.13 -41.42 -24.43
N MET Q 19 31.66 -41.13 -25.65
CA MET Q 19 30.27 -41.38 -26.01
C MET Q 19 29.92 -42.86 -26.00
N GLY Q 20 30.90 -43.72 -26.29
CA GLY Q 20 30.68 -45.15 -26.17
C GLY Q 20 30.58 -45.65 -24.75
N ALA Q 21 31.11 -44.89 -23.79
CA ALA Q 21 31.03 -45.25 -22.38
C ALA Q 21 29.95 -44.46 -21.63
N ALA Q 22 29.44 -43.38 -22.21
CA ALA Q 22 28.38 -42.59 -21.58
C ALA Q 22 26.99 -43.01 -22.03
N SER Q 23 26.87 -44.05 -22.85
CA SER Q 23 25.59 -44.53 -23.32
C SER Q 23 24.92 -45.50 -22.35
N MET Q 24 25.57 -45.81 -21.24
CA MET Q 24 25.01 -46.70 -20.23
C MET Q 24 24.59 -45.98 -18.96
N THR Q 25 24.90 -44.68 -18.84
CA THR Q 25 24.56 -43.90 -17.65
C THR Q 25 23.56 -42.82 -18.01
N LEU Q 26 22.54 -43.17 -18.79
CA LEU Q 26 21.56 -42.18 -19.23
C LEU Q 26 20.49 -41.87 -18.19
N THR Q 27 20.43 -42.63 -17.11
CA THR Q 27 19.36 -42.44 -16.12
C THR Q 27 19.69 -41.41 -15.06
N VAL Q 28 20.98 -41.11 -14.84
CA VAL Q 28 21.33 -40.14 -13.80
C VAL Q 28 21.05 -38.71 -14.26
N GLN Q 29 20.93 -38.48 -15.57
CA GLN Q 29 20.57 -37.17 -16.09
C GLN Q 29 19.10 -37.07 -16.49
N ALA Q 30 18.41 -38.20 -16.64
CA ALA Q 30 17.01 -38.20 -17.04
C ALA Q 30 16.05 -38.24 -15.87
N ARG Q 31 16.53 -38.48 -14.65
CA ARG Q 31 15.69 -38.52 -13.47
C ARG Q 31 15.80 -37.26 -12.61
N ASN Q 32 16.74 -36.38 -12.91
CA ASN Q 32 16.91 -35.13 -12.16
C ASN Q 32 16.37 -33.93 -12.92
N LEU Q 33 15.63 -34.14 -14.00
CA LEU Q 33 15.03 -33.05 -14.76
C LEU Q 33 13.77 -32.51 -14.11
N LEU Q 34 13.19 -33.23 -13.15
CA LEU Q 34 11.99 -32.79 -12.45
C LEU Q 34 12.22 -32.49 -10.98
N SER Q 35 13.30 -33.00 -10.39
CA SER Q 35 13.58 -32.77 -8.98
C SER Q 35 14.73 -31.78 -8.81
N THR Q 58 5.76 -11.50 0.44
CA THR Q 58 7.08 -12.10 0.38
C THR Q 58 7.69 -11.94 -1.01
N HIS Q 59 9.00 -11.69 -1.05
CA HIS Q 59 9.69 -11.54 -2.33
C HIS Q 59 9.93 -12.88 -3.01
N TRP Q 60 10.23 -13.92 -2.23
CA TRP Q 60 10.50 -15.24 -2.77
C TRP Q 60 9.24 -16.06 -3.03
N GLY Q 61 8.06 -15.48 -2.84
CA GLY Q 61 6.83 -16.21 -3.11
C GLY Q 61 6.56 -16.39 -4.59
N ILE Q 62 6.87 -15.38 -5.41
CA ILE Q 62 6.74 -15.50 -6.85
C ILE Q 62 8.06 -15.86 -7.52
N LYS Q 63 9.18 -15.76 -6.79
CA LYS Q 63 10.47 -16.15 -7.37
C LYS Q 63 10.60 -17.67 -7.43
N GLN Q 64 10.12 -18.37 -6.40
CA GLN Q 64 10.17 -19.83 -6.40
C GLN Q 64 9.07 -20.44 -7.27
N LEU Q 65 7.97 -19.71 -7.48
CA LEU Q 65 6.88 -20.23 -8.28
C LEU Q 65 7.17 -20.16 -9.78
N GLN Q 66 8.02 -19.21 -10.20
CA GLN Q 66 8.34 -19.07 -11.62
C GLN Q 66 9.21 -20.20 -12.14
N ALA Q 67 9.98 -20.86 -11.27
CA ALA Q 67 10.87 -21.92 -11.70
C ALA Q 67 10.13 -23.25 -11.84
N ARG Q 68 9.13 -23.50 -11.01
CA ARG Q 68 8.36 -24.74 -11.07
C ARG Q 68 7.47 -24.82 -12.30
N VAL Q 69 7.17 -23.69 -12.93
CA VAL Q 69 6.46 -23.72 -14.21
C VAL Q 69 7.44 -23.93 -15.36
N LEU Q 70 8.60 -23.27 -15.31
CA LEU Q 70 9.57 -23.34 -16.40
C LEU Q 70 10.22 -24.72 -16.49
N ALA Q 71 10.51 -25.37 -15.35
CA ALA Q 71 11.08 -26.71 -15.38
C ALA Q 71 10.10 -27.74 -15.90
N VAL Q 72 8.82 -27.63 -15.50
CA VAL Q 72 7.78 -28.53 -16.00
C VAL Q 72 7.55 -28.33 -17.50
N GLU Q 73 7.60 -27.08 -17.96
CA GLU Q 73 7.45 -26.82 -19.39
C GLU Q 73 8.65 -27.32 -20.20
N HIS Q 74 9.86 -27.17 -19.66
CA HIS Q 74 11.04 -27.66 -20.37
C HIS Q 74 11.12 -29.18 -20.37
N TYR Q 75 10.54 -29.83 -19.35
CA TYR Q 75 10.46 -31.30 -19.37
C TYR Q 75 9.37 -31.78 -20.32
N LEU Q 76 8.23 -31.09 -20.34
CA LEU Q 76 7.11 -31.51 -21.18
C LEU Q 76 7.37 -31.26 -22.66
N ARG Q 77 8.17 -30.24 -23.00
CA ARG Q 77 8.53 -30.02 -24.40
C ARG Q 77 9.40 -31.15 -24.93
N ASP Q 78 10.38 -31.60 -24.14
CA ASP Q 78 11.21 -32.72 -24.53
C ASP Q 78 10.46 -34.05 -24.48
N GLN Q 79 9.44 -34.17 -23.62
CA GLN Q 79 8.59 -35.35 -23.64
C GLN Q 79 7.64 -35.37 -24.84
N GLN Q 80 7.20 -34.20 -25.31
CA GLN Q 80 6.36 -34.11 -26.49
C GLN Q 80 7.16 -34.31 -27.77
N LEU Q 81 8.43 -33.88 -27.78
CA LEU Q 81 9.26 -34.08 -28.96
C LEU Q 81 9.64 -35.55 -29.14
N LEU Q 82 9.72 -36.31 -28.05
CA LEU Q 82 10.02 -37.73 -28.14
C LEU Q 82 8.78 -38.61 -28.30
N GLY Q 83 7.58 -38.02 -28.21
CA GLY Q 83 6.36 -38.79 -28.35
C GLY Q 83 5.89 -38.90 -29.79
N ILE Q 84 6.22 -37.91 -30.59
CA ILE Q 84 5.84 -37.88 -32.00
C ILE Q 84 6.94 -38.44 -32.90
N TRP Q 85 7.90 -39.16 -32.32
CA TRP Q 85 8.94 -39.85 -33.08
C TRP Q 85 8.84 -41.37 -32.94
N GLY Q 86 7.84 -41.87 -32.24
CA GLY Q 86 7.76 -43.29 -31.98
C GLY Q 86 8.74 -43.79 -30.93
N CYS Q 87 9.24 -42.90 -30.07
CA CYS Q 87 10.22 -43.24 -29.05
C CYS Q 87 9.74 -42.85 -27.65
N SER Q 88 8.43 -42.76 -27.47
CA SER Q 88 7.86 -42.40 -26.17
C SER Q 88 7.97 -43.59 -25.22
N GLY Q 89 8.78 -43.43 -24.18
CA GLY Q 89 9.02 -44.47 -23.21
C GLY Q 89 10.37 -45.14 -23.30
N LYS Q 90 11.11 -44.90 -24.36
CA LYS Q 90 12.43 -45.49 -24.56
C LYS Q 90 13.51 -44.42 -24.43
N LEU Q 91 14.74 -44.88 -24.20
CA LEU Q 91 15.91 -44.01 -24.13
C LEU Q 91 16.75 -44.08 -25.39
N ILE Q 92 17.02 -45.28 -25.90
CA ILE Q 92 17.77 -45.48 -27.13
C ILE Q 92 16.83 -46.16 -28.11
N CYS Q 93 16.24 -45.39 -29.02
CA CYS Q 93 15.35 -45.89 -30.04
C CYS Q 93 16.01 -45.79 -31.41
N CYS Q 94 15.34 -46.36 -32.41
CA CYS Q 94 15.85 -46.38 -33.78
C CYS Q 94 14.83 -45.75 -34.72
N THR Q 95 15.34 -45.12 -35.78
CA THR Q 95 14.52 -44.45 -36.77
C THR Q 95 14.95 -44.91 -38.16
N ASN Q 96 14.14 -44.55 -39.16
CA ASN Q 96 14.39 -44.91 -40.55
C ASN Q 96 15.04 -43.80 -41.36
N VAL Q 97 15.37 -42.68 -40.73
CA VAL Q 97 15.93 -41.54 -41.47
C VAL Q 97 17.42 -41.81 -41.72
N PRO Q 98 17.88 -41.78 -42.96
CA PRO Q 98 19.30 -42.03 -43.23
C PRO Q 98 20.17 -40.83 -42.86
N TRP Q 99 21.35 -41.12 -42.33
CA TRP Q 99 22.31 -40.08 -41.95
C TRP Q 99 23.03 -39.60 -43.20
N ASN Q 100 22.84 -38.33 -43.55
CA ASN Q 100 23.50 -37.74 -44.70
C ASN Q 100 24.96 -37.44 -44.40
N SER Q 101 25.78 -37.47 -45.45
CA SER Q 101 27.20 -37.20 -45.32
C SER Q 101 27.53 -35.71 -45.32
N SER Q 102 26.57 -34.85 -45.69
CA SER Q 102 26.81 -33.42 -45.69
C SER Q 102 26.82 -32.82 -44.29
N TRP Q 103 26.19 -33.48 -43.32
CA TRP Q 103 26.19 -32.98 -41.96
C TRP Q 103 27.53 -33.23 -41.29
N SER Q 104 28.06 -34.45 -41.40
CA SER Q 104 29.36 -34.78 -40.84
C SER Q 104 29.97 -35.92 -41.65
N ASN Q 105 31.23 -35.77 -42.04
CA ASN Q 105 31.95 -36.76 -42.81
C ASN Q 105 32.75 -37.73 -41.93
N ARG Q 106 32.48 -37.77 -40.64
CA ARG Q 106 33.24 -38.62 -39.74
C ARG Q 106 32.70 -40.05 -39.75
N ASN Q 107 33.60 -41.00 -39.52
CA ASN Q 107 33.26 -42.41 -39.52
C ASN Q 107 32.86 -42.86 -38.12
N LEU Q 108 32.73 -44.17 -37.93
CA LEU Q 108 32.29 -44.70 -36.64
C LEU Q 108 33.42 -44.82 -35.63
N SER Q 109 34.64 -45.08 -36.09
CA SER Q 109 35.75 -45.33 -35.19
C SER Q 109 36.33 -44.05 -34.58
N GLU Q 110 35.99 -42.89 -35.13
CA GLU Q 110 36.52 -41.63 -34.62
C GLU Q 110 35.51 -40.84 -33.81
N ILE Q 111 34.26 -41.27 -33.75
CA ILE Q 111 33.24 -40.57 -32.97
C ILE Q 111 33.05 -41.19 -31.60
N TRP Q 112 32.82 -42.50 -31.55
CA TRP Q 112 32.50 -43.21 -30.31
C TRP Q 112 33.74 -43.73 -29.60
N ASP Q 113 34.94 -43.25 -29.96
CA ASP Q 113 36.17 -43.71 -29.34
C ASP Q 113 37.01 -42.54 -28.85
N ASN Q 114 36.89 -41.38 -29.50
CA ASN Q 114 37.71 -40.22 -29.17
C ASN Q 114 36.89 -39.02 -28.74
N MET Q 115 35.83 -38.69 -29.47
CA MET Q 115 35.06 -37.48 -29.18
C MET Q 115 34.13 -37.69 -27.99
N THR Q 116 33.94 -36.62 -27.23
CA THR Q 116 32.98 -36.61 -26.14
C THR Q 116 31.63 -36.10 -26.66
N TRP Q 117 30.65 -35.99 -25.76
CA TRP Q 117 29.33 -35.53 -26.15
C TRP Q 117 29.25 -34.01 -26.31
N LEU Q 118 30.22 -33.28 -25.78
CA LEU Q 118 30.20 -31.83 -25.93
C LEU Q 118 30.83 -31.40 -27.25
N GLN Q 119 31.87 -32.10 -27.70
CA GLN Q 119 32.50 -31.76 -28.97
C GLN Q 119 31.66 -32.20 -30.17
N TRP Q 120 30.78 -33.18 -29.98
CA TRP Q 120 29.93 -33.63 -31.08
C TRP Q 120 28.74 -32.70 -31.30
N ASP Q 121 28.26 -32.05 -30.23
CA ASP Q 121 27.12 -31.15 -30.37
C ASP Q 121 27.49 -29.86 -31.10
N LYS Q 122 28.76 -29.45 -31.03
CA LYS Q 122 29.19 -28.24 -31.71
C LYS Q 122 29.38 -28.44 -33.21
N GLU Q 123 29.49 -29.68 -33.67
CA GLU Q 123 29.67 -29.95 -35.09
C GLU Q 123 28.36 -30.01 -35.87
N ILE Q 124 27.26 -30.36 -35.21
CA ILE Q 124 25.96 -30.45 -35.87
C ILE Q 124 25.00 -29.47 -35.22
N SER Q 125 25.53 -28.35 -34.72
CA SER Q 125 24.69 -27.37 -34.03
C SER Q 125 23.81 -26.61 -35.00
N ASN Q 126 24.24 -26.44 -36.23
CA ASN Q 126 23.48 -25.71 -37.23
C ASN Q 126 22.67 -26.62 -38.15
N TYR Q 127 22.54 -27.90 -37.79
CA TYR Q 127 21.75 -28.85 -38.58
C TYR Q 127 20.60 -29.45 -37.79
N THR Q 128 20.25 -28.85 -36.64
CA THR Q 128 19.20 -29.42 -35.80
C THR Q 128 17.81 -29.10 -36.32
N GLN Q 129 17.65 -28.01 -37.06
CA GLN Q 129 16.32 -27.56 -37.48
C GLN Q 129 15.78 -28.32 -38.68
N ILE Q 130 16.59 -29.11 -39.36
CA ILE Q 130 16.13 -29.87 -40.52
C ILE Q 130 15.91 -31.32 -40.12
N ILE Q 131 16.81 -31.86 -39.26
CA ILE Q 131 16.70 -33.25 -38.81
C ILE Q 131 15.46 -33.43 -37.96
N TYR Q 132 15.15 -32.45 -37.10
CA TYR Q 132 13.89 -32.45 -36.35
C TYR Q 132 12.68 -32.35 -37.24
N GLY Q 133 12.82 -31.81 -38.46
CA GLY Q 133 11.77 -31.91 -39.44
C GLY Q 133 11.79 -33.27 -40.09
N LEU Q 134 12.99 -33.76 -40.40
CA LEU Q 134 13.14 -35.02 -41.13
C LEU Q 134 12.75 -36.22 -40.27
N LEU Q 135 12.81 -36.11 -38.94
CA LEU Q 135 12.30 -37.14 -38.07
C LEU Q 135 10.78 -37.13 -37.95
N GLU Q 136 10.13 -36.07 -38.43
CA GLU Q 136 8.67 -36.01 -38.34
C GLU Q 136 8.02 -36.86 -39.42
N GLU Q 137 8.50 -36.73 -40.66
CA GLU Q 137 7.92 -37.45 -41.80
C GLU Q 137 8.18 -38.95 -41.74
N SER Q 138 9.13 -39.41 -40.92
CA SER Q 138 9.30 -40.84 -40.70
C SER Q 138 8.22 -41.40 -39.78
N GLN Q 139 7.46 -40.55 -39.09
CA GLN Q 139 6.38 -41.02 -38.22
C GLN Q 139 5.08 -41.19 -38.98
N ASN Q 140 4.66 -40.16 -39.73
CA ASN Q 140 3.38 -40.21 -40.44
C ASN Q 140 3.43 -41.18 -41.61
N GLN Q 141 4.62 -41.45 -42.14
CA GLN Q 141 4.77 -42.50 -43.14
C GLN Q 141 4.85 -43.89 -42.53
N GLN Q 142 4.98 -44.00 -41.20
CA GLN Q 142 5.01 -45.28 -40.52
C GLN Q 142 3.67 -45.65 -39.92
N GLU Q 143 2.93 -44.69 -39.37
CA GLU Q 143 1.64 -44.98 -38.76
C GLU Q 143 0.55 -45.18 -39.82
N LYS Q 144 0.68 -44.52 -40.97
CA LYS Q 144 -0.30 -44.69 -42.04
C LYS Q 144 -0.14 -46.02 -42.75
N ASN Q 145 1.11 -46.35 -43.12
CA ASN Q 145 1.39 -47.60 -43.84
C ASN Q 145 1.16 -48.84 -43.00
N GLU Q 146 1.14 -48.71 -41.67
CA GLU Q 146 0.69 -49.78 -40.80
C GLU Q 146 -0.82 -49.82 -40.66
N GLN Q 147 -1.49 -48.68 -40.80
CA GLN Q 147 -2.92 -48.58 -40.52
C GLN Q 147 -3.74 -49.41 -41.51
N ASP Q 148 -3.47 -49.26 -42.80
CA ASP Q 148 -4.10 -50.13 -43.80
C ASP Q 148 -3.59 -51.57 -43.70
N LEU Q 149 -2.46 -51.80 -43.03
CA LEU Q 149 -2.05 -53.16 -42.74
C LEU Q 149 -2.91 -53.76 -41.63
N LEU Q 150 -3.50 -52.92 -40.79
CA LEU Q 150 -4.31 -53.42 -39.68
C LEU Q 150 -5.80 -53.44 -40.00
N ALA Q 151 -6.22 -52.84 -41.11
CA ALA Q 151 -7.63 -52.87 -41.51
C ALA Q 151 -7.98 -54.09 -42.32
N LEU Q 152 -7.00 -54.89 -42.74
CA LEU Q 152 -7.27 -56.09 -43.52
C LEU Q 152 -7.79 -57.22 -42.65
N SER R 8 -17.54 -50.90 -11.19
CA SER R 8 -18.58 -50.00 -10.73
C SER R 8 -18.52 -49.81 -9.22
N LEU R 9 -17.42 -49.24 -8.74
CA LEU R 9 -17.21 -49.01 -7.31
C LEU R 9 -17.07 -47.53 -6.98
N GLY R 10 -16.26 -46.80 -7.74
CA GLY R 10 -16.05 -45.38 -7.50
C GLY R 10 -14.60 -45.09 -7.16
N PHE R 11 -14.34 -43.80 -6.91
CA PHE R 11 -12.99 -43.36 -6.57
C PHE R 11 -12.66 -43.80 -5.14
N LEU R 12 -11.55 -44.54 -5.00
CA LEU R 12 -11.08 -45.12 -3.74
C LEU R 12 -12.14 -45.99 -3.06
N GLY R 13 -12.84 -46.80 -3.87
CA GLY R 13 -13.86 -47.67 -3.36
C GLY R 13 -13.33 -49.04 -2.96
N ALA R 14 -12.30 -49.51 -3.66
CA ALA R 14 -11.69 -50.80 -3.38
C ALA R 14 -10.45 -50.69 -2.51
N ALA R 15 -10.40 -49.70 -1.62
CA ALA R 15 -9.24 -49.53 -0.75
C ALA R 15 -9.19 -50.55 0.37
N GLY R 16 -10.33 -51.10 0.76
CA GLY R 16 -10.38 -52.13 1.79
C GLY R 16 -10.66 -53.52 1.28
N SER R 17 -10.74 -53.73 -0.03
CA SER R 17 -11.03 -55.05 -0.59
C SER R 17 -9.74 -55.84 -0.75
N THR R 18 -9.83 -56.98 -1.44
CA THR R 18 -8.69 -57.85 -1.68
C THR R 18 -7.86 -57.31 -2.83
N MET R 19 -6.54 -57.54 -2.77
CA MET R 19 -5.64 -57.09 -3.83
C MET R 19 -5.90 -57.85 -5.14
N GLY R 20 -6.38 -59.09 -5.06
CA GLY R 20 -6.75 -59.82 -6.26
C GLY R 20 -8.01 -59.30 -6.93
N ALA R 21 -8.85 -58.59 -6.19
CA ALA R 21 -10.06 -57.99 -6.75
C ALA R 21 -9.93 -56.50 -7.01
N ALA R 22 -8.92 -55.84 -6.44
CA ALA R 22 -8.70 -54.42 -6.66
C ALA R 22 -7.82 -54.14 -7.87
N SER R 23 -7.31 -55.17 -8.55
CA SER R 23 -6.48 -55.00 -9.73
C SER R 23 -7.31 -54.82 -11.00
N MET R 24 -8.63 -54.93 -10.92
CA MET R 24 -9.51 -54.73 -12.06
C MET R 24 -10.20 -53.37 -12.02
N THR R 25 -9.80 -52.49 -11.10
CA THR R 25 -10.42 -51.17 -10.94
C THR R 25 -9.34 -50.11 -10.77
N LEU R 26 -8.23 -50.25 -11.48
CA LEU R 26 -7.13 -49.29 -11.41
C LEU R 26 -7.38 -48.02 -12.20
N THR R 27 -8.50 -47.92 -12.92
CA THR R 27 -8.73 -46.79 -13.79
C THR R 27 -9.30 -45.59 -13.06
N VAL R 28 -10.04 -45.81 -11.97
CA VAL R 28 -10.68 -44.71 -11.26
C VAL R 28 -9.67 -43.94 -10.41
N GLN R 29 -8.55 -44.55 -10.05
CA GLN R 29 -7.51 -43.86 -9.29
C GLN R 29 -6.44 -43.23 -10.18
N ALA R 30 -6.39 -43.61 -11.46
CA ALA R 30 -5.42 -43.07 -12.39
C ALA R 30 -5.98 -41.96 -13.27
N ARG R 31 -7.28 -41.70 -13.20
CA ARG R 31 -7.90 -40.65 -14.00
C ARG R 31 -8.32 -39.45 -13.18
N ASN R 32 -8.26 -39.52 -11.85
CA ASN R 32 -8.60 -38.41 -10.98
C ASN R 32 -7.37 -37.74 -10.39
N LEU R 33 -6.19 -37.99 -10.97
CA LEU R 33 -4.97 -37.36 -10.49
C LEU R 33 -4.77 -35.96 -11.07
N LEU R 34 -5.54 -35.59 -12.09
CA LEU R 34 -5.45 -34.26 -12.69
C LEU R 34 -6.72 -33.45 -12.54
N SER R 35 -7.83 -34.06 -12.16
CA SER R 35 -9.09 -33.35 -11.99
C SER R 35 -9.62 -33.52 -10.57
N THR R 58 -6.24 -10.40 -4.51
CA THR R 58 -7.07 -11.32 -3.75
C THR R 58 -6.23 -12.32 -2.97
N HIS R 59 -6.80 -12.86 -1.89
CA HIS R 59 -6.08 -13.83 -1.07
C HIS R 59 -6.05 -15.20 -1.72
N TRP R 60 -7.13 -15.59 -2.39
CA TRP R 60 -7.22 -16.88 -3.06
C TRP R 60 -6.58 -16.90 -4.44
N GLY R 61 -5.94 -15.80 -4.87
CA GLY R 61 -5.30 -15.79 -6.16
C GLY R 61 -4.02 -16.58 -6.21
N ILE R 62 -3.26 -16.58 -5.12
CA ILE R 62 -2.03 -17.37 -5.03
C ILE R 62 -2.26 -18.70 -4.30
N LYS R 63 -3.39 -18.85 -3.60
CA LYS R 63 -3.70 -20.11 -2.94
C LYS R 63 -4.15 -21.17 -3.93
N GLN R 64 -4.96 -20.79 -4.92
CA GLN R 64 -5.41 -21.76 -5.92
C GLN R 64 -4.33 -22.03 -6.97
N LEU R 65 -3.36 -21.13 -7.12
CA LEU R 65 -2.33 -21.31 -8.14
C LEU R 65 -1.29 -22.34 -7.73
N GLN R 66 -1.04 -22.48 -6.42
CA GLN R 66 -0.05 -23.45 -5.96
C GLN R 66 -0.52 -24.88 -6.11
N ALA R 67 -1.83 -25.14 -5.97
CA ALA R 67 -2.36 -26.48 -6.10
C ALA R 67 -2.28 -27.00 -7.53
N ARG R 68 -2.52 -26.14 -8.52
CA ARG R 68 -2.41 -26.53 -9.92
C ARG R 68 -0.96 -26.76 -10.36
N VAL R 69 0.01 -26.26 -9.60
CA VAL R 69 1.40 -26.58 -9.86
C VAL R 69 1.80 -27.88 -9.15
N LEU R 70 1.37 -28.02 -7.89
CA LEU R 70 1.72 -29.19 -7.09
C LEU R 70 1.10 -30.48 -7.62
N ALA R 71 -0.16 -30.45 -8.08
CA ALA R 71 -0.78 -31.65 -8.63
C ALA R 71 -0.13 -32.07 -9.95
N VAL R 72 0.21 -31.10 -10.80
CA VAL R 72 0.89 -31.40 -12.06
C VAL R 72 2.29 -31.96 -11.80
N GLU R 73 3.00 -31.43 -10.80
CA GLU R 73 4.31 -31.95 -10.46
C GLU R 73 4.24 -33.35 -9.86
N HIS R 74 3.24 -33.60 -9.00
CA HIS R 74 3.09 -34.94 -8.41
C HIS R 74 2.62 -35.97 -9.44
N TYR R 75 1.89 -35.54 -10.47
CA TYR R 75 1.53 -36.46 -11.53
C TYR R 75 2.70 -36.72 -12.47
N LEU R 76 3.45 -35.68 -12.81
CA LEU R 76 4.58 -35.84 -13.72
C LEU R 76 5.76 -36.58 -13.10
N ARG R 77 5.91 -36.53 -11.77
CA ARG R 77 6.95 -37.34 -11.13
C ARG R 77 6.65 -38.84 -11.26
N ASP R 78 5.40 -39.23 -11.04
CA ASP R 78 5.01 -40.62 -11.20
C ASP R 78 4.97 -41.03 -12.67
N GLN R 79 4.71 -40.10 -13.58
CA GLN R 79 4.80 -40.40 -15.00
C GLN R 79 6.24 -40.53 -15.48
N GLN R 80 7.18 -39.81 -14.86
CA GLN R 80 8.59 -39.94 -15.20
C GLN R 80 9.18 -41.22 -14.60
N LEU R 81 8.72 -41.61 -13.41
CA LEU R 81 9.21 -42.83 -12.79
C LEU R 81 8.72 -44.08 -13.50
N LEU R 82 7.60 -44.01 -14.23
CA LEU R 82 7.10 -45.14 -14.99
C LEU R 82 7.56 -45.14 -16.44
N GLY R 83 8.19 -44.06 -16.91
CA GLY R 83 8.65 -43.99 -18.28
C GLY R 83 10.05 -44.54 -18.46
N ILE R 84 10.80 -44.63 -17.37
CA ILE R 84 12.16 -45.12 -17.42
C ILE R 84 12.25 -46.59 -16.97
N TRP R 85 11.11 -47.27 -16.88
CA TRP R 85 11.07 -48.68 -16.52
C TRP R 85 10.51 -49.55 -17.63
N GLY R 86 10.26 -48.99 -18.82
CA GLY R 86 9.64 -49.74 -19.89
C GLY R 86 8.16 -49.98 -19.70
N CYS R 87 7.48 -49.13 -18.93
CA CYS R 87 6.06 -49.30 -18.62
C CYS R 87 5.28 -48.02 -18.92
N SER R 88 5.78 -47.20 -19.84
CA SER R 88 5.12 -45.95 -20.20
C SER R 88 3.92 -46.26 -21.08
N GLY R 89 2.72 -46.01 -20.54
CA GLY R 89 1.49 -46.26 -21.26
C GLY R 89 0.70 -47.46 -20.77
N LYS R 90 1.26 -48.26 -19.87
CA LYS R 90 0.61 -49.43 -19.34
C LYS R 90 0.26 -49.23 -17.87
N LEU R 91 -0.58 -50.13 -17.37
CA LEU R 91 -0.96 -50.14 -15.96
C LEU R 91 -0.37 -51.33 -15.22
N ILE R 92 -0.44 -52.52 -15.80
CA ILE R 92 0.13 -53.73 -15.22
C ILE R 92 1.21 -54.21 -16.19
N CYS R 93 2.45 -53.84 -15.92
CA CYS R 93 3.59 -54.24 -16.75
C CYS R 93 4.44 -55.27 -16.02
N CYS R 94 5.37 -55.87 -16.75
CA CYS R 94 6.25 -56.88 -16.21
C CYS R 94 7.70 -56.44 -16.34
N THR R 95 8.52 -56.85 -15.37
CA THR R 95 9.94 -56.54 -15.33
C THR R 95 10.73 -57.83 -15.19
N ASN R 96 12.06 -57.70 -15.18
CA ASN R 96 12.96 -58.84 -15.07
C ASN R 96 13.68 -58.91 -13.74
N VAL R 97 13.37 -58.01 -12.80
CA VAL R 97 14.05 -57.99 -11.52
C VAL R 97 13.44 -59.07 -10.62
N PRO R 98 14.24 -59.98 -10.07
CA PRO R 98 13.69 -61.02 -9.19
C PRO R 98 13.33 -60.48 -7.82
N TRP R 99 12.35 -61.14 -7.20
CA TRP R 99 11.87 -60.77 -5.88
C TRP R 99 12.73 -61.45 -4.82
N ASN R 100 13.45 -60.65 -4.03
CA ASN R 100 14.29 -61.21 -2.98
C ASN R 100 13.45 -61.67 -1.81
N SER R 101 13.87 -62.77 -1.18
CA SER R 101 13.15 -63.32 -0.05
C SER R 101 13.40 -62.56 1.25
N SER R 102 14.39 -61.67 1.28
CA SER R 102 14.68 -60.90 2.49
C SER R 102 13.66 -59.78 2.70
N TRP R 103 12.95 -59.36 1.65
CA TRP R 103 11.95 -58.31 1.80
C TRP R 103 10.69 -58.85 2.46
N SER R 104 10.20 -59.99 2.00
CA SER R 104 9.01 -60.63 2.57
C SER R 104 9.08 -62.12 2.32
N ASN R 105 8.67 -62.90 3.32
CA ASN R 105 8.65 -64.36 3.22
C ASN R 105 7.27 -64.90 2.89
N ARG R 106 6.34 -64.04 2.50
CA ARG R 106 4.99 -64.47 2.20
C ARG R 106 4.89 -65.04 0.79
N ASN R 107 3.97 -65.98 0.61
CA ASN R 107 3.75 -66.64 -0.67
C ASN R 107 2.62 -65.94 -1.42
N LEU R 108 2.20 -66.55 -2.54
CA LEU R 108 1.14 -65.97 -3.35
C LEU R 108 -0.24 -66.22 -2.75
N SER R 109 -0.39 -67.30 -1.99
CA SER R 109 -1.71 -67.69 -1.49
C SER R 109 -2.16 -66.85 -0.30
N GLU R 110 -1.25 -66.15 0.38
CA GLU R 110 -1.60 -65.35 1.54
C GLU R 110 -1.56 -63.85 1.28
N ILE R 111 -1.08 -63.40 0.12
CA ILE R 111 -1.03 -61.98 -0.19
C ILE R 111 -2.26 -61.53 -0.97
N TRP R 112 -2.57 -62.21 -2.07
CA TRP R 112 -3.64 -61.79 -2.97
C TRP R 112 -4.99 -62.39 -2.59
N ASP R 113 -5.12 -62.99 -1.41
CA ASP R 113 -6.38 -63.55 -0.95
C ASP R 113 -6.84 -63.04 0.40
N ASN R 114 -5.95 -62.53 1.25
CA ASN R 114 -6.32 -62.05 2.57
C ASN R 114 -5.92 -60.60 2.83
N MET R 115 -4.75 -60.18 2.36
CA MET R 115 -4.24 -58.85 2.66
C MET R 115 -4.79 -57.81 1.70
N THR R 116 -4.93 -56.59 2.19
CA THR R 116 -5.27 -55.45 1.36
C THR R 116 -3.99 -54.69 0.99
N TRP R 117 -4.15 -53.57 0.28
CA TRP R 117 -2.98 -52.79 -0.12
C TRP R 117 -2.40 -51.96 1.01
N LEU R 118 -3.22 -51.54 1.97
CA LEU R 118 -2.72 -50.77 3.10
C LEU R 118 -1.87 -51.61 4.04
N GLN R 119 -2.26 -52.88 4.24
CA GLN R 119 -1.44 -53.77 5.05
C GLN R 119 -0.21 -54.26 4.31
N TRP R 120 -0.23 -54.23 2.97
CA TRP R 120 0.94 -54.64 2.19
C TRP R 120 1.96 -53.52 2.05
N ASP R 121 1.49 -52.26 2.01
CA ASP R 121 2.41 -51.14 1.86
C ASP R 121 3.22 -50.90 3.12
N LYS R 122 2.68 -51.27 4.29
CA LYS R 122 3.39 -51.09 5.54
C LYS R 122 4.47 -52.13 5.77
N GLU R 123 4.44 -53.25 5.04
CA GLU R 123 5.42 -54.31 5.21
C GLU R 123 6.69 -54.08 4.40
N ILE R 124 6.58 -53.40 3.26
CA ILE R 124 7.74 -53.13 2.41
C ILE R 124 7.98 -51.63 2.33
N SER R 125 7.63 -50.91 3.40
CA SER R 125 7.78 -49.45 3.40
C SER R 125 9.23 -49.03 3.51
N ASN R 126 10.08 -49.85 4.12
CA ASN R 126 11.49 -49.54 4.29
C ASN R 126 12.37 -50.12 3.20
N TYR R 127 11.79 -50.76 2.19
CA TYR R 127 12.54 -51.34 1.07
C TYR R 127 12.21 -50.67 -0.25
N THR R 128 11.68 -49.44 -0.23
CA THR R 128 11.29 -48.78 -1.46
C THR R 128 12.48 -48.17 -2.19
N GLN R 129 13.50 -47.74 -1.45
CA GLN R 129 14.65 -47.07 -2.06
C GLN R 129 15.63 -48.04 -2.71
N ILE R 130 15.55 -49.34 -2.40
CA ILE R 130 16.43 -50.31 -3.02
C ILE R 130 15.79 -51.01 -4.22
N ILE R 131 14.46 -51.06 -4.29
CA ILE R 131 13.79 -51.64 -5.45
C ILE R 131 13.80 -50.65 -6.61
N TYR R 132 13.54 -49.36 -6.33
CA TYR R 132 13.43 -48.33 -7.35
C TYR R 132 14.73 -48.09 -8.09
N GLY R 133 15.87 -48.37 -7.46
CA GLY R 133 17.13 -48.35 -8.18
C GLY R 133 17.34 -49.63 -8.95
N LEU R 134 16.94 -50.76 -8.35
CA LEU R 134 17.13 -52.06 -8.99
C LEU R 134 16.24 -52.23 -10.21
N LEU R 135 15.09 -51.55 -10.25
CA LEU R 135 14.27 -51.54 -11.45
C LEU R 135 14.86 -50.64 -12.53
N GLU R 136 15.80 -49.75 -12.17
CA GLU R 136 16.39 -48.86 -13.16
C GLU R 136 17.46 -49.55 -13.99
N GLU R 137 18.34 -50.33 -13.36
CA GLU R 137 19.42 -51.02 -14.07
C GLU R 137 18.92 -52.12 -14.99
N SER R 138 17.69 -52.60 -14.81
CA SER R 138 17.08 -53.52 -15.74
C SER R 138 16.60 -52.84 -17.02
N GLN R 139 16.57 -51.51 -17.06
CA GLN R 139 16.14 -50.81 -18.27
C GLN R 139 17.24 -50.81 -19.33
N ASN R 140 18.42 -50.25 -19.00
CA ASN R 140 19.51 -50.17 -19.96
C ASN R 140 20.04 -51.54 -20.34
N GLN R 141 20.00 -52.50 -19.41
CA GLN R 141 20.36 -53.87 -19.73
C GLN R 141 19.37 -54.49 -20.71
N GLN R 142 18.13 -54.02 -20.73
CA GLN R 142 17.19 -54.42 -21.76
C GLN R 142 17.27 -53.48 -22.97
N GLU R 143 17.96 -52.34 -22.82
CA GLU R 143 18.04 -51.39 -23.92
C GLU R 143 19.34 -51.52 -24.71
N LYS R 144 20.43 -51.88 -24.05
CA LYS R 144 21.70 -52.04 -24.75
C LYS R 144 21.73 -53.33 -25.58
N ASN R 145 21.31 -54.45 -24.97
CA ASN R 145 21.28 -55.73 -25.65
C ASN R 145 20.26 -55.80 -26.78
N GLU R 146 19.24 -54.94 -26.75
CA GLU R 146 18.32 -54.79 -27.87
C GLU R 146 18.86 -53.85 -28.92
N GLN R 147 19.84 -53.00 -28.57
CA GLN R 147 20.40 -52.05 -29.51
C GLN R 147 21.26 -52.74 -30.56
N ASP R 148 22.30 -53.47 -30.13
CA ASP R 148 23.18 -54.17 -31.05
C ASP R 148 22.50 -55.34 -31.76
N LEU R 149 21.38 -55.84 -31.22
CA LEU R 149 20.58 -56.81 -31.95
C LEU R 149 19.89 -56.17 -33.15
N LEU R 150 19.56 -54.87 -33.06
CA LEU R 150 18.91 -54.19 -34.17
C LEU R 150 19.90 -53.53 -35.13
N ALA R 151 21.18 -53.52 -34.80
CA ALA R 151 22.20 -52.97 -35.68
C ALA R 151 22.77 -54.00 -36.65
N LEU R 152 22.37 -55.26 -36.53
CA LEU R 152 22.88 -56.32 -37.41
C LEU R 152 22.22 -56.25 -38.78
C1 NAG S . -20.18 17.63 -3.85
C2 NAG S . -21.66 17.52 -3.46
C3 NAG S . -22.54 17.94 -4.64
C4 NAG S . -22.16 19.33 -5.14
C5 NAG S . -20.66 19.37 -5.45
C6 NAG S . -20.17 20.75 -5.83
C7 NAG S . -22.29 15.85 -1.77
C8 NAG S . -22.60 14.41 -1.51
N2 NAG S . -21.98 16.17 -3.04
O3 NAG S . -23.91 17.93 -4.22
O4 NAG S . -22.90 19.64 -6.31
O5 NAG S . -19.90 18.97 -4.31
O6 NAG S . -20.77 21.76 -5.02
O7 NAG S . -22.32 16.70 -0.88
C1 NAG S . -23.85 20.71 -6.06
C2 NAG S . -24.60 21.00 -7.37
C3 NAG S . -25.65 22.10 -7.14
C4 NAG S . -26.56 21.74 -5.98
C5 NAG S . -25.75 21.42 -4.74
C6 NAG S . -26.59 20.94 -3.57
C7 NAG S . -23.26 20.52 -9.37
C8 NAG S . -22.31 21.09 -10.39
N2 NAG S . -23.68 21.37 -8.43
O3 NAG S . -26.40 22.27 -8.33
O4 NAG S . -27.44 22.82 -5.70
O5 NAG S . -24.80 20.37 -5.02
O6 NAG S . -27.26 22.01 -2.94
O7 NAG S . -23.64 19.36 -9.41
C1 NAG T . -3.51 10.59 -34.84
C2 NAG T . -3.24 10.64 -33.33
C3 NAG T . -2.35 11.85 -33.01
C4 NAG T . -1.09 11.87 -33.88
C5 NAG T . -1.41 11.65 -35.37
C6 NAG T . -0.19 11.39 -36.22
C7 NAG T . -4.72 10.00 -31.44
C8 NAG T . -3.64 9.04 -31.00
N2 NAG T . -4.47 10.71 -32.56
O3 NAG T . -1.99 11.84 -31.64
O4 NAG T . -0.48 13.15 -33.77
O5 NAG T . -2.26 10.50 -35.54
O6 NAG T . -0.35 11.93 -37.53
O7 NAG T . -5.78 10.11 -30.84
C1 NAG T . 0.81 13.14 -33.13
C2 NAG T . 1.54 14.44 -33.51
C3 NAG T . 2.90 14.52 -32.83
C4 NAG T . 2.77 14.33 -31.32
C5 NAG T . 2.00 13.04 -31.02
C6 NAG T . 1.72 12.85 -29.55
C7 NAG T . 2.30 13.85 -35.84
C8 NAG T . 2.24 14.29 -37.27
N2 NAG T . 1.65 14.62 -34.96
O3 NAG T . 3.48 15.80 -33.13
O4 NAG T . 4.06 14.24 -30.73
O5 NAG T . 0.73 13.04 -31.69
O6 NAG T . 0.38 12.45 -29.33
O7 NAG T . 2.91 12.82 -35.51
C1 BMA T . 4.40 15.44 -30.00
C2 BMA T . 5.47 15.05 -28.94
C3 BMA T . 6.09 16.31 -28.28
C4 BMA T . 6.47 17.40 -29.31
C5 BMA T . 5.28 17.68 -30.25
C6 BMA T . 5.61 18.70 -31.33
O2 BMA T . 6.55 14.34 -29.53
O3 BMA T . 7.24 15.97 -27.52
O4 BMA T . 6.84 18.58 -28.64
O5 BMA T . 4.88 16.45 -30.88
O6 BMA T . 7.00 18.58 -31.63
C1 MAN T . 6.98 16.14 -26.12
C2 MAN T . 8.26 16.69 -25.47
C3 MAN T . 9.35 15.61 -25.48
C4 MAN T . 8.86 14.29 -24.87
C5 MAN T . 7.57 13.84 -25.58
C6 MAN T . 6.94 12.61 -24.96
O2 MAN T . 8.06 17.01 -24.09
O3 MAN T . 10.54 16.05 -24.83
O4 MAN T . 9.85 13.29 -24.99
O5 MAN T . 6.59 14.91 -25.53
O6 MAN T . 6.46 12.96 -23.66
C1 MAN T . 7.66 18.37 -23.95
C2 MAN T . 8.93 19.27 -24.06
C3 MAN T . 9.80 19.12 -22.79
C4 MAN T . 8.96 19.30 -21.50
C5 MAN T . 7.77 18.34 -21.53
C6 MAN T . 6.85 18.50 -20.33
O2 MAN T . 8.60 20.65 -24.14
O3 MAN T . 10.90 20.02 -22.80
O4 MAN T . 9.77 19.05 -20.36
O5 MAN T . 6.99 18.58 -22.71
O6 MAN T . 6.21 19.76 -20.43
C1 MAN T . 7.18 18.62 -33.07
C2 MAN T . 7.23 17.16 -33.59
C3 MAN T . 8.56 16.50 -33.21
C4 MAN T . 9.77 17.37 -33.60
C5 MAN T . 9.62 18.77 -32.97
C6 MAN T . 10.73 19.73 -33.36
O2 MAN T . 7.17 17.11 -35.02
O3 MAN T . 8.69 15.20 -33.79
O4 MAN T . 10.97 16.78 -33.15
O5 MAN T . 8.36 19.35 -33.41
O6 MAN T . 10.64 20.88 -32.53
C1 NAG U . -34.53 -7.46 -34.95
C2 NAG U . -34.55 -8.98 -35.01
C3 NAG U . -35.69 -9.45 -35.92
C4 NAG U . -37.02 -8.82 -35.51
C5 NAG U . -36.90 -7.30 -35.32
C6 NAG U . -38.12 -6.68 -34.69
C7 NAG U . -32.31 -9.94 -34.67
C8 NAG U . -31.06 -10.43 -35.34
N2 NAG U . -33.28 -9.49 -35.49
O3 NAG U . -35.78 -10.87 -35.86
O4 NAG U . -37.97 -9.06 -36.55
O5 NAG U . -35.79 -6.99 -34.46
O6 NAG U . -39.20 -6.60 -35.60
O7 NAG U . -32.46 -9.95 -33.45
C1 NAG U . -39.04 -9.94 -36.15
C2 NAG U . -40.17 -9.77 -37.17
C3 NAG U . -41.34 -10.68 -36.83
C4 NAG U . -40.87 -12.13 -36.68
C5 NAG U . -39.70 -12.22 -35.69
C6 NAG U . -39.10 -13.60 -35.61
C7 NAG U . -40.61 -7.69 -38.41
C8 NAG U . -41.10 -6.28 -38.33
N2 NAG U . -40.60 -8.38 -37.26
O3 NAG U . -42.33 -10.56 -37.83
O4 NAG U . -41.94 -12.94 -36.22
O5 NAG U . -38.65 -11.32 -36.08
O6 NAG U . -38.51 -13.84 -34.35
O7 NAG U . -40.24 -8.20 -39.47
C1 BMA U . -42.44 -13.80 -37.28
C2 BMA U . -43.13 -15.03 -36.63
C3 BMA U . -43.86 -15.85 -37.71
C4 BMA U . -44.74 -14.98 -38.63
C5 BMA U . -43.89 -13.84 -39.22
C6 BMA U . -44.69 -12.88 -40.09
O2 BMA U . -44.12 -14.62 -35.70
O3 BMA U . -44.64 -16.89 -37.13
O4 BMA U . -45.27 -15.76 -39.69
O5 BMA U . -43.33 -13.07 -38.13
O6 BMA U . -45.55 -12.12 -39.24
C1 NAG V . -9.22 27.02 -38.17
C2 NAG V . -7.77 27.46 -38.37
C3 NAG V . -7.58 28.92 -37.95
C4 NAG V . -8.61 29.82 -38.64
C5 NAG V . -10.02 29.27 -38.44
C6 NAG V . -11.07 30.02 -39.22
C7 NAG V . -6.68 26.33 -36.42
C8 NAG V . -5.58 25.38 -36.05
N2 NAG V . -6.79 26.58 -37.73
O3 NAG V . -6.25 29.31 -38.27
O4 NAG V . -8.59 31.13 -38.08
O5 NAG V . -10.10 27.90 -38.87
O6 NAG V . -11.08 29.63 -40.59
O7 NAG V . -7.41 26.83 -35.56
C1 NAG V . -7.82 32.07 -38.86
C2 NAG V . -8.61 33.34 -39.15
C3 NAG V . -7.73 34.37 -39.87
C4 NAG V . -6.44 34.62 -39.09
C5 NAG V . -5.73 33.29 -38.82
C6 NAG V . -4.50 33.42 -37.94
C7 NAG V . -10.96 33.71 -39.78
C8 NAG V . -12.08 33.29 -40.68
N2 NAG V . -9.80 33.06 -39.94
O3 NAG V . -8.44 35.59 -40.03
O4 NAG V . -5.56 35.45 -39.84
O5 NAG V . -6.62 32.39 -38.14
O6 NAG V . -4.45 32.40 -36.96
O7 NAG V . -11.09 34.60 -38.94
C1 BMA V . -5.47 36.77 -39.27
C2 BMA V . -3.97 37.09 -39.07
C3 BMA V . -3.70 38.60 -38.88
C4 BMA V . -4.62 39.51 -39.76
C5 BMA V . -6.08 39.05 -39.68
C6 BMA V . -6.98 39.85 -40.59
O2 BMA V . -3.21 36.68 -40.19
O3 BMA V . -2.33 38.87 -39.18
O4 BMA V . -4.56 40.87 -39.34
O5 BMA V . -6.12 37.69 -40.12
O6 BMA V . -6.32 39.94 -41.84
C1 MAN V . -1.71 39.71 -38.17
C2 MAN V . -0.31 40.11 -38.76
C3 MAN V . 0.68 38.95 -38.63
C4 MAN V . 0.75 38.43 -37.18
C5 MAN V . -0.66 37.95 -36.77
C6 MAN V . -0.72 37.45 -35.35
O2 MAN V . 0.25 41.24 -38.05
O3 MAN V . 1.99 39.29 -39.09
O4 MAN V . 1.66 37.35 -37.09
O5 MAN V . -1.60 39.05 -36.90
O6 MAN V . -0.53 38.56 -34.48
C1 MAN V . 0.62 42.31 -38.96
C2 MAN V . 0.22 43.66 -38.30
C3 MAN V . -0.40 44.62 -39.33
C4 MAN V . 0.40 44.61 -40.66
C5 MAN V . 0.35 43.18 -41.27
C6 MAN V . 1.66 42.76 -41.93
O2 MAN V . 1.36 44.33 -37.75
O3 MAN V . -0.48 45.95 -38.82
O4 MAN V . -0.17 45.54 -41.57
O5 MAN V . 0.02 42.18 -40.26
O6 MAN V . 1.97 43.71 -42.94
C1 MAN V . -7.27 40.24 -42.88
C2 MAN V . -7.13 39.15 -43.96
C3 MAN V . -5.78 39.30 -44.68
C4 MAN V . -5.55 40.75 -45.17
C5 MAN V . -5.72 41.72 -43.99
C6 MAN V . -5.60 43.18 -44.39
O2 MAN V . -8.13 39.30 -44.98
O3 MAN V . -5.65 38.37 -45.76
O4 MAN V . -4.24 40.87 -45.71
O5 MAN V . -7.03 41.53 -43.40
O6 MAN V . -6.67 43.89 -43.78
C1 MAN V . -4.91 37.22 -45.30
C2 MAN V . -3.38 37.56 -45.34
C3 MAN V . -2.89 37.58 -46.80
C4 MAN V . -3.30 36.31 -47.56
C5 MAN V . -4.83 36.13 -47.47
C6 MAN V . -5.32 34.86 -48.13
O2 MAN V . -2.61 36.58 -44.68
O3 MAN V . -1.47 37.77 -46.87
O4 MAN V . -2.91 36.41 -48.92
O5 MAN V . -5.23 36.07 -46.08
O6 MAN V . -6.74 34.89 -48.16
C1 MAN V . -6.76 45.20 -44.36
C2 MAN V . -7.56 46.12 -43.37
C3 MAN V . -9.06 45.77 -43.41
C4 MAN V . -9.60 45.73 -44.86
C5 MAN V . -8.76 44.75 -45.68
C6 MAN V . -9.18 44.69 -47.15
O2 MAN V . -7.47 47.49 -43.74
O3 MAN V . -9.83 46.67 -42.62
O4 MAN V . -10.96 45.32 -44.86
O5 MAN V . -7.37 45.16 -45.65
O6 MAN V . -8.45 43.64 -47.78
C1 NAG W . -23.18 23.67 -28.35
C2 NAG W . -23.61 24.23 -26.98
C3 NAG W . -25.14 24.40 -26.92
C4 NAG W . -25.66 25.17 -28.13
C5 NAG W . -25.14 24.56 -29.42
C6 NAG W . -25.51 25.35 -30.65
C7 NAG W . -23.39 22.19 -25.53
C8 NAG W . -22.72 21.67 -24.29
N2 NAG W . -23.10 23.47 -25.85
O3 NAG W . -25.47 25.04 -25.70
O4 NAG W . -27.08 25.13 -28.19
O5 NAG W . -23.71 24.48 -29.40
O6 NAG W . -25.06 26.69 -30.57
O7 NAG W . -24.12 21.48 -26.21
C1 NAG W . -27.74 26.29 -27.63
C2 NAG W . -28.77 26.87 -28.60
C3 NAG W . -29.53 28.02 -27.94
C4 NAG W . -30.13 27.59 -26.61
C5 NAG W . -29.04 27.01 -25.70
C6 NAG W . -29.58 26.43 -24.42
C7 NAG W . -28.73 27.26 -31.03
C8 NAG W . -27.94 27.77 -32.19
N2 NAG W . -28.14 27.32 -29.83
O3 NAG W . -30.56 28.49 -28.80
O4 NAG W . -30.73 28.69 -25.95
O5 NAG W . -28.38 25.93 -26.39
O6 NAG W . -30.43 27.37 -23.75
O7 NAG W . -29.86 26.80 -31.16
C1 NAG X . 18.39 20.28 -0.90
C2 NAG X . 18.84 21.13 -2.08
C3 NAG X . 20.35 21.04 -2.27
C4 NAG X . 21.08 21.37 -0.98
C5 NAG X . 20.57 20.48 0.15
C6 NAG X . 21.15 20.84 1.50
C7 NAG X . 17.24 21.50 -3.94
C8 NAG X . 16.94 22.85 -3.32
N2 NAG X . 18.15 20.74 -3.30
O3 NAG X . 20.75 21.93 -3.31
O4 NAG X . 22.48 21.17 -1.15
O5 NAG X . 19.15 20.64 0.28
O6 NAG X . 21.24 22.24 1.67
O7 NAG X . 16.68 21.12 -4.96
C1 NAG X . 23.19 22.44 -1.10
C2 NAG X . 24.70 22.15 -1.17
C3 NAG X . 25.48 23.47 -1.15
C4 NAG X . 24.98 24.42 -2.24
C5 NAG X . 23.47 24.60 -2.13
C6 NAG X . 22.90 25.44 -3.24
C7 NAG X . 25.76 20.12 -0.25
C8 NAG X . 26.04 19.70 -1.66
N2 NAG X . 25.12 21.29 -0.08
O3 NAG X . 26.87 23.20 -1.33
O4 NAG X . 25.62 25.68 -2.12
O5 NAG X . 22.81 23.34 -2.17
O6 NAG X . 23.21 26.81 -3.10
O7 NAG X . 26.10 19.43 0.71
C1 NAG Y . 32.65 -9.65 10.15
C2 NAG Y . 31.65 -8.60 10.66
C3 NAG Y . 31.80 -8.43 12.18
C4 NAG Y . 31.70 -9.77 12.90
C5 NAG Y . 32.70 -10.76 12.30
C6 NAG Y . 32.58 -12.15 12.87
C7 NAG Y . 30.96 -6.79 9.12
C8 NAG Y . 29.70 -7.57 8.87
N2 NAG Y . 31.84 -7.33 9.98
O3 NAG Y . 30.78 -7.55 12.64
O4 NAG Y . 31.98 -9.57 14.28
O5 NAG Y . 32.47 -10.88 10.88
O6 NAG Y . 33.85 -12.63 13.32
O7 NAG Y . 31.18 -5.71 8.57
C1 NAG Y . 30.81 -9.85 15.09
C2 NAG Y . 31.16 -9.60 16.57
C3 NAG Y . 29.95 -9.86 17.47
C4 NAG Y . 28.72 -9.09 16.98
C5 NAG Y . 28.49 -9.34 15.48
C6 NAG Y . 27.39 -8.48 14.91
C7 NAG Y . 32.48 -11.69 17.06
C8 NAG Y . 33.80 -12.17 17.56
N2 NAG Y . 32.33 -10.35 17.01
O3 NAG Y . 30.28 -9.48 18.79
O4 NAG Y . 27.57 -9.53 17.68
O5 NAG Y . 29.67 -9.04 14.73
O6 NAG Y . 26.10 -8.93 15.33
O7 NAG Y . 31.60 -12.48 16.70
C1 BMA Y . 27.10 -8.54 18.63
C2 BMA Y . 25.60 -8.83 18.89
C3 BMA Y . 25.07 -8.04 20.10
C4 BMA Y . 26.03 -8.04 21.31
C5 BMA Y . 27.46 -7.67 20.85
C6 BMA Y . 28.46 -7.75 21.99
O2 BMA Y . 25.40 -10.21 19.18
O3 BMA Y . 23.81 -8.56 20.52
O4 BMA Y . 25.60 -7.12 22.28
O5 BMA Y . 27.87 -8.60 19.83
O6 BMA Y . 28.11 -8.86 22.81
C1 MAN Y . 22.77 -7.58 20.35
C2 MAN Y . 21.82 -7.73 21.56
C3 MAN Y . 21.12 -9.08 21.49
C4 MAN Y . 20.42 -9.29 20.12
C5 MAN Y . 21.44 -9.09 18.97
C6 MAN Y . 20.81 -9.13 17.60
O2 MAN Y . 20.76 -6.77 21.51
O3 MAN Y . 20.18 -9.26 22.55
O4 MAN Y . 19.88 -10.60 20.05
O5 MAN Y . 22.09 -7.79 19.12
O6 MAN Y . 19.96 -7.99 17.48
C1 MAN Y . 21.23 -5.46 21.90
C2 MAN Y . 21.46 -5.45 23.44
C3 MAN Y . 20.13 -5.48 24.20
C4 MAN Y . 19.13 -4.43 23.67
C5 MAN Y . 18.98 -4.58 22.14
C6 MAN Y . 18.07 -3.53 21.53
O2 MAN Y . 22.12 -4.24 23.86
O3 MAN Y . 20.31 -5.34 25.60
O4 MAN Y . 17.87 -4.58 24.30
O5 MAN Y . 20.28 -4.47 21.52
O6 MAN Y . 16.81 -3.60 22.17
C1 MAN Y . 29.31 -9.58 23.17
C2 MAN Y . 29.07 -11.09 22.91
C3 MAN Y . 28.13 -11.70 23.97
C4 MAN Y . 28.56 -11.33 25.40
C5 MAN Y . 28.68 -9.79 25.52
C6 MAN Y . 29.18 -9.35 26.89
O2 MAN Y . 30.28 -11.84 23.00
O3 MAN Y . 28.01 -13.10 23.84
O4 MAN Y . 27.61 -11.79 26.34
O5 MAN Y . 29.65 -9.33 24.54
O6 MAN Y . 28.37 -9.98 27.87
C1 MAN Y . 26.76 -13.43 23.21
C2 MAN Y . 25.73 -13.78 24.32
C3 MAN Y . 26.04 -15.17 24.93
C4 MAN Y . 26.22 -16.23 23.83
C5 MAN Y . 27.30 -15.78 22.84
C6 MAN Y . 27.49 -16.74 21.68
O2 MAN Y . 24.40 -13.87 23.80
O3 MAN Y . 25.05 -15.57 25.86
O4 MAN Y . 26.60 -17.47 24.41
O5 MAN Y . 26.92 -14.49 22.27
O6 MAN Y . 27.63 -18.05 22.22
C1 NAG Z . 43.07 -5.60 -24.47
C2 NAG Z . 42.61 -6.50 -25.64
C3 NAG Z . 43.79 -6.78 -26.61
C4 NAG Z . 44.56 -5.52 -26.96
C5 NAG Z . 44.85 -4.65 -25.73
C6 NAG Z . 45.42 -3.30 -26.07
C7 NAG Z . 42.07 -8.82 -24.59
C8 NAG Z . 43.44 -9.03 -23.95
N2 NAG Z . 41.82 -7.68 -25.30
O3 NAG Z . 43.27 -7.39 -27.80
O4 NAG Z . 45.81 -5.89 -27.52
O5 NAG Z . 43.64 -4.41 -24.98
O6 NAG Z . 44.60 -2.62 -27.02
O7 NAG Z . 41.19 -9.68 -24.47
C1 NAG Z . 45.91 -5.61 -28.92
C2 NAG Z . 47.36 -5.27 -29.23
C3 NAG Z . 47.55 -5.01 -30.73
C4 NAG Z . 47.02 -6.18 -31.54
C5 NAG Z . 45.58 -6.49 -31.16
C6 NAG Z . 45.03 -7.73 -31.83
C7 NAG Z . 48.74 -4.20 -27.50
C8 NAG Z . 49.07 -2.92 -26.80
N2 NAG Z . 47.81 -4.12 -28.46
O3 NAG Z . 48.93 -4.78 -30.99
O4 NAG Z . 47.06 -5.86 -32.93
O5 NAG Z . 45.48 -6.72 -29.74
O6 NAG Z . 43.63 -7.87 -31.59
O7 NAG Z . 49.29 -5.26 -27.22
C1 BMA Z . 48.11 -6.59 -33.60
C2 BMA Z . 47.57 -7.14 -34.94
C3 BMA Z . 48.72 -7.76 -35.76
C4 BMA Z . 49.96 -6.83 -35.84
C5 BMA Z . 50.37 -6.40 -34.43
C6 BMA Z . 51.54 -5.43 -34.43
O2 BMA Z . 47.03 -6.09 -35.73
O3 BMA Z . 48.29 -8.12 -37.06
O4 BMA Z . 51.02 -7.52 -36.48
O5 BMA Z . 49.25 -5.76 -33.80
O6 BMA Z . 51.83 -5.08 -33.08
C1 NAG AA . 43.98 1.71 18.61
C2 NAG AA . 43.18 1.39 19.86
C3 NAG AA . 43.28 2.53 20.87
C4 NAG AA . 44.74 2.87 21.17
C5 NAG AA . 45.50 3.11 19.85
C6 NAG AA . 46.97 3.31 20.05
C7 NAG AA . 41.28 -0.10 19.42
C8 NAG AA . 39.82 -0.19 19.08
N2 NAG AA . 41.78 1.13 19.53
O3 NAG AA . 42.60 2.15 22.07
O4 NAG AA . 44.82 4.05 21.97
O5 NAG AA . 45.33 2.00 18.97
O6 NAG AA . 47.68 3.18 18.82
O7 NAG AA . 41.96 -1.11 19.60
C1 NAG AA . 45.18 3.72 23.32
C2 NAG AA . 46.20 4.74 23.85
C3 NAG AA . 46.52 4.46 25.32
C4 NAG AA . 45.24 4.41 26.15
C5 NAG AA . 44.26 3.41 25.55
C6 NAG AA . 42.92 3.39 26.24
C7 NAG AA . 48.07 5.85 22.72
C8 NAG AA . 49.29 5.67 21.88
N2 NAG AA . 47.41 4.74 23.05
O3 NAG AA . 47.40 5.47 25.79
O4 NAG AA . 45.55 4.01 27.48
O5 NAG AA . 44.01 3.73 24.17
O6 NAG AA . 41.88 3.04 25.35
O7 NAG AA . 47.68 6.96 23.07
C1 BMA AA . 45.43 5.12 28.40
C2 BMA AA . 44.55 4.65 29.58
C3 BMA AA . 44.64 5.60 30.81
C4 BMA AA . 46.05 6.22 31.03
C5 BMA AA . 46.71 6.67 29.70
C6 BMA AA . 48.13 7.18 29.89
O2 BMA AA . 44.97 3.37 30.03
O3 BMA AA . 44.24 4.87 31.97
O4 BMA AA . 46.00 7.36 31.89
O5 BMA AA . 46.72 5.55 28.81
O6 BMA AA . 49.07 6.24 29.34
C1 MAN AA . 43.38 5.64 32.83
C2 MAN AA . 43.41 4.92 34.22
C3 MAN AA . 42.52 3.66 34.21
C4 MAN AA . 41.12 3.97 33.63
C5 MAN AA . 41.27 4.55 32.22
C6 MAN AA . 39.94 4.91 31.60
O2 MAN AA . 42.91 5.76 35.28
O3 MAN AA . 42.41 3.08 35.50
O4 MAN AA . 40.35 2.78 33.58
O5 MAN AA . 42.06 5.76 32.30
O6 MAN AA . 39.43 6.07 32.26
C1 MAN AA . 43.92 5.95 36.31
C2 MAN AA . 44.68 7.31 35.97
C3 MAN AA . 46.14 7.38 36.50
C4 MAN AA . 46.48 6.25 37.48
C5 MAN AA . 46.21 4.93 36.75
C6 MAN AA . 46.64 3.71 37.55
O2 MAN AA . 44.01 8.44 36.55
O3 MAN AA . 46.44 8.66 37.09
O4 MAN AA . 47.85 6.32 37.85
O5 MAN AA . 44.77 4.78 36.45
O6 MAN AA . 47.97 3.92 38.03
C1 MAN AA . 49.63 5.43 30.41
C2 MAN AA . 50.70 6.24 31.17
C3 MAN AA . 51.86 6.50 30.18
C4 MAN AA . 52.50 5.16 29.77
C5 MAN AA . 51.42 4.29 29.07
C6 MAN AA . 51.89 2.87 28.82
O2 MAN AA . 51.19 5.41 32.23
O3 MAN AA . 52.88 7.54 30.48
O4 MAN AA . 53.58 5.39 28.89
O5 MAN AA . 50.20 4.21 29.89
O6 MAN AA . 52.88 2.54 29.80
C1 MAN AA . 53.00 8.01 31.84
C2 MAN AA . 53.85 9.31 31.84
C3 MAN AA . 54.94 9.25 32.93
C4 MAN AA . 54.38 8.75 34.27
C5 MAN AA . 53.82 7.31 34.09
C6 MAN AA . 52.54 7.03 34.87
O2 MAN AA . 53.05 10.45 32.17
O3 MAN AA . 55.58 10.51 33.11
O4 MAN AA . 55.40 8.73 35.25
O5 MAN AA . 53.58 7.00 32.67
O6 MAN AA . 51.83 8.26 35.00
C1 MAN AA . 52.51 1.47 30.73
C2 MAN AA . 52.05 0.15 29.91
C3 MAN AA . 50.61 -0.33 30.19
C4 MAN AA . 50.17 -0.05 31.62
C5 MAN AA . 50.17 1.46 31.79
C6 MAN AA . 49.56 1.91 33.10
O2 MAN AA . 52.89 -0.97 30.21
O3 MAN AA . 50.44 -1.72 29.89
O4 MAN AA . 48.88 -0.54 31.85
O5 MAN AA . 51.55 1.97 31.75
O6 MAN AA . 49.44 3.33 33.07
C1 NAG BA . 41.61 12.14 4.78
C2 NAG BA . 40.86 13.48 4.79
C3 NAG BA . 41.52 14.49 3.84
C4 NAG BA . 43.01 14.63 4.16
C5 NAG BA . 43.67 13.24 4.20
C6 NAG BA . 45.11 13.29 4.65
C7 NAG BA . 38.87 12.85 3.36
C8 NAG BA . 37.37 12.82 3.35
N2 NAG BA . 39.43 13.34 4.49
O3 NAG BA . 40.85 15.74 3.96
O4 NAG BA . 43.67 15.37 3.14
O5 NAG BA . 42.98 12.38 5.11
O6 NAG BA . 45.23 13.80 5.96
O7 NAG BA . 39.53 12.47 2.40
C1 NAG BA . 43.87 16.76 3.48
C2 NAG BA . 45.33 17.18 3.26
C3 NAG BA . 45.50 18.68 3.50
C4 NAG BA . 44.50 19.48 2.66
C5 NAG BA . 43.08 18.98 2.93
C6 NAG BA . 42.05 19.65 2.04
C7 NAG BA . 47.46 16.06 3.74
C8 NAG BA . 48.25 15.30 4.77
N2 NAG BA . 46.24 16.44 4.12
O3 NAG BA . 46.82 19.08 3.18
O4 NAG BA . 44.58 20.87 2.97
O5 NAG BA . 43.00 17.58 2.68
O6 NAG BA . 42.59 20.72 1.30
O7 NAG BA . 47.91 16.32 2.63
C1 NAG CA . -2.19 3.10 27.00
C2 NAG CA . -1.27 3.35 28.20
C3 NAG CA . -1.52 2.33 29.33
C4 NAG CA . -3.00 2.29 29.69
C5 NAG CA . -3.83 2.02 28.44
C6 NAG CA . -5.32 2.06 28.70
C7 NAG CA . 0.90 2.42 27.30
C8 NAG CA . 2.33 2.78 27.03
N2 NAG CA . 0.15 3.42 27.83
O3 NAG CA . -0.72 2.68 30.45
O4 NAG CA . -3.23 1.27 30.66
O5 NAG CA . -3.56 3.03 27.45
O6 NAG CA . -5.67 3.10 29.60
O7 NAG CA . 0.46 1.30 27.06
C1 NAG CA . -3.53 1.85 31.94
C2 NAG CA . -4.34 0.86 32.78
C3 NAG CA . -4.60 1.44 34.17
C4 NAG CA . -3.29 1.85 34.84
C5 NAG CA . -2.51 2.80 33.94
C6 NAG CA . -1.15 3.15 34.48
C7 NAG CA . -6.05 -0.70 31.88
C8 NAG CA . -5.16 -1.83 32.34
N2 NAG CA . -5.60 0.54 32.12
O3 NAG CA . -5.26 0.47 34.97
O4 NAG CA . -3.55 2.48 36.09
O5 NAG CA . -2.31 2.19 32.65
O6 NAG CA . -1.19 3.39 35.87
O7 NAG CA . -7.12 -0.91 31.33
C1 NAG DA . -27.26 -18.34 14.14
C2 NAG DA . -26.70 -16.97 13.78
C3 NAG DA . -27.79 -15.90 13.89
C4 NAG DA . -29.00 -16.28 13.04
C5 NAG DA . -29.49 -17.67 13.42
C6 NAG DA . -30.61 -18.17 12.53
C7 NAG DA . -24.53 -15.90 14.17
C8 NAG DA . -23.43 -15.64 15.16
N2 NAG DA . -25.56 -16.63 14.61
O3 NAG DA . -27.28 -14.64 13.49
O4 NAG DA . -30.06 -15.33 13.24
O5 NAG DA . -28.42 -18.63 13.31
O6 NAG DA . -30.13 -18.53 11.24
O7 NAG DA . -24.49 -15.46 13.02
C1 NAG DA . -30.24 -14.52 12.05
C2 NAG DA . -31.59 -13.77 12.15
C3 NAG DA . -31.80 -12.79 10.98
C4 NAG DA . -30.57 -11.90 10.78
C5 NAG DA . -29.30 -12.74 10.71
C6 NAG DA . -28.03 -11.92 10.63
C7 NAG DA . -33.43 -15.59 11.79
C8 NAG DA . -32.92 -16.06 10.43
N2 NAG DA . -32.78 -14.59 12.45
O3 NAG DA . -32.95 -11.99 11.23
O4 NAG DA . -30.70 -11.18 9.57
O5 NAG DA . -29.18 -13.56 11.89
O6 NAG DA . -27.93 -11.27 9.37
O7 NAG DA . -34.43 -16.11 12.29
C1 BMA DA . -30.97 -9.78 9.79
C2 BMA DA . -30.45 -8.99 8.56
C3 BMA DA . -30.97 -7.54 8.53
C4 BMA DA . -32.47 -7.42 8.92
C5 BMA DA . -32.77 -8.21 10.20
C6 BMA DA . -34.25 -8.20 10.54
O2 BMA DA . -30.87 -9.61 7.36
O3 BMA DA . -30.79 -6.99 7.23
O4 BMA DA . -32.82 -6.06 9.10
O5 BMA DA . -32.37 -9.58 9.99
O6 BMA DA . -34.98 -8.26 9.33
C1 MAN DA . -29.97 -5.80 7.29
C2 MAN DA . -30.57 -4.79 6.29
C3 MAN DA . -30.44 -5.34 4.87
C4 MAN DA . -28.97 -5.71 4.54
C5 MAN DA . -28.43 -6.69 5.62
C6 MAN DA . -26.95 -6.98 5.47
O2 MAN DA . -29.86 -3.54 6.27
O3 MAN DA . -30.94 -4.43 3.89
O4 MAN DA . -28.89 -6.33 3.27
O5 MAN DA . -28.64 -6.11 6.95
O6 MAN DA . -26.71 -7.33 4.10
C1 MAN DA . -30.07 -2.79 7.48
C2 MAN DA . -31.54 -2.27 7.53
C3 MAN DA . -31.76 -1.15 6.50
C4 MAN DA . -30.67 -0.07 6.60
C5 MAN DA . -29.28 -0.72 6.48
C6 MAN DA . -28.14 0.27 6.62
O2 MAN DA . -31.85 -1.71 8.80
O3 MAN DA . -33.05 -0.56 6.62
O4 MAN DA . -30.83 0.89 5.55
O5 MAN DA . -29.14 -1.71 7.53
O6 MAN DA . -28.33 1.30 5.65
C1 MAN DA . -36.23 -8.94 9.55
C2 MAN DA . -36.16 -10.31 8.83
C3 MAN DA . -36.24 -10.14 7.30
C4 MAN DA . -37.42 -9.24 6.90
C5 MAN DA . -37.34 -7.89 7.64
C6 MAN DA . -38.50 -6.97 7.35
O2 MAN DA . -37.28 -11.14 9.18
O3 MAN DA . -36.32 -11.38 6.63
O4 MAN DA . -37.40 -9.00 5.49
O5 MAN DA . -37.31 -8.15 9.07
O6 MAN DA . -39.66 -7.51 7.98
C1 NAG EA . -35.90 -11.91 28.62
C2 NAG EA . -36.89 -11.26 27.65
C3 NAG EA . -37.51 -10.02 28.29
C4 NAG EA . -38.12 -10.36 29.65
C5 NAG EA . -37.07 -11.03 30.54
C6 NAG EA . -37.61 -11.51 31.86
C7 NAG EA . -36.52 -11.55 25.24
C8 NAG EA . -35.77 -11.08 24.04
N2 NAG EA . -36.25 -10.92 26.39
O3 NAG EA . -38.51 -9.49 27.42
O4 NAG EA . -38.58 -9.16 30.29
O5 NAG EA . -36.54 -12.19 29.87
O6 NAG EA . -38.68 -12.43 31.68
O7 NAG EA . -37.32 -12.47 25.18
C1 NAG EA . -40.02 -9.17 30.32
C2 NAG EA . -40.51 -8.22 31.44
C3 NAG EA . -42.05 -8.15 31.46
C4 NAG EA . -42.61 -7.84 30.08
C5 NAG EA . -42.02 -8.76 29.02
C6 NAG EA . -42.42 -8.38 27.61
C7 NAG EA . -40.17 -9.71 33.44
C8 NAG EA . -39.49 -9.79 34.78
N2 NAG EA . -39.97 -8.58 32.76
O3 NAG EA . -42.45 -7.18 32.41
O4 NAG EA . -44.02 -8.03 30.09
O5 NAG EA . -40.58 -8.74 29.07
O6 NAG EA . -41.91 -7.09 27.26
O7 NAG EA . -40.85 -10.65 33.02
C1 BMA EA . -44.78 -6.80 30.08
C2 BMA EA . -45.73 -6.83 31.33
C3 BMA EA . -46.43 -5.48 31.56
C4 BMA EA . -45.49 -4.27 31.38
C5 BMA EA . -44.74 -4.40 30.04
C6 BMA EA . -43.81 -3.24 29.74
O2 BMA EA . -45.02 -7.11 32.52
O3 BMA EA . -47.04 -5.45 32.86
O4 BMA EA . -46.23 -3.06 31.40
O5 BMA EA . -43.97 -5.62 30.08
O6 BMA EA . -44.59 -2.16 29.22
C1 MAN EA . -44.90 -2.42 27.83
C2 MAN EA . -44.34 -1.24 26.97
C3 MAN EA . -45.27 -0.01 27.09
C4 MAN EA . -46.75 -0.38 26.87
C5 MAN EA . -47.14 -1.47 27.88
C6 MAN EA . -48.59 -1.91 27.76
O2 MAN EA . -44.32 -1.57 25.58
O3 MAN EA . -44.88 1.03 26.18
O4 MAN EA . -47.57 0.75 27.05
O5 MAN EA . -46.29 -2.63 27.66
O6 MAN EA . -49.37 -0.79 27.33
C1 MAN EA . -50.50 -0.59 28.20
C2 MAN EA . -50.10 0.47 29.28
C3 MAN EA . -50.63 0.07 30.67
C4 MAN EA . -52.07 -0.47 30.61
C5 MAN EA . -52.11 -1.74 29.72
C6 MAN EA . -53.36 -1.87 28.89
O2 MAN EA . -50.68 1.75 29.00
O3 MAN EA . -50.54 1.15 31.60
O4 MAN EA . -52.54 -0.77 31.90
O5 MAN EA . -50.94 -1.81 28.81
O6 MAN EA . -54.48 -1.58 29.73
C1 MAN EA . -48.48 -5.39 32.74
C2 MAN EA . -49.05 -5.09 34.16
C3 MAN EA . -49.02 -6.36 35.03
C4 MAN EA . -49.70 -7.54 34.32
C5 MAN EA . -48.99 -7.81 32.99
C6 MAN EA . -49.63 -8.92 32.18
O2 MAN EA . -50.43 -4.71 34.10
O3 MAN EA . -49.61 -6.14 36.31
O4 MAN EA . -49.62 -8.70 35.13
O5 MAN EA . -49.03 -6.60 32.17
O6 MAN EA . -49.60 -10.11 32.97
C1 NAG FA . -22.40 -12.00 36.09
C2 NAG FA . -21.56 -10.75 36.31
C3 NAG FA . -20.70 -10.88 37.58
C4 NAG FA . -21.55 -11.32 38.78
C5 NAG FA . -22.45 -12.51 38.42
C6 NAG FA . -23.44 -12.85 39.50
C7 NAG FA . -19.73 -11.10 34.61
C8 NAG FA . -19.07 -10.46 33.42
N2 NAG FA . -20.74 -10.39 35.15
O3 NAG FA . -20.06 -9.65 37.82
O4 NAG FA . -20.70 -11.76 39.83
O5 NAG FA . -23.22 -12.24 37.23
O6 NAG FA . -23.91 -11.68 40.16
O7 NAG FA . -19.36 -12.19 35.03
C1 NAG FA . -20.40 -10.78 40.83
C2 NAG FA . -20.61 -11.35 42.24
C3 NAG FA . -20.18 -10.33 43.30
C4 NAG FA . -18.75 -9.87 43.05
C5 NAG FA . -18.61 -9.34 41.62
C6 NAG FA . -17.19 -8.97 41.26
C7 NAG FA . -22.35 -12.80 43.16
C8 NAG FA . -23.83 -13.06 43.26
N2 NAG FA . -22.00 -11.74 42.44
O3 NAG FA . -20.28 -10.92 44.59
O4 NAG FA . -18.40 -8.83 43.97
O5 NAG FA . -19.03 -10.34 40.69
O6 NAG FA . -16.33 -8.99 42.39
O7 NAG FA . -21.53 -13.53 43.71
C1 NAG GA . -3.48 -39.94 30.16
C2 NAG GA . -2.75 -40.88 29.20
C3 NAG GA . -2.46 -42.21 29.89
C4 NAG GA . -1.73 -41.99 31.21
C5 NAG GA . -2.48 -40.99 32.08
C6 NAG GA . -1.74 -40.61 33.35
C7 NAG GA . -3.04 -40.87 26.76
C8 NAG GA . -3.98 -41.14 25.63
N2 NAG GA . -3.53 -41.10 27.99
O3 NAG GA . -1.69 -43.03 29.03
O4 NAG GA . -1.61 -43.23 31.90
O5 NAG GA . -2.71 -39.77 31.35
O6 NAG GA . -1.91 -41.58 34.36
O7 NAG GA . -1.90 -40.46 26.59
C1 NAG GA . -0.24 -43.68 31.97
C2 NAG GA . -0.22 -45.06 32.67
C3 NAG GA . 1.21 -45.63 32.70
C4 NAG GA . 1.81 -45.64 31.30
C5 NAG GA . 1.74 -44.24 30.69
C6 NAG GA . 2.24 -44.19 29.27
C7 NAG GA . -0.44 -44.35 35.07
C8 NAG GA . -1.27 -44.53 36.29
N2 NAG GA . -0.84 -45.05 33.99
O3 NAG GA . 1.17 -46.96 33.21
O4 NAG GA . 3.18 -46.04 31.37
O5 NAG GA . 0.37 -43.79 30.67
O6 NAG GA . 1.68 -43.09 28.55
O7 NAG GA . 0.54 -43.59 35.05
C1 NAG HA . -4.76 20.15 -41.16
C2 NAG HA . -4.77 21.21 -42.28
C3 NAG HA . -4.19 20.64 -43.57
C4 NAG HA . -2.80 20.04 -43.31
C5 NAG HA . -2.87 19.01 -42.18
C6 NAG HA . -1.52 18.46 -41.80
C7 NAG HA . -7.22 21.15 -42.89
C8 NAG HA . -8.43 22.02 -43.04
N2 NAG HA . -6.10 21.79 -42.50
O3 NAG HA . -4.08 21.68 -44.54
O4 NAG HA . -2.32 19.40 -44.49
O5 NAG HA . -3.43 19.63 -41.00
O6 NAG HA . -0.64 18.43 -42.92
O7 NAG HA . -7.25 19.95 -43.13
C1 NAG IA . 6.38 31.21 -24.84
C2 NAG IA . 6.71 31.88 -26.20
C3 NAG IA . 8.18 31.68 -26.55
C4 NAG IA . 9.08 32.12 -25.40
C5 NAG IA . 8.68 31.42 -24.11
C6 NAG IA . 9.46 31.89 -22.90
C7 NAG IA . 5.69 30.20 -27.76
C8 NAG IA . 4.70 30.06 -28.89
N2 NAG IA . 5.82 31.45 -27.28
O3 NAG IA . 8.49 32.43 -27.72
O4 NAG IA . 10.44 31.80 -25.69
O5 NAG IA . 7.28 31.69 -23.82
O6 NAG IA . 10.85 31.91 -23.17
O7 NAG IA . 6.31 29.23 -27.33
C1 NAG JA . -23.34 18.40 -49.76
C2 NAG JA . -23.66 19.81 -50.31
C3 NAG JA . -24.92 19.77 -51.19
C4 NAG JA . -24.80 18.70 -52.27
C5 NAG JA . -24.46 17.35 -51.64
C6 NAG JA . -24.22 16.26 -52.65
C7 NAG JA . -24.65 20.86 -48.25
C8 NAG JA . -24.52 22.03 -47.33
N2 NAG JA . -23.77 20.82 -49.27
O3 NAG JA . -25.11 21.06 -51.80
O4 NAG JA . -26.02 18.59 -52.99
O5 NAG JA . -23.26 17.46 -50.85
O6 NAG JA . -25.36 15.41 -52.77
O7 NAG JA . -25.52 20.00 -48.08
C1 NAG KA . -34.79 2.73 -53.01
C2 NAG KA . -35.39 1.56 -53.80
C3 NAG KA . -34.27 0.62 -54.26
C4 NAG KA . -33.19 1.38 -55.02
C5 NAG KA . -32.69 2.56 -54.18
C6 NAG KA . -31.71 3.43 -54.92
C7 NAG KA . -37.69 1.04 -53.15
C8 NAG KA . -38.57 0.21 -52.26
N2 NAG KA . -36.38 0.85 -53.02
O3 NAG KA . -34.83 -0.38 -55.10
O4 NAG KA . -32.11 0.52 -55.32
O5 NAG KA . -33.79 3.40 -53.80
O6 NAG KA . -32.35 4.19 -55.94
O7 NAG KA . -38.16 1.84 -53.96
C1 NAG LA . -26.87 24.41 -39.08
C2 NAG LA . -27.31 25.16 -37.81
C3 NAG LA . -28.61 25.92 -38.06
C4 NAG LA . -28.47 26.83 -39.28
C5 NAG LA . -27.99 26.03 -40.49
C6 NAG LA . -27.72 26.90 -41.70
C7 NAG LA . -27.10 24.55 -35.45
C8 NAG LA . -27.33 23.48 -34.42
N2 NAG LA . -27.46 24.24 -36.70
O3 NAG LA . -28.95 26.69 -36.92
O4 NAG LA . -29.72 27.44 -39.58
O5 NAG LA . -26.77 25.35 -40.18
O6 NAG LA . -28.44 28.11 -41.64
O7 NAG LA . -26.60 25.63 -35.16
C1 NAG MA . -4.35 9.59 -41.60
C2 NAG MA . -3.44 8.35 -41.51
C3 NAG MA . -2.17 8.54 -42.36
C4 NAG MA . -2.53 8.95 -43.78
C5 NAG MA . -3.44 10.18 -43.77
C6 NAG MA . -3.92 10.57 -45.15
C7 NAG MA . -2.45 8.69 -39.22
C8 NAG MA . -2.26 8.03 -37.89
N2 NAG MA . -3.11 7.97 -40.14
O3 NAG MA . -1.41 7.34 -42.36
O4 NAG MA . -1.35 9.23 -44.52
O5 NAG MA . -4.62 9.90 -42.99
O6 NAG MA . -5.33 10.42 -45.28
O7 NAG MA . -2.01 9.82 -39.45
C1 NAG NA . -12.30 -26.86 -51.78
C2 NAG NA . -11.51 -28.17 -52.04
C3 NAG NA . -11.20 -28.38 -53.54
C4 NAG NA . -12.45 -28.20 -54.39
C5 NAG NA . -13.10 -26.84 -54.08
C6 NAG NA . -14.37 -26.61 -54.84
C7 NAG NA . -9.15 -27.80 -50.97
C8 NAG NA . -8.80 -26.56 -51.77
N2 NAG NA . -10.35 -28.42 -51.16
O3 NAG NA . -10.67 -29.70 -53.74
O4 NAG NA . -12.12 -28.25 -55.77
O5 NAG NA . -13.43 -26.78 -52.68
O6 NAG NA . -14.39 -27.33 -56.06
O7 NAG NA . -8.36 -28.25 -50.15
C1 NAG OA . -25.86 -9.59 -42.04
C2 NAG OA . -27.15 -9.93 -41.29
C3 NAG OA . -27.80 -11.18 -41.88
C4 NAG OA . -28.00 -11.01 -43.39
C5 NAG OA . -26.68 -10.64 -44.06
C6 NAG OA . -26.83 -10.33 -45.53
C7 NAG OA . -27.44 -9.35 -38.89
C8 NAG OA . -28.35 -8.25 -39.33
N2 NAG OA . -26.90 -10.11 -39.87
O3 NAG OA . -29.05 -11.41 -41.25
O4 NAG OA . -28.49 -12.22 -43.95
O5 NAG OA . -26.14 -9.46 -43.45
O6 NAG OA . -28.08 -9.70 -45.80
O7 NAG OA . -27.19 -9.55 -37.70
C1 NAG PA . -3.14 31.85 4.57
C2 NAG PA . -4.53 32.41 4.25
C3 NAG PA . -4.63 33.86 4.74
C4 NAG PA . -4.25 33.96 6.21
C5 NAG PA . -2.87 33.34 6.45
C6 NAG PA . -2.49 33.31 7.91
C7 NAG PA . -6.03 32.00 2.37
C8 NAG PA . -6.15 31.95 0.88
N2 NAG PA . -4.82 32.32 2.84
O3 NAG PA . -5.96 34.33 4.54
O4 NAG PA . -4.23 35.32 6.61
O5 NAG PA . -2.85 31.99 5.98
O6 NAG PA . -3.63 33.33 8.75
O7 NAG PA . -6.98 31.75 3.11
C1 NAG QA . 39.20 -14.47 9.70
C2 NAG QA . 37.97 -14.90 10.51
C3 NAG QA . 38.33 -16.08 11.43
C4 NAG QA . 38.94 -17.22 10.64
C5 NAG QA . 40.13 -16.72 9.82
C6 NAG QA . 40.71 -17.77 8.90
C7 NAG QA . 36.18 -13.35 11.23
C8 NAG QA . 35.26 -14.08 10.29
N2 NAG QA . 37.45 -13.79 11.29
O3 NAG QA . 37.15 -16.52 12.11
O4 NAG QA . 39.37 -18.25 11.51
O5 NAG QA . 39.73 -15.62 8.99
O6 NAG QA . 40.34 -19.08 9.32
O7 NAG QA . 35.80 -12.40 11.92
C1 NAG RA . 39.57 -38.59 -19.42
C2 NAG RA . 40.29 -39.15 -20.66
C3 NAG RA . 39.71 -40.51 -21.04
C4 NAG RA . 39.73 -41.46 -19.85
C5 NAG RA . 39.04 -40.82 -18.65
C6 NAG RA . 39.14 -41.66 -17.40
C7 NAG RA . 41.27 -37.59 -22.28
C8 NAG RA . 41.01 -36.66 -23.42
N2 NAG RA . 40.21 -38.22 -21.77
O3 NAG RA . 40.46 -41.06 -22.12
O4 NAG RA . 39.06 -42.68 -20.18
O5 NAG RA . 39.65 -39.56 -18.35
O6 NAG RA . 39.25 -40.85 -16.24
O7 NAG RA . 42.40 -37.74 -21.82
C1 NAG SA . 44.53 -15.72 -17.77
C2 NAG SA . 44.92 -14.80 -18.94
C3 NAG SA . 45.36 -15.64 -20.13
C4 NAG SA . 46.46 -16.62 -19.75
C5 NAG SA . 46.02 -17.46 -18.55
C6 NAG SA . 47.12 -18.35 -18.03
C7 NAG SA . 43.74 -12.64 -18.90
C8 NAG SA . 42.54 -11.88 -19.37
N2 NAG SA . 43.82 -13.92 -19.30
O3 NAG SA . 45.81 -14.77 -21.17
O4 NAG SA . 46.77 -17.46 -20.84
O5 NAG SA . 45.63 -16.60 -17.47
O6 NAG SA . 48.40 -17.79 -18.25
O7 NAG SA . 44.61 -12.13 -18.19
C1 NAG TA . 42.07 -6.97 17.55
C2 NAG TA . 43.37 -6.88 18.37
C3 NAG TA . 44.00 -8.27 18.55
C4 NAG TA . 42.97 -9.25 19.12
C5 NAG TA . 41.71 -9.26 18.27
C6 NAG TA . 40.61 -10.12 18.85
C7 NAG TA . 44.93 -5.96 16.63
C8 NAG TA . 45.87 -4.83 16.35
N2 NAG TA . 44.33 -5.92 17.83
O3 NAG TA . 45.12 -8.18 19.42
O4 NAG TA . 43.52 -10.56 19.16
O5 NAG TA . 41.17 -7.92 18.16
O6 NAG TA . 41.14 -11.32 19.41
O7 NAG TA . 44.72 -6.85 15.79
C1 NAG UA . 26.79 3.14 29.98
C2 NAG UA . 27.69 2.38 30.99
C3 NAG UA . 26.89 1.30 31.73
C4 NAG UA . 25.63 1.89 32.35
C5 NAG UA . 24.81 2.63 31.29
C6 NAG UA . 23.60 3.32 31.86
C7 NAG UA . 28.98 0.92 29.40
C8 NAG UA . 30.37 0.55 28.98
N2 NAG UA . 28.90 1.84 30.38
O3 NAG UA . 27.71 0.73 32.75
O4 NAG UA . 24.84 0.86 32.92
O5 NAG UA . 25.61 3.64 30.66
O6 NAG UA . 23.12 2.67 33.02
O7 NAG UA . 27.99 0.39 28.88
C1 NAG VA . 57.70 -2.97 4.63
C2 NAG VA . 58.72 -2.18 5.48
C3 NAG VA . 60.05 -2.00 4.73
C4 NAG VA . 60.57 -3.34 4.24
C5 NAG VA . 59.50 -4.06 3.41
C6 NAG VA . 59.91 -5.44 2.97
C7 NAG VA . 57.79 0.14 5.21
C8 NAG VA . 57.30 1.33 5.98
N2 NAG VA . 58.19 -0.90 5.96
O3 NAG VA . 61.00 -1.40 5.60
O4 NAG VA . 61.73 -3.14 3.44
O5 NAG VA . 58.31 -4.22 4.20
O6 NAG VA . 60.46 -5.43 1.66
O7 NAG VA . 57.82 0.14 3.98
C1 NAG WA . 60.91 -8.74 -13.21
C2 NAG WA . 61.10 -9.49 -14.54
C3 NAG WA . 60.79 -10.97 -14.35
C4 NAG WA . 61.62 -11.56 -13.22
C5 NAG WA . 61.42 -10.74 -11.94
C6 NAG WA . 62.31 -11.19 -10.81
C7 NAG WA . 60.69 -8.74 -16.83
C8 NAG WA . 59.70 -8.13 -17.79
N2 NAG WA . 60.26 -8.91 -15.58
O3 NAG WA . 61.07 -11.66 -15.57
O4 NAG WA . 61.22 -12.90 -12.97
O5 NAG WA . 61.74 -9.36 -12.20
O6 NAG WA . 61.90 -12.44 -10.29
O7 NAG WA . 61.82 -9.05 -17.19
C1 NAG XA . 52.49 8.65 4.80
C2 NAG XA . 51.85 10.05 4.86
C3 NAG XA . 52.90 11.12 4.54
C4 NAG XA . 54.11 10.97 5.45
C5 NAG XA . 54.67 9.56 5.37
C6 NAG XA . 55.80 9.31 6.33
C7 NAG XA . 49.60 10.80 4.25
C8 NAG XA . 48.54 10.81 3.18
N2 NAG XA . 50.72 10.14 3.95
O3 NAG XA . 52.31 12.41 4.70
O4 NAG XA . 55.12 11.90 5.06
O5 NAG XA . 53.64 8.61 5.68
O6 NAG XA . 56.43 10.52 6.72
O7 NAG XA . 49.44 11.37 5.33
C1 NAG YA . 7.15 24.74 19.44
C2 NAG YA . 8.38 25.62 19.14
C3 NAG YA . 8.31 26.91 19.98
C4 NAG YA . 6.98 27.62 19.76
C5 NAG YA . 5.82 26.68 20.04
C6 NAG YA . 4.47 27.28 19.74
C7 NAG YA . 10.74 25.09 18.70
C8 NAG YA . 11.92 24.28 19.12
N2 NAG YA . 9.61 24.90 19.41
O3 NAG YA . 9.39 27.76 19.61
O4 NAG YA . 6.90 28.75 20.61
O5 NAG YA . 5.95 25.50 19.23
O6 NAG YA . 4.54 28.70 19.67
O7 NAG YA . 10.79 25.89 17.78
C1 NAG ZA . -15.39 -57.10 3.19
C2 NAG ZA . -15.39 -57.61 1.73
C3 NAG ZA . -16.50 -58.65 1.50
C4 NAG ZA . -16.42 -59.75 2.56
C5 NAG ZA . -16.42 -59.15 3.96
C6 NAG ZA . -16.25 -60.20 5.04
C7 NAG ZA . -16.43 -55.64 0.58
C8 NAG ZA . -16.22 -54.64 -0.52
N2 NAG ZA . -15.44 -56.53 0.75
O3 NAG ZA . -16.37 -59.20 0.20
O4 NAG ZA . -17.52 -60.64 2.41
O5 NAG ZA . -15.35 -58.22 4.10
O6 NAG ZA . -15.26 -59.80 5.99
O7 NAG ZA . -17.46 -55.62 1.27
C1 NAG AB . -11.69 22.71 19.14
C2 NAG AB . -11.96 22.43 20.63
C3 NAG AB . -12.02 23.74 21.42
C4 NAG AB . -10.77 24.57 21.18
C5 NAG AB . -10.56 24.80 19.69
C6 NAG AB . -9.27 25.52 19.37
C7 NAG AB . -13.39 20.80 21.77
C8 NAG AB . -14.74 20.12 21.80
N2 NAG AB . -13.20 21.68 20.80
O3 NAG AB . -12.16 23.46 22.81
O4 NAG AB . -10.89 25.82 21.83
O5 NAG AB . -10.50 23.52 19.01
O6 NAG AB . -8.32 25.38 20.43
O7 NAG AB . -12.53 20.55 22.61
C1 NAG BB . -11.72 -43.30 22.97
C2 NAG BB . -10.47 -43.33 23.86
C3 NAG BB . -9.71 -44.64 23.69
C4 NAG BB . -10.64 -45.84 23.92
C5 NAG BB . -11.88 -45.73 23.03
C6 NAG BB . -12.90 -46.80 23.30
C7 NAG BB . -9.56 -41.10 24.33
C8 NAG BB . -8.61 -40.03 23.88
N2 NAG BB . -9.60 -42.20 23.57
O3 NAG BB . -8.62 -44.69 24.59
O4 NAG BB . -9.96 -47.05 23.63
O5 NAG BB . -12.53 -44.47 23.24
O6 NAG BB . -13.05 -47.03 24.70
O7 NAG BB . -10.27 -40.97 25.32
C1 NAG CB . -36.72 -16.89 21.07
C2 NAG CB . -37.57 -17.71 22.04
C3 NAG CB . -38.50 -18.65 21.27
C4 NAG CB . -39.33 -17.87 20.26
C5 NAG CB . -38.42 -17.05 19.35
C6 NAG CB . -39.20 -16.14 18.41
C7 NAG CB . -36.75 -18.32 24.29
C8 NAG CB . -37.72 -17.31 24.86
N2 NAG CB . -36.73 -18.46 22.96
O3 NAG CB . -39.36 -19.32 22.18
O4 NAG CB . -40.09 -18.77 19.47
O5 NAG CB . -37.59 -16.19 20.14
O6 NAG CB . -39.98 -15.20 19.13
O7 NAG CB . -36.02 -18.99 25.03
C1 NAG DB . -36.75 4.08 15.95
C2 NAG DB . -37.98 3.24 15.55
C3 NAG DB . -38.43 3.59 14.13
C4 NAG DB . -38.64 5.10 13.99
C5 NAG DB . -37.39 5.86 14.43
C6 NAG DB . -37.58 7.36 14.43
C7 NAG DB . -38.51 0.98 16.33
C8 NAG DB . -38.08 -0.46 16.35
N2 NAG DB . -37.71 1.82 15.67
O3 NAG DB . -39.63 2.90 13.83
O4 NAG DB . -38.93 5.42 12.63
O5 NAG DB . -37.04 5.48 15.77
O6 NAG DB . -37.56 7.87 13.11
O7 NAG DB . -39.54 1.35 16.88
C1 NAG EB . -32.94 -29.81 37.26
C2 NAG EB . -33.87 -29.32 38.40
C3 NAG EB . -33.85 -30.30 39.58
C4 NAG EB . -34.12 -31.72 39.12
C5 NAG EB . -33.16 -32.11 38.00
C6 NAG EB . -33.44 -33.48 37.42
C7 NAG EB . -32.47 -27.47 39.35
C8 NAG EB . -32.47 -26.02 39.68
N2 NAG EB . -33.60 -27.96 38.81
O3 NAG EB . -34.82 -29.90 40.53
O4 NAG EB . -33.96 -32.63 40.20
O5 NAG EB . -33.27 -31.17 36.91
O6 NAG EB . -32.40 -34.40 37.72
O7 NAG EB . -31.48 -28.18 39.57
C1 NAG FB . -21.32 -45.51 39.13
C2 NAG FB . -21.62 -46.93 39.62
C3 NAG FB . -21.07 -47.96 38.64
C4 NAG FB . -21.58 -47.69 37.23
C5 NAG FB . -21.27 -46.25 36.82
C6 NAG FB . -21.86 -45.88 35.48
C7 NAG FB . -21.78 -47.74 41.94
C8 NAG FB . -21.06 -47.89 43.25
N2 NAG FB . -21.08 -47.15 40.95
O3 NAG FB . -21.45 -49.27 39.06
O4 NAG FB . -20.96 -48.58 36.31
O5 NAG FB . -21.82 -45.34 37.79
O6 NAG FB . -23.28 -45.80 35.55
O7 NAG FB . -22.93 -48.14 41.77
C1 NAG GB . -26.48 -19.55 42.94
C2 NAG GB . -25.88 -18.14 42.89
C3 NAG GB . -25.87 -17.52 44.29
C4 NAG GB . -27.27 -17.56 44.90
C5 NAG GB . -27.82 -18.98 44.89
C6 NAG GB . -29.24 -19.08 45.37
C7 NAG GB . -24.08 -17.23 41.51
C8 NAG GB . -22.66 -17.41 41.03
N2 NAG GB . -24.54 -18.16 42.34
O3 NAG GB . -25.41 -16.18 44.22
O4 NAG GB . -27.23 -17.09 46.25
O5 NAG GB . -27.80 -19.49 43.55
O6 NAG GB . -29.36 -18.70 46.73
O7 NAG GB . -24.76 -16.27 41.15
C1 NAG HB . -31.66 -24.51 15.93
C2 NAG HB . -31.45 -25.02 14.49
C3 NAG HB . -32.79 -25.20 13.78
C4 NAG HB . -33.72 -26.09 14.60
C5 NAG HB . -33.85 -25.52 16.01
C6 NAG HB . -34.69 -26.40 16.93
C7 NAG HB . -30.72 -22.86 13.40
C8 NAG HB . -29.61 -22.25 12.59
N2 NAG HB . -30.55 -24.16 13.71
O3 NAG HB . -32.56 -25.80 12.50
O4 NAG HB . -35.00 -26.15 14.00
O5 NAG HB . -32.56 -25.40 16.62
O6 NAG HB . -34.35 -27.77 16.78
O7 NAG HB . -31.70 -22.21 13.73
#